data_8F2K
#
_entry.id   8F2K
#
_cell.length_a   1.00
_cell.length_b   1.00
_cell.length_c   1.00
_cell.angle_alpha   90.00
_cell.angle_beta   90.00
_cell.angle_gamma   90.00
#
_symmetry.space_group_name_H-M   'P 1'
#
loop_
_entity.id
_entity.type
_entity.pdbx_description
1 polymer 'ATP synthase subunit alpha'
2 polymer 'ATP synthase subunit beta'
3 polymer 'ATP synthase subunit gamma'
4 non-polymer "ADENOSINE-5'-TRIPHOSPHATE"
5 non-polymer 'MAGNESIUM ION'
6 non-polymer 'Cruentaren A'
#
loop_
_entity_poly.entity_id
_entity_poly.type
_entity_poly.pdbx_seq_one_letter_code
_entity_poly.pdbx_strand_id
1 'polypeptide(L)'
;NLNETGRVLAVGDGIARVFGLNNIQAEELVEFSSGVKGMALNLEPGQVGIVLFGSDRLVKEGELVKRTGNIVDVPVGPGL
LGRVVDALGNPIDGKGPIDAAGRSRAQVKAPGILPRRSVHEPVQTGLKAVDALVPIGRGQRELIIGDRQTGKTAVALDTI
LNQKRWNNGSDESKKLYCVYVAVGQKRSTVAQLVQTLEQHDAMKYSIIVAATASEAAPLQYLAPFTAASIGEWFRDNGKH
ALIVYDDLSKQAVAYRQLSLLLRRPPGREAYPGDVFYLHSRLLERAAKLSEKEGSGSLTALPVIETQGGDVSAYIPTNVI
SITDGQIFLEAELFYKGIRPAINVGLSVSRVGSAAQVKALKQVAGSLKLFLAQYREVAAFAQFGSDLDASTKQTLVRGER
LTQLLKQNQYSPLATEEQVPLIYAGVNGHLDGIELSRIGEFESSFLSYLKSNHNELLTEIREKGELSKELLASLKSATES
FVATF
;
A,B,C
2 'polypeptide(L)'
;PITGKVTAVIGAIVDVHFEQSELPAILNALEIKTPQGKLVLEVAQHLGENTVRTIAMDGTEGLVRGEKVLDTGGPISVPV
GRETLGRIINVIGEPIDERGPIKSKLRKPIHADPPSFAEQSTSAEILETGIKVVDLLAPYARGGKIGLFGGAGVGKTVFI
QELINNIAKAHGGFSVFTGVGERTREGNDLYREMKETGVINLEGESKVALVFGQMNEPPGARARVALTGLTIAEYFRDEE
GQDVLLFIDNIFRFTQAGSEVSALLGRIPSAVGYQPTLATDMGLLQERITTTKKGSVTSVQAVYVPADDLTDPAPATTFA
HLDATTVLSRGISELGIYPAVDPLDSKSRLLDAAVVGQEHYDVASKVQETLQTYKSLQDIIAILGMDELSEQDKLTVERA
RKIQRFLSQPFAVAEVFTGIPGKLVRLKDTVASFKAVLEGKYDNIPEHAFYMVGGIEDVVAKAEKLAAE
;
D,E,F
3 'polypeptide(L)'
;ATLKEVEMRLKSIKNIEKITKTMKIVASTRLSKAEKAKISAKKMDEAEQLFYKNAETKNLDVEATETGAPKELIVAITSD
KGLCGSIHSQLAKAVRRHLNDQPNADIVTIGDKIKMQLLRTHPNNIKLSINGIGKDAPTFQESALIADKLLSVMKAGTYP
KISIFYNDPVSSLSFEPSEKPIFNAKTIEQSPSFGKFEIDTDANVPRDLFEYTLANQMLTAMAQGYAAEISARRNAMDNA
SKNAGDMINRYSILYNRTRQAVITNELVDIITGAS
;
G
#
loop_
_chem_comp.id
_chem_comp.type
_chem_comp.name
_chem_comp.formula
ATP non-polymer ADENOSINE-5'-TRIPHOSPHATE 'C10 H16 N5 O13 P3'
MG non-polymer 'MAGNESIUM ION' 'Mg 2'
XBC non-polymer 'Cruentaren A' 'C33 H51 N O8'
#
# COMPACT_ATOMS: atom_id res chain seq x y z
N ASN A 1 -46.43 -27.32 6.72
CA ASN A 1 -45.77 -27.58 5.45
C ASN A 1 -44.50 -26.74 5.37
N LEU A 2 -43.38 -27.31 5.81
CA LEU A 2 -42.08 -26.64 5.74
C LEU A 2 -41.44 -26.75 4.37
N ASN A 3 -42.09 -27.38 3.40
CA ASN A 3 -41.61 -27.36 2.02
C ASN A 3 -41.99 -26.06 1.32
N GLU A 4 -43.25 -25.62 1.49
CA GLU A 4 -43.72 -24.39 0.88
C GLU A 4 -43.69 -23.19 1.81
N THR A 5 -43.46 -23.39 3.12
CA THR A 5 -43.43 -22.29 4.06
C THR A 5 -42.24 -22.45 4.99
N GLY A 6 -41.77 -21.33 5.52
CA GLY A 6 -40.66 -21.32 6.47
C GLY A 6 -40.93 -20.34 7.59
N ARG A 7 -40.31 -20.61 8.74
CA ARG A 7 -40.35 -19.67 9.85
C ARG A 7 -39.04 -18.90 9.92
N VAL A 8 -39.14 -17.60 10.19
CA VAL A 8 -37.95 -16.75 10.33
C VAL A 8 -37.23 -17.10 11.62
N LEU A 9 -35.93 -17.39 11.51
CA LEU A 9 -35.09 -17.62 12.68
C LEU A 9 -34.49 -16.33 13.23
N ALA A 10 -34.01 -15.46 12.35
CA ALA A 10 -33.27 -14.27 12.76
C ALA A 10 -33.43 -13.20 11.70
N VAL A 11 -33.30 -11.94 12.11
CA VAL A 11 -33.46 -10.80 11.20
C VAL A 11 -32.47 -9.73 11.60
N GLY A 12 -31.84 -9.11 10.61
CA GLY A 12 -31.08 -7.90 10.84
C GLY A 12 -30.27 -7.43 9.65
N ASP A 13 -30.03 -6.13 9.58
CA ASP A 13 -29.34 -5.50 8.46
C ASP A 13 -29.95 -5.87 7.11
N GLY A 14 -31.25 -6.17 7.10
CA GLY A 14 -31.90 -6.56 5.87
C GLY A 14 -31.67 -7.99 5.42
N ILE A 15 -31.06 -8.83 6.24
CA ILE A 15 -31.00 -10.27 6.00
C ILE A 15 -31.97 -10.94 6.96
N ALA A 16 -32.77 -11.87 6.44
CA ALA A 16 -33.55 -12.77 7.27
C ALA A 16 -33.10 -14.20 7.05
N ARG A 17 -32.97 -14.94 8.14
CA ARG A 17 -32.62 -16.35 8.09
C ARG A 17 -33.89 -17.15 8.36
N VAL A 18 -34.15 -18.17 7.54
CA VAL A 18 -35.44 -18.84 7.52
C VAL A 18 -35.24 -20.33 7.62
N PHE A 19 -36.06 -20.98 8.45
CA PHE A 19 -36.08 -22.42 8.57
C PHE A 19 -37.21 -23.00 7.74
N GLY A 20 -36.93 -24.07 7.02
CA GLY A 20 -37.88 -24.61 6.05
C GLY A 20 -37.63 -24.14 4.63
N LEU A 21 -38.71 -23.93 3.87
CA LEU A 21 -38.62 -23.66 2.43
C LEU A 21 -37.75 -24.68 1.71
N ASN A 22 -37.91 -25.95 2.07
CA ASN A 22 -36.98 -26.98 1.62
C ASN A 22 -36.89 -27.06 0.10
N ASN A 23 -37.99 -26.78 -0.60
CA ASN A 23 -38.04 -26.87 -2.05
C ASN A 23 -37.71 -25.57 -2.76
N ILE A 24 -37.35 -24.51 -2.04
CA ILE A 24 -37.12 -23.22 -2.68
C ILE A 24 -35.90 -23.27 -3.59
N GLN A 25 -36.02 -22.62 -4.75
CA GLN A 25 -34.91 -22.51 -5.68
C GLN A 25 -34.00 -21.38 -5.23
N ALA A 26 -32.71 -21.52 -5.54
CA ALA A 26 -31.78 -20.42 -5.36
C ALA A 26 -32.17 -19.21 -6.19
N GLU A 27 -32.21 -18.05 -5.55
CA GLU A 27 -32.70 -16.80 -6.13
C GLU A 27 -34.20 -16.80 -6.40
N GLU A 28 -34.95 -17.72 -5.80
CA GLU A 28 -36.40 -17.60 -5.84
C GLU A 28 -36.86 -16.43 -4.97
N LEU A 29 -38.04 -15.92 -5.29
CA LEU A 29 -38.62 -14.77 -4.60
C LEU A 29 -39.67 -15.25 -3.59
N VAL A 30 -39.60 -14.73 -2.37
CA VAL A 30 -40.50 -15.11 -1.29
C VAL A 30 -41.25 -13.89 -0.77
N GLU A 31 -42.45 -14.16 -0.26
CA GLU A 31 -43.38 -13.20 0.30
C GLU A 31 -43.44 -13.40 1.81
N PHE A 32 -43.36 -12.31 2.57
CA PHE A 32 -43.50 -12.39 4.02
C PHE A 32 -44.91 -11.99 4.42
N SER A 33 -45.37 -12.52 5.55
CA SER A 33 -46.71 -12.23 6.02
C SER A 33 -46.94 -10.75 6.24
N SER A 34 -45.89 -10.01 6.61
CA SER A 34 -45.96 -8.56 6.65
C SER A 34 -46.01 -7.92 5.28
N GLY A 35 -45.90 -8.70 4.21
CA GLY A 35 -46.04 -8.21 2.86
C GLY A 35 -44.76 -7.75 2.20
N VAL A 36 -43.65 -7.68 2.94
CA VAL A 36 -42.36 -7.43 2.30
C VAL A 36 -41.94 -8.64 1.49
N LYS A 37 -41.07 -8.42 0.51
CA LYS A 37 -40.59 -9.47 -0.37
C LYS A 37 -39.06 -9.57 -0.27
N GLY A 38 -38.55 -10.77 -0.54
CA GLY A 38 -37.11 -11.00 -0.44
C GLY A 38 -36.70 -12.17 -1.31
N MET A 39 -35.44 -12.18 -1.74
CA MET A 39 -34.95 -13.31 -2.52
C MET A 39 -33.98 -14.16 -1.71
N ALA A 40 -34.10 -15.47 -1.88
CA ALA A 40 -33.23 -16.46 -1.23
C ALA A 40 -31.90 -16.52 -1.96
N LEU A 41 -30.91 -15.78 -1.46
CA LEU A 41 -29.61 -15.82 -2.11
C LEU A 41 -28.72 -16.95 -1.62
N ASN A 42 -28.78 -17.28 -0.34
CA ASN A 42 -28.07 -18.43 0.20
C ASN A 42 -29.06 -19.55 0.52
N LEU A 43 -28.80 -20.73 -0.03
CA LEU A 43 -29.38 -21.97 0.47
C LEU A 43 -28.32 -22.70 1.27
N GLU A 44 -28.65 -23.08 2.49
CA GLU A 44 -27.76 -23.79 3.38
C GLU A 44 -28.50 -24.98 3.98
N PRO A 45 -27.77 -25.91 4.61
CA PRO A 45 -28.39 -27.20 4.93
C PRO A 45 -29.59 -27.08 5.85
N GLY A 46 -29.46 -26.29 6.92
CA GLY A 46 -30.56 -26.10 7.85
C GLY A 46 -31.43 -24.89 7.56
N GLN A 47 -30.92 -23.90 6.85
CA GLN A 47 -31.60 -22.61 6.77
C GLN A 47 -31.36 -21.99 5.39
N VAL A 48 -32.28 -21.12 5.01
CA VAL A 48 -32.13 -20.24 3.85
C VAL A 48 -31.73 -18.85 4.33
N GLY A 49 -30.94 -18.16 3.51
CA GLY A 49 -30.66 -16.75 3.73
C GLY A 49 -31.30 -15.86 2.68
N ILE A 50 -32.29 -15.08 3.12
CA ILE A 50 -33.09 -14.25 2.25
C ILE A 50 -32.72 -12.79 2.47
N VAL A 51 -32.58 -12.06 1.37
CA VAL A 51 -32.26 -10.64 1.40
C VAL A 51 -33.53 -9.88 1.08
N LEU A 52 -33.80 -8.81 1.83
CA LEU A 52 -35.11 -8.19 1.90
C LEU A 52 -35.16 -6.96 1.00
N PHE A 53 -36.28 -6.81 0.30
CA PHE A 53 -36.51 -5.65 -0.56
C PHE A 53 -37.07 -4.46 0.20
N GLY A 54 -37.68 -4.68 1.36
CA GLY A 54 -38.12 -3.60 2.22
C GLY A 54 -37.27 -3.46 3.48
N SER A 55 -37.81 -2.67 4.41
CA SER A 55 -37.18 -2.50 5.71
C SER A 55 -37.34 -3.76 6.56
N ASP A 56 -36.26 -4.12 7.26
CA ASP A 56 -36.32 -5.22 8.22
C ASP A 56 -37.19 -4.94 9.44
N ARG A 57 -37.60 -3.68 9.66
CA ARG A 57 -38.60 -3.42 10.67
C ARG A 57 -39.88 -4.22 10.45
N LEU A 58 -40.17 -4.59 9.20
CA LEU A 58 -41.40 -5.32 8.91
C LEU A 58 -41.32 -6.77 9.35
N VAL A 59 -40.13 -7.35 9.37
CA VAL A 59 -39.96 -8.79 9.57
C VAL A 59 -39.52 -9.04 11.01
N LYS A 60 -40.15 -10.02 11.65
CA LYS A 60 -39.82 -10.43 13.00
C LYS A 60 -39.50 -11.92 13.04
N GLU A 61 -38.72 -12.31 14.04
CA GLU A 61 -38.48 -13.72 14.31
C GLU A 61 -39.82 -14.45 14.47
N GLY A 62 -39.87 -15.67 13.97
CA GLY A 62 -41.07 -16.49 14.01
C GLY A 62 -42.13 -16.12 13.00
N GLU A 63 -41.93 -15.04 12.25
CA GLU A 63 -42.82 -14.72 11.15
C GLU A 63 -42.82 -15.82 10.11
N LEU A 64 -43.91 -15.95 9.37
CA LEU A 64 -44.07 -17.01 8.38
C LEU A 64 -43.80 -16.47 6.97
N VAL A 65 -43.01 -17.22 6.21
CA VAL A 65 -42.57 -16.86 4.87
C VAL A 65 -43.15 -17.89 3.90
N LYS A 66 -43.63 -17.42 2.75
CA LYS A 66 -44.13 -18.29 1.70
C LYS A 66 -43.30 -18.06 0.45
N ARG A 67 -43.14 -19.10 -0.36
CA ARG A 67 -42.38 -19.01 -1.60
C ARG A 67 -43.31 -18.87 -2.79
N THR A 68 -42.95 -17.98 -3.70
CA THR A 68 -43.78 -17.69 -4.86
C THR A 68 -43.65 -18.76 -5.95
N GLY A 69 -42.56 -19.52 -5.96
CA GLY A 69 -42.21 -20.34 -7.09
C GLY A 69 -41.52 -19.61 -8.23
N ASN A 70 -41.41 -18.29 -8.18
CA ASN A 70 -40.90 -17.51 -9.30
C ASN A 70 -39.48 -17.05 -9.01
N ILE A 71 -38.56 -17.35 -9.93
CA ILE A 71 -37.33 -16.59 -9.99
C ILE A 71 -37.65 -15.13 -10.27
N VAL A 72 -36.82 -14.23 -9.74
CA VAL A 72 -37.06 -12.80 -9.94
C VAL A 72 -37.11 -12.49 -11.43
N ASP A 73 -38.20 -11.87 -11.86
CA ASP A 73 -38.41 -11.51 -13.25
C ASP A 73 -39.04 -10.12 -13.30
N VAL A 74 -39.03 -9.54 -14.49
CA VAL A 74 -39.49 -8.17 -14.68
C VAL A 74 -40.46 -8.16 -15.86
N PRO A 75 -41.51 -7.34 -15.83
CA PRO A 75 -42.26 -7.08 -17.07
C PRO A 75 -41.41 -6.42 -18.13
N VAL A 76 -41.69 -6.76 -19.38
CA VAL A 76 -41.01 -6.23 -20.54
C VAL A 76 -42.01 -6.02 -21.66
N GLY A 77 -41.67 -5.12 -22.59
CA GLY A 77 -42.50 -4.81 -23.72
C GLY A 77 -42.34 -3.37 -24.15
N PRO A 78 -43.14 -2.96 -25.15
CA PRO A 78 -43.14 -1.55 -25.55
C PRO A 78 -43.90 -0.63 -24.60
N GLY A 79 -44.81 -1.17 -23.79
CA GLY A 79 -45.60 -0.35 -22.88
C GLY A 79 -44.81 0.28 -21.75
N LEU A 80 -43.56 -0.13 -21.56
CA LEU A 80 -42.66 0.53 -20.63
C LEU A 80 -42.08 1.82 -21.16
N LEU A 81 -42.15 2.08 -22.46
CA LEU A 81 -41.57 3.30 -23.00
C LEU A 81 -42.24 4.53 -22.42
N GLY A 82 -41.42 5.48 -21.96
CA GLY A 82 -41.87 6.68 -21.30
C GLY A 82 -42.05 6.57 -19.81
N ARG A 83 -41.91 5.39 -19.24
CA ARG A 83 -42.20 5.15 -17.83
C ARG A 83 -40.93 5.21 -16.99
N VAL A 84 -41.12 5.48 -15.70
CA VAL A 84 -40.10 5.28 -14.67
C VAL A 84 -40.55 4.11 -13.82
N VAL A 85 -39.65 3.15 -13.60
CA VAL A 85 -39.96 1.95 -12.85
C VAL A 85 -38.88 1.68 -11.82
N ASP A 86 -39.26 0.94 -10.78
CA ASP A 86 -38.30 0.42 -9.81
C ASP A 86 -37.56 -0.79 -10.37
N ALA A 87 -36.67 -1.36 -9.57
CA ALA A 87 -35.88 -2.50 -10.01
C ALA A 87 -36.74 -3.71 -10.40
N LEU A 88 -37.99 -3.76 -9.95
CA LEU A 88 -38.89 -4.86 -10.28
C LEU A 88 -39.94 -4.47 -11.31
N GLY A 89 -39.81 -3.28 -11.90
CA GLY A 89 -40.71 -2.84 -12.94
C GLY A 89 -42.02 -2.29 -12.46
N ASN A 90 -42.17 -2.02 -11.17
CA ASN A 90 -43.36 -1.32 -10.70
C ASN A 90 -43.26 0.16 -11.08
N PRO A 91 -44.34 0.75 -11.59
CA PRO A 91 -44.28 2.18 -11.95
C PRO A 91 -44.15 3.05 -10.72
N ILE A 92 -43.13 3.91 -10.71
CA ILE A 92 -42.95 4.88 -9.64
C ILE A 92 -43.25 6.31 -10.07
N ASP A 93 -43.42 6.55 -11.38
CA ASP A 93 -43.82 7.86 -11.87
C ASP A 93 -45.23 8.24 -11.43
N GLY A 94 -46.01 7.31 -10.88
CA GLY A 94 -47.33 7.61 -10.39
C GLY A 94 -48.41 7.70 -11.45
N LYS A 95 -48.09 7.36 -12.70
CA LYS A 95 -49.11 7.22 -13.73
C LYS A 95 -49.78 5.85 -13.57
N GLY A 96 -50.61 5.47 -14.54
CA GLY A 96 -51.27 4.20 -14.50
C GLY A 96 -50.34 3.00 -14.53
N PRO A 97 -50.91 1.81 -14.40
CA PRO A 97 -50.11 0.58 -14.51
C PRO A 97 -49.47 0.44 -15.88
N ILE A 98 -48.50 -0.47 -15.95
CA ILE A 98 -47.66 -0.65 -17.14
C ILE A 98 -48.18 -1.84 -17.93
N ASP A 99 -48.34 -1.65 -19.24
CA ASP A 99 -48.86 -2.69 -20.13
C ASP A 99 -47.70 -3.57 -20.59
N ALA A 100 -47.34 -4.53 -19.74
CA ALA A 100 -46.28 -5.46 -20.06
C ALA A 100 -46.68 -6.37 -21.21
N ALA A 101 -45.76 -6.57 -22.16
CA ALA A 101 -45.92 -7.59 -23.19
C ALA A 101 -45.61 -8.98 -22.66
N GLY A 102 -44.77 -9.08 -21.64
CA GLY A 102 -44.51 -10.37 -21.01
C GLY A 102 -43.57 -10.18 -19.85
N ARG A 103 -43.04 -11.28 -19.34
CA ARG A 103 -42.04 -11.21 -18.28
C ARG A 103 -40.77 -11.93 -18.69
N SER A 104 -39.63 -11.40 -18.25
CA SER A 104 -38.33 -12.00 -18.49
C SER A 104 -37.54 -12.04 -17.20
N ARG A 105 -36.84 -13.15 -16.97
CA ARG A 105 -36.07 -13.28 -15.74
C ARG A 105 -34.98 -12.22 -15.67
N ALA A 106 -34.59 -11.88 -14.43
CA ALA A 106 -33.47 -10.99 -14.20
C ALA A 106 -32.16 -11.60 -14.67
N GLN A 107 -31.84 -12.80 -14.20
CA GLN A 107 -30.71 -13.58 -14.69
C GLN A 107 -31.14 -14.43 -15.87
N VAL A 108 -30.52 -14.18 -17.03
CA VAL A 108 -30.65 -15.06 -18.19
C VAL A 108 -29.37 -14.98 -19.01
N LYS A 109 -29.03 -16.10 -19.64
CA LYS A 109 -27.75 -16.21 -20.33
C LYS A 109 -27.64 -15.21 -21.47
N ALA A 110 -26.44 -14.67 -21.65
CA ALA A 110 -26.11 -13.91 -22.84
C ALA A 110 -26.23 -14.77 -24.11
N PRO A 111 -26.47 -14.14 -25.26
CA PRO A 111 -26.41 -14.88 -26.54
C PRO A 111 -25.02 -15.42 -26.81
N GLY A 112 -24.96 -16.64 -27.35
CA GLY A 112 -23.70 -17.34 -27.50
C GLY A 112 -22.77 -16.80 -28.57
N ILE A 113 -21.78 -17.62 -28.94
CA ILE A 113 -20.87 -17.30 -30.04
C ILE A 113 -21.60 -17.22 -31.37
N LEU A 114 -22.43 -18.22 -31.67
CA LEU A 114 -22.98 -18.36 -33.02
C LEU A 114 -24.02 -17.29 -33.40
N PRO A 115 -24.96 -16.93 -32.53
CA PRO A 115 -26.02 -16.01 -32.95
C PRO A 115 -25.57 -14.56 -33.10
N ARG A 116 -24.35 -14.21 -32.69
CA ARG A 116 -23.88 -12.84 -32.79
C ARG A 116 -23.47 -12.48 -34.22
N ARG A 117 -23.26 -11.19 -34.43
CA ARG A 117 -22.73 -10.62 -35.66
C ARG A 117 -21.72 -9.54 -35.29
N SER A 118 -20.83 -9.23 -36.23
CA SER A 118 -19.89 -8.14 -36.03
C SER A 118 -20.60 -6.80 -35.94
N VAL A 119 -20.07 -5.92 -35.09
CA VAL A 119 -20.64 -4.60 -34.86
C VAL A 119 -20.36 -3.71 -36.08
N HIS A 120 -21.41 -3.28 -36.77
CA HIS A 120 -21.24 -2.62 -38.05
C HIS A 120 -22.11 -1.37 -38.22
N GLU A 121 -22.96 -1.02 -37.26
CA GLU A 121 -23.81 0.15 -37.35
C GLU A 121 -23.46 1.15 -36.27
N PRO A 122 -23.48 2.46 -36.56
CA PRO A 122 -23.10 3.43 -35.54
C PRO A 122 -24.21 3.64 -34.52
N VAL A 123 -23.80 3.89 -33.28
CA VAL A 123 -24.60 4.64 -32.31
C VAL A 123 -24.15 6.10 -32.39
N GLN A 124 -24.89 6.90 -33.13
CA GLN A 124 -24.52 8.30 -33.32
C GLN A 124 -24.83 9.07 -32.04
N THR A 125 -23.80 9.43 -31.29
CA THR A 125 -23.96 10.13 -30.03
C THR A 125 -24.22 11.62 -30.21
N GLY A 126 -23.81 12.19 -31.34
CA GLY A 126 -23.89 13.61 -31.55
C GLY A 126 -22.82 14.41 -30.84
N LEU A 127 -21.90 13.76 -30.16
CA LEU A 127 -20.74 14.42 -29.56
C LEU A 127 -19.58 14.35 -30.54
N LYS A 128 -19.05 15.52 -30.91
CA LYS A 128 -18.02 15.57 -31.94
C LYS A 128 -16.82 14.71 -31.58
N ALA A 129 -16.35 14.82 -30.34
CA ALA A 129 -15.20 14.03 -29.90
C ALA A 129 -15.50 12.53 -29.91
N VAL A 130 -16.71 12.14 -29.53
CA VAL A 130 -17.04 10.72 -29.52
C VAL A 130 -17.21 10.21 -30.94
N ASP A 131 -18.13 10.82 -31.69
CA ASP A 131 -18.44 10.31 -33.02
C ASP A 131 -17.22 10.33 -33.93
N ALA A 132 -16.31 11.28 -33.73
CA ALA A 132 -15.11 11.36 -34.56
C ALA A 132 -13.96 10.48 -34.07
N LEU A 133 -13.64 10.52 -32.77
CA LEU A 133 -12.38 9.97 -32.29
C LEU A 133 -12.51 8.68 -31.49
N VAL A 134 -13.69 8.35 -30.99
CA VAL A 134 -13.88 7.11 -30.23
C VAL A 134 -15.27 6.58 -30.57
N PRO A 135 -15.52 6.24 -31.83
CA PRO A 135 -16.88 5.90 -32.26
C PRO A 135 -17.41 4.65 -31.58
N ILE A 136 -18.72 4.63 -31.38
CA ILE A 136 -19.43 3.54 -30.74
C ILE A 136 -20.36 2.92 -31.77
N GLY A 137 -20.33 1.59 -31.87
CA GLY A 137 -21.24 0.88 -32.73
C GLY A 137 -22.36 0.21 -31.96
N ARG A 138 -23.44 -0.10 -32.67
CA ARG A 138 -24.58 -0.78 -32.07
C ARG A 138 -24.20 -2.22 -31.72
N GLY A 139 -24.37 -2.57 -30.44
CA GLY A 139 -23.90 -3.82 -29.89
C GLY A 139 -22.57 -3.73 -29.20
N GLN A 140 -21.89 -2.59 -29.26
CA GLN A 140 -20.67 -2.39 -28.50
C GLN A 140 -20.96 -2.29 -27.01
N ARG A 141 -19.93 -2.47 -26.20
CA ARG A 141 -19.96 -2.23 -24.76
C ARG A 141 -18.90 -1.18 -24.45
N GLU A 142 -19.32 0.08 -24.33
CA GLU A 142 -18.39 1.21 -24.23
C GLU A 142 -18.44 1.79 -22.82
N LEU A 143 -17.35 1.61 -22.08
CA LEU A 143 -17.27 2.09 -20.71
C LEU A 143 -17.07 3.61 -20.69
N ILE A 144 -17.90 4.30 -19.92
CA ILE A 144 -17.67 5.71 -19.58
C ILE A 144 -17.07 5.74 -18.18
N ILE A 145 -15.91 6.36 -18.01
CA ILE A 145 -15.16 6.19 -16.77
C ILE A 145 -14.48 7.50 -16.41
N GLY A 146 -14.48 7.82 -15.12
CA GLY A 146 -13.87 9.06 -14.67
C GLY A 146 -14.24 9.35 -13.24
N ASP A 147 -13.61 10.40 -12.71
CA ASP A 147 -13.87 10.80 -11.33
C ASP A 147 -15.27 11.41 -11.20
N ARG A 148 -15.62 11.76 -9.97
CA ARG A 148 -16.87 12.45 -9.68
C ARG A 148 -17.03 13.71 -10.53
N GLN A 149 -18.26 13.99 -10.92
CA GLN A 149 -18.64 15.28 -11.51
C GLN A 149 -17.87 15.63 -12.78
N THR A 150 -17.30 14.66 -13.48
CA THR A 150 -16.47 14.94 -14.65
C THR A 150 -17.26 15.04 -15.95
N GLY A 151 -18.56 14.75 -15.94
CA GLY A 151 -19.37 14.79 -17.13
C GLY A 151 -19.86 13.45 -17.66
N LYS A 152 -19.69 12.37 -16.91
CA LYS A 152 -20.04 11.03 -17.39
C LYS A 152 -21.51 10.95 -17.77
N THR A 153 -22.38 11.34 -16.83
CA THR A 153 -23.81 11.35 -17.09
C THR A 153 -24.20 12.34 -18.18
N ALA A 154 -23.51 13.48 -18.29
CA ALA A 154 -23.80 14.39 -19.38
C ALA A 154 -23.48 13.78 -20.74
N VAL A 155 -22.40 12.99 -20.84
CA VAL A 155 -22.10 12.25 -22.07
C VAL A 155 -23.17 11.22 -22.38
N ALA A 156 -23.63 10.50 -21.36
CA ALA A 156 -24.70 9.52 -21.58
C ALA A 156 -26.01 10.19 -21.98
N LEU A 157 -26.39 11.25 -21.28
CA LEU A 157 -27.65 11.92 -21.56
C LEU A 157 -27.63 12.62 -22.91
N ASP A 158 -26.50 13.21 -23.31
CA ASP A 158 -26.37 13.72 -24.67
C ASP A 158 -26.53 12.61 -25.71
N THR A 159 -26.00 11.41 -25.42
CA THR A 159 -26.21 10.28 -26.34
C THR A 159 -27.69 9.92 -26.43
N ILE A 160 -28.39 9.95 -25.30
CA ILE A 160 -29.83 9.64 -25.31
C ILE A 160 -30.62 10.72 -26.05
N LEU A 161 -30.29 11.99 -25.79
CA LEU A 161 -30.99 13.10 -26.43
C LEU A 161 -30.81 13.14 -27.94
N ASN A 162 -29.64 12.74 -28.44
CA ASN A 162 -29.42 12.82 -29.89
C ASN A 162 -30.36 11.92 -30.70
N GLN A 163 -30.87 10.85 -30.11
CA GLN A 163 -31.66 9.88 -30.87
C GLN A 163 -33.04 10.37 -31.29
N LYS A 164 -33.48 11.57 -30.90
CA LYS A 164 -34.79 12.04 -31.33
C LYS A 164 -34.88 12.25 -32.83
N ARG A 165 -33.75 12.31 -33.53
CA ARG A 165 -33.77 12.45 -34.98
C ARG A 165 -34.37 11.21 -35.63
N TRP A 166 -33.83 10.04 -35.30
CA TRP A 166 -34.25 8.79 -35.92
C TRP A 166 -35.46 8.18 -35.24
N ASN A 167 -35.63 8.40 -33.93
CA ASN A 167 -36.77 7.82 -33.23
C ASN A 167 -38.11 8.34 -33.71
N ASN A 168 -38.14 9.51 -34.35
CA ASN A 168 -39.36 10.02 -34.97
C ASN A 168 -39.54 9.55 -36.42
N GLY A 169 -38.58 8.81 -36.96
CA GLY A 169 -38.61 8.45 -38.36
C GLY A 169 -39.45 7.22 -38.66
N SER A 170 -39.41 6.83 -39.94
CA SER A 170 -40.12 5.65 -40.42
C SER A 170 -39.39 4.36 -40.09
N ASP A 171 -38.07 4.32 -40.28
CA ASP A 171 -37.32 3.06 -40.26
C ASP A 171 -37.14 2.60 -38.83
N GLU A 172 -37.91 1.57 -38.46
CA GLU A 172 -37.80 0.96 -37.14
C GLU A 172 -36.42 0.35 -36.90
N SER A 173 -35.66 0.08 -37.96
CA SER A 173 -34.28 -0.37 -37.82
C SER A 173 -33.32 0.78 -37.56
N LYS A 174 -33.64 1.99 -38.00
CA LYS A 174 -32.81 3.14 -37.65
C LYS A 174 -33.10 3.65 -36.25
N LYS A 175 -34.34 3.52 -35.77
CA LYS A 175 -34.67 3.91 -34.40
C LYS A 175 -33.74 3.21 -33.41
N LEU A 176 -33.53 3.88 -32.27
CA LEU A 176 -32.80 3.32 -31.15
C LEU A 176 -33.53 3.68 -29.87
N TYR A 177 -33.92 2.67 -29.09
CA TYR A 177 -34.68 2.87 -27.87
C TYR A 177 -33.74 2.86 -26.67
N CYS A 178 -33.95 3.78 -25.74
CA CYS A 178 -33.01 3.96 -24.64
C CYS A 178 -33.57 3.44 -23.32
N VAL A 179 -32.70 2.82 -22.55
CA VAL A 179 -32.94 2.46 -21.16
C VAL A 179 -31.83 3.09 -20.33
N TYR A 180 -32.20 3.74 -19.23
CA TYR A 180 -31.22 4.34 -18.34
C TYR A 180 -31.49 3.84 -16.93
N VAL A 181 -30.43 3.43 -16.23
CA VAL A 181 -30.54 2.79 -14.93
C VAL A 181 -29.87 3.68 -13.91
N ALA A 182 -30.65 4.19 -12.96
CA ALA A 182 -30.11 4.95 -11.83
C ALA A 182 -29.94 4.00 -10.67
N VAL A 183 -28.70 3.86 -10.20
CA VAL A 183 -28.37 2.93 -9.12
C VAL A 183 -27.67 3.74 -8.03
N GLY A 184 -28.31 3.83 -6.86
CA GLY A 184 -27.73 4.57 -5.76
C GLY A 184 -27.69 6.07 -5.96
N GLN A 185 -28.37 6.59 -6.97
CA GLN A 185 -28.49 8.03 -7.15
C GLN A 185 -29.60 8.59 -6.27
N LYS A 186 -29.38 9.81 -5.79
CA LYS A 186 -30.42 10.51 -5.05
C LYS A 186 -31.66 10.69 -5.92
N ARG A 187 -32.82 10.41 -5.31
CA ARG A 187 -34.08 10.33 -6.03
C ARG A 187 -34.45 11.62 -6.76
N SER A 188 -34.02 12.77 -6.25
CA SER A 188 -34.25 14.01 -6.97
C SER A 188 -33.29 14.24 -8.14
N THR A 189 -32.17 13.51 -8.19
CA THR A 189 -31.38 13.50 -9.42
C THR A 189 -32.13 12.75 -10.51
N VAL A 190 -32.75 11.63 -10.17
CA VAL A 190 -33.59 10.92 -11.14
C VAL A 190 -34.74 11.81 -11.57
N ALA A 191 -35.39 12.49 -10.62
CA ALA A 191 -36.48 13.39 -10.98
C ALA A 191 -36.04 14.52 -11.90
N GLN A 192 -34.81 15.00 -11.75
CA GLN A 192 -34.32 16.07 -12.62
C GLN A 192 -33.87 15.54 -13.98
N LEU A 193 -33.34 14.32 -14.03
CA LEU A 193 -33.08 13.69 -15.32
C LEU A 193 -34.36 13.43 -16.10
N VAL A 194 -35.41 12.93 -15.42
CA VAL A 194 -36.71 12.80 -16.06
C VAL A 194 -37.25 14.12 -16.56
N GLN A 195 -37.13 15.19 -15.76
CA GLN A 195 -37.55 16.51 -16.24
C GLN A 195 -36.74 16.98 -17.44
N THR A 196 -35.43 16.71 -17.45
CA THR A 196 -34.60 17.08 -18.60
C THR A 196 -35.02 16.33 -19.87
N LEU A 197 -35.23 15.02 -19.75
CA LEU A 197 -35.71 14.24 -20.89
C LEU A 197 -37.09 14.69 -21.37
N GLU A 198 -37.99 15.02 -20.45
CA GLU A 198 -39.31 15.52 -20.87
C GLU A 198 -39.25 16.90 -21.49
N GLN A 199 -38.31 17.75 -21.07
CA GLN A 199 -38.14 19.04 -21.73
C GLN A 199 -37.73 18.88 -23.19
N HIS A 200 -36.78 18.00 -23.46
CA HIS A 200 -36.32 17.73 -24.82
C HIS A 200 -37.19 16.71 -25.55
N ASP A 201 -38.32 16.33 -24.98
CA ASP A 201 -39.23 15.33 -25.54
C ASP A 201 -38.54 13.99 -25.82
N ALA A 202 -37.41 13.73 -25.19
CA ALA A 202 -36.70 12.47 -25.37
C ALA A 202 -37.28 11.34 -24.54
N MET A 203 -38.27 11.64 -23.70
CA MET A 203 -38.82 10.63 -22.79
C MET A 203 -39.66 9.59 -23.51
N LYS A 204 -40.35 9.98 -24.59
CA LYS A 204 -41.31 9.06 -25.21
C LYS A 204 -40.67 7.80 -25.77
N TYR A 205 -39.37 7.83 -26.07
CA TYR A 205 -38.66 6.65 -26.53
C TYR A 205 -37.68 6.10 -25.50
N SER A 206 -37.78 6.55 -24.25
CA SER A 206 -36.82 6.22 -23.21
C SER A 206 -37.51 5.51 -22.05
N ILE A 207 -36.74 4.71 -21.33
CA ILE A 207 -37.19 4.03 -20.11
C ILE A 207 -36.18 4.33 -19.02
N ILE A 208 -36.68 4.65 -17.82
CA ILE A 208 -35.83 4.87 -16.66
C ILE A 208 -36.10 3.77 -15.64
N VAL A 209 -35.05 3.08 -15.23
CA VAL A 209 -35.09 2.09 -14.15
C VAL A 209 -34.30 2.68 -13.01
N ALA A 210 -34.95 2.83 -11.84
CA ALA A 210 -34.35 3.54 -10.73
C ALA A 210 -34.38 2.68 -9.48
N ALA A 211 -33.21 2.43 -8.91
CA ALA A 211 -33.06 1.89 -7.56
C ALA A 211 -32.26 2.94 -6.79
N THR A 212 -32.99 3.89 -6.19
CA THR A 212 -32.37 5.07 -5.60
C THR A 212 -31.68 4.72 -4.28
N ALA A 213 -30.94 5.70 -3.76
CA ALA A 213 -29.99 5.45 -2.69
C ALA A 213 -30.66 4.95 -1.42
N SER A 214 -31.94 5.29 -1.23
CA SER A 214 -32.68 4.76 -0.09
C SER A 214 -33.18 3.33 -0.29
N GLU A 215 -33.33 2.89 -1.53
CA GLU A 215 -33.91 1.57 -1.77
C GLU A 215 -32.93 0.47 -1.38
N ALA A 216 -33.48 -0.62 -0.87
CA ALA A 216 -32.66 -1.69 -0.29
C ALA A 216 -31.63 -2.19 -1.29
N ALA A 217 -30.48 -2.61 -0.77
CA ALA A 217 -29.36 -3.03 -1.61
C ALA A 217 -29.72 -4.14 -2.60
N PRO A 218 -30.60 -5.09 -2.29
CA PRO A 218 -30.97 -6.08 -3.31
C PRO A 218 -31.65 -5.47 -4.52
N LEU A 219 -32.45 -4.40 -4.34
CA LEU A 219 -33.06 -3.77 -5.50
C LEU A 219 -32.02 -3.05 -6.35
N GLN A 220 -30.98 -2.50 -5.73
CA GLN A 220 -29.91 -1.87 -6.49
C GLN A 220 -29.09 -2.89 -7.26
N TYR A 221 -28.81 -4.03 -6.63
CA TYR A 221 -28.16 -5.14 -7.31
C TYR A 221 -28.98 -5.68 -8.48
N LEU A 222 -30.28 -5.94 -8.27
CA LEU A 222 -31.16 -6.41 -9.34
C LEU A 222 -31.39 -5.39 -10.45
N ALA A 223 -31.39 -4.08 -10.15
CA ALA A 223 -31.82 -3.10 -11.14
C ALA A 223 -31.06 -3.14 -12.47
N PRO A 224 -29.74 -3.30 -12.51
CA PRO A 224 -29.09 -3.51 -13.81
C PRO A 224 -29.54 -4.75 -14.55
N PHE A 225 -29.73 -5.87 -13.86
CA PHE A 225 -30.15 -7.10 -14.55
C PHE A 225 -31.55 -6.98 -15.14
N THR A 226 -32.48 -6.35 -14.42
CA THR A 226 -33.83 -6.19 -14.97
C THR A 226 -33.89 -5.13 -16.06
N ALA A 227 -33.10 -4.06 -15.96
CA ALA A 227 -33.00 -3.13 -17.07
C ALA A 227 -32.41 -3.80 -18.30
N ALA A 228 -31.39 -4.64 -18.10
CA ALA A 228 -30.87 -5.46 -19.19
C ALA A 228 -31.94 -6.34 -19.81
N SER A 229 -32.73 -7.02 -19.00
CA SER A 229 -33.84 -7.83 -19.55
C SER A 229 -34.85 -7.00 -20.35
N ILE A 230 -35.07 -5.75 -19.94
CA ILE A 230 -35.93 -4.87 -20.75
C ILE A 230 -35.29 -4.54 -22.08
N GLY A 231 -34.01 -4.17 -22.07
CA GLY A 231 -33.31 -3.93 -23.33
C GLY A 231 -33.22 -5.17 -24.21
N GLU A 232 -33.04 -6.33 -23.59
CA GLU A 232 -33.06 -7.60 -24.30
C GLU A 232 -34.40 -7.88 -24.98
N TRP A 233 -35.52 -7.42 -24.42
CA TRP A 233 -36.76 -7.61 -25.18
C TRP A 233 -36.69 -6.93 -26.54
N PHE A 234 -36.15 -5.71 -26.59
CA PHE A 234 -35.92 -5.05 -27.88
C PHE A 234 -34.91 -5.81 -28.72
N ARG A 235 -33.80 -6.21 -28.12
CA ARG A 235 -32.79 -6.95 -28.87
C ARG A 235 -33.40 -8.18 -29.54
N ASP A 236 -34.18 -8.95 -28.78
CA ASP A 236 -34.75 -10.20 -29.26
C ASP A 236 -35.95 -10.00 -30.18
N ASN A 237 -36.49 -8.80 -30.27
CA ASN A 237 -37.60 -8.52 -31.18
C ASN A 237 -37.15 -7.77 -32.44
N GLY A 238 -35.86 -7.75 -32.73
CA GLY A 238 -35.33 -7.13 -33.92
C GLY A 238 -35.20 -5.63 -33.87
N LYS A 239 -35.42 -5.03 -32.72
CA LYS A 239 -35.24 -3.60 -32.50
C LYS A 239 -33.87 -3.36 -31.88
N HIS A 240 -33.43 -2.11 -31.90
CA HIS A 240 -32.15 -1.73 -31.33
C HIS A 240 -32.38 -0.97 -30.04
N ALA A 241 -31.65 -1.35 -28.99
CA ALA A 241 -31.68 -0.65 -27.73
C ALA A 241 -30.28 -0.23 -27.29
N LEU A 242 -30.25 0.84 -26.50
CA LEU A 242 -29.08 1.32 -25.80
C LEU A 242 -29.41 1.25 -24.31
N ILE A 243 -28.51 0.71 -23.51
CA ILE A 243 -28.71 0.69 -22.05
C ILE A 243 -27.53 1.36 -21.37
N VAL A 244 -27.83 2.30 -20.49
CA VAL A 244 -26.84 3.03 -19.70
C VAL A 244 -26.97 2.56 -18.26
N TYR A 245 -25.87 2.04 -17.70
CA TYR A 245 -25.83 1.68 -16.27
C TYR A 245 -25.09 2.82 -15.56
N ASP A 246 -25.85 3.79 -15.06
CA ASP A 246 -25.25 5.07 -14.73
C ASP A 246 -24.39 5.05 -13.47
N ASP A 247 -24.32 3.94 -12.73
CA ASP A 247 -23.12 3.66 -11.95
C ASP A 247 -23.07 2.18 -11.62
N LEU A 248 -22.14 1.46 -12.24
CA LEU A 248 -21.86 0.08 -11.85
C LEU A 248 -21.04 -0.02 -10.55
N SER A 249 -20.32 1.04 -10.17
CA SER A 249 -19.66 1.03 -8.86
C SER A 249 -20.65 0.95 -7.70
N LYS A 250 -21.80 1.61 -7.81
CA LYS A 250 -22.78 1.52 -6.73
C LYS A 250 -23.52 0.19 -6.72
N GLN A 251 -23.63 -0.47 -7.88
CA GLN A 251 -24.11 -1.85 -7.86
C GLN A 251 -23.09 -2.77 -7.19
N ALA A 252 -21.81 -2.61 -7.52
CA ALA A 252 -20.79 -3.44 -6.90
C ALA A 252 -20.76 -3.24 -5.38
N VAL A 253 -20.93 -1.99 -4.93
CA VAL A 253 -21.00 -1.71 -3.50
C VAL A 253 -22.24 -2.33 -2.85
N ALA A 254 -23.39 -2.28 -3.51
CA ALA A 254 -24.57 -2.96 -2.98
C ALA A 254 -24.39 -4.47 -2.91
N TYR A 255 -23.79 -5.07 -3.93
CA TYR A 255 -23.51 -6.50 -3.90
C TYR A 255 -22.47 -6.86 -2.85
N ARG A 256 -21.51 -5.97 -2.58
CA ARG A 256 -20.61 -6.16 -1.44
C ARG A 256 -21.36 -6.14 -0.13
N GLN A 257 -22.28 -5.20 0.06
CA GLN A 257 -23.10 -5.19 1.25
C GLN A 257 -23.84 -6.52 1.43
N LEU A 258 -24.50 -6.98 0.36
CA LEU A 258 -25.19 -8.26 0.43
C LEU A 258 -24.24 -9.39 0.81
N SER A 259 -23.09 -9.46 0.14
CA SER A 259 -22.17 -10.58 0.36
C SER A 259 -21.61 -10.59 1.78
N LEU A 260 -21.23 -9.42 2.30
CA LEU A 260 -20.72 -9.37 3.67
C LEU A 260 -21.82 -9.67 4.69
N LEU A 261 -23.04 -9.23 4.44
CA LEU A 261 -24.11 -9.55 5.37
C LEU A 261 -24.55 -11.00 5.26
N LEU A 262 -24.52 -11.58 4.06
CA LEU A 262 -24.62 -13.03 3.92
C LEU A 262 -23.36 -13.76 4.40
N ARG A 263 -22.34 -13.01 4.84
CA ARG A 263 -21.13 -13.58 5.43
C ARG A 263 -20.35 -14.43 4.43
N ARG A 264 -20.43 -14.08 3.15
CA ARG A 264 -19.56 -14.68 2.15
C ARG A 264 -18.15 -14.14 2.30
N PRO A 265 -17.13 -14.94 1.96
CA PRO A 265 -15.75 -14.53 2.21
C PRO A 265 -15.36 -13.31 1.38
N PRO A 266 -14.77 -12.30 2.02
CA PRO A 266 -14.37 -11.08 1.31
C PRO A 266 -13.15 -11.28 0.41
N GLY A 267 -13.04 -10.38 -0.57
CA GLY A 267 -11.90 -10.32 -1.46
C GLY A 267 -11.17 -8.98 -1.46
N ARG A 268 -10.60 -8.62 -2.61
CA ARG A 268 -9.51 -7.65 -2.65
C ARG A 268 -9.85 -6.35 -1.93
N GLU A 269 -11.09 -5.88 -2.06
CA GLU A 269 -11.53 -4.69 -1.34
C GLU A 269 -12.80 -4.99 -0.54
N ALA A 270 -12.86 -6.20 0.00
CA ALA A 270 -14.03 -6.82 0.60
C ALA A 270 -15.16 -7.09 -0.39
N TYR A 271 -14.99 -6.74 -1.67
CA TYR A 271 -15.89 -7.26 -2.68
C TYR A 271 -15.77 -8.79 -2.73
N PRO A 272 -16.85 -9.50 -3.03
CA PRO A 272 -16.75 -10.95 -3.13
C PRO A 272 -15.92 -11.35 -4.33
N GLY A 273 -15.47 -12.61 -4.31
CA GLY A 273 -14.66 -13.12 -5.40
C GLY A 273 -15.36 -13.12 -6.75
N ASP A 274 -16.68 -13.20 -6.77
CA ASP A 274 -17.46 -13.25 -8.01
C ASP A 274 -18.02 -11.89 -8.46
N VAL A 275 -17.48 -10.78 -7.97
CA VAL A 275 -17.94 -9.49 -8.48
C VAL A 275 -17.52 -9.29 -9.95
N PHE A 276 -16.42 -9.91 -10.37
CA PHE A 276 -16.11 -9.97 -11.79
C PHE A 276 -17.15 -10.79 -12.53
N TYR A 277 -17.55 -11.93 -11.96
CA TYR A 277 -18.59 -12.72 -12.59
C TYR A 277 -19.90 -11.97 -12.66
N LEU A 278 -20.19 -11.14 -11.64
CA LEU A 278 -21.37 -10.29 -11.66
C LEU A 278 -21.35 -9.32 -12.84
N HIS A 279 -20.26 -8.55 -12.99
CA HIS A 279 -20.24 -7.58 -14.08
C HIS A 279 -20.07 -8.21 -15.45
N SER A 280 -19.34 -9.32 -15.59
CA SER A 280 -19.25 -9.97 -16.89
C SER A 280 -20.57 -10.64 -17.30
N ARG A 281 -21.27 -11.23 -16.33
CA ARG A 281 -22.60 -11.75 -16.58
C ARG A 281 -23.60 -10.67 -16.95
N LEU A 282 -23.45 -9.47 -16.39
CA LEU A 282 -24.31 -8.36 -16.83
C LEU A 282 -23.93 -7.88 -18.23
N LEU A 283 -22.65 -7.62 -18.47
CA LEU A 283 -22.23 -6.90 -19.68
C LEU A 283 -22.20 -7.78 -20.93
N GLU A 284 -21.91 -9.07 -20.81
CA GLU A 284 -21.92 -9.93 -22.00
C GLU A 284 -23.30 -10.07 -22.64
N ARG A 285 -24.36 -9.60 -21.98
CA ARG A 285 -25.70 -9.61 -22.57
C ARG A 285 -25.89 -8.55 -23.65
N ALA A 286 -25.05 -7.52 -23.69
CA ALA A 286 -25.01 -6.61 -24.83
C ALA A 286 -24.35 -7.26 -26.05
N ALA A 287 -25.07 -7.31 -27.16
CA ALA A 287 -24.65 -8.07 -28.33
C ALA A 287 -25.35 -7.50 -29.56
N LYS A 288 -24.77 -7.79 -30.73
CA LYS A 288 -25.41 -7.59 -32.02
C LYS A 288 -25.75 -8.95 -32.61
N LEU A 289 -27.03 -9.19 -32.87
CA LEU A 289 -27.51 -10.47 -33.37
C LEU A 289 -27.40 -10.56 -34.89
N SER A 290 -27.34 -11.80 -35.37
CA SER A 290 -27.32 -12.12 -36.79
C SER A 290 -28.72 -12.00 -37.40
N GLU A 291 -28.76 -11.97 -38.73
CA GLU A 291 -30.03 -11.95 -39.45
C GLU A 291 -30.92 -13.13 -39.05
N LYS A 292 -30.31 -14.29 -38.78
CA LYS A 292 -31.08 -15.44 -38.32
C LYS A 292 -31.86 -15.13 -37.05
N GLU A 293 -31.30 -14.29 -36.17
CA GLU A 293 -31.90 -13.93 -34.90
C GLU A 293 -32.58 -12.56 -34.94
N GLY A 294 -32.97 -12.11 -36.13
CA GLY A 294 -33.67 -10.85 -36.29
C GLY A 294 -32.80 -9.62 -36.33
N SER A 295 -31.48 -9.77 -36.22
CA SER A 295 -30.50 -8.70 -36.39
C SER A 295 -30.61 -7.60 -35.33
N GLY A 296 -31.41 -7.79 -34.29
CA GLY A 296 -31.49 -6.78 -33.24
C GLY A 296 -30.17 -6.64 -32.52
N SER A 297 -30.08 -5.59 -31.70
CA SER A 297 -28.87 -5.37 -30.92
C SER A 297 -29.23 -4.70 -29.60
N LEU A 298 -28.39 -4.91 -28.60
CA LEU A 298 -28.39 -4.13 -27.38
C LEU A 298 -26.99 -3.54 -27.16
N THR A 299 -26.92 -2.22 -27.07
CA THR A 299 -25.68 -1.53 -26.76
C THR A 299 -25.67 -1.15 -25.28
N ALA A 300 -24.54 -1.36 -24.61
CA ALA A 300 -24.38 -0.97 -23.22
C ALA A 300 -23.36 0.15 -23.09
N LEU A 301 -23.67 1.13 -22.24
CA LEU A 301 -22.70 2.11 -21.75
C LEU A 301 -22.66 2.02 -20.23
N PRO A 302 -21.73 1.25 -19.66
CA PRO A 302 -21.52 1.31 -18.22
C PRO A 302 -20.77 2.57 -17.82
N VAL A 303 -21.02 3.01 -16.58
CA VAL A 303 -20.34 4.16 -16.01
C VAL A 303 -19.58 3.74 -14.77
N ILE A 304 -18.38 4.29 -14.59
CA ILE A 304 -17.53 3.97 -13.44
C ILE A 304 -16.96 5.27 -12.88
N GLU A 305 -17.01 5.39 -11.56
CA GLU A 305 -16.45 6.51 -10.82
C GLU A 305 -15.12 6.11 -10.20
N THR A 306 -14.02 6.45 -10.86
CA THR A 306 -12.70 6.14 -10.35
C THR A 306 -12.35 7.08 -9.19
N GLN A 307 -12.21 6.54 -7.99
CA GLN A 307 -11.85 7.38 -6.85
C GLN A 307 -10.44 7.94 -7.04
N GLY A 308 -10.31 9.26 -6.95
CA GLY A 308 -9.03 9.90 -7.14
C GLY A 308 -8.40 9.68 -8.49
N GLY A 309 -9.18 9.33 -9.51
CA GLY A 309 -8.61 9.01 -10.80
C GLY A 309 -7.92 7.66 -10.86
N ASP A 310 -8.03 6.83 -9.82
CA ASP A 310 -7.37 5.53 -9.80
C ASP A 310 -8.11 4.58 -10.73
N VAL A 311 -7.57 4.43 -11.95
CA VAL A 311 -8.08 3.45 -12.91
C VAL A 311 -7.64 2.03 -12.58
N SER A 312 -6.78 1.85 -11.59
CA SER A 312 -6.26 0.55 -11.20
C SER A 312 -6.95 -0.02 -9.96
N ALA A 313 -7.95 0.67 -9.43
CA ALA A 313 -8.84 0.04 -8.47
C ALA A 313 -9.54 -1.18 -9.07
N TYR A 314 -10.08 -2.01 -8.18
CA TYR A 314 -10.44 -3.37 -8.55
C TYR A 314 -11.61 -3.41 -9.54
N ILE A 315 -12.70 -2.72 -9.22
CA ILE A 315 -13.88 -2.68 -10.10
C ILE A 315 -13.58 -1.97 -11.41
N PRO A 316 -12.89 -0.82 -11.40
CA PRO A 316 -12.44 -0.27 -12.68
C PRO A 316 -11.61 -1.22 -13.52
N THR A 317 -10.67 -1.93 -12.90
CA THR A 317 -9.87 -2.90 -13.65
C THR A 317 -10.74 -3.99 -14.26
N ASN A 318 -11.70 -4.50 -13.49
CA ASN A 318 -12.58 -5.55 -14.01
C ASN A 318 -13.40 -5.05 -15.19
N VAL A 319 -14.07 -3.91 -15.04
CA VAL A 319 -14.97 -3.47 -16.10
C VAL A 319 -14.18 -2.98 -17.31
N ILE A 320 -13.00 -2.40 -17.11
CA ILE A 320 -12.12 -2.09 -18.24
C ILE A 320 -11.74 -3.35 -18.99
N SER A 321 -11.50 -4.45 -18.28
CA SER A 321 -11.16 -5.69 -18.97
C SER A 321 -12.38 -6.34 -19.63
N ILE A 322 -13.58 -6.06 -19.14
CA ILE A 322 -14.77 -6.67 -19.74
C ILE A 322 -15.29 -5.88 -20.94
N THR A 323 -15.12 -4.57 -20.95
CA THR A 323 -15.71 -3.72 -21.98
C THR A 323 -14.84 -3.69 -23.24
N ASP A 324 -15.48 -3.27 -24.34
CA ASP A 324 -14.86 -3.16 -25.65
C ASP A 324 -14.09 -1.85 -25.86
N GLY A 325 -14.17 -0.92 -24.93
CA GLY A 325 -13.51 0.37 -25.11
C GLY A 325 -13.82 1.27 -23.93
N GLN A 326 -13.07 2.36 -23.84
CA GLN A 326 -13.15 3.27 -22.71
C GLN A 326 -13.16 4.72 -23.18
N ILE A 327 -14.05 5.51 -22.60
CA ILE A 327 -14.05 6.96 -22.70
C ILE A 327 -13.65 7.50 -21.34
N PHE A 328 -12.48 8.15 -21.28
CA PHE A 328 -11.93 8.67 -20.03
C PHE A 328 -12.20 10.17 -19.96
N LEU A 329 -12.84 10.60 -18.87
CA LEU A 329 -13.09 12.01 -18.59
C LEU A 329 -12.18 12.45 -17.46
N GLU A 330 -11.63 13.66 -17.57
CA GLU A 330 -10.66 14.15 -16.59
C GLU A 330 -11.05 15.53 -16.11
N ALA A 331 -10.86 15.75 -14.79
CA ALA A 331 -11.11 17.06 -14.19
C ALA A 331 -10.12 18.11 -14.68
N GLU A 332 -8.87 17.75 -14.91
CA GLU A 332 -7.90 18.68 -15.47
C GLU A 332 -8.35 19.24 -16.81
N LEU A 333 -8.80 18.35 -17.70
CA LEU A 333 -9.31 18.80 -18.99
C LEU A 333 -10.57 19.63 -18.82
N PHE A 334 -11.48 19.19 -17.95
CA PHE A 334 -12.71 19.92 -17.69
C PHE A 334 -12.43 21.36 -17.24
N TYR A 335 -11.45 21.55 -16.36
CA TYR A 335 -11.14 22.89 -15.86
C TYR A 335 -10.30 23.72 -16.81
N LYS A 336 -9.51 23.10 -17.69
CA LYS A 336 -8.98 23.83 -18.85
C LYS A 336 -10.05 24.19 -19.86
N GLY A 337 -11.32 23.91 -19.58
CA GLY A 337 -12.40 24.24 -20.48
C GLY A 337 -12.61 23.27 -21.61
N ILE A 338 -11.85 22.17 -21.65
CA ILE A 338 -12.10 21.10 -22.61
C ILE A 338 -13.30 20.31 -22.08
N ARG A 339 -14.49 20.61 -22.60
CA ARG A 339 -15.72 19.94 -22.20
C ARG A 339 -16.43 19.48 -23.46
N PRO A 340 -16.78 18.18 -23.59
CA PRO A 340 -16.96 17.16 -22.54
C PRO A 340 -15.73 16.45 -21.98
N ALA A 341 -14.52 17.01 -22.02
CA ALA A 341 -13.43 16.57 -21.14
C ALA A 341 -12.91 15.18 -21.48
N ILE A 342 -13.23 14.66 -22.67
CA ILE A 342 -12.77 13.33 -23.04
C ILE A 342 -11.27 13.37 -23.27
N ASN A 343 -10.53 12.57 -22.52
CA ASN A 343 -9.12 12.30 -22.77
C ASN A 343 -8.98 11.44 -24.01
N VAL A 344 -8.68 12.08 -25.15
CA VAL A 344 -8.54 11.37 -26.41
C VAL A 344 -7.30 10.50 -26.46
N GLY A 345 -6.27 10.81 -25.65
CA GLY A 345 -5.11 9.93 -25.59
C GLY A 345 -5.39 8.57 -25.00
N LEU A 346 -6.15 8.52 -23.90
CA LEU A 346 -6.51 7.25 -23.29
C LEU A 346 -7.77 6.63 -23.88
N SER A 347 -8.74 7.43 -24.27
CA SER A 347 -9.98 6.89 -24.79
C SER A 347 -9.75 6.15 -26.10
N VAL A 348 -10.35 4.96 -26.21
CA VAL A 348 -10.13 4.07 -27.35
C VAL A 348 -11.37 3.21 -27.52
N SER A 349 -11.69 2.92 -28.79
CA SER A 349 -12.81 2.05 -29.14
C SER A 349 -12.27 0.91 -30.01
N ARG A 350 -12.29 -0.30 -29.46
CA ARG A 350 -11.74 -1.46 -30.16
C ARG A 350 -12.52 -1.77 -31.43
N VAL A 351 -13.86 -1.64 -31.39
CA VAL A 351 -14.71 -2.15 -32.44
C VAL A 351 -15.44 -1.06 -33.22
N GLY A 352 -15.79 0.06 -32.58
CA GLY A 352 -16.64 1.04 -33.22
C GLY A 352 -16.00 1.78 -34.37
N SER A 353 -14.67 1.70 -34.51
CA SER A 353 -14.01 2.25 -35.68
C SER A 353 -14.47 1.57 -36.97
N ALA A 354 -14.93 0.32 -36.88
CA ALA A 354 -15.59 -0.30 -38.02
C ALA A 354 -17.02 0.18 -38.21
N ALA A 355 -17.65 0.72 -37.17
CA ALA A 355 -19.02 1.20 -37.25
C ALA A 355 -19.12 2.69 -37.52
N GLN A 356 -18.02 3.43 -37.47
CA GLN A 356 -18.06 4.86 -37.66
C GLN A 356 -18.69 5.23 -38.99
N VAL A 357 -19.45 6.33 -38.99
CA VAL A 357 -20.07 6.81 -40.22
C VAL A 357 -18.99 7.11 -41.25
N LYS A 358 -19.17 6.59 -42.47
CA LYS A 358 -18.10 6.66 -43.46
C LYS A 358 -17.70 8.09 -43.77
N ALA A 359 -18.68 8.97 -43.96
CA ALA A 359 -18.39 10.37 -44.18
C ALA A 359 -17.57 10.98 -43.05
N LEU A 360 -17.87 10.60 -41.80
CA LEU A 360 -17.08 11.07 -40.67
C LEU A 360 -15.71 10.39 -40.60
N LYS A 361 -15.65 9.10 -40.91
CA LYS A 361 -14.37 8.38 -40.91
C LYS A 361 -13.38 8.98 -41.90
N GLN A 362 -13.87 9.42 -43.05
CA GLN A 362 -13.04 10.03 -44.09
C GLN A 362 -12.31 11.26 -43.59
N VAL A 363 -12.91 12.02 -42.68
CA VAL A 363 -12.28 13.23 -42.17
C VAL A 363 -11.56 12.98 -40.86
N ALA A 364 -12.10 12.10 -40.01
CA ALA A 364 -11.52 11.84 -38.71
C ALA A 364 -10.19 11.09 -38.80
N GLY A 365 -9.93 10.41 -39.92
CA GLY A 365 -8.62 9.77 -40.06
C GLY A 365 -7.47 10.76 -39.99
N SER A 366 -7.64 11.94 -40.58
CA SER A 366 -6.65 13.01 -40.42
C SER A 366 -6.67 13.60 -39.01
N LEU A 367 -7.87 13.81 -38.47
CA LEU A 367 -8.03 14.43 -37.16
C LEU A 367 -7.27 13.70 -36.06
N LYS A 368 -7.35 12.37 -36.04
CA LYS A 368 -6.65 11.65 -34.97
C LYS A 368 -5.13 11.80 -35.06
N LEU A 369 -4.59 11.89 -36.28
CA LEU A 369 -3.15 12.10 -36.43
C LEU A 369 -2.74 13.51 -36.02
N PHE A 370 -3.50 14.51 -36.45
CA PHE A 370 -3.18 15.88 -36.07
C PHE A 370 -3.27 16.08 -34.57
N LEU A 371 -4.25 15.46 -33.91
CA LEU A 371 -4.32 15.50 -32.46
C LEU A 371 -3.14 14.78 -31.80
N ALA A 372 -2.76 13.60 -32.29
CA ALA A 372 -1.63 12.89 -31.69
C ALA A 372 -0.33 13.71 -31.79
N GLN A 373 -0.10 14.32 -32.96
CA GLN A 373 1.03 15.23 -33.10
C GLN A 373 0.92 16.41 -32.14
N TYR A 374 -0.26 17.03 -32.07
CA TYR A 374 -0.40 18.15 -31.14
C TYR A 374 -0.09 17.73 -29.70
N ARG A 375 -0.56 16.57 -29.28
CA ARG A 375 -0.27 16.12 -27.91
C ARG A 375 1.22 15.90 -27.69
N GLU A 376 1.96 15.46 -28.71
CA GLU A 376 3.41 15.36 -28.52
C GLU A 376 4.10 16.73 -28.48
N VAL A 377 3.72 17.64 -29.38
CA VAL A 377 4.35 18.97 -29.47
C VAL A 377 3.83 19.98 -28.45
N ALA A 378 2.78 19.66 -27.71
CA ALA A 378 2.10 20.63 -26.83
C ALA A 378 3.04 21.34 -25.86
N ALA A 379 4.07 20.64 -25.37
CA ALA A 379 5.01 21.28 -24.45
C ALA A 379 5.77 22.45 -25.07
N PHE A 380 5.86 22.51 -26.40
CA PHE A 380 6.42 23.69 -27.05
C PHE A 380 5.54 24.93 -26.89
N ALA A 381 4.25 24.75 -26.56
CA ALA A 381 3.35 25.90 -26.41
C ALA A 381 3.78 26.83 -25.28
N GLN A 382 4.49 26.31 -24.27
CA GLN A 382 4.98 27.18 -23.21
C GLN A 382 6.10 28.10 -23.67
N PHE A 383 6.75 27.79 -24.78
CA PHE A 383 8.02 28.41 -25.16
C PHE A 383 8.02 28.74 -26.65
N GLY A 384 6.88 29.24 -27.13
CA GLY A 384 6.59 29.33 -28.55
C GLY A 384 7.43 30.31 -29.33
N SER A 385 8.46 30.87 -28.71
CA SER A 385 9.44 31.66 -29.44
C SER A 385 10.45 30.77 -30.16
N ASP A 386 10.84 31.18 -31.36
CA ASP A 386 11.86 30.49 -32.15
C ASP A 386 11.50 29.03 -32.42
N LEU A 387 10.21 28.73 -32.47
CA LEU A 387 9.76 27.42 -32.92
C LEU A 387 10.18 27.20 -34.38
N ASP A 388 10.27 25.93 -34.76
CA ASP A 388 10.21 25.58 -36.17
C ASP A 388 8.80 25.81 -36.72
N ALA A 389 8.74 26.09 -38.02
CA ALA A 389 7.45 26.25 -38.69
C ALA A 389 6.57 25.02 -38.55
N SER A 390 7.16 23.83 -38.51
CA SER A 390 6.35 22.61 -38.36
C SER A 390 5.69 22.53 -36.99
N THR A 391 6.41 22.85 -35.92
CA THR A 391 5.80 22.84 -34.59
C THR A 391 4.84 24.00 -34.40
N LYS A 392 5.13 25.16 -34.97
CA LYS A 392 4.18 26.26 -34.98
C LYS A 392 2.87 25.87 -35.66
N GLN A 393 2.94 25.27 -36.84
CA GLN A 393 1.73 24.83 -37.52
C GLN A 393 1.03 23.71 -36.76
N THR A 394 1.79 22.85 -36.09
CA THR A 394 1.18 21.81 -35.26
C THR A 394 0.42 22.41 -34.09
N LEU A 395 0.96 23.45 -33.46
CA LEU A 395 0.23 24.16 -32.42
C LEU A 395 -1.00 24.88 -32.95
N VAL A 396 -0.93 25.44 -34.15
CA VAL A 396 -2.09 26.13 -34.71
C VAL A 396 -3.23 25.15 -34.99
N ARG A 397 -2.94 24.08 -35.75
CA ARG A 397 -3.97 23.07 -35.96
C ARG A 397 -4.45 22.45 -34.66
N GLY A 398 -3.53 22.01 -33.79
CA GLY A 398 -3.93 21.37 -32.56
C GLY A 398 -4.83 22.22 -31.67
N GLU A 399 -4.51 23.51 -31.55
CA GLU A 399 -5.36 24.43 -30.79
C GLU A 399 -6.72 24.63 -31.44
N ARG A 400 -6.76 24.84 -32.76
CA ARG A 400 -8.06 25.02 -33.40
C ARG A 400 -8.91 23.75 -33.33
N LEU A 401 -8.30 22.58 -33.50
CA LEU A 401 -9.06 21.33 -33.38
C LEU A 401 -9.56 21.09 -31.97
N THR A 402 -8.69 21.28 -30.96
CA THR A 402 -9.15 21.15 -29.58
C THR A 402 -10.29 22.11 -29.27
N GLN A 403 -10.19 23.36 -29.72
CA GLN A 403 -11.26 24.33 -29.51
C GLN A 403 -12.51 24.02 -30.32
N LEU A 404 -12.38 23.24 -31.40
CA LEU A 404 -13.56 22.75 -32.10
C LEU A 404 -14.24 21.56 -31.42
N LEU A 405 -13.47 20.72 -30.72
CA LEU A 405 -14.07 19.52 -30.14
C LEU A 405 -14.91 19.77 -28.89
N LYS A 406 -14.72 20.90 -28.22
CA LYS A 406 -15.59 21.26 -27.12
C LYS A 406 -17.01 21.55 -27.61
N GLN A 407 -17.98 21.30 -26.74
CA GLN A 407 -19.39 21.28 -27.12
C GLN A 407 -20.26 21.57 -25.90
N ASN A 408 -21.30 22.36 -26.10
CA ASN A 408 -22.22 22.69 -25.02
C ASN A 408 -23.09 21.51 -24.62
N GLN A 409 -23.38 21.42 -23.33
CA GLN A 409 -24.24 20.37 -22.79
C GLN A 409 -25.63 20.40 -23.41
N TYR A 410 -26.20 19.22 -23.65
CA TYR A 410 -27.52 19.08 -24.25
C TYR A 410 -27.64 19.69 -25.64
N SER A 411 -26.56 19.74 -26.41
CA SER A 411 -26.60 20.24 -27.78
C SER A 411 -25.84 19.30 -28.71
N PRO A 412 -26.30 18.06 -28.85
CA PRO A 412 -25.69 17.15 -29.82
C PRO A 412 -25.92 17.61 -31.26
N LEU A 413 -24.96 17.28 -32.12
CA LEU A 413 -24.97 17.71 -33.51
C LEU A 413 -25.21 16.52 -34.43
N ALA A 414 -26.00 16.74 -35.48
CA ALA A 414 -26.15 15.71 -36.50
C ALA A 414 -24.82 15.50 -37.23
N THR A 415 -24.66 14.31 -37.82
CA THR A 415 -23.44 14.01 -38.56
C THR A 415 -23.27 14.91 -39.77
N GLU A 416 -24.37 15.29 -40.43
CA GLU A 416 -24.32 16.30 -41.48
C GLU A 416 -23.75 17.61 -40.96
N GLU A 417 -23.92 17.90 -39.68
CA GLU A 417 -23.37 19.10 -39.07
C GLU A 417 -21.98 18.88 -38.54
N GLN A 418 -21.62 17.65 -38.19
CA GLN A 418 -20.29 17.36 -37.67
C GLN A 418 -19.23 17.30 -38.77
N VAL A 419 -19.51 16.62 -39.89
CA VAL A 419 -18.45 16.42 -40.88
C VAL A 419 -17.98 17.72 -41.54
N PRO A 420 -18.83 18.71 -41.82
CA PRO A 420 -18.29 19.94 -42.42
C PRO A 420 -17.36 20.70 -41.49
N LEU A 421 -17.64 20.65 -40.19
CA LEU A 421 -16.84 21.37 -39.20
C LEU A 421 -15.48 20.72 -39.01
N ILE A 422 -15.44 19.40 -38.90
CA ILE A 422 -14.17 18.69 -38.78
C ILE A 422 -13.40 18.77 -40.10
N TYR A 423 -14.09 18.71 -41.24
CA TYR A 423 -13.41 18.90 -42.52
C TYR A 423 -12.71 20.25 -42.57
N ALA A 424 -13.41 21.32 -42.19
CA ALA A 424 -12.81 22.65 -42.18
C ALA A 424 -11.63 22.71 -41.20
N GLY A 425 -11.77 22.09 -40.04
CA GLY A 425 -10.67 22.11 -39.08
C GLY A 425 -9.43 21.35 -39.54
N VAL A 426 -9.60 20.12 -40.03
CA VAL A 426 -8.45 19.30 -40.40
C VAL A 426 -7.78 19.82 -41.66
N ASN A 427 -8.56 20.21 -42.68
CA ASN A 427 -7.93 20.76 -43.87
C ASN A 427 -7.18 22.05 -43.59
N GLY A 428 -7.63 22.83 -42.61
CA GLY A 428 -6.88 23.96 -42.10
C GLY A 428 -7.48 25.31 -42.39
N HIS A 429 -8.75 25.34 -42.78
CA HIS A 429 -9.43 26.60 -43.08
C HIS A 429 -9.56 27.48 -41.83
N LEU A 430 -9.46 26.90 -40.64
CA LEU A 430 -9.50 27.65 -39.39
C LEU A 430 -8.13 28.11 -38.91
N ASP A 431 -7.05 27.77 -39.61
CA ASP A 431 -5.72 28.15 -39.13
C ASP A 431 -5.56 29.66 -39.04
N GLY A 432 -6.27 30.41 -39.87
CA GLY A 432 -6.24 31.87 -39.83
C GLY A 432 -7.18 32.54 -38.86
N ILE A 433 -8.02 31.79 -38.14
CA ILE A 433 -9.07 32.35 -37.30
C ILE A 433 -8.61 32.40 -35.85
N GLU A 434 -8.84 33.55 -35.20
CA GLU A 434 -8.50 33.70 -33.79
C GLU A 434 -9.20 32.62 -32.96
N LEU A 435 -8.44 32.05 -32.02
CA LEU A 435 -8.90 30.86 -31.31
C LEU A 435 -10.17 31.12 -30.50
N SER A 436 -10.36 32.34 -30.00
CA SER A 436 -11.61 32.69 -29.35
C SER A 436 -12.79 32.69 -30.32
N ARG A 437 -12.56 33.13 -31.56
CA ARG A 437 -13.62 33.17 -32.56
C ARG A 437 -14.09 31.78 -33.01
N ILE A 438 -13.22 30.77 -32.95
CA ILE A 438 -13.58 29.44 -33.44
C ILE A 438 -14.94 28.96 -32.95
N GLY A 439 -15.31 29.27 -31.70
CA GLY A 439 -16.63 28.88 -31.23
C GLY A 439 -17.76 29.61 -31.92
N GLU A 440 -17.57 30.90 -32.15
CA GLU A 440 -18.53 31.66 -32.95
C GLU A 440 -18.50 31.19 -34.39
N PHE A 441 -17.33 30.73 -34.86
CA PHE A 441 -17.29 30.18 -36.20
C PHE A 441 -18.24 28.98 -36.33
N GLU A 442 -18.30 28.13 -35.30
CA GLU A 442 -19.12 26.93 -35.41
C GLU A 442 -20.57 27.29 -35.71
N SER A 443 -21.15 28.18 -34.92
CA SER A 443 -22.55 28.50 -35.14
C SER A 443 -22.74 29.29 -36.43
N SER A 444 -21.80 30.15 -36.78
CA SER A 444 -21.91 30.92 -38.02
C SER A 444 -21.77 30.06 -39.27
N PHE A 445 -20.78 29.16 -39.28
CA PHE A 445 -20.58 28.33 -40.46
C PHE A 445 -21.71 27.34 -40.67
N LEU A 446 -22.19 26.72 -39.60
CA LEU A 446 -23.38 25.89 -39.73
C LEU A 446 -24.53 26.71 -40.29
N SER A 447 -24.74 27.91 -39.74
CA SER A 447 -25.82 28.74 -40.26
C SER A 447 -25.62 29.06 -41.73
N TYR A 448 -24.37 29.30 -42.13
CA TYR A 448 -24.09 29.51 -43.54
C TYR A 448 -24.43 28.29 -44.38
N LEU A 449 -23.98 27.11 -43.94
CA LEU A 449 -24.30 25.88 -44.67
C LEU A 449 -25.78 25.56 -44.70
N LYS A 450 -26.47 25.68 -43.56
CA LYS A 450 -27.88 25.30 -43.50
C LYS A 450 -28.74 26.12 -44.45
N SER A 451 -28.60 27.45 -44.42
CA SER A 451 -29.39 28.29 -45.32
C SER A 451 -28.89 28.24 -46.77
N ASN A 452 -27.60 28.47 -47.00
CA ASN A 452 -27.08 28.52 -48.36
C ASN A 452 -26.88 27.16 -49.00
N HIS A 453 -26.48 26.13 -48.25
CA HIS A 453 -26.05 24.88 -48.85
C HIS A 453 -26.81 23.69 -48.28
N ASN A 454 -28.11 23.86 -48.06
CA ASN A 454 -28.91 22.82 -47.44
C ASN A 454 -28.90 21.53 -48.27
N GLU A 455 -28.78 21.66 -49.59
CA GLU A 455 -28.65 20.48 -50.45
C GLU A 455 -27.38 19.70 -50.19
N LEU A 456 -26.29 20.38 -49.83
CA LEU A 456 -25.07 19.70 -49.44
C LEU A 456 -25.25 18.90 -48.15
N LEU A 457 -25.80 19.53 -47.11
CA LEU A 457 -26.01 18.82 -45.86
C LEU A 457 -26.99 17.67 -46.03
N THR A 458 -28.05 17.89 -46.83
CA THR A 458 -28.98 16.82 -47.16
C THR A 458 -28.29 15.64 -47.84
N GLU A 459 -27.41 15.91 -48.82
CA GLU A 459 -26.74 14.81 -49.49
C GLU A 459 -25.77 14.07 -48.57
N ILE A 460 -25.08 14.80 -47.69
CA ILE A 460 -24.25 14.15 -46.68
C ILE A 460 -25.08 13.24 -45.79
N ARG A 461 -26.20 13.74 -45.29
CA ARG A 461 -27.07 12.95 -44.41
C ARG A 461 -27.65 11.74 -45.12
N GLU A 462 -28.16 11.92 -46.33
CA GLU A 462 -28.84 10.84 -47.04
C GLU A 462 -27.87 9.77 -47.54
N LYS A 463 -26.75 10.17 -48.15
CA LYS A 463 -25.79 9.18 -48.62
C LYS A 463 -24.90 8.65 -47.50
N GLY A 464 -24.65 9.45 -46.47
CA GLY A 464 -23.76 9.00 -45.41
C GLY A 464 -22.30 8.97 -45.78
N GLU A 465 -21.95 9.46 -46.98
CA GLU A 465 -20.58 9.42 -47.45
C GLU A 465 -20.32 10.66 -48.29
N LEU A 466 -19.08 11.11 -48.30
CA LEU A 466 -18.65 12.26 -49.07
C LEU A 466 -18.05 11.78 -50.38
N SER A 467 -18.78 11.97 -51.49
CA SER A 467 -18.14 11.74 -52.77
C SER A 467 -17.08 12.81 -53.03
N LYS A 468 -16.22 12.53 -54.01
CA LYS A 468 -15.20 13.48 -54.44
C LYS A 468 -15.83 14.77 -54.96
N GLU A 469 -17.02 14.66 -55.57
CA GLU A 469 -17.81 15.83 -55.90
C GLU A 469 -18.21 16.59 -54.66
N LEU A 470 -18.65 15.87 -53.63
CA LEU A 470 -19.04 16.49 -52.38
C LEU A 470 -17.86 17.09 -51.64
N LEU A 471 -16.69 16.47 -51.70
CA LEU A 471 -15.52 17.12 -51.11
C LEU A 471 -15.15 18.41 -51.84
N ALA A 472 -15.27 18.44 -53.17
CA ALA A 472 -15.04 19.71 -53.87
C ALA A 472 -16.08 20.77 -53.49
N SER A 473 -17.36 20.39 -53.46
CA SER A 473 -18.41 21.32 -53.06
C SER A 473 -18.21 21.85 -51.64
N LEU A 474 -17.89 20.97 -50.69
CA LEU A 474 -17.61 21.38 -49.32
C LEU A 474 -16.36 22.25 -49.22
N LYS A 475 -15.34 21.98 -50.02
CA LYS A 475 -14.18 22.86 -50.06
C LYS A 475 -14.57 24.27 -50.50
N SER A 476 -15.31 24.35 -51.60
CA SER A 476 -15.73 25.67 -52.10
C SER A 476 -16.56 26.42 -51.08
N ALA A 477 -17.57 25.76 -50.50
CA ALA A 477 -18.38 26.39 -49.47
C ALA A 477 -17.58 26.83 -48.24
N THR A 478 -16.62 26.01 -47.80
CA THR A 478 -15.79 26.37 -46.66
C THR A 478 -14.91 27.58 -46.96
N GLU A 479 -14.26 27.59 -48.12
CA GLU A 479 -13.42 28.70 -48.49
C GLU A 479 -14.23 29.98 -48.67
N SER A 480 -15.41 29.89 -49.27
CA SER A 480 -16.29 31.06 -49.35
C SER A 480 -16.68 31.59 -47.98
N PHE A 481 -17.08 30.71 -47.06
CA PHE A 481 -17.44 31.18 -45.73
C PHE A 481 -16.25 31.85 -45.04
N VAL A 482 -15.09 31.18 -45.02
CA VAL A 482 -13.92 31.77 -44.38
C VAL A 482 -13.56 33.11 -45.01
N ALA A 483 -13.70 33.22 -46.33
CA ALA A 483 -13.48 34.52 -46.98
C ALA A 483 -14.45 35.56 -46.45
N THR A 484 -15.71 35.17 -46.22
CA THR A 484 -16.64 36.10 -45.58
C THR A 484 -16.32 36.28 -44.11
N PHE A 485 -15.89 35.21 -43.44
CA PHE A 485 -15.64 35.24 -42.00
C PHE A 485 -14.32 35.95 -41.72
N ASN B 1 -8.00 -51.01 15.25
CA ASN B 1 -7.12 -50.43 16.25
C ASN B 1 -6.70 -49.01 15.86
N LEU B 2 -7.24 -48.04 16.58
CA LEU B 2 -7.01 -46.63 16.30
C LEU B 2 -5.68 -46.13 16.82
N ASN B 3 -4.91 -46.96 17.51
CA ASN B 3 -3.61 -46.54 18.01
C ASN B 3 -2.62 -46.37 16.87
N GLU B 4 -2.60 -47.31 15.92
CA GLU B 4 -1.62 -47.31 14.84
C GLU B 4 -2.25 -46.98 13.49
N THR B 5 -3.57 -46.83 13.41
CA THR B 5 -4.25 -46.51 12.18
C THR B 5 -5.31 -45.45 12.45
N GLY B 6 -5.81 -44.84 11.38
CA GLY B 6 -6.83 -43.82 11.52
C GLY B 6 -7.71 -43.74 10.29
N ARG B 7 -8.77 -42.94 10.40
CA ARG B 7 -9.70 -42.68 9.32
C ARG B 7 -9.65 -41.21 8.95
N VAL B 8 -9.57 -40.92 7.65
CA VAL B 8 -9.63 -39.55 7.17
C VAL B 8 -11.01 -38.98 7.44
N LEU B 9 -11.06 -37.84 8.11
CA LEU B 9 -12.31 -37.13 8.37
C LEU B 9 -12.65 -36.12 7.27
N ALA B 10 -11.63 -35.43 6.74
CA ALA B 10 -11.85 -34.37 5.77
C ALA B 10 -10.58 -34.21 4.96
N VAL B 11 -10.71 -33.60 3.79
CA VAL B 11 -9.60 -33.43 2.86
C VAL B 11 -9.82 -32.15 2.09
N GLY B 12 -8.87 -31.22 2.17
CA GLY B 12 -8.91 -30.03 1.36
C GLY B 12 -7.77 -29.07 1.61
N ASP B 13 -7.39 -28.33 0.57
CA ASP B 13 -6.28 -27.39 0.64
C ASP B 13 -4.99 -28.09 1.07
N GLY B 14 -4.78 -29.30 0.57
CA GLY B 14 -3.60 -30.04 0.92
C GLY B 14 -3.56 -30.60 2.32
N ILE B 15 -4.59 -30.36 3.13
CA ILE B 15 -4.63 -30.86 4.51
C ILE B 15 -5.69 -31.94 4.60
N ALA B 16 -5.32 -33.08 5.17
CA ALA B 16 -6.27 -34.11 5.55
C ALA B 16 -6.39 -34.15 7.08
N ARG B 17 -7.62 -34.28 7.56
CA ARG B 17 -7.88 -34.47 8.97
C ARG B 17 -8.14 -35.95 9.22
N VAL B 18 -7.53 -36.49 10.27
CA VAL B 18 -7.54 -37.93 10.51
C VAL B 18 -7.98 -38.18 11.95
N PHE B 19 -8.89 -39.14 12.12
CA PHE B 19 -9.27 -39.61 13.44
C PHE B 19 -8.43 -40.83 13.81
N GLY B 20 -8.14 -40.97 15.10
CA GLY B 20 -7.21 -41.99 15.56
C GLY B 20 -5.75 -41.58 15.44
N LEU B 21 -4.89 -42.53 15.10
CA LEU B 21 -3.44 -42.35 15.14
C LEU B 21 -2.99 -41.83 16.50
N ASN B 22 -3.56 -42.38 17.56
CA ASN B 22 -3.33 -41.84 18.90
C ASN B 22 -1.85 -41.79 19.26
N ASN B 23 -1.09 -42.81 18.86
CA ASN B 23 0.33 -42.92 19.17
C ASN B 23 1.24 -42.22 18.16
N ILE B 24 0.68 -41.50 17.18
CA ILE B 24 1.53 -40.83 16.20
C ILE B 24 2.37 -39.76 16.86
N GLN B 25 3.62 -39.65 16.42
CA GLN B 25 4.51 -38.58 16.84
C GLN B 25 4.26 -37.33 16.00
N ALA B 26 4.48 -36.17 16.60
CA ALA B 26 4.49 -34.93 15.84
C ALA B 26 5.56 -34.96 14.75
N GLU B 27 5.13 -34.64 13.53
CA GLU B 27 5.96 -34.71 12.32
C GLU B 27 6.33 -36.14 11.93
N GLU B 28 5.65 -37.14 12.48
CA GLU B 28 5.75 -38.49 11.93
C GLU B 28 5.24 -38.52 10.50
N LEU B 29 5.68 -39.52 9.75
CA LEU B 29 5.23 -39.77 8.40
C LEU B 29 4.17 -40.87 8.39
N VAL B 30 3.10 -40.64 7.63
CA VAL B 30 2.00 -41.58 7.49
C VAL B 30 1.86 -41.96 6.02
N GLU B 31 1.28 -43.13 5.79
CA GLU B 31 0.93 -43.59 4.45
C GLU B 31 -0.57 -43.79 4.36
N PHE B 32 -1.19 -43.17 3.36
CA PHE B 32 -2.59 -43.37 3.07
C PHE B 32 -2.80 -44.65 2.26
N SER B 33 -4.01 -45.19 2.32
CA SER B 33 -4.31 -46.44 1.64
C SER B 33 -4.10 -46.35 0.13
N SER B 34 -4.15 -45.14 -0.45
CA SER B 34 -3.80 -44.96 -1.85
C SER B 34 -2.30 -44.99 -2.10
N GLY B 35 -1.49 -45.03 -1.05
CA GLY B 35 -0.05 -45.07 -1.16
C GLY B 35 0.61 -43.70 -1.23
N VAL B 36 -0.17 -42.62 -1.26
CA VAL B 36 0.41 -41.30 -1.02
C VAL B 36 0.84 -41.21 0.44
N LYS B 37 1.85 -40.36 0.69
CA LYS B 37 2.37 -40.16 2.03
C LYS B 37 2.13 -38.72 2.49
N GLY B 38 2.05 -38.57 3.80
CA GLY B 38 1.83 -37.26 4.39
C GLY B 38 2.60 -37.14 5.69
N MET B 39 2.93 -35.89 6.04
CA MET B 39 3.55 -35.61 7.34
C MET B 39 2.48 -35.12 8.31
N ALA B 40 2.49 -35.64 9.52
CA ALA B 40 1.55 -35.21 10.55
C ALA B 40 2.07 -33.93 11.22
N LEU B 41 1.43 -32.81 10.91
CA LEU B 41 1.99 -31.51 11.26
C LEU B 41 1.54 -31.05 12.65
N ASN B 42 0.27 -31.22 12.98
CA ASN B 42 -0.25 -30.78 14.26
C ASN B 42 -1.15 -31.85 14.86
N LEU B 43 -1.12 -31.96 16.18
CA LEU B 43 -1.81 -33.02 16.90
C LEU B 43 -2.81 -32.36 17.82
N GLU B 44 -4.03 -32.89 17.85
CA GLU B 44 -5.11 -32.34 18.65
C GLU B 44 -5.77 -33.45 19.44
N PRO B 45 -6.48 -33.12 20.52
CA PRO B 45 -7.08 -34.18 21.34
C PRO B 45 -8.04 -35.07 20.59
N GLY B 46 -8.71 -34.54 19.56
CA GLY B 46 -9.63 -35.35 18.78
C GLY B 46 -9.08 -35.90 17.48
N GLN B 47 -8.09 -35.25 16.89
CA GLN B 47 -7.76 -35.49 15.49
C GLN B 47 -6.33 -35.09 15.23
N VAL B 48 -5.84 -35.47 14.04
CA VAL B 48 -4.51 -35.11 13.56
C VAL B 48 -4.65 -34.39 12.23
N GLY B 49 -3.89 -33.31 12.06
CA GLY B 49 -3.81 -32.63 10.79
C GLY B 49 -2.57 -33.04 10.03
N ILE B 50 -2.76 -33.50 8.80
CA ILE B 50 -1.72 -34.13 8.01
C ILE B 50 -1.57 -33.38 6.71
N VAL B 51 -0.33 -33.12 6.32
CA VAL B 51 0.01 -32.38 5.11
C VAL B 51 0.38 -33.41 4.05
N LEU B 52 -0.33 -33.39 2.93
CA LEU B 52 -0.15 -34.39 1.88
C LEU B 52 1.04 -34.05 1.01
N PHE B 53 1.93 -35.02 0.83
CA PHE B 53 3.00 -34.95 -0.17
C PHE B 53 2.49 -35.42 -1.53
N GLY B 54 1.44 -34.76 -2.00
CA GLY B 54 0.80 -35.18 -3.24
C GLY B 54 -0.52 -34.47 -3.44
N SER B 55 -1.19 -34.85 -4.53
CA SER B 55 -2.47 -34.26 -4.86
C SER B 55 -3.55 -34.69 -3.88
N ASP B 56 -4.47 -33.76 -3.58
CA ASP B 56 -5.66 -34.08 -2.80
C ASP B 56 -6.49 -35.18 -3.43
N ARG B 57 -6.45 -35.31 -4.76
CA ARG B 57 -7.18 -36.37 -5.44
C ARG B 57 -6.84 -37.75 -4.90
N LEU B 58 -5.62 -37.93 -4.39
CA LEU B 58 -5.17 -39.24 -3.92
C LEU B 58 -5.73 -39.63 -2.55
N VAL B 59 -6.46 -38.75 -1.87
CA VAL B 59 -6.95 -39.01 -0.53
C VAL B 59 -8.44 -38.70 -0.47
N LYS B 60 -9.20 -39.62 0.13
CA LYS B 60 -10.65 -39.48 0.25
C LYS B 60 -11.05 -39.68 1.70
N GLU B 61 -12.07 -38.95 2.12
CA GLU B 61 -12.69 -39.18 3.42
C GLU B 61 -13.04 -40.65 3.60
N GLY B 62 -12.81 -41.17 4.81
CA GLY B 62 -13.03 -42.56 5.12
C GLY B 62 -11.91 -43.52 4.75
N GLU B 63 -10.94 -43.09 3.95
CA GLU B 63 -9.79 -43.95 3.67
C GLU B 63 -8.98 -44.20 4.94
N LEU B 64 -8.33 -45.37 4.98
CA LEU B 64 -7.46 -45.75 6.07
C LEU B 64 -6.09 -45.08 5.95
N VAL B 65 -5.54 -44.66 7.08
CA VAL B 65 -4.19 -44.11 7.17
C VAL B 65 -3.40 -44.97 8.16
N LYS B 66 -2.12 -45.18 7.86
CA LYS B 66 -1.22 -45.94 8.71
C LYS B 66 -0.02 -45.09 9.13
N ARG B 67 0.41 -45.28 10.37
CA ARG B 67 1.73 -44.82 10.79
C ARG B 67 2.82 -45.52 10.01
N THR B 68 3.85 -44.77 9.60
CA THR B 68 5.11 -45.40 9.23
C THR B 68 6.01 -45.65 10.44
N GLY B 69 5.80 -44.92 11.53
CA GLY B 69 6.55 -45.11 12.75
C GLY B 69 7.83 -44.29 12.89
N ASN B 70 8.16 -43.44 11.91
CA ASN B 70 9.37 -42.64 12.01
C ASN B 70 9.16 -41.25 11.47
N ILE B 71 9.88 -40.29 12.06
CA ILE B 71 9.83 -38.90 11.61
C ILE B 71 10.25 -38.84 10.14
N VAL B 72 9.74 -37.83 9.44
CA VAL B 72 10.06 -37.63 8.02
C VAL B 72 11.57 -37.66 7.86
N ASP B 73 12.08 -38.60 7.07
CA ASP B 73 13.50 -38.85 6.93
C ASP B 73 13.81 -39.25 5.50
N VAL B 74 15.09 -39.20 5.16
CA VAL B 74 15.54 -39.43 3.79
C VAL B 74 16.71 -40.41 3.82
N PRO B 75 16.86 -41.30 2.84
CA PRO B 75 18.11 -42.06 2.72
C PRO B 75 19.31 -41.15 2.47
N VAL B 76 20.47 -41.60 2.96
CA VAL B 76 21.71 -40.85 2.82
C VAL B 76 22.85 -41.83 2.59
N GLY B 77 23.96 -41.30 2.06
CA GLY B 77 25.15 -42.08 1.86
C GLY B 77 25.76 -41.90 0.49
N PRO B 78 26.88 -42.59 0.24
CA PRO B 78 27.52 -42.51 -1.08
C PRO B 78 26.74 -43.18 -2.19
N GLY B 79 25.83 -44.10 -1.86
CA GLY B 79 25.01 -44.76 -2.86
C GLY B 79 24.03 -43.86 -3.58
N LEU B 80 23.85 -42.63 -3.11
CA LEU B 80 23.06 -41.64 -3.83
C LEU B 80 23.84 -40.91 -4.91
N LEU B 81 25.17 -41.00 -4.91
CA LEU B 81 25.97 -40.30 -5.90
C LEU B 81 25.67 -40.80 -7.31
N GLY B 82 25.38 -39.87 -8.21
CA GLY B 82 24.97 -40.19 -9.56
C GLY B 82 23.47 -40.35 -9.77
N ARG B 83 22.66 -40.06 -8.76
CA ARG B 83 21.24 -40.36 -8.79
C ARG B 83 20.42 -39.07 -8.72
N VAL B 84 19.24 -39.10 -9.32
CA VAL B 84 18.24 -38.04 -9.20
C VAL B 84 17.09 -38.60 -8.36
N VAL B 85 16.69 -37.82 -7.35
CA VAL B 85 15.67 -38.26 -6.40
C VAL B 85 14.65 -37.15 -6.20
N ASP B 86 13.44 -37.55 -5.80
CA ASP B 86 12.43 -36.61 -5.35
C ASP B 86 12.75 -36.12 -3.94
N ALA B 87 11.91 -35.22 -3.43
CA ALA B 87 12.13 -34.66 -2.10
C ALA B 87 12.14 -35.70 -1.00
N LEU B 88 11.52 -36.86 -1.20
CA LEU B 88 11.54 -37.92 -0.20
C LEU B 88 12.63 -38.95 -0.46
N GLY B 89 13.47 -38.73 -1.47
CA GLY B 89 14.56 -39.64 -1.78
C GLY B 89 14.16 -40.89 -2.51
N ASN B 90 12.97 -40.92 -3.13
CA ASN B 90 12.68 -41.99 -4.08
C ASN B 90 13.40 -41.71 -5.39
N PRO B 91 13.97 -42.73 -6.04
CA PRO B 91 14.65 -42.47 -7.32
C PRO B 91 13.63 -42.10 -8.40
N ILE B 92 13.97 -41.06 -9.16
CA ILE B 92 13.15 -40.65 -10.30
C ILE B 92 13.91 -40.73 -11.61
N ASP B 93 15.23 -40.97 -11.58
CA ASP B 93 15.98 -41.22 -12.80
C ASP B 93 15.61 -42.54 -13.45
N GLY B 94 14.97 -43.44 -12.71
CA GLY B 94 14.65 -44.76 -13.20
C GLY B 94 15.83 -45.69 -13.36
N LYS B 95 16.99 -45.33 -12.81
CA LYS B 95 18.18 -46.17 -12.89
C LYS B 95 18.13 -47.36 -11.93
N GLY B 96 17.06 -47.48 -11.14
CA GLY B 96 16.91 -48.54 -10.17
C GLY B 96 16.70 -48.00 -8.77
N PRO B 97 16.70 -48.91 -7.78
CA PRO B 97 16.59 -48.46 -6.39
C PRO B 97 17.81 -47.67 -5.95
N ILE B 98 17.64 -46.95 -4.84
CA ILE B 98 18.74 -46.25 -4.18
C ILE B 98 19.42 -47.20 -3.22
N ASP B 99 20.75 -47.06 -3.11
CA ASP B 99 21.54 -47.73 -2.08
C ASP B 99 21.88 -46.70 -1.01
N ALA B 100 21.65 -47.06 0.25
CA ALA B 100 21.74 -46.09 1.34
C ALA B 100 22.58 -46.64 2.48
N ALA B 101 23.39 -45.76 3.07
CA ALA B 101 24.09 -46.09 4.32
C ALA B 101 23.16 -46.01 5.51
N GLY B 102 22.10 -45.21 5.42
CA GLY B 102 21.12 -45.13 6.47
C GLY B 102 20.07 -44.10 6.12
N ARG B 103 19.28 -43.71 7.12
CA ARG B 103 18.30 -42.65 6.96
C ARG B 103 18.54 -41.56 7.99
N SER B 104 18.30 -40.31 7.57
CA SER B 104 18.48 -39.15 8.45
C SER B 104 17.23 -38.28 8.38
N ARG B 105 16.83 -37.77 9.54
CA ARG B 105 15.68 -36.88 9.61
C ARG B 105 15.85 -35.68 8.69
N ALA B 106 14.75 -35.23 8.11
CA ALA B 106 14.78 -34.04 7.26
C ALA B 106 15.06 -32.79 8.08
N GLN B 107 14.27 -32.54 9.12
CA GLN B 107 14.56 -31.53 10.11
C GLN B 107 15.52 -32.07 11.15
N VAL B 108 16.73 -31.49 11.23
CA VAL B 108 17.68 -31.81 12.29
C VAL B 108 18.48 -30.56 12.62
N LYS B 109 18.85 -30.44 13.90
CA LYS B 109 19.40 -29.19 14.42
C LYS B 109 20.83 -28.96 13.93
N ALA B 110 21.10 -27.73 13.49
CA ALA B 110 22.42 -27.36 13.03
C ALA B 110 23.47 -27.50 14.15
N PRO B 111 24.73 -27.79 13.79
CA PRO B 111 25.78 -27.91 14.80
C PRO B 111 26.02 -26.61 15.56
N GLY B 112 26.19 -26.72 16.86
CA GLY B 112 26.24 -25.56 17.72
C GLY B 112 27.52 -24.75 17.60
N ILE B 113 27.69 -23.84 18.56
CA ILE B 113 28.79 -22.87 18.54
C ILE B 113 30.15 -23.55 18.69
N LEU B 114 30.22 -24.61 19.49
CA LEU B 114 31.52 -25.23 19.76
C LEU B 114 32.02 -26.20 18.70
N PRO B 115 31.18 -27.07 18.12
CA PRO B 115 31.68 -27.99 17.09
C PRO B 115 32.15 -27.32 15.81
N ARG B 116 31.85 -26.05 15.60
CA ARG B 116 32.25 -25.36 14.38
C ARG B 116 33.72 -24.91 14.43
N ARG B 117 34.21 -24.55 13.24
CA ARG B 117 35.51 -23.94 13.03
C ARG B 117 35.35 -22.82 12.02
N SER B 118 36.28 -21.86 12.04
CA SER B 118 36.35 -20.90 10.94
C SER B 118 36.74 -21.58 9.63
N VAL B 119 36.19 -21.06 8.52
CA VAL B 119 36.51 -21.57 7.20
C VAL B 119 37.92 -21.13 6.81
N HIS B 120 38.71 -22.05 6.28
CA HIS B 120 40.12 -21.78 6.05
C HIS B 120 40.65 -22.44 4.78
N GLU B 121 39.79 -23.07 3.97
CA GLU B 121 40.18 -23.76 2.75
C GLU B 121 39.13 -23.48 1.68
N PRO B 122 39.55 -23.28 0.43
CA PRO B 122 38.64 -22.71 -0.56
C PRO B 122 37.73 -23.76 -1.20
N VAL B 123 36.54 -23.31 -1.57
CA VAL B 123 35.77 -23.91 -2.67
C VAL B 123 36.21 -23.22 -3.95
N GLN B 124 37.14 -23.83 -4.67
CA GLN B 124 37.63 -23.26 -5.91
C GLN B 124 36.56 -23.41 -6.99
N THR B 125 36.00 -22.28 -7.42
CA THR B 125 34.94 -22.27 -8.43
C THR B 125 35.49 -22.27 -9.85
N GLY B 126 36.73 -21.83 -10.04
CA GLY B 126 37.28 -21.65 -11.36
C GLY B 126 36.68 -20.50 -12.14
N LEU B 127 35.88 -19.67 -11.51
CA LEU B 127 35.42 -18.41 -12.10
C LEU B 127 36.38 -17.30 -11.68
N LYS B 128 37.02 -16.67 -12.66
CA LYS B 128 38.02 -15.65 -12.37
C LYS B 128 37.48 -14.57 -11.44
N ALA B 129 36.28 -14.06 -11.72
CA ALA B 129 35.70 -13.00 -10.91
C ALA B 129 35.38 -13.47 -9.50
N VAL B 130 34.94 -14.71 -9.34
CA VAL B 130 34.61 -15.21 -8.01
C VAL B 130 35.87 -15.55 -7.23
N ASP B 131 36.72 -16.40 -7.80
CA ASP B 131 37.93 -16.81 -7.09
C ASP B 131 38.84 -15.64 -6.78
N ALA B 132 38.85 -14.61 -7.63
CA ALA B 132 39.66 -13.42 -7.33
C ALA B 132 38.96 -12.47 -6.35
N LEU B 133 37.69 -12.16 -6.57
CA LEU B 133 37.08 -11.02 -5.88
C LEU B 133 36.23 -11.42 -4.68
N VAL B 134 35.52 -12.56 -4.74
CA VAL B 134 34.61 -12.94 -3.66
C VAL B 134 34.85 -14.41 -3.31
N PRO B 135 36.01 -14.74 -2.74
CA PRO B 135 36.36 -16.14 -2.56
C PRO B 135 35.45 -16.83 -1.56
N ILE B 136 35.14 -18.09 -1.82
CA ILE B 136 34.23 -18.88 -1.00
C ILE B 136 35.03 -19.94 -0.26
N GLY B 137 34.88 -19.98 1.06
CA GLY B 137 35.48 -21.02 1.86
C GLY B 137 34.57 -22.23 1.97
N ARG B 138 35.17 -23.40 2.20
CA ARG B 138 34.40 -24.59 2.52
C ARG B 138 33.74 -24.46 3.88
N GLY B 139 32.42 -24.61 3.91
CA GLY B 139 31.60 -24.34 5.07
C GLY B 139 30.92 -22.99 5.06
N GLN B 140 31.24 -22.13 4.10
CA GLN B 140 30.58 -20.85 3.95
C GLN B 140 29.15 -21.04 3.45
N ARG B 141 28.29 -20.06 3.74
CA ARG B 141 27.06 -19.85 3.00
C ARG B 141 27.23 -18.59 2.16
N GLU B 142 27.16 -18.73 0.83
CA GLU B 142 27.30 -17.61 -0.08
C GLU B 142 26.06 -17.51 -0.94
N LEU B 143 25.31 -16.43 -0.77
CA LEU B 143 24.09 -16.22 -1.53
C LEU B 143 24.42 -15.83 -2.96
N ILE B 144 23.82 -16.51 -3.93
CA ILE B 144 23.83 -16.07 -5.32
C ILE B 144 22.49 -15.41 -5.58
N ILE B 145 22.50 -14.12 -5.91
CA ILE B 145 21.28 -13.34 -5.97
C ILE B 145 21.28 -12.54 -7.25
N GLY B 146 20.16 -12.56 -7.97
CA GLY B 146 20.16 -12.08 -9.33
C GLY B 146 18.75 -11.71 -9.72
N ASP B 147 18.64 -10.88 -10.75
CA ASP B 147 17.40 -10.89 -11.52
C ASP B 147 17.29 -12.19 -12.30
N ARG B 148 16.09 -12.40 -12.85
CA ARG B 148 15.82 -13.50 -13.76
C ARG B 148 16.79 -13.55 -14.93
N GLN B 149 17.20 -14.77 -15.30
CA GLN B 149 18.10 -15.06 -16.42
C GLN B 149 19.49 -14.43 -16.32
N THR B 150 19.88 -13.90 -15.16
CA THR B 150 21.15 -13.18 -15.06
C THR B 150 22.39 -14.08 -14.95
N GLY B 151 22.25 -15.40 -14.93
CA GLY B 151 23.40 -16.29 -14.87
C GLY B 151 23.59 -17.06 -13.57
N LYS B 152 22.62 -17.03 -12.67
CA LYS B 152 22.77 -17.62 -11.34
C LYS B 152 23.10 -19.11 -11.41
N THR B 153 22.27 -19.85 -12.15
CA THR B 153 22.49 -21.28 -12.30
C THR B 153 23.77 -21.58 -13.07
N ALA B 154 24.14 -20.75 -14.04
CA ALA B 154 25.41 -20.97 -14.72
C ALA B 154 26.59 -20.85 -13.77
N VAL B 155 26.54 -19.88 -12.85
CA VAL B 155 27.58 -19.73 -11.83
C VAL B 155 27.67 -20.96 -10.94
N ALA B 156 26.52 -21.47 -10.48
CA ALA B 156 26.56 -22.67 -9.65
C ALA B 156 26.99 -23.90 -10.44
N LEU B 157 26.53 -24.03 -11.68
CA LEU B 157 26.90 -25.20 -12.47
C LEU B 157 28.38 -25.21 -12.82
N ASP B 158 28.95 -24.05 -13.16
CA ASP B 158 30.39 -23.97 -13.37
C ASP B 158 31.17 -24.29 -12.10
N THR B 159 30.67 -23.90 -10.94
CA THR B 159 31.31 -24.32 -9.70
C THR B 159 31.28 -25.84 -9.55
N ILE B 160 30.14 -26.46 -9.84
CA ILE B 160 30.04 -27.92 -9.75
C ILE B 160 30.96 -28.61 -10.76
N LEU B 161 31.00 -28.12 -11.99
CA LEU B 161 31.88 -28.67 -13.01
C LEU B 161 33.36 -28.57 -12.66
N ASN B 162 33.79 -27.49 -12.04
CA ASN B 162 35.21 -27.34 -11.72
C ASN B 162 35.74 -28.44 -10.79
N GLN B 163 34.92 -28.98 -9.91
CA GLN B 163 35.38 -29.99 -8.94
C GLN B 163 36.03 -31.23 -9.56
N LYS B 164 35.65 -31.63 -10.78
CA LYS B 164 36.18 -32.90 -11.31
C LYS B 164 37.70 -32.97 -11.39
N ARG B 165 38.42 -31.84 -11.33
CA ARG B 165 39.88 -31.92 -11.23
C ARG B 165 40.38 -32.40 -9.87
N TRP B 166 39.55 -32.45 -8.85
CA TRP B 166 39.92 -33.06 -7.57
C TRP B 166 39.12 -34.30 -7.23
N ASN B 167 37.84 -34.34 -7.60
CA ASN B 167 36.99 -35.47 -7.27
C ASN B 167 37.41 -36.75 -7.97
N ASN B 168 38.28 -36.67 -8.96
CA ASN B 168 38.88 -37.85 -9.59
C ASN B 168 40.21 -38.24 -8.97
N GLY B 169 40.78 -37.41 -8.11
CA GLY B 169 42.00 -37.76 -7.41
C GLY B 169 41.77 -38.67 -6.22
N SER B 170 42.88 -39.06 -5.59
CA SER B 170 42.87 -39.94 -4.43
C SER B 170 42.65 -39.21 -3.11
N ASP B 171 42.85 -37.88 -3.08
CA ASP B 171 42.98 -37.14 -1.82
C ASP B 171 41.58 -36.74 -1.34
N GLU B 172 40.99 -37.60 -0.51
CA GLU B 172 39.61 -37.46 -0.08
C GLU B 172 39.33 -36.16 0.68
N SER B 173 40.36 -35.47 1.17
CA SER B 173 40.16 -34.16 1.79
C SER B 173 40.02 -33.03 0.78
N LYS B 174 40.49 -33.22 -0.43
CA LYS B 174 40.30 -32.23 -1.50
C LYS B 174 39.03 -32.45 -2.31
N LYS B 175 38.54 -33.68 -2.40
CA LYS B 175 37.27 -33.93 -3.06
C LYS B 175 36.17 -33.07 -2.45
N LEU B 176 35.16 -32.77 -3.26
CA LEU B 176 34.00 -31.99 -2.81
C LEU B 176 32.78 -32.55 -3.54
N TYR B 177 32.03 -33.41 -2.87
CA TYR B 177 30.82 -33.98 -3.46
C TYR B 177 29.73 -32.92 -3.54
N CYS B 178 28.94 -32.97 -4.61
CA CYS B 178 27.98 -31.92 -4.90
C CYS B 178 26.55 -32.44 -4.73
N VAL B 179 25.69 -31.56 -4.25
CA VAL B 179 24.25 -31.77 -4.17
C VAL B 179 23.58 -30.55 -4.79
N TYR B 180 22.62 -30.77 -5.68
CA TYR B 180 21.90 -29.70 -6.34
C TYR B 180 20.41 -29.92 -6.14
N VAL B 181 19.71 -28.87 -5.71
CA VAL B 181 18.30 -28.96 -5.35
C VAL B 181 17.51 -28.10 -6.32
N ALA B 182 16.60 -28.71 -7.05
CA ALA B 182 15.74 -28.00 -8.00
C ALA B 182 14.36 -27.85 -7.38
N VAL B 183 13.92 -26.61 -7.19
CA VAL B 183 12.69 -26.31 -6.47
C VAL B 183 11.85 -25.43 -7.38
N GLY B 184 10.70 -25.94 -7.81
CA GLY B 184 9.83 -25.22 -8.71
C GLY B 184 10.38 -25.02 -10.10
N GLN B 185 11.54 -25.58 -10.42
CA GLN B 185 12.02 -25.63 -11.79
C GLN B 185 11.18 -26.60 -12.62
N LYS B 186 11.15 -26.32 -13.93
CA LYS B 186 10.51 -27.23 -14.87
C LYS B 186 11.26 -28.56 -14.93
N ARG B 187 10.50 -29.66 -15.02
CA ARG B 187 11.12 -30.96 -15.18
C ARG B 187 12.05 -31.01 -16.38
N SER B 188 11.69 -30.32 -17.47
CA SER B 188 12.54 -30.30 -18.65
C SER B 188 13.86 -29.57 -18.38
N THR B 189 13.81 -28.46 -17.65
CA THR B 189 15.04 -27.77 -17.25
C THR B 189 15.94 -28.64 -16.40
N VAL B 190 15.38 -29.36 -15.42
CA VAL B 190 16.17 -30.28 -14.63
C VAL B 190 16.76 -31.40 -15.48
N ALA B 191 15.96 -31.98 -16.37
CA ALA B 191 16.48 -33.05 -17.23
C ALA B 191 17.59 -32.57 -18.15
N GLN B 192 17.49 -31.34 -18.64
CA GLN B 192 18.57 -30.77 -19.45
C GLN B 192 19.81 -30.44 -18.62
N LEU B 193 19.62 -30.01 -17.39
CA LEU B 193 20.76 -29.80 -16.50
C LEU B 193 21.45 -31.11 -16.16
N VAL B 194 20.68 -32.17 -15.89
CA VAL B 194 21.27 -33.49 -15.66
C VAL B 194 22.02 -33.98 -16.89
N GLN B 195 21.45 -33.78 -18.08
CA GLN B 195 22.17 -34.14 -19.30
C GLN B 195 23.47 -33.35 -19.44
N THR B 196 23.44 -32.06 -19.07
CA THR B 196 24.65 -31.23 -19.14
C THR B 196 25.73 -31.71 -18.18
N LEU B 197 25.33 -32.05 -16.94
CA LEU B 197 26.29 -32.62 -16.00
C LEU B 197 26.81 -33.97 -16.48
N GLU B 198 25.94 -34.82 -17.01
CA GLU B 198 26.31 -36.18 -17.36
C GLU B 198 27.21 -36.22 -18.60
N GLN B 199 27.04 -35.28 -19.53
CA GLN B 199 27.96 -35.23 -20.67
C GLN B 199 29.29 -34.56 -20.34
N HIS B 200 29.37 -33.83 -19.22
CA HIS B 200 30.66 -33.36 -18.71
C HIS B 200 31.22 -34.28 -17.63
N ASP B 201 30.63 -35.46 -17.45
CA ASP B 201 31.04 -36.44 -16.45
C ASP B 201 31.02 -35.89 -15.02
N ALA B 202 30.31 -34.79 -14.78
CA ALA B 202 30.20 -34.25 -13.43
C ALA B 202 29.17 -34.99 -12.58
N MET B 203 28.45 -35.95 -13.16
CA MET B 203 27.38 -36.64 -12.44
C MET B 203 27.90 -37.70 -11.48
N LYS B 204 29.05 -38.30 -11.77
CA LYS B 204 29.55 -39.39 -10.95
C LYS B 204 29.81 -39.00 -9.51
N TYR B 205 29.93 -37.70 -9.22
CA TYR B 205 30.13 -37.21 -7.86
C TYR B 205 29.02 -36.27 -7.40
N SER B 206 27.89 -36.24 -8.11
CA SER B 206 26.84 -35.26 -7.89
C SER B 206 25.52 -35.96 -7.60
N ILE B 207 24.71 -35.31 -6.77
CA ILE B 207 23.37 -35.76 -6.43
C ILE B 207 22.41 -34.62 -6.74
N ILE B 208 21.26 -34.95 -7.34
CA ILE B 208 20.26 -33.96 -7.68
C ILE B 208 18.94 -34.32 -7.01
N VAL B 209 18.38 -33.35 -6.28
CA VAL B 209 17.08 -33.48 -5.62
C VAL B 209 16.12 -32.57 -6.35
N ALA B 210 14.99 -33.11 -6.78
CA ALA B 210 14.05 -32.38 -7.62
C ALA B 210 12.68 -32.39 -6.98
N ALA B 211 12.10 -31.20 -6.82
CA ALA B 211 10.67 -31.02 -6.53
C ALA B 211 10.17 -29.95 -7.49
N THR B 212 9.69 -30.41 -8.65
CA THR B 212 9.44 -29.55 -9.79
C THR B 212 8.08 -28.85 -9.66
N ALA B 213 7.83 -27.95 -10.60
CA ALA B 213 6.79 -26.94 -10.45
C ALA B 213 5.40 -27.55 -10.20
N SER B 214 5.13 -28.73 -10.74
CA SER B 214 3.84 -29.37 -10.48
C SER B 214 3.79 -30.05 -9.12
N GLU B 215 4.93 -30.47 -8.57
CA GLU B 215 4.92 -31.29 -7.37
C GLU B 215 4.44 -30.47 -6.18
N ALA B 216 3.62 -31.10 -5.35
CA ALA B 216 2.88 -30.37 -4.33
C ALA B 216 3.81 -29.54 -3.46
N ALA B 217 3.32 -28.38 -3.04
CA ALA B 217 4.10 -27.40 -2.30
C ALA B 217 4.76 -27.98 -1.06
N PRO B 218 4.14 -28.92 -0.35
CA PRO B 218 4.86 -29.60 0.73
C PRO B 218 6.12 -30.32 0.29
N LEU B 219 6.14 -30.89 -0.92
CA LEU B 219 7.37 -31.49 -1.42
C LEU B 219 8.42 -30.45 -1.77
N GLN B 220 8.00 -29.30 -2.29
CA GLN B 220 8.96 -28.24 -2.60
C GLN B 220 9.56 -27.64 -1.33
N TYR B 221 8.73 -27.42 -0.33
CA TYR B 221 9.21 -27.04 1.00
C TYR B 221 10.16 -28.07 1.60
N LEU B 222 9.81 -29.35 1.55
CA LEU B 222 10.66 -30.40 2.12
C LEU B 222 11.98 -30.60 1.37
N ALA B 223 11.99 -30.42 0.06
CA ALA B 223 13.17 -30.79 -0.74
C ALA B 223 14.49 -30.18 -0.30
N PRO B 224 14.59 -28.88 0.02
CA PRO B 224 15.85 -28.38 0.57
C PRO B 224 16.28 -29.02 1.88
N PHE B 225 15.34 -29.34 2.77
CA PHE B 225 15.73 -29.94 4.04
C PHE B 225 16.28 -31.35 3.87
N THR B 226 15.70 -32.14 2.98
CA THR B 226 16.23 -33.48 2.73
C THR B 226 17.54 -33.44 1.93
N ALA B 227 17.70 -32.47 1.03
CA ALA B 227 19.00 -32.30 0.40
C ALA B 227 20.08 -31.88 1.41
N ALA B 228 19.72 -31.02 2.35
CA ALA B 228 20.62 -30.70 3.45
C ALA B 228 20.98 -31.93 4.27
N SER B 229 20.00 -32.78 4.56
CA SER B 229 20.29 -34.02 5.28
C SER B 229 21.19 -34.96 4.50
N ILE B 230 21.09 -34.96 3.17
CA ILE B 230 22.03 -35.74 2.36
C ILE B 230 23.44 -35.16 2.43
N GLY B 231 23.58 -33.85 2.33
CA GLY B 231 24.88 -33.22 2.46
C GLY B 231 25.50 -33.40 3.84
N GLU B 232 24.66 -33.38 4.88
CA GLU B 232 25.16 -33.60 6.23
C GLU B 232 25.83 -34.95 6.40
N TRP B 233 25.45 -35.98 5.64
CA TRP B 233 26.15 -37.25 5.82
C TRP B 233 27.63 -37.09 5.50
N PHE B 234 27.94 -36.32 4.46
CA PHE B 234 29.33 -36.02 4.14
C PHE B 234 29.95 -35.14 5.21
N ARG B 235 29.24 -34.08 5.61
CA ARG B 235 29.76 -33.20 6.66
C ARG B 235 30.13 -33.99 7.91
N ASP B 236 29.25 -34.89 8.34
CA ASP B 236 29.40 -35.64 9.57
C ASP B 236 30.35 -36.84 9.44
N ASN B 237 30.69 -37.26 8.23
CA ASN B 237 31.62 -38.36 8.04
C ASN B 237 32.99 -37.89 7.58
N GLY B 238 33.29 -36.61 7.76
CA GLY B 238 34.61 -36.07 7.48
C GLY B 238 34.89 -35.79 6.03
N LYS B 239 33.87 -35.80 5.19
CA LYS B 239 34.00 -35.46 3.78
C LYS B 239 33.49 -34.04 3.59
N HIS B 240 33.71 -33.49 2.40
CA HIS B 240 33.26 -32.14 2.08
C HIS B 240 32.18 -32.20 1.01
N ALA B 241 31.11 -31.44 1.24
CA ALA B 241 30.01 -31.34 0.28
C ALA B 241 29.64 -29.89 0.03
N LEU B 242 29.13 -29.65 -1.17
CA LEU B 242 28.60 -28.36 -1.60
C LEU B 242 27.15 -28.58 -1.95
N ILE B 243 26.24 -27.79 -1.37
CA ILE B 243 24.82 -27.88 -1.67
C ILE B 243 24.33 -26.58 -2.29
N VAL B 244 23.74 -26.68 -3.48
CA VAL B 244 23.14 -25.55 -4.19
C VAL B 244 21.63 -25.64 -4.04
N TYR B 245 21.02 -24.62 -3.43
CA TYR B 245 19.56 -24.51 -3.32
C TYR B 245 19.07 -23.59 -4.44
N ASP B 246 18.75 -24.19 -5.60
CA ASP B 246 18.72 -23.41 -6.83
C ASP B 246 17.57 -22.42 -6.92
N ASP B 247 16.56 -22.48 -6.06
CA ASP B 247 15.79 -21.28 -5.74
C ASP B 247 15.17 -21.42 -4.35
N LEU B 248 15.68 -20.66 -3.38
CA LEU B 248 15.02 -20.55 -2.09
C LEU B 248 13.80 -19.63 -2.11
N SER B 249 13.72 -18.72 -3.09
CA SER B 249 12.51 -17.94 -3.29
C SER B 249 11.30 -18.83 -3.61
N LYS B 250 11.51 -19.89 -4.37
CA LYS B 250 10.42 -20.80 -4.68
C LYS B 250 10.06 -21.69 -3.50
N GLN B 251 11.02 -21.99 -2.63
CA GLN B 251 10.68 -22.64 -1.36
C GLN B 251 9.87 -21.72 -0.47
N ALA B 252 10.25 -20.44 -0.39
CA ALA B 252 9.46 -19.48 0.37
C ALA B 252 8.05 -19.34 -0.18
N VAL B 253 7.89 -19.32 -1.51
CA VAL B 253 6.55 -19.29 -2.10
C VAL B 253 5.74 -20.55 -1.78
N ALA B 254 6.37 -21.73 -1.85
CA ALA B 254 5.68 -22.95 -1.43
C ALA B 254 5.30 -22.95 0.04
N TYR B 255 6.15 -22.40 0.90
CA TYR B 255 5.81 -22.29 2.32
C TYR B 255 4.73 -21.26 2.57
N ARG B 256 4.69 -20.17 1.82
CA ARG B 256 3.55 -19.25 1.89
C ARG B 256 2.26 -19.94 1.49
N GLN B 257 2.27 -20.70 0.40
CA GLN B 257 1.09 -21.46 0.03
C GLN B 257 0.64 -22.38 1.15
N LEU B 258 1.57 -23.18 1.69
CA LEU B 258 1.21 -24.13 2.73
C LEU B 258 0.69 -23.43 3.98
N SER B 259 1.32 -22.33 4.38
CA SER B 259 0.90 -21.61 5.58
C SER B 259 -0.46 -20.94 5.41
N LEU B 260 -0.72 -20.36 4.24
CA LEU B 260 -2.03 -19.71 4.03
C LEU B 260 -3.14 -20.74 3.89
N LEU B 261 -2.86 -21.91 3.32
CA LEU B 261 -3.86 -22.97 3.33
C LEU B 261 -4.08 -23.54 4.72
N LEU B 262 -3.09 -23.45 5.60
CA LEU B 262 -3.27 -23.72 7.02
C LEU B 262 -3.97 -22.59 7.77
N ARG B 263 -4.37 -21.52 7.08
CA ARG B 263 -4.94 -20.32 7.71
C ARG B 263 -4.00 -19.66 8.71
N ARG B 264 -2.69 -19.81 8.51
CA ARG B 264 -1.75 -19.02 9.28
C ARG B 264 -1.88 -17.55 8.90
N PRO B 265 -1.76 -16.63 9.84
CA PRO B 265 -1.89 -15.20 9.51
C PRO B 265 -0.79 -14.74 8.58
N PRO B 266 -1.14 -14.11 7.45
CA PRO B 266 -0.11 -13.53 6.58
C PRO B 266 0.60 -12.35 7.23
N GLY B 267 1.89 -12.25 6.96
CA GLY B 267 2.67 -11.10 7.37
C GLY B 267 3.08 -10.21 6.23
N ARG B 268 4.31 -9.70 6.29
CA ARG B 268 4.83 -8.85 5.22
C ARG B 268 4.86 -9.59 3.89
N GLU B 269 4.37 -8.93 2.85
CA GLU B 269 4.20 -9.54 1.52
C GLU B 269 3.38 -10.83 1.58
N ALA B 270 2.53 -10.95 2.60
CA ALA B 270 1.76 -12.14 2.90
C ALA B 270 2.59 -13.39 3.18
N TYR B 271 3.90 -13.29 3.28
CA TYR B 271 4.66 -14.43 3.78
C TYR B 271 4.38 -14.63 5.26
N PRO B 272 4.44 -15.87 5.74
CA PRO B 272 4.31 -16.09 7.19
C PRO B 272 5.49 -15.49 7.94
N GLY B 273 5.26 -15.20 9.23
CA GLY B 273 6.30 -14.60 10.03
C GLY B 273 7.55 -15.44 10.18
N ASP B 274 7.39 -16.76 10.24
CA ASP B 274 8.51 -17.70 10.39
C ASP B 274 9.15 -18.11 9.08
N VAL B 275 8.91 -17.39 7.99
CA VAL B 275 9.65 -17.67 6.76
C VAL B 275 11.15 -17.43 6.93
N PHE B 276 11.53 -16.49 7.78
CA PHE B 276 12.94 -16.39 8.16
C PHE B 276 13.40 -17.64 8.88
N TYR B 277 12.58 -18.15 9.79
CA TYR B 277 12.96 -19.37 10.49
C TYR B 277 13.06 -20.52 9.51
N LEU B 278 12.20 -20.52 8.49
CA LEU B 278 12.32 -21.53 7.45
C LEU B 278 13.71 -21.53 6.81
N HIS B 279 14.17 -20.36 6.35
CA HIS B 279 15.49 -20.33 5.70
C HIS B 279 16.67 -20.43 6.67
N SER B 280 16.58 -19.84 7.86
CA SER B 280 17.75 -19.85 8.72
C SER B 280 18.03 -21.23 9.30
N ARG B 281 17.00 -21.94 9.73
CA ARG B 281 17.23 -23.30 10.21
C ARG B 281 17.71 -24.20 9.09
N LEU B 282 17.44 -23.83 7.84
CA LEU B 282 18.07 -24.52 6.73
C LEU B 282 19.54 -24.14 6.61
N LEU B 283 19.81 -22.84 6.45
CA LEU B 283 21.16 -22.40 6.10
C LEU B 283 22.14 -22.45 7.26
N GLU B 284 21.66 -22.55 8.50
CA GLU B 284 22.58 -22.80 9.61
C GLU B 284 23.18 -24.21 9.55
N ARG B 285 22.59 -25.13 8.79
CA ARG B 285 23.12 -26.49 8.73
C ARG B 285 24.40 -26.61 7.91
N ALA B 286 24.68 -25.66 7.02
CA ALA B 286 25.98 -25.57 6.36
C ALA B 286 27.03 -25.03 7.32
N ALA B 287 28.06 -25.83 7.58
CA ALA B 287 29.04 -25.51 8.62
C ALA B 287 30.36 -26.19 8.29
N LYS B 288 31.44 -25.63 8.84
CA LYS B 288 32.74 -26.29 8.91
C LYS B 288 32.97 -26.76 10.34
N LEU B 289 33.20 -28.06 10.50
CA LEU B 289 33.38 -28.66 11.82
C LEU B 289 34.85 -28.65 12.25
N SER B 290 35.06 -28.75 13.56
CA SER B 290 36.39 -28.86 14.12
C SER B 290 36.99 -30.25 13.85
N GLU B 291 38.30 -30.35 14.12
CA GLU B 291 38.98 -31.64 14.00
C GLU B 291 38.47 -32.69 14.98
N LYS B 292 37.86 -32.27 16.10
CA LYS B 292 37.22 -33.23 16.98
C LYS B 292 36.01 -33.86 16.32
N GLU B 293 35.29 -33.08 15.52
CA GLU B 293 34.11 -33.53 14.78
C GLU B 293 34.48 -34.11 13.42
N GLY B 294 35.76 -34.38 13.17
CA GLY B 294 36.21 -34.96 11.92
C GLY B 294 36.46 -33.98 10.79
N SER B 295 36.52 -32.69 11.08
CA SER B 295 36.93 -31.69 10.11
C SER B 295 36.02 -31.54 8.89
N GLY B 296 34.95 -32.30 8.81
CA GLY B 296 34.11 -32.25 7.64
C GLY B 296 33.45 -30.88 7.49
N SER B 297 32.83 -30.66 6.33
CA SER B 297 32.15 -29.40 6.09
C SER B 297 31.02 -29.59 5.10
N LEU B 298 30.01 -28.74 5.19
CA LEU B 298 28.99 -28.57 4.17
C LEU B 298 28.94 -27.11 3.76
N THR B 299 29.16 -26.84 2.47
CA THR B 299 29.05 -25.50 1.91
C THR B 299 27.71 -25.37 1.22
N ALA B 300 27.06 -24.21 1.38
CA ALA B 300 25.80 -23.94 0.70
C ALA B 300 25.92 -22.76 -0.23
N LEU B 301 25.25 -22.86 -1.38
CA LEU B 301 24.99 -21.73 -2.29
C LEU B 301 23.49 -21.63 -2.49
N PRO B 302 22.79 -20.81 -1.71
CA PRO B 302 21.41 -20.49 -2.05
C PRO B 302 21.34 -19.53 -3.23
N VAL B 303 20.19 -19.57 -3.91
CA VAL B 303 19.97 -18.77 -5.10
C VAL B 303 18.65 -18.02 -4.93
N ILE B 304 18.64 -16.75 -5.35
CA ILE B 304 17.46 -15.91 -5.17
C ILE B 304 17.23 -15.08 -6.42
N GLU B 305 15.95 -14.95 -6.78
CA GLU B 305 15.51 -14.04 -7.85
C GLU B 305 14.93 -12.78 -7.22
N THR B 306 15.43 -11.62 -7.65
CA THR B 306 14.95 -10.32 -7.20
C THR B 306 14.10 -9.69 -8.30
N GLN B 307 12.83 -9.48 -8.03
CA GLN B 307 11.97 -8.86 -9.04
C GLN B 307 12.41 -7.42 -9.24
N GLY B 308 12.71 -7.05 -10.48
CA GLY B 308 13.24 -5.73 -10.76
C GLY B 308 14.57 -5.43 -10.11
N GLY B 309 15.33 -6.44 -9.74
CA GLY B 309 16.62 -6.20 -9.10
C GLY B 309 16.55 -5.64 -7.70
N ASP B 310 15.39 -5.67 -7.04
CA ASP B 310 15.23 -5.11 -5.70
C ASP B 310 15.86 -6.02 -4.66
N VAL B 311 17.09 -5.70 -4.24
CA VAL B 311 17.72 -6.42 -3.15
C VAL B 311 17.13 -6.03 -1.80
N SER B 312 16.29 -5.01 -1.76
CA SER B 312 15.63 -4.55 -0.54
C SER B 312 14.34 -5.29 -0.24
N ALA B 313 13.90 -6.20 -1.12
CA ALA B 313 12.68 -6.94 -0.86
C ALA B 313 12.83 -7.84 0.38
N TYR B 314 11.69 -8.34 0.84
CA TYR B 314 11.64 -9.04 2.12
C TYR B 314 12.49 -10.32 2.12
N ILE B 315 12.24 -11.23 1.19
CA ILE B 315 12.99 -12.49 1.16
C ILE B 315 14.47 -12.27 0.84
N PRO B 316 14.84 -11.41 -0.12
CA PRO B 316 16.27 -11.09 -0.28
C PRO B 316 16.94 -10.57 0.98
N THR B 317 16.35 -9.59 1.66
CA THR B 317 16.94 -9.08 2.89
C THR B 317 16.96 -10.11 4.00
N ASN B 318 15.99 -11.03 4.04
CA ASN B 318 16.06 -12.13 4.98
C ASN B 318 17.25 -13.03 4.73
N VAL B 319 17.45 -13.47 3.49
CA VAL B 319 18.53 -14.41 3.21
C VAL B 319 19.90 -13.74 3.24
N ILE B 320 19.99 -12.47 2.83
CA ILE B 320 21.21 -11.70 3.05
C ILE B 320 21.56 -11.64 4.53
N SER B 321 20.55 -11.58 5.39
CA SER B 321 20.78 -11.55 6.83
C SER B 321 21.09 -12.92 7.42
N ILE B 322 21.03 -13.99 6.63
CA ILE B 322 21.38 -15.32 7.08
C ILE B 322 22.74 -15.77 6.56
N THR B 323 23.01 -15.51 5.29
CA THR B 323 24.22 -15.98 4.62
C THR B 323 25.43 -15.12 4.98
N ASP B 324 26.61 -15.62 4.63
CA ASP B 324 27.88 -14.99 4.93
C ASP B 324 28.42 -14.19 3.75
N GLY B 325 27.55 -13.55 3.00
CA GLY B 325 27.91 -12.79 1.81
C GLY B 325 27.03 -13.14 0.65
N GLN B 326 27.19 -12.38 -0.43
CA GLN B 326 26.39 -12.63 -1.63
C GLN B 326 27.21 -12.33 -2.88
N ILE B 327 26.89 -13.08 -3.93
CA ILE B 327 27.29 -12.77 -5.30
C ILE B 327 26.09 -12.16 -5.99
N PHE B 328 26.19 -10.89 -6.38
CA PHE B 328 25.09 -10.20 -7.04
C PHE B 328 25.37 -10.08 -8.52
N LEU B 329 24.45 -10.57 -9.35
CA LEU B 329 24.57 -10.60 -10.79
C LEU B 329 23.67 -9.53 -11.39
N GLU B 330 24.27 -8.57 -12.10
CA GLU B 330 23.56 -7.38 -12.53
C GLU B 330 23.07 -7.57 -13.96
N ALA B 331 21.75 -7.41 -14.15
CA ALA B 331 21.14 -7.58 -15.46
C ALA B 331 21.73 -6.62 -16.50
N GLU B 332 22.01 -5.38 -16.12
CA GLU B 332 22.65 -4.44 -17.04
C GLU B 332 23.98 -4.98 -17.56
N LEU B 333 24.80 -5.53 -16.67
CA LEU B 333 26.06 -6.13 -17.12
C LEU B 333 25.82 -7.36 -17.99
N PHE B 334 24.89 -8.22 -17.59
CA PHE B 334 24.65 -9.44 -18.35
C PHE B 334 24.18 -9.14 -19.77
N TYR B 335 23.33 -8.14 -19.94
CA TYR B 335 22.91 -7.76 -21.29
C TYR B 335 23.94 -6.92 -22.05
N LYS B 336 24.84 -6.24 -21.35
CA LYS B 336 26.03 -5.70 -22.00
C LYS B 336 27.06 -6.78 -22.35
N GLY B 337 26.74 -8.05 -22.14
CA GLY B 337 27.64 -9.14 -22.47
C GLY B 337 28.78 -9.33 -21.50
N ILE B 338 28.78 -8.64 -20.37
CA ILE B 338 29.74 -8.91 -19.29
C ILE B 338 29.19 -10.10 -18.52
N ARG B 339 29.74 -11.28 -18.79
CA ARG B 339 29.28 -12.53 -18.19
C ARG B 339 30.50 -13.29 -17.65
N PRO B 340 30.46 -13.78 -16.40
CA PRO B 340 29.30 -14.02 -15.53
C PRO B 340 28.69 -12.82 -14.80
N ALA B 341 28.95 -11.58 -15.17
CA ALA B 341 28.13 -10.44 -14.75
C ALA B 341 28.24 -10.15 -13.26
N ILE B 342 29.26 -10.66 -12.58
CA ILE B 342 29.45 -10.35 -11.17
C ILE B 342 29.56 -8.83 -11.00
N ASN B 343 28.65 -8.25 -10.24
CA ASN B 343 28.82 -6.88 -9.77
C ASN B 343 29.84 -6.88 -8.63
N VAL B 344 30.94 -6.17 -8.84
CA VAL B 344 32.06 -6.21 -7.89
C VAL B 344 31.81 -5.34 -6.66
N GLY B 345 30.94 -4.34 -6.76
CA GLY B 345 30.63 -3.49 -5.62
C GLY B 345 29.67 -4.09 -4.63
N LEU B 346 28.58 -4.68 -5.13
CA LEU B 346 27.53 -5.19 -4.26
C LEU B 346 27.76 -6.62 -3.78
N SER B 347 28.65 -7.37 -4.43
CA SER B 347 29.03 -8.68 -3.92
C SER B 347 30.17 -8.55 -2.90
N VAL B 348 30.15 -9.46 -1.92
CA VAL B 348 31.19 -9.50 -0.89
C VAL B 348 31.11 -10.86 -0.21
N SER B 349 32.28 -11.43 0.08
CA SER B 349 32.39 -12.65 0.88
C SER B 349 32.85 -12.26 2.27
N ARG B 350 31.97 -12.44 3.27
CA ARG B 350 32.18 -11.91 4.59
C ARG B 350 33.10 -12.77 5.45
N VAL B 351 33.34 -14.03 5.05
CA VAL B 351 34.24 -14.90 5.80
C VAL B 351 35.24 -15.62 4.92
N GLY B 352 35.02 -15.73 3.60
CA GLY B 352 35.87 -16.52 2.74
C GLY B 352 37.18 -15.89 2.37
N SER B 353 37.41 -14.63 2.74
CA SER B 353 38.70 -14.01 2.45
C SER B 353 39.85 -14.71 3.16
N ALA B 354 39.60 -15.31 4.33
CA ALA B 354 40.60 -16.15 4.98
C ALA B 354 40.85 -17.46 4.25
N ALA B 355 39.94 -17.89 3.38
CA ALA B 355 40.05 -19.16 2.68
C ALA B 355 40.55 -19.02 1.25
N GLN B 356 40.75 -17.80 0.76
CA GLN B 356 41.27 -17.61 -0.58
C GLN B 356 42.63 -18.28 -0.74
N VAL B 357 42.91 -18.77 -1.94
CA VAL B 357 44.24 -19.28 -2.25
C VAL B 357 45.23 -18.15 -2.11
N LYS B 358 46.30 -18.39 -1.34
CA LYS B 358 47.21 -17.31 -1.00
C LYS B 358 47.85 -16.68 -2.24
N ALA B 359 48.20 -17.50 -3.24
CA ALA B 359 48.71 -16.95 -4.50
C ALA B 359 47.72 -15.99 -5.14
N LEU B 360 46.43 -16.32 -5.11
CA LEU B 360 45.43 -15.39 -5.61
C LEU B 360 45.32 -14.17 -4.73
N LYS B 361 45.44 -14.35 -3.41
CA LYS B 361 45.42 -13.20 -2.51
C LYS B 361 46.56 -12.25 -2.81
N GLN B 362 47.75 -12.80 -3.08
CA GLN B 362 48.92 -12.01 -3.43
C GLN B 362 48.75 -11.25 -4.74
N VAL B 363 48.28 -11.93 -5.79
CA VAL B 363 48.22 -11.26 -7.09
C VAL B 363 46.99 -10.38 -7.27
N ALA B 364 45.87 -10.69 -6.63
CA ALA B 364 44.70 -9.82 -6.74
C ALA B 364 44.88 -8.52 -5.97
N GLY B 365 45.43 -8.58 -4.77
CA GLY B 365 45.60 -7.40 -3.94
C GLY B 365 44.32 -6.62 -3.71
N SER B 366 44.33 -5.33 -4.03
CA SER B 366 43.18 -4.43 -3.93
C SER B 366 42.27 -4.47 -5.17
N LEU B 367 42.40 -5.48 -6.02
CA LEU B 367 41.69 -5.51 -7.30
C LEU B 367 40.19 -5.24 -7.15
N LYS B 368 39.55 -5.74 -6.10
CA LYS B 368 38.13 -5.48 -5.90
C LYS B 368 37.84 -4.01 -5.67
N LEU B 369 38.65 -3.35 -4.83
CA LEU B 369 38.49 -1.92 -4.59
C LEU B 369 38.80 -1.12 -5.84
N PHE B 370 39.82 -1.53 -6.60
CA PHE B 370 40.12 -0.84 -7.85
C PHE B 370 38.98 -0.94 -8.85
N LEU B 371 38.38 -2.11 -9.01
CA LEU B 371 37.26 -2.25 -9.93
C LEU B 371 36.02 -1.47 -9.47
N ALA B 372 35.78 -1.42 -8.17
CA ALA B 372 34.69 -0.60 -7.66
C ALA B 372 34.94 0.89 -7.89
N GLN B 373 36.18 1.35 -7.73
CA GLN B 373 36.54 2.73 -8.07
C GLN B 373 36.39 3.00 -9.56
N TYR B 374 36.88 2.08 -10.39
CA TYR B 374 36.75 2.20 -11.84
C TYR B 374 35.32 2.37 -12.28
N ARG B 375 34.38 1.60 -11.73
CA ARG B 375 32.99 1.77 -12.16
C ARG B 375 32.46 3.18 -11.88
N GLU B 376 32.77 3.75 -10.72
CA GLU B 376 32.30 5.10 -10.44
C GLU B 376 33.03 6.17 -11.25
N VAL B 377 34.31 5.95 -11.55
CA VAL B 377 35.03 6.89 -12.42
C VAL B 377 34.45 6.86 -13.83
N ALA B 378 34.27 5.65 -14.37
CA ALA B 378 33.68 5.49 -15.70
C ALA B 378 32.25 6.04 -15.78
N ALA B 379 31.54 6.05 -14.66
CA ALA B 379 30.18 6.59 -14.67
C ALA B 379 30.14 8.08 -15.04
N PHE B 380 30.96 8.92 -14.39
CA PHE B 380 31.04 10.31 -14.84
C PHE B 380 31.82 10.44 -16.15
N ALA B 381 32.93 9.73 -16.29
CA ALA B 381 33.79 9.84 -17.46
C ALA B 381 33.13 9.37 -18.76
N GLN B 382 31.99 8.69 -18.69
CA GLN B 382 31.22 8.44 -19.91
C GLN B 382 30.81 9.73 -20.59
N PHE B 383 30.49 10.76 -19.80
CA PHE B 383 30.21 12.10 -20.33
C PHE B 383 31.28 13.13 -20.00
N GLY B 384 32.03 12.95 -18.91
CA GLY B 384 32.92 14.01 -18.46
C GLY B 384 34.07 14.24 -19.42
N SER B 385 34.18 15.47 -19.93
CA SER B 385 35.25 15.91 -20.80
C SER B 385 36.56 16.13 -20.03
N ASP B 386 37.66 16.19 -20.80
CA ASP B 386 38.97 16.58 -20.28
C ASP B 386 39.42 15.70 -19.12
N LEU B 387 39.43 14.39 -19.36
CA LEU B 387 39.82 13.44 -18.33
C LEU B 387 41.30 13.61 -18.00
N ASP B 388 41.64 13.60 -16.71
CA ASP B 388 43.02 13.65 -16.28
C ASP B 388 43.76 12.35 -16.63
N ALA B 389 45.08 12.40 -16.47
CA ALA B 389 45.90 11.20 -16.66
C ALA B 389 45.50 10.10 -15.68
N SER B 390 45.18 10.48 -14.44
CA SER B 390 44.79 9.50 -13.42
C SER B 390 43.51 8.78 -13.81
N THR B 391 42.50 9.53 -14.22
CA THR B 391 41.26 8.94 -14.70
C THR B 391 41.47 8.17 -16.00
N LYS B 392 42.38 8.63 -16.86
CA LYS B 392 42.65 7.90 -18.09
C LYS B 392 43.26 6.53 -17.81
N GLN B 393 44.28 6.48 -16.95
CA GLN B 393 44.84 5.18 -16.56
C GLN B 393 43.82 4.31 -15.83
N THR B 394 42.96 4.92 -15.01
CA THR B 394 41.90 4.16 -14.37
C THR B 394 40.96 3.52 -15.39
N LEU B 395 40.55 4.28 -16.41
CA LEU B 395 39.71 3.72 -17.46
C LEU B 395 40.43 2.64 -18.27
N VAL B 396 41.69 2.86 -18.62
CA VAL B 396 42.44 1.85 -19.37
C VAL B 396 42.54 0.55 -18.58
N ARG B 397 42.99 0.65 -17.33
CA ARG B 397 43.20 -0.54 -16.51
C ARG B 397 41.88 -1.24 -16.21
N GLY B 398 40.83 -0.48 -15.92
CA GLY B 398 39.54 -1.07 -15.61
C GLY B 398 38.88 -1.74 -16.80
N GLU B 399 39.02 -1.16 -18.00
CA GLU B 399 38.52 -1.83 -19.18
C GLU B 399 39.31 -3.10 -19.50
N ARG B 400 40.63 -3.07 -19.34
CA ARG B 400 41.40 -4.30 -19.49
C ARG B 400 40.93 -5.37 -18.52
N LEU B 401 40.83 -5.04 -17.23
CA LEU B 401 40.44 -6.04 -16.24
C LEU B 401 39.01 -6.52 -16.42
N THR B 402 38.09 -5.62 -16.78
CA THR B 402 36.72 -6.04 -17.08
C THR B 402 36.67 -7.04 -18.22
N GLN B 403 37.39 -6.77 -19.30
CA GLN B 403 37.47 -7.76 -20.38
C GLN B 403 38.15 -9.05 -19.93
N LEU B 404 39.12 -8.95 -19.03
CA LEU B 404 39.83 -10.14 -18.57
C LEU B 404 38.97 -11.04 -17.70
N LEU B 405 38.04 -10.47 -16.93
CA LEU B 405 37.19 -11.27 -16.06
C LEU B 405 36.02 -11.96 -16.78
N LYS B 406 35.64 -11.51 -17.96
CA LYS B 406 34.71 -12.27 -18.78
C LYS B 406 35.17 -13.71 -18.95
N GLN B 407 34.21 -14.64 -18.94
CA GLN B 407 34.51 -16.07 -19.02
C GLN B 407 33.36 -16.80 -19.70
N ASN B 408 33.69 -17.79 -20.52
CA ASN B 408 32.68 -18.59 -21.20
C ASN B 408 32.08 -19.63 -20.27
N GLN B 409 30.81 -19.95 -20.51
CA GLN B 409 30.11 -20.94 -19.72
C GLN B 409 30.78 -22.31 -19.83
N TYR B 410 30.72 -23.08 -18.73
CA TYR B 410 31.31 -24.42 -18.68
C TYR B 410 32.82 -24.42 -18.94
N SER B 411 33.51 -23.33 -18.61
CA SER B 411 34.95 -23.21 -18.89
C SER B 411 35.71 -22.76 -17.65
N PRO B 412 35.52 -23.42 -16.52
CA PRO B 412 36.21 -22.98 -15.29
C PRO B 412 37.71 -23.25 -15.34
N LEU B 413 38.49 -22.25 -14.94
CA LEU B 413 39.95 -22.32 -14.94
C LEU B 413 40.49 -22.89 -13.65
N ALA B 414 41.64 -23.54 -13.73
CA ALA B 414 42.40 -23.87 -12.53
C ALA B 414 43.01 -22.60 -11.95
N THR B 415 43.29 -22.63 -10.64
CA THR B 415 43.91 -21.47 -10.01
C THR B 415 45.34 -21.25 -10.48
N GLU B 416 46.06 -22.33 -10.80
CA GLU B 416 47.33 -22.21 -11.51
C GLU B 416 47.19 -21.41 -12.81
N GLU B 417 45.99 -21.40 -13.40
CA GLU B 417 45.75 -20.61 -14.60
C GLU B 417 45.22 -19.22 -14.30
N GLN B 418 44.42 -19.08 -13.24
CA GLN B 418 43.91 -17.77 -12.84
C GLN B 418 45.01 -16.84 -12.37
N VAL B 419 45.99 -17.38 -11.63
CA VAL B 419 47.04 -16.53 -11.06
C VAL B 419 47.83 -15.75 -12.12
N PRO B 420 48.34 -16.37 -13.18
CA PRO B 420 49.04 -15.56 -14.20
C PRO B 420 48.17 -14.53 -14.89
N LEU B 421 46.89 -14.83 -15.12
CA LEU B 421 46.01 -13.85 -15.73
C LEU B 421 45.79 -12.66 -14.82
N ILE B 422 45.45 -12.91 -13.56
CA ILE B 422 45.20 -11.80 -12.64
C ILE B 422 46.48 -11.00 -12.41
N TYR B 423 47.61 -11.67 -12.33
CA TYR B 423 48.89 -10.95 -12.26
C TYR B 423 49.07 -10.02 -13.45
N ALA B 424 48.84 -10.53 -14.66
CA ALA B 424 49.03 -9.71 -15.85
C ALA B 424 48.07 -8.52 -15.88
N GLY B 425 46.84 -8.72 -15.44
CA GLY B 425 45.89 -7.62 -15.39
C GLY B 425 46.22 -6.58 -14.33
N VAL B 426 46.50 -7.03 -13.12
CA VAL B 426 46.73 -6.11 -12.00
C VAL B 426 48.01 -5.30 -12.19
N ASN B 427 49.08 -5.92 -12.69
CA ASN B 427 50.31 -5.18 -12.94
C ASN B 427 50.29 -4.35 -14.21
N GLY B 428 49.18 -4.34 -14.96
CA GLY B 428 49.02 -3.42 -16.07
C GLY B 428 49.74 -3.79 -17.34
N HIS B 429 50.34 -4.98 -17.43
CA HIS B 429 50.98 -5.41 -18.67
C HIS B 429 50.00 -5.50 -19.83
N LEU B 430 48.70 -5.60 -19.55
CA LEU B 430 47.67 -5.55 -20.58
C LEU B 430 47.38 -4.14 -21.09
N ASP B 431 47.89 -3.10 -20.43
CA ASP B 431 47.50 -1.74 -20.78
C ASP B 431 47.83 -1.38 -22.21
N GLY B 432 48.86 -2.00 -22.79
CA GLY B 432 49.20 -1.76 -24.17
C GLY B 432 48.45 -2.63 -25.18
N ILE B 433 47.82 -3.70 -24.71
CA ILE B 433 47.10 -4.61 -25.59
C ILE B 433 45.78 -3.98 -25.99
N GLU B 434 45.36 -4.23 -27.23
CA GLU B 434 44.07 -3.71 -27.70
C GLU B 434 42.94 -4.39 -26.95
N LEU B 435 41.89 -3.61 -26.67
CA LEU B 435 40.84 -4.07 -25.77
C LEU B 435 40.14 -5.32 -26.28
N SER B 436 40.04 -5.48 -27.60
CA SER B 436 39.45 -6.71 -28.17
C SER B 436 40.39 -7.91 -28.17
N ARG B 437 41.70 -7.70 -28.14
CA ARG B 437 42.66 -8.80 -28.16
C ARG B 437 42.89 -9.45 -26.80
N ILE B 438 42.18 -9.03 -25.75
CA ILE B 438 42.47 -9.57 -24.43
C ILE B 438 42.04 -11.03 -24.34
N GLY B 439 40.92 -11.38 -24.97
CA GLY B 439 40.56 -12.79 -25.04
C GLY B 439 41.59 -13.58 -25.82
N GLU B 440 42.10 -13.00 -26.90
CA GLU B 440 43.19 -13.65 -27.62
C GLU B 440 44.39 -13.80 -26.71
N PHE B 441 44.71 -12.75 -25.95
CA PHE B 441 45.78 -12.85 -24.98
C PHE B 441 45.53 -14.00 -23.99
N GLU B 442 44.33 -14.05 -23.41
CA GLU B 442 44.07 -15.02 -22.35
C GLU B 442 44.35 -16.43 -22.83
N SER B 443 43.79 -16.82 -23.97
CA SER B 443 44.00 -18.18 -24.44
C SER B 443 45.41 -18.38 -24.94
N SER B 444 45.97 -17.41 -25.66
CA SER B 444 47.32 -17.60 -26.19
C SER B 444 48.41 -17.53 -25.12
N PHE B 445 48.25 -16.64 -24.13
CA PHE B 445 49.22 -16.59 -23.04
C PHE B 445 49.25 -17.87 -22.24
N LEU B 446 48.09 -18.36 -21.82
CA LEU B 446 48.06 -19.64 -21.14
C LEU B 446 48.67 -20.74 -21.99
N SER B 447 48.40 -20.74 -23.29
CA SER B 447 49.00 -21.78 -24.12
C SER B 447 50.52 -21.67 -24.16
N TYR B 448 51.03 -20.44 -24.24
CA TYR B 448 52.47 -20.25 -24.10
C TYR B 448 52.94 -20.72 -22.73
N LEU B 449 52.23 -20.29 -21.69
CA LEU B 449 52.67 -20.53 -20.32
C LEU B 449 52.61 -22.01 -19.97
N LYS B 450 51.60 -22.72 -20.47
CA LYS B 450 51.58 -24.18 -20.33
C LYS B 450 52.74 -24.83 -21.06
N SER B 451 52.99 -24.43 -22.30
CA SER B 451 54.03 -25.10 -23.10
C SER B 451 55.44 -24.76 -22.65
N ASN B 452 55.71 -23.49 -22.34
CA ASN B 452 57.07 -23.06 -22.05
C ASN B 452 57.42 -23.04 -20.56
N HIS B 453 56.54 -22.55 -19.71
CA HIS B 453 56.87 -22.30 -18.30
C HIS B 453 56.07 -23.20 -17.36
N ASN B 454 55.83 -24.45 -17.77
CA ASN B 454 54.98 -25.35 -17.01
C ASN B 454 55.45 -25.51 -15.57
N GLU B 455 56.76 -25.45 -15.34
CA GLU B 455 57.29 -25.53 -13.99
C GLU B 455 56.64 -24.52 -13.05
N LEU B 456 56.51 -23.27 -13.49
CA LEU B 456 55.84 -22.28 -12.64
C LEU B 456 54.40 -22.66 -12.32
N LEU B 457 53.65 -23.12 -13.32
CA LEU B 457 52.26 -23.51 -13.07
C LEU B 457 52.16 -24.68 -12.09
N THR B 458 53.00 -25.70 -12.28
CA THR B 458 53.01 -26.83 -11.35
C THR B 458 53.44 -26.41 -9.96
N GLU B 459 54.35 -25.45 -9.84
CA GLU B 459 54.77 -24.98 -8.52
C GLU B 459 53.69 -24.16 -7.84
N ILE B 460 52.98 -23.31 -8.59
CA ILE B 460 51.81 -22.62 -8.05
C ILE B 460 50.78 -23.63 -7.55
N ARG B 461 50.49 -24.65 -8.35
CA ARG B 461 49.53 -25.67 -7.93
C ARG B 461 50.00 -26.46 -6.70
N GLU B 462 51.27 -26.89 -6.69
CA GLU B 462 51.74 -27.74 -5.60
C GLU B 462 51.88 -26.97 -4.29
N LYS B 463 52.39 -25.74 -4.35
CA LYS B 463 52.58 -24.93 -3.16
C LYS B 463 51.39 -24.03 -2.86
N GLY B 464 50.66 -23.59 -3.87
CA GLY B 464 49.57 -22.66 -3.62
C GLY B 464 50.02 -21.25 -3.29
N GLU B 465 51.32 -20.97 -3.28
CA GLU B 465 51.84 -19.68 -2.86
C GLU B 465 53.01 -19.30 -3.75
N LEU B 466 53.24 -17.99 -3.87
CA LEU B 466 54.31 -17.44 -4.68
C LEU B 466 55.43 -16.92 -3.79
N SER B 467 56.60 -17.53 -3.88
CA SER B 467 57.79 -16.90 -3.32
C SER B 467 58.17 -15.68 -4.15
N LYS B 468 59.09 -14.89 -3.62
CA LYS B 468 59.64 -13.78 -4.38
C LYS B 468 60.34 -14.25 -5.66
N GLU B 469 60.96 -15.43 -5.63
CA GLU B 469 61.52 -16.01 -6.84
C GLU B 469 60.44 -16.38 -7.85
N LEU B 470 59.32 -16.93 -7.39
CA LEU B 470 58.24 -17.26 -8.31
C LEU B 470 57.52 -16.04 -8.84
N LEU B 471 57.40 -14.98 -8.04
CA LEU B 471 56.90 -13.73 -8.60
C LEU B 471 57.86 -13.16 -9.64
N ALA B 472 59.16 -13.22 -9.37
CA ALA B 472 60.13 -12.72 -10.35
C ALA B 472 60.10 -13.52 -11.66
N SER B 473 60.05 -14.84 -11.58
CA SER B 473 59.96 -15.66 -12.80
C SER B 473 58.62 -15.55 -13.51
N LEU B 474 57.52 -15.37 -12.79
CA LEU B 474 56.25 -15.10 -13.45
C LEU B 474 56.24 -13.71 -14.10
N LYS B 475 56.89 -12.73 -13.49
CA LYS B 475 57.08 -11.44 -14.14
C LYS B 475 57.91 -11.55 -15.40
N SER B 476 58.99 -12.32 -15.37
CA SER B 476 59.78 -12.57 -16.57
C SER B 476 58.94 -13.22 -17.67
N ALA B 477 58.18 -14.25 -17.32
CA ALA B 477 57.33 -14.94 -18.29
C ALA B 477 56.30 -14.00 -18.89
N THR B 478 55.63 -13.21 -18.06
CA THR B 478 54.64 -12.26 -18.56
C THR B 478 55.28 -11.19 -19.43
N GLU B 479 56.40 -10.61 -19.01
CA GLU B 479 57.00 -9.54 -19.81
C GLU B 479 57.53 -10.05 -21.13
N SER B 480 58.11 -11.25 -21.16
CA SER B 480 58.54 -11.81 -22.43
C SER B 480 57.37 -12.14 -23.35
N PHE B 481 56.27 -12.68 -22.82
CA PHE B 481 55.10 -12.88 -23.66
C PHE B 481 54.57 -11.55 -24.21
N VAL B 482 54.36 -10.56 -23.35
CA VAL B 482 53.83 -9.30 -23.87
C VAL B 482 54.80 -8.67 -24.86
N ALA B 483 56.10 -8.85 -24.66
CA ALA B 483 57.06 -8.40 -25.65
C ALA B 483 56.84 -9.08 -27.00
N THR B 484 56.56 -10.38 -27.01
CA THR B 484 56.18 -11.01 -28.28
C THR B 484 54.77 -10.61 -28.69
N PHE B 485 53.82 -10.64 -27.76
CA PHE B 485 52.42 -10.40 -28.07
C PHE B 485 52.18 -8.92 -28.35
N ASN C 1 -22.40 -19.01 46.78
CA ASN C 1 -22.99 -17.77 46.31
C ASN C 1 -22.24 -17.26 45.08
N LEU C 2 -22.64 -17.74 43.91
CA LEU C 2 -22.09 -17.27 42.65
C LEU C 2 -22.72 -15.96 42.18
N ASN C 3 -23.60 -15.36 42.98
CA ASN C 3 -24.08 -14.02 42.68
C ASN C 3 -22.99 -12.99 42.96
N GLU C 4 -22.32 -13.12 44.11
CA GLU C 4 -21.33 -12.16 44.55
C GLU C 4 -19.90 -12.63 44.32
N THR C 5 -19.70 -13.89 43.90
CA THR C 5 -18.39 -14.43 43.63
C THR C 5 -18.45 -15.25 42.35
N GLY C 6 -17.27 -15.55 41.80
CA GLY C 6 -17.16 -16.35 40.61
C GLY C 6 -15.88 -17.16 40.60
N ARG C 7 -15.72 -17.98 39.56
CA ARG C 7 -14.52 -18.80 39.39
C ARG C 7 -13.91 -18.54 38.02
N VAL C 8 -12.60 -18.35 37.98
CA VAL C 8 -11.89 -18.18 36.71
C VAL C 8 -11.95 -19.48 35.91
N LEU C 9 -12.57 -19.40 34.73
CA LEU C 9 -12.58 -20.53 33.80
C LEU C 9 -11.27 -20.62 33.02
N ALA C 10 -10.76 -19.50 32.54
CA ALA C 10 -9.56 -19.46 31.72
C ALA C 10 -8.91 -18.10 31.90
N VAL C 11 -7.61 -18.02 31.66
CA VAL C 11 -6.92 -16.74 31.75
C VAL C 11 -5.68 -16.78 30.86
N GLY C 12 -5.45 -15.68 30.17
CA GLY C 12 -4.25 -15.53 29.37
C GLY C 12 -4.26 -14.17 28.69
N ASP C 13 -3.08 -13.73 28.29
CA ASP C 13 -2.90 -12.43 27.64
C ASP C 13 -3.54 -11.30 28.44
N GLY C 14 -3.62 -11.45 29.77
CA GLY C 14 -4.22 -10.44 30.61
C GLY C 14 -5.73 -10.37 30.57
N ILE C 15 -6.40 -11.32 29.95
CA ILE C 15 -7.86 -11.43 29.96
C ILE C 15 -8.22 -12.71 30.69
N ALA C 16 -9.23 -12.63 31.54
CA ALA C 16 -9.74 -13.80 32.23
C ALA C 16 -11.23 -13.94 32.00
N ARG C 17 -11.67 -15.19 31.94
CA ARG C 17 -13.09 -15.54 31.83
C ARG C 17 -13.54 -16.09 33.16
N VAL C 18 -14.67 -15.59 33.66
CA VAL C 18 -15.14 -15.93 35.01
C VAL C 18 -16.55 -16.49 34.91
N PHE C 19 -16.78 -17.60 35.59
CA PHE C 19 -18.13 -18.12 35.80
C PHE C 19 -18.72 -17.54 37.08
N GLY C 20 -20.04 -17.34 37.08
CA GLY C 20 -20.70 -16.67 38.18
C GLY C 20 -20.68 -15.16 38.08
N LEU C 21 -20.55 -14.48 39.21
CA LEU C 21 -20.69 -13.03 39.29
C LEU C 21 -22.02 -12.57 38.67
N ASN C 22 -23.09 -13.30 38.96
CA ASN C 22 -24.36 -13.06 38.27
C ASN C 22 -24.87 -11.65 38.48
N ASN C 23 -24.61 -11.06 39.65
CA ASN C 23 -25.06 -9.71 39.96
C ASN C 23 -24.11 -8.61 39.54
N ILE C 24 -22.96 -8.95 38.94
CA ILE C 24 -21.95 -7.94 38.66
C ILE C 24 -22.48 -6.90 37.68
N GLN C 25 -22.11 -5.65 37.90
CA GLN C 25 -22.40 -4.58 36.96
C GLN C 25 -21.35 -4.56 35.86
N ALA C 26 -21.76 -4.11 34.68
CA ALA C 26 -20.80 -3.83 33.63
C ALA C 26 -19.83 -2.73 34.03
N GLU C 27 -18.55 -2.95 33.77
CA GLU C 27 -17.44 -2.09 34.17
C GLU C 27 -17.19 -2.06 35.67
N GLU C 28 -17.75 -3.01 36.43
CA GLU C 28 -17.42 -3.11 37.84
C GLU C 28 -15.95 -3.52 38.02
N LEU C 29 -15.46 -3.33 39.24
CA LEU C 29 -14.15 -3.82 39.64
C LEU C 29 -14.30 -5.13 40.41
N VAL C 30 -13.48 -6.12 40.05
CA VAL C 30 -13.38 -7.37 40.78
C VAL C 30 -11.97 -7.50 41.32
N GLU C 31 -11.84 -8.24 42.41
CA GLU C 31 -10.56 -8.63 42.97
C GLU C 31 -10.43 -10.14 42.93
N PHE C 32 -9.22 -10.61 42.63
CA PHE C 32 -8.93 -12.02 42.52
C PHE C 32 -8.28 -12.49 43.81
N SER C 33 -8.45 -13.78 44.13
CA SER C 33 -7.86 -14.32 45.34
C SER C 33 -6.37 -14.07 45.40
N SER C 34 -5.70 -14.12 44.24
CA SER C 34 -4.30 -13.73 44.14
C SER C 34 -4.07 -12.24 44.34
N GLY C 35 -5.12 -11.42 44.49
CA GLY C 35 -4.96 -10.05 44.90
C GLY C 35 -4.89 -9.05 43.76
N VAL C 36 -4.80 -9.50 42.51
CA VAL C 36 -4.89 -8.57 41.38
C VAL C 36 -6.31 -8.03 41.25
N LYS C 37 -6.42 -6.85 40.64
CA LYS C 37 -7.68 -6.20 40.32
C LYS C 37 -7.97 -6.30 38.83
N GLY C 38 -9.26 -6.30 38.48
CA GLY C 38 -9.65 -6.39 37.09
C GLY C 38 -11.02 -5.77 36.85
N MET C 39 -11.24 -5.35 35.62
CA MET C 39 -12.46 -4.65 35.22
C MET C 39 -13.32 -5.57 34.36
N ALA C 40 -14.60 -5.70 34.70
CA ALA C 40 -15.55 -6.53 33.98
C ALA C 40 -16.06 -5.80 32.74
N LEU C 41 -15.42 -6.05 31.60
CA LEU C 41 -15.84 -5.37 30.38
C LEU C 41 -17.04 -6.04 29.74
N ASN C 42 -16.99 -7.35 29.54
CA ASN C 42 -18.02 -8.10 28.84
C ASN C 42 -18.84 -8.91 29.84
N LEU C 43 -20.15 -8.68 29.83
CA LEU C 43 -21.10 -9.57 30.51
C LEU C 43 -21.79 -10.41 29.45
N GLU C 44 -21.76 -11.73 29.65
CA GLU C 44 -22.23 -12.69 28.66
C GLU C 44 -23.11 -13.72 29.34
N PRO C 45 -24.04 -14.34 28.60
CA PRO C 45 -25.08 -15.15 29.24
C PRO C 45 -24.56 -16.19 30.22
N GLY C 46 -23.36 -16.73 30.00
CA GLY C 46 -22.81 -17.71 30.93
C GLY C 46 -21.47 -17.35 31.54
N GLN C 47 -20.90 -16.21 31.15
CA GLN C 47 -19.55 -15.87 31.60
C GLN C 47 -19.38 -14.36 31.63
N VAL C 48 -18.43 -13.91 32.43
CA VAL C 48 -17.95 -12.53 32.42
C VAL C 48 -16.55 -12.50 31.85
N GLY C 49 -16.23 -11.42 31.14
CA GLY C 49 -14.88 -11.18 30.70
C GLY C 49 -14.20 -10.04 31.44
N ILE C 50 -13.14 -10.37 32.17
CA ILE C 50 -12.41 -9.44 33.02
C ILE C 50 -11.09 -9.12 32.33
N VAL C 51 -10.72 -7.84 32.32
CA VAL C 51 -9.38 -7.44 31.90
C VAL C 51 -8.58 -7.11 33.14
N LEU C 52 -7.32 -7.55 33.16
CA LEU C 52 -6.53 -7.57 34.38
C LEU C 52 -5.60 -6.38 34.41
N PHE C 53 -5.59 -5.66 35.53
CA PHE C 53 -4.72 -4.50 35.67
C PHE C 53 -3.30 -4.90 36.05
N GLY C 54 -3.16 -5.85 36.98
CA GLY C 54 -1.88 -6.47 37.23
C GLY C 54 -1.52 -7.49 36.16
N SER C 55 -0.43 -8.20 36.42
CA SER C 55 -0.06 -9.32 35.56
C SER C 55 -1.00 -10.51 35.76
N ASP C 56 -1.28 -11.20 34.65
CA ASP C 56 -2.06 -12.44 34.70
C ASP C 56 -1.35 -13.52 35.51
N ARG C 57 -0.03 -13.47 35.59
CA ARG C 57 0.75 -14.63 36.06
C ARG C 57 0.30 -15.12 37.42
N LEU C 58 -0.20 -14.24 38.28
CA LEU C 58 -0.71 -14.66 39.57
C LEU C 58 -2.06 -15.38 39.46
N VAL C 59 -2.86 -15.01 38.46
CA VAL C 59 -4.17 -15.64 38.27
C VAL C 59 -4.02 -17.05 37.72
N LYS C 60 -4.90 -17.94 38.19
CA LYS C 60 -4.92 -19.34 37.79
C LYS C 60 -6.37 -19.75 37.58
N GLU C 61 -6.57 -20.77 36.75
CA GLU C 61 -7.88 -21.40 36.66
C GLU C 61 -8.35 -21.89 38.02
N GLY C 62 -9.64 -21.69 38.29
CA GLY C 62 -10.24 -22.03 39.56
C GLY C 62 -10.05 -21.03 40.68
N GLU C 63 -9.30 -19.95 40.44
CA GLU C 63 -9.26 -18.84 41.38
C GLU C 63 -10.66 -18.36 41.73
N LEU C 64 -10.91 -18.14 43.01
CA LEU C 64 -12.07 -17.37 43.43
C LEU C 64 -11.89 -15.90 43.06
N VAL C 65 -12.96 -15.32 42.53
CA VAL C 65 -13.04 -13.89 42.21
C VAL C 65 -14.21 -13.30 42.97
N LYS C 66 -14.05 -12.10 43.51
CA LYS C 66 -15.14 -11.43 44.21
C LYS C 66 -15.31 -10.03 43.65
N ARG C 67 -16.55 -9.56 43.66
CA ARG C 67 -16.91 -8.31 43.02
C ARG C 67 -16.97 -7.20 44.07
N THR C 68 -16.45 -6.02 43.72
CA THR C 68 -16.34 -4.95 44.69
C THR C 68 -17.68 -4.24 44.91
N GLY C 69 -18.57 -4.28 43.92
CA GLY C 69 -19.75 -3.45 43.92
C GLY C 69 -19.55 -2.08 43.32
N ASN C 70 -18.32 -1.67 43.07
CA ASN C 70 -17.99 -0.32 42.61
C ASN C 70 -17.64 -0.37 41.13
N ILE C 71 -18.26 0.51 40.34
CA ILE C 71 -17.70 0.83 39.04
C ILE C 71 -16.28 1.35 39.23
N VAL C 72 -15.41 1.04 38.27
CA VAL C 72 -13.99 1.33 38.38
C VAL C 72 -13.79 2.81 38.71
N ASP C 73 -13.18 3.09 39.85
CA ASP C 73 -13.15 4.42 40.44
C ASP C 73 -11.82 4.64 41.13
N VAL C 74 -11.53 5.89 41.46
CA VAL C 74 -10.26 6.24 42.09
C VAL C 74 -10.51 7.20 43.24
N PRO C 75 -9.62 7.19 44.23
CA PRO C 75 -9.65 8.24 45.25
C PRO C 75 -9.38 9.62 44.66
N VAL C 76 -10.06 10.61 45.22
CA VAL C 76 -9.96 12.00 44.77
C VAL C 76 -10.00 12.91 45.99
N GLY C 77 -9.48 14.11 45.81
CA GLY C 77 -9.47 15.12 46.85
C GLY C 77 -8.17 15.90 46.87
N PRO C 78 -8.02 16.77 47.87
CA PRO C 78 -6.76 17.54 48.00
C PRO C 78 -5.59 16.73 48.55
N GLY C 79 -5.84 15.62 49.23
CA GLY C 79 -4.77 14.80 49.79
C GLY C 79 -3.89 14.10 48.79
N LEU C 80 -4.24 14.16 47.51
CA LEU C 80 -3.36 13.66 46.45
C LEU C 80 -2.29 14.66 46.03
N LEU C 81 -2.38 15.92 46.45
CA LEU C 81 -1.37 16.90 46.07
C LEU C 81 -0.02 16.52 46.65
N GLY C 82 1.00 16.53 45.79
CA GLY C 82 2.33 16.09 46.16
C GLY C 82 2.60 14.61 46.05
N ARG C 83 1.69 13.84 45.47
CA ARG C 83 1.79 12.39 45.40
C ARG C 83 1.97 11.94 43.96
N VAL C 84 2.65 10.81 43.80
CA VAL C 84 2.73 10.08 42.54
C VAL C 84 1.93 8.80 42.70
N VAL C 85 1.03 8.55 41.75
CA VAL C 85 0.11 7.42 41.85
C VAL C 85 0.13 6.64 40.55
N ASP C 86 -0.21 5.34 40.66
CA ASP C 86 -0.53 4.53 39.49
C ASP C 86 -1.91 4.88 38.95
N ALA C 87 -2.28 4.25 37.83
CA ALA C 87 -3.56 4.53 37.21
C ALA C 87 -4.76 4.25 38.10
N LEU C 88 -4.59 3.48 39.17
CA LEU C 88 -5.67 3.20 40.11
C LEU C 88 -5.57 4.03 41.38
N GLY C 89 -4.68 5.01 41.41
CA GLY C 89 -4.56 5.87 42.57
C GLY C 89 -3.86 5.24 43.75
N ASN C 90 -3.16 4.12 43.55
CA ASN C 90 -2.25 3.64 44.58
C ASN C 90 -0.96 4.44 44.55
N PRO C 91 -0.44 4.83 45.72
CA PRO C 91 0.81 5.61 45.72
C PRO C 91 1.99 4.76 45.31
N ILE C 92 2.87 5.35 44.50
CA ILE C 92 4.10 4.69 44.06
C ILE C 92 5.34 5.50 44.40
N ASP C 93 5.18 6.67 45.02
CA ASP C 93 6.30 7.44 45.54
C ASP C 93 6.89 6.82 46.80
N GLY C 94 6.22 5.82 47.38
CA GLY C 94 6.69 5.17 48.58
C GLY C 94 6.44 5.91 49.87
N LYS C 95 5.75 7.04 49.81
CA LYS C 95 5.31 7.74 51.01
C LYS C 95 4.09 7.01 51.60
N GLY C 96 3.52 7.57 52.66
CA GLY C 96 2.42 6.94 53.34
C GLY C 96 1.20 6.77 52.46
N PRO C 97 0.17 6.11 52.99
CA PRO C 97 -1.10 6.00 52.25
C PRO C 97 -1.71 7.36 51.96
N ILE C 98 -2.48 7.40 50.88
CA ILE C 98 -3.14 8.63 50.45
C ILE C 98 -4.40 8.85 51.26
N ASP C 99 -4.70 10.13 51.52
CA ASP C 99 -5.95 10.55 52.15
C ASP C 99 -6.83 11.18 51.08
N ALA C 100 -8.08 10.73 50.99
CA ALA C 100 -8.95 11.08 49.88
C ALA C 100 -10.21 11.76 50.37
N ALA C 101 -10.66 12.77 49.60
CA ALA C 101 -11.96 13.38 49.83
C ALA C 101 -13.10 12.46 49.42
N GLY C 102 -12.83 11.46 48.60
CA GLY C 102 -13.86 10.52 48.22
C GLY C 102 -13.36 9.65 47.08
N ARG C 103 -14.29 8.95 46.43
CA ARG C 103 -13.98 8.23 45.21
C ARG C 103 -14.85 8.72 44.06
N SER C 104 -14.27 8.74 42.86
CA SER C 104 -14.97 9.15 41.65
C SER C 104 -14.72 8.14 40.54
N ARG C 105 -15.75 7.82 39.78
CA ARG C 105 -15.61 6.89 38.67
C ARG C 105 -14.60 7.41 37.65
N ALA C 106 -13.92 6.48 36.99
CA ALA C 106 -13.02 6.85 35.89
C ALA C 106 -13.80 7.36 34.68
N GLN C 107 -14.82 6.61 34.25
CA GLN C 107 -15.71 7.03 33.17
C GLN C 107 -16.89 7.80 33.76
N VAL C 108 -16.87 9.12 33.60
CA VAL C 108 -18.01 9.97 33.90
C VAL C 108 -18.32 10.87 32.71
N LYS C 109 -19.60 11.15 32.51
CA LYS C 109 -20.04 11.94 31.37
C LYS C 109 -19.71 13.42 31.57
N ALA C 110 -19.11 14.03 30.54
CA ALA C 110 -18.71 15.42 30.60
C ALA C 110 -19.90 16.34 30.86
N PRO C 111 -19.66 17.52 31.44
CA PRO C 111 -20.74 18.50 31.65
C PRO C 111 -21.29 18.99 30.31
N GLY C 112 -22.62 19.05 30.22
CA GLY C 112 -23.29 19.37 28.98
C GLY C 112 -23.27 20.84 28.62
N ILE C 113 -24.14 21.19 27.67
CA ILE C 113 -24.15 22.52 27.07
C ILE C 113 -24.57 23.60 28.07
N LEU C 114 -25.50 23.28 28.96
CA LEU C 114 -25.98 24.30 29.90
C LEU C 114 -24.96 24.62 30.99
N PRO C 115 -24.37 23.65 31.69
CA PRO C 115 -23.48 24.00 32.82
C PRO C 115 -22.17 24.67 32.41
N ARG C 116 -21.72 24.52 31.17
CA ARG C 116 -20.48 25.14 30.73
C ARG C 116 -20.62 26.65 30.58
N ARG C 117 -19.46 27.31 30.47
CA ARG C 117 -19.37 28.74 30.23
C ARG C 117 -18.26 28.99 29.21
N SER C 118 -18.31 30.14 28.56
CA SER C 118 -17.19 30.59 27.74
C SER C 118 -15.91 30.69 28.54
N VAL C 119 -14.79 30.48 27.86
CA VAL C 119 -13.45 30.60 28.42
C VAL C 119 -13.07 32.08 28.47
N HIS C 120 -12.78 32.60 29.67
CA HIS C 120 -12.61 34.03 29.84
C HIS C 120 -11.48 34.44 30.76
N GLU C 121 -10.68 33.50 31.28
CA GLU C 121 -9.58 33.83 32.18
C GLU C 121 -8.36 32.98 31.86
N PRO C 122 -7.16 33.54 31.99
CA PRO C 122 -5.98 32.93 31.37
C PRO C 122 -5.38 31.79 32.19
N VAL C 123 -4.87 30.80 31.47
CA VAL C 123 -3.78 29.96 31.98
C VAL C 123 -2.47 30.64 31.58
N GLN C 124 -1.86 31.34 32.53
CA GLN C 124 -0.61 32.04 32.27
C GLN C 124 0.53 31.04 32.29
N THR C 125 1.09 30.76 31.10
CA THR C 125 2.17 29.79 30.99
C THR C 125 3.52 30.40 31.32
N GLY C 126 3.67 31.71 31.15
CA GLY C 126 4.96 32.35 31.26
C GLY C 126 5.89 32.07 30.10
N LEU C 127 5.42 31.39 29.06
CA LEU C 127 6.14 31.31 27.79
C LEU C 127 5.72 32.49 26.93
N LYS C 128 6.71 33.29 26.51
CA LYS C 128 6.42 34.49 25.74
C LYS C 128 5.61 34.18 24.48
N ALA C 129 6.01 33.13 23.76
CA ALA C 129 5.31 32.74 22.55
C ALA C 129 3.87 32.31 22.84
N VAL C 130 3.66 31.51 23.89
CA VAL C 130 2.31 31.04 24.17
C VAL C 130 1.45 32.21 24.65
N ASP C 131 1.91 32.92 25.67
CA ASP C 131 1.07 33.96 26.27
C ASP C 131 0.78 35.10 25.30
N ALA C 132 1.69 35.38 24.37
CA ALA C 132 1.44 36.44 23.40
C ALA C 132 0.69 35.97 22.16
N LEU C 133 1.06 34.82 21.57
CA LEU C 133 0.61 34.44 20.25
C LEU C 133 -0.54 33.45 20.25
N VAL C 134 -0.56 32.50 21.19
CA VAL C 134 -1.58 31.46 21.21
C VAL C 134 -2.13 31.33 22.63
N PRO C 135 -2.73 32.40 23.16
CA PRO C 135 -3.11 32.40 24.57
C PRO C 135 -4.05 31.26 24.92
N ILE C 136 -3.85 30.68 26.10
CA ILE C 136 -4.66 29.58 26.61
C ILE C 136 -5.49 30.12 27.77
N GLY C 137 -6.78 29.82 27.76
CA GLY C 137 -7.64 30.14 28.87
C GLY C 137 -7.96 28.93 29.73
N ARG C 138 -8.42 29.19 30.94
CA ARG C 138 -8.85 28.14 31.85
C ARG C 138 -10.13 27.50 31.34
N GLY C 139 -10.09 26.18 31.15
CA GLY C 139 -11.15 25.43 30.51
C GLY C 139 -10.90 25.12 29.05
N GLN C 140 -9.85 25.69 28.46
CA GLN C 140 -9.46 25.35 27.10
C GLN C 140 -8.87 23.94 27.06
N ARG C 141 -8.69 23.41 25.86
CA ARG C 141 -8.22 22.05 25.63
C ARG C 141 -7.01 22.02 24.71
N GLU C 142 -6.20 23.10 24.72
CA GLU C 142 -5.18 23.34 23.72
C GLU C 142 -4.25 22.14 23.51
N LEU C 143 -4.29 21.56 22.31
CA LEU C 143 -3.38 20.47 21.97
C LEU C 143 -1.93 20.95 21.91
N ILE C 144 -1.02 20.11 22.38
CA ILE C 144 0.42 20.22 22.09
C ILE C 144 0.80 19.07 21.18
N ILE C 145 1.38 19.37 20.03
CA ILE C 145 1.63 18.34 19.01
C ILE C 145 2.98 18.58 18.37
N GLY C 146 3.70 17.50 18.10
CA GLY C 146 4.99 17.62 17.42
C GLY C 146 5.74 16.31 17.41
N ASP C 147 6.91 16.33 16.77
CA ASP C 147 7.78 15.17 16.77
C ASP C 147 8.38 14.96 18.16
N ARG C 148 8.94 13.76 18.36
CA ARG C 148 9.66 13.48 19.60
C ARG C 148 10.83 14.43 19.82
N GLN C 149 11.08 14.75 21.08
CA GLN C 149 12.15 15.65 21.50
C GLN C 149 12.07 17.04 20.89
N THR C 150 10.90 17.50 20.49
CA THR C 150 10.78 18.87 19.97
C THR C 150 10.39 19.89 21.04
N GLY C 151 10.27 19.48 22.30
CA GLY C 151 10.00 20.38 23.40
C GLY C 151 8.61 20.32 24.00
N LYS C 152 7.82 19.30 23.70
CA LYS C 152 6.43 19.25 24.13
C LYS C 152 6.33 19.21 25.65
N THR C 153 7.06 18.29 26.27
CA THR C 153 7.11 18.21 27.72
C THR C 153 7.71 19.47 28.32
N ALA C 154 8.72 20.05 27.69
CA ALA C 154 9.30 21.28 28.23
C ALA C 154 8.25 22.40 28.30
N VAL C 155 7.40 22.50 27.27
CA VAL C 155 6.30 23.46 27.27
C VAL C 155 5.31 23.19 28.39
N ALA C 156 4.93 21.92 28.56
CA ALA C 156 3.99 21.59 29.63
C ALA C 156 4.58 21.80 31.01
N LEU C 157 5.83 21.41 31.21
CA LEU C 157 6.46 21.55 32.50
C LEU C 157 6.69 23.01 32.86
N ASP C 158 7.16 23.83 31.91
CA ASP C 158 7.27 25.26 32.18
C ASP C 158 5.92 25.88 32.51
N THR C 159 4.84 25.40 31.88
CA THR C 159 3.51 25.85 32.26
C THR C 159 3.18 25.49 33.71
N ILE C 160 3.49 24.26 34.11
CA ILE C 160 3.24 23.84 35.49
C ILE C 160 4.09 24.62 36.48
N LEU C 161 5.37 24.82 36.15
CA LEU C 161 6.28 25.57 37.02
C LEU C 161 5.87 27.02 37.19
N ASN C 162 5.27 27.65 36.17
CA ASN C 162 4.84 29.04 36.34
C ASN C 162 3.79 29.21 37.44
N GLN C 163 2.94 28.20 37.67
CA GLN C 163 1.85 28.37 38.63
C GLN C 163 2.31 28.56 40.06
N LYS C 164 3.59 28.32 40.35
CA LYS C 164 4.20 28.67 41.63
C LYS C 164 4.03 30.13 42.01
N ARG C 165 3.84 31.01 41.03
CA ARG C 165 3.61 32.43 41.31
C ARG C 165 2.32 32.65 42.12
N TRP C 166 1.22 32.00 41.71
CA TRP C 166 -0.07 32.18 42.35
C TRP C 166 -0.41 31.14 43.40
N ASN C 167 0.08 29.91 43.26
CA ASN C 167 -0.32 28.83 44.15
C ASN C 167 0.17 29.02 45.58
N ASN C 168 1.04 29.99 45.83
CA ASN C 168 1.43 30.34 47.19
C ASN C 168 0.54 31.42 47.81
N GLY C 169 -0.31 32.07 47.02
CA GLY C 169 -1.18 33.09 47.56
C GLY C 169 -2.46 32.53 48.16
N SER C 170 -3.22 33.42 48.80
CA SER C 170 -4.48 33.05 49.41
C SER C 170 -5.61 32.90 48.39
N ASP C 171 -5.53 33.60 47.27
CA ASP C 171 -6.65 33.73 46.34
C ASP C 171 -6.78 32.45 45.53
N GLU C 172 -7.59 31.52 46.05
CA GLU C 172 -7.79 30.22 45.44
C GLU C 172 -8.58 30.29 44.14
N SER C 173 -9.14 31.45 43.80
CA SER C 173 -9.64 31.66 42.44
C SER C 173 -8.50 31.83 41.44
N LYS C 174 -7.34 32.29 41.88
CA LYS C 174 -6.16 32.36 41.01
C LYS C 174 -5.34 31.08 41.04
N LYS C 175 -5.22 30.43 42.20
CA LYS C 175 -4.46 29.19 42.28
C LYS C 175 -4.96 28.18 41.25
N LEU C 176 -4.01 27.63 40.50
CA LEU C 176 -4.25 26.57 39.51
C LEU C 176 -3.49 25.33 39.95
N TYR C 177 -4.20 24.22 40.18
CA TYR C 177 -3.59 22.98 40.62
C TYR C 177 -3.35 22.10 39.40
N CYS C 178 -2.25 21.35 39.42
CA CYS C 178 -1.77 20.67 38.22
C CYS C 178 -1.82 19.16 38.39
N VAL C 179 -2.16 18.47 37.29
CA VAL C 179 -2.06 17.03 37.16
C VAL C 179 -1.25 16.73 35.91
N TYR C 180 -0.33 15.78 36.01
CA TYR C 180 0.44 15.33 34.87
C TYR C 180 0.29 13.82 34.75
N VAL C 181 0.13 13.34 33.52
CA VAL C 181 -0.11 11.94 33.25
C VAL C 181 1.00 11.44 32.34
N ALA C 182 1.75 10.45 32.81
CA ALA C 182 2.72 9.72 32.01
C ALA C 182 2.06 8.44 31.52
N VAL C 183 2.00 8.27 30.20
CA VAL C 183 1.44 7.07 29.59
C VAL C 183 2.51 6.50 28.66
N GLY C 184 2.91 5.26 28.93
CA GLY C 184 3.93 4.60 28.14
C GLY C 184 5.32 5.23 28.24
N GLN C 185 5.53 6.16 29.16
CA GLN C 185 6.85 6.70 29.38
C GLN C 185 7.70 5.74 30.19
N LYS C 186 9.02 5.85 30.05
CA LYS C 186 9.92 5.08 30.88
C LYS C 186 9.78 5.51 32.33
N ARG C 187 9.94 4.56 33.26
CA ARG C 187 10.02 4.93 34.67
C ARG C 187 11.15 5.93 34.92
N SER C 188 12.26 5.77 34.21
CA SER C 188 13.34 6.76 34.28
C SER C 188 12.84 8.18 34.01
N THR C 189 12.11 8.36 32.91
CA THR C 189 11.70 9.69 32.50
C THR C 189 10.76 10.34 33.50
N VAL C 190 9.75 9.60 33.96
CA VAL C 190 8.82 10.16 34.93
C VAL C 190 9.45 10.36 36.30
N ALA C 191 10.38 9.50 36.70
CA ALA C 191 11.11 9.74 37.94
C ALA C 191 12.00 10.99 37.86
N GLN C 192 12.62 11.22 36.71
CA GLN C 192 13.41 12.43 36.52
C GLN C 192 12.52 13.68 36.48
N LEU C 193 11.34 13.57 35.88
CA LEU C 193 10.38 14.66 35.93
C LEU C 193 9.90 14.96 37.35
N VAL C 194 9.60 13.92 38.14
CA VAL C 194 9.30 14.12 39.55
C VAL C 194 10.44 14.83 40.26
N GLN C 195 11.67 14.39 40.03
CA GLN C 195 12.83 15.02 40.67
C GLN C 195 12.97 16.48 40.27
N THR C 196 12.65 16.81 39.02
CA THR C 196 12.66 18.20 38.57
C THR C 196 11.57 19.03 39.24
N LEU C 197 10.35 18.51 39.32
CA LEU C 197 9.28 19.21 40.02
C LEU C 197 9.58 19.36 41.51
N GLU C 198 10.30 18.40 42.09
CA GLU C 198 10.76 18.55 43.47
C GLU C 198 11.79 19.66 43.59
N GLN C 199 12.72 19.73 42.64
CA GLN C 199 13.72 20.80 42.69
C GLN C 199 13.08 22.18 42.65
N HIS C 200 12.06 22.36 41.82
CA HIS C 200 11.38 23.65 41.70
C HIS C 200 10.21 23.81 42.67
N ASP C 201 10.13 22.97 43.70
CA ASP C 201 9.05 23.02 44.69
C ASP C 201 7.66 22.99 44.06
N ALA C 202 7.54 22.43 42.85
CA ALA C 202 6.25 22.39 42.18
C ALA C 202 5.39 21.21 42.62
N MET C 203 5.97 20.20 43.25
CA MET C 203 5.20 19.02 43.65
C MET C 203 4.14 19.36 44.68
N LYS C 204 4.37 20.35 45.54
CA LYS C 204 3.43 20.62 46.62
C LYS C 204 2.05 21.03 46.10
N TYR C 205 1.93 21.40 44.84
CA TYR C 205 0.64 21.69 44.21
C TYR C 205 0.38 20.81 42.99
N SER C 206 1.22 19.81 42.73
CA SER C 206 1.10 18.96 41.56
C SER C 206 0.79 17.53 41.96
N ILE C 207 0.10 16.82 41.06
CA ILE C 207 -0.19 15.40 41.18
C ILE C 207 0.29 14.74 39.89
N ILE C 208 0.94 13.58 40.02
CA ILE C 208 1.44 12.84 38.87
C ILE C 208 0.84 11.45 38.85
N VAL C 209 0.25 11.08 37.72
CA VAL C 209 -0.33 9.76 37.49
C VAL C 209 0.53 9.09 36.44
N ALA C 210 1.06 7.91 36.74
CA ALA C 210 2.04 7.25 35.88
C ALA C 210 1.60 5.83 35.59
N ALA C 211 1.48 5.51 34.30
CA ALA C 211 1.37 4.14 33.82
C ALA C 211 2.46 3.95 32.77
N THR C 212 3.62 3.50 33.23
CA THR C 212 4.79 3.36 32.36
C THR C 212 4.66 2.14 31.46
N ALA C 213 5.57 2.04 30.49
CA ALA C 213 5.47 1.00 29.48
C ALA C 213 5.65 -0.39 30.06
N SER C 214 6.25 -0.50 31.26
CA SER C 214 6.23 -1.73 32.00
C SER C 214 4.82 -2.16 32.41
N GLU C 215 3.89 -1.22 32.49
CA GLU C 215 2.56 -1.51 33.04
C GLU C 215 1.65 -2.09 31.97
N ALA C 216 0.73 -2.95 32.41
CA ALA C 216 -0.18 -3.62 31.50
C ALA C 216 -1.01 -2.61 30.72
N ALA C 217 -1.38 -3.01 29.50
CA ALA C 217 -2.10 -2.11 28.62
C ALA C 217 -3.42 -1.60 29.20
N PRO C 218 -4.17 -2.37 29.99
CA PRO C 218 -5.33 -1.78 30.68
C PRO C 218 -4.99 -0.61 31.59
N LEU C 219 -3.86 -0.65 32.29
CA LEU C 219 -3.47 0.49 33.11
C LEU C 219 -3.12 1.71 32.27
N GLN C 220 -2.44 1.50 31.13
CA GLN C 220 -2.10 2.62 30.26
C GLN C 220 -3.33 3.21 29.59
N TYR C 221 -4.33 2.37 29.28
CA TYR C 221 -5.61 2.87 28.81
C TYR C 221 -6.37 3.65 29.90
N LEU C 222 -6.37 3.14 31.13
CA LEU C 222 -7.16 3.73 32.20
C LEU C 222 -6.56 5.03 32.76
N ALA C 223 -5.24 5.17 32.75
CA ALA C 223 -4.61 6.26 33.51
C ALA C 223 -5.10 7.66 33.14
N PRO C 224 -5.33 8.01 31.87
CA PRO C 224 -5.87 9.34 31.58
C PRO C 224 -7.25 9.59 32.15
N PHE C 225 -8.12 8.57 32.18
CA PHE C 225 -9.46 8.78 32.69
C PHE C 225 -9.46 9.04 34.19
N THR C 226 -8.63 8.31 34.94
CA THR C 226 -8.55 8.55 36.39
C THR C 226 -7.84 9.86 36.72
N ALA C 227 -6.83 10.24 35.92
CA ALA C 227 -6.25 11.58 36.09
C ALA C 227 -7.29 12.67 35.82
N ALA C 228 -8.09 12.50 34.76
CA ALA C 228 -9.19 13.42 34.51
C ALA C 228 -10.17 13.48 35.68
N SER C 229 -10.52 12.33 36.26
CA SER C 229 -11.41 12.34 37.43
C SER C 229 -10.80 13.08 38.61
N ILE C 230 -9.47 13.03 38.76
CA ILE C 230 -8.83 13.80 39.82
C ILE C 230 -8.93 15.29 39.55
N GLY C 231 -8.59 15.71 38.33
CA GLY C 231 -8.78 17.11 37.97
C GLY C 231 -10.22 17.58 38.07
N GLU C 232 -11.16 16.72 37.68
CA GLU C 232 -12.58 17.02 37.83
C GLU C 232 -12.99 17.22 39.28
N TRP C 233 -12.35 16.55 40.25
CA TRP C 233 -12.71 16.87 41.63
C TRP C 233 -12.48 18.35 41.93
N PHE C 234 -11.36 18.90 41.47
CA PHE C 234 -11.09 20.33 41.62
C PHE C 234 -12.11 21.16 40.86
N ARG C 235 -12.35 20.81 39.59
CA ARG C 235 -13.35 21.54 38.80
C ARG C 235 -14.69 21.58 39.51
N ASP C 236 -15.18 20.43 39.96
CA ASP C 236 -16.53 20.33 40.53
C ASP C 236 -16.64 21.01 41.87
N ASN C 237 -15.56 21.04 42.66
CA ASN C 237 -15.59 21.81 43.90
C ASN C 237 -15.59 23.32 43.65
N GLY C 238 -15.01 23.77 42.55
CA GLY C 238 -14.98 25.19 42.24
C GLY C 238 -13.59 25.76 42.16
N LYS C 239 -12.59 24.88 42.16
CA LYS C 239 -11.20 25.26 42.00
C LYS C 239 -10.82 25.07 40.54
N HIS C 240 -9.62 25.51 40.18
CA HIS C 240 -9.15 25.41 38.81
C HIS C 240 -8.01 24.39 38.75
N ALA C 241 -8.11 23.48 37.79
CA ALA C 241 -7.06 22.49 37.54
C ALA C 241 -6.62 22.52 36.08
N LEU C 242 -5.40 22.06 35.89
CA LEU C 242 -4.78 21.84 34.58
C LEU C 242 -4.39 20.37 34.53
N ILE C 243 -4.64 19.71 33.41
CA ILE C 243 -4.24 18.31 33.23
C ILE C 243 -3.45 18.16 31.95
N VAL C 244 -2.26 17.58 32.06
CA VAL C 244 -1.39 17.30 30.91
C VAL C 244 -1.40 15.80 30.68
N TYR C 245 -1.56 15.39 29.41
CA TYR C 245 -1.42 13.99 29.00
C TYR C 245 -0.22 13.91 28.07
N ASP C 246 0.93 13.53 28.64
CA ASP C 246 2.18 13.63 27.89
C ASP C 246 2.30 12.69 26.70
N ASP C 247 1.41 11.70 26.54
CA ASP C 247 1.14 11.13 25.23
C ASP C 247 -0.25 10.49 25.23
N LEU C 248 -1.19 11.09 24.49
CA LEU C 248 -2.40 10.36 24.14
C LEU C 248 -2.16 9.28 23.10
N SER C 249 -1.19 9.48 22.21
CA SER C 249 -0.84 8.46 21.21
C SER C 249 -0.43 7.13 21.85
N LYS C 250 0.24 7.18 22.99
CA LYS C 250 0.60 5.94 23.68
C LYS C 250 -0.62 5.28 24.34
N GLN C 251 -1.59 6.08 24.79
CA GLN C 251 -2.88 5.51 25.19
C GLN C 251 -3.58 4.84 24.02
N ALA C 252 -3.59 5.49 22.85
CA ALA C 252 -4.21 4.89 21.68
C ALA C 252 -3.54 3.59 21.26
N VAL C 253 -2.22 3.50 21.38
CA VAL C 253 -1.51 2.24 21.16
C VAL C 253 -1.92 1.18 22.17
N ALA C 254 -1.99 1.54 23.46
CA ALA C 254 -2.43 0.59 24.47
C ALA C 254 -3.87 0.13 24.25
N TYR C 255 -4.75 1.03 23.80
CA TYR C 255 -6.13 0.65 23.52
C TYR C 255 -6.25 -0.20 22.27
N ARG C 256 -5.41 0.05 21.26
CA ARG C 256 -5.35 -0.85 20.11
C ARG C 256 -4.94 -2.26 20.52
N GLN C 257 -3.90 -2.37 21.35
CA GLN C 257 -3.53 -3.68 21.89
C GLN C 257 -4.68 -4.33 22.64
N LEU C 258 -5.31 -3.60 23.56
CA LEU C 258 -6.40 -4.18 24.34
C LEU C 258 -7.55 -4.62 23.45
N SER C 259 -7.89 -3.82 22.44
CA SER C 259 -8.94 -4.19 21.50
C SER C 259 -8.60 -5.47 20.73
N LEU C 260 -7.34 -5.60 20.30
CA LEU C 260 -6.95 -6.84 19.63
C LEU C 260 -7.04 -8.04 20.56
N LEU C 261 -6.68 -7.85 21.83
CA LEU C 261 -6.80 -8.95 22.79
C LEU C 261 -8.25 -9.28 23.09
N LEU C 262 -9.14 -8.28 23.05
CA LEU C 262 -10.58 -8.53 23.07
C LEU C 262 -11.12 -9.06 21.74
N ARG C 263 -10.25 -9.32 20.76
CA ARG C 263 -10.65 -9.81 19.45
C ARG C 263 -11.69 -8.91 18.78
N ARG C 264 -11.50 -7.60 18.90
CA ARG C 264 -12.28 -6.62 18.17
C ARG C 264 -11.53 -6.23 16.90
N PRO C 265 -12.17 -6.18 15.73
CA PRO C 265 -11.42 -5.96 14.50
C PRO C 265 -10.89 -4.53 14.41
N PRO C 266 -9.70 -4.36 13.86
CA PRO C 266 -9.14 -3.01 13.69
C PRO C 266 -9.80 -2.24 12.56
N GLY C 267 -9.73 -0.92 12.68
CA GLY C 267 -10.17 -0.03 11.62
C GLY C 267 -9.03 0.69 10.94
N ARG C 268 -9.19 2.00 10.74
CA ARG C 268 -8.20 2.79 10.01
C ARG C 268 -6.87 2.88 10.74
N GLU C 269 -5.78 2.80 9.98
CA GLU C 269 -4.41 2.66 10.49
C GLU C 269 -4.30 1.55 11.54
N ALA C 270 -5.14 0.53 11.42
CA ALA C 270 -5.27 -0.57 12.38
C ALA C 270 -5.69 -0.13 13.78
N TYR C 271 -5.99 1.14 14.02
CA TYR C 271 -6.60 1.48 15.30
C TYR C 271 -8.06 1.02 15.32
N PRO C 272 -8.60 0.74 16.50
CA PRO C 272 -10.03 0.43 16.59
C PRO C 272 -10.89 1.61 16.17
N GLY C 273 -12.09 1.31 15.68
CA GLY C 273 -12.94 2.35 15.12
C GLY C 273 -13.32 3.43 16.12
N ASP C 274 -13.53 3.05 17.38
CA ASP C 274 -13.86 3.98 18.45
C ASP C 274 -12.63 4.60 19.13
N VAL C 275 -11.47 4.56 18.49
CA VAL C 275 -10.31 5.28 19.01
C VAL C 275 -10.58 6.78 19.07
N PHE C 276 -11.45 7.28 18.21
CA PHE C 276 -11.91 8.66 18.36
C PHE C 276 -12.71 8.83 19.65
N TYR C 277 -13.69 7.95 19.87
CA TYR C 277 -14.54 8.08 21.05
C TYR C 277 -13.74 7.97 22.33
N LEU C 278 -12.66 7.19 22.32
CA LEU C 278 -11.77 7.13 23.46
C LEU C 278 -11.20 8.49 23.83
N HIS C 279 -10.65 9.22 22.86
CA HIS C 279 -10.11 10.55 23.15
C HIS C 279 -11.19 11.62 23.33
N SER C 280 -12.28 11.55 22.57
CA SER C 280 -13.26 12.63 22.63
C SER C 280 -13.99 12.65 23.97
N ARG C 281 -14.39 11.49 24.45
CA ARG C 281 -15.06 11.46 25.75
C ARG C 281 -14.10 11.78 26.87
N LEU C 282 -12.80 11.57 26.65
CA LEU C 282 -11.82 12.05 27.60
C LEU C 282 -11.78 13.59 27.58
N LEU C 283 -11.54 14.17 26.40
CA LEU C 283 -11.22 15.59 26.35
C LEU C 283 -12.43 16.47 26.58
N GLU C 284 -13.63 16.01 26.22
CA GLU C 284 -14.82 16.77 26.55
C GLU C 284 -14.98 17.00 28.05
N ARG C 285 -14.24 16.28 28.90
CA ARG C 285 -14.34 16.52 30.34
C ARG C 285 -13.62 17.79 30.80
N ALA C 286 -12.67 18.30 30.03
CA ALA C 286 -12.15 19.65 30.26
C ALA C 286 -13.19 20.71 29.91
N ALA C 287 -13.46 21.60 30.88
CA ALA C 287 -14.58 22.52 30.77
C ALA C 287 -14.35 23.70 31.70
N LYS C 288 -15.04 24.80 31.41
CA LYS C 288 -15.24 25.91 32.35
C LYS C 288 -16.71 25.92 32.74
N LEU C 289 -16.98 25.83 34.05
CA LEU C 289 -18.34 25.81 34.55
C LEU C 289 -18.90 27.21 34.77
N SER C 290 -20.23 27.28 34.75
CA SER C 290 -20.98 28.51 35.04
C SER C 290 -20.99 28.79 36.54
N GLU C 291 -21.35 30.03 36.88
CA GLU C 291 -21.40 30.44 38.27
C GLU C 291 -22.37 29.58 39.08
N LYS C 292 -23.49 29.17 38.46
CA LYS C 292 -24.42 28.28 39.13
C LYS C 292 -23.76 26.94 39.47
N GLU C 293 -22.86 26.48 38.62
CA GLU C 293 -22.09 25.26 38.85
C GLU C 293 -20.81 25.51 39.63
N GLY C 294 -20.63 26.70 40.19
CA GLY C 294 -19.52 27.00 41.07
C GLY C 294 -18.26 27.50 40.40
N SER C 295 -18.31 27.89 39.13
CA SER C 295 -17.24 28.61 38.44
C SER C 295 -15.96 27.81 38.24
N GLY C 296 -15.89 26.55 38.66
CA GLY C 296 -14.64 25.83 38.55
C GLY C 296 -14.26 25.55 37.11
N SER C 297 -13.05 25.04 36.93
CA SER C 297 -12.52 24.79 35.59
C SER C 297 -11.59 23.59 35.61
N LEU C 298 -11.51 22.89 34.49
CA LEU C 298 -10.44 21.94 34.21
C LEU C 298 -9.87 22.22 32.83
N THR C 299 -8.56 22.46 32.75
CA THR C 299 -7.88 22.73 31.49
C THR C 299 -7.04 21.53 31.09
N ALA C 300 -7.12 21.14 29.82
CA ALA C 300 -6.38 19.98 29.32
C ALA C 300 -5.31 20.42 28.33
N LEU C 301 -4.13 19.79 28.43
CA LEU C 301 -3.05 19.92 27.45
C LEU C 301 -2.65 18.54 26.94
N PRO C 302 -3.42 17.94 26.05
CA PRO C 302 -2.99 16.66 25.46
C PRO C 302 -1.73 16.85 24.62
N VAL C 303 -0.85 15.85 24.67
CA VAL C 303 0.35 15.80 23.84
C VAL C 303 0.19 14.71 22.78
N ILE C 304 0.56 15.04 21.55
CA ILE C 304 0.58 14.09 20.44
C ILE C 304 1.96 14.08 19.78
N GLU C 305 2.45 12.88 19.49
CA GLU C 305 3.65 12.68 18.68
C GLU C 305 3.27 12.52 17.22
N THR C 306 3.66 13.48 16.39
CA THR C 306 3.59 13.32 14.96
C THR C 306 4.77 12.47 14.47
N GLN C 307 4.58 11.83 13.32
CA GLN C 307 5.66 11.14 12.63
C GLN C 307 6.07 11.99 11.43
N GLY C 308 7.33 12.41 11.42
CA GLY C 308 7.81 13.28 10.37
C GLY C 308 7.01 14.56 10.23
N GLY C 309 6.45 15.06 11.33
CA GLY C 309 5.64 16.25 11.27
C GLY C 309 4.30 16.09 10.58
N ASP C 310 3.90 14.86 10.26
CA ASP C 310 2.69 14.61 9.51
C ASP C 310 1.46 14.83 10.38
N VAL C 311 0.93 16.05 10.36
CA VAL C 311 -0.32 16.35 11.07
C VAL C 311 -1.56 15.80 10.37
N SER C 312 -1.41 15.25 9.16
CA SER C 312 -2.52 14.65 8.44
C SER C 312 -2.82 13.22 8.89
N ALA C 313 -1.90 12.60 9.63
CA ALA C 313 -2.12 11.25 10.13
C ALA C 313 -3.37 11.17 11.01
N TYR C 314 -3.92 9.95 11.07
CA TYR C 314 -5.28 9.72 11.59
C TYR C 314 -5.45 10.20 13.02
N ILE C 315 -4.56 9.79 13.92
CA ILE C 315 -4.66 10.17 15.34
C ILE C 315 -4.39 11.66 15.55
N PRO C 316 -3.37 12.24 14.90
CA PRO C 316 -3.22 13.70 14.97
C PRO C 316 -4.47 14.45 14.55
N THR C 317 -5.06 14.12 13.41
CA THR C 317 -6.22 14.88 12.94
C THR C 317 -7.46 14.61 13.78
N ASN C 318 -7.58 13.39 14.32
CA ASN C 318 -8.63 13.12 15.30
C ASN C 318 -8.52 14.05 16.49
N VAL C 319 -7.34 14.13 17.10
CA VAL C 319 -7.20 14.96 18.30
C VAL C 319 -7.32 16.44 17.97
N ILE C 320 -6.77 16.87 16.83
CA ILE C 320 -6.98 18.25 16.37
C ILE C 320 -8.46 18.56 16.23
N SER C 321 -9.26 17.59 15.80
CA SER C 321 -10.70 17.82 15.74
C SER C 321 -11.38 17.81 17.11
N ILE C 322 -10.67 17.85 18.25
CA ILE C 322 -11.30 17.85 19.56
C ILE C 322 -10.82 19.00 20.45
N THR C 323 -9.62 19.51 20.20
CA THR C 323 -8.82 20.14 21.24
C THR C 323 -8.88 21.67 21.25
N ASP C 324 -9.86 22.29 20.59
CA ASP C 324 -9.99 23.75 20.63
C ASP C 324 -8.75 24.48 20.14
N GLY C 325 -7.90 23.84 19.33
CA GLY C 325 -6.66 24.44 18.89
C GLY C 325 -5.48 23.54 19.17
N GLN C 326 -4.31 24.02 18.75
CA GLN C 326 -3.07 23.31 19.03
C GLN C 326 -1.90 24.27 19.11
N ILE C 327 -0.90 23.87 19.90
CA ILE C 327 0.47 24.39 19.77
C ILE C 327 1.24 23.37 18.96
N PHE C 328 1.78 23.81 17.82
CA PHE C 328 2.60 22.95 16.97
C PHE C 328 4.07 23.31 17.13
N LEU C 329 4.87 22.31 17.49
CA LEU C 329 6.29 22.44 17.78
C LEU C 329 7.07 21.86 16.61
N GLU C 330 7.94 22.65 15.99
CA GLU C 330 8.54 22.34 14.71
C GLU C 330 9.99 21.91 14.90
N ALA C 331 10.32 20.73 14.35
CA ALA C 331 11.68 20.20 14.41
C ALA C 331 12.70 21.11 13.76
N GLU C 332 12.35 21.72 12.63
CA GLU C 332 13.26 22.64 11.96
C GLU C 332 13.62 23.83 12.84
N LEU C 333 12.64 24.42 13.52
CA LEU C 333 12.94 25.51 14.44
C LEU C 333 13.72 25.01 15.66
N PHE C 334 13.36 23.84 16.18
CA PHE C 334 14.02 23.33 17.39
C PHE C 334 15.48 23.02 17.15
N TYR C 335 15.80 22.31 16.06
CA TYR C 335 17.18 21.99 15.73
C TYR C 335 17.95 23.17 15.15
N LYS C 336 17.28 24.19 14.66
CA LYS C 336 17.89 25.49 14.45
C LYS C 336 18.08 26.28 15.73
N GLY C 337 17.76 25.70 16.88
CA GLY C 337 18.00 26.33 18.17
C GLY C 337 17.01 27.41 18.54
N ILE C 338 15.90 27.55 17.81
CA ILE C 338 14.81 28.44 18.19
C ILE C 338 13.89 27.63 19.09
N ARG C 339 14.13 27.70 20.39
CA ARG C 339 13.35 26.97 21.38
C ARG C 339 12.57 27.94 22.25
N PRO C 340 11.27 27.72 22.47
CA PRO C 340 10.51 26.47 22.37
C PRO C 340 10.06 26.03 20.98
N ALA C 341 10.47 26.65 19.87
CA ALA C 341 10.24 26.13 18.53
C ALA C 341 8.76 26.14 18.15
N ILE C 342 7.94 26.98 18.76
CA ILE C 342 6.53 27.06 18.41
C ILE C 342 6.39 27.68 17.03
N ASN C 343 5.83 26.92 16.10
CA ASN C 343 5.48 27.45 14.79
C ASN C 343 4.29 28.38 14.93
N VAL C 344 4.51 29.67 14.65
CA VAL C 344 3.49 30.68 14.86
C VAL C 344 2.38 30.63 13.82
N GLY C 345 2.65 30.04 12.65
CA GLY C 345 1.62 29.89 11.64
C GLY C 345 0.62 28.78 11.91
N LEU C 346 1.10 27.60 12.29
CA LEU C 346 0.23 26.45 12.48
C LEU C 346 -0.37 26.35 13.87
N SER C 347 0.19 27.06 14.85
CA SER C 347 -0.41 27.13 16.18
C SER C 347 -1.52 28.17 16.20
N VAL C 348 -2.68 27.79 16.72
CA VAL C 348 -3.77 28.74 16.94
C VAL C 348 -4.57 28.32 18.15
N SER C 349 -5.01 29.30 18.94
CA SER C 349 -5.92 29.09 20.06
C SER C 349 -7.30 29.57 19.64
N ARG C 350 -8.26 28.64 19.56
CA ARG C 350 -9.58 28.97 19.03
C ARG C 350 -10.43 29.75 20.01
N VAL C 351 -10.14 29.69 21.30
CA VAL C 351 -10.97 30.35 22.30
C VAL C 351 -10.19 31.19 23.30
N GLY C 352 -8.88 31.00 23.45
CA GLY C 352 -8.11 31.68 24.48
C GLY C 352 -7.82 33.13 24.21
N SER C 353 -8.10 33.63 23.00
CA SER C 353 -7.95 35.06 22.74
C SER C 353 -8.93 35.88 23.57
N ALA C 354 -10.10 35.33 23.89
CA ALA C 354 -11.00 35.97 24.84
C ALA C 354 -10.44 35.99 26.25
N ALA C 355 -9.48 35.12 26.55
CA ALA C 355 -8.94 34.97 27.89
C ALA C 355 -7.52 35.50 28.04
N GLN C 356 -6.94 36.03 26.98
CA GLN C 356 -5.61 36.61 27.08
C GLN C 356 -5.60 37.81 28.03
N VAL C 357 -4.46 37.99 28.71
CA VAL C 357 -4.26 39.19 29.53
C VAL C 357 -4.34 40.42 28.65
N LYS C 358 -5.16 41.39 29.08
CA LYS C 358 -5.46 42.53 28.21
C LYS C 358 -4.22 43.36 27.88
N ALA C 359 -3.37 43.62 28.87
CA ALA C 359 -2.14 44.36 28.59
C ALA C 359 -1.28 43.67 27.53
N LEU C 360 -1.22 42.33 27.57
CA LEU C 360 -0.43 41.60 26.60
C LEU C 360 -1.10 41.60 25.22
N LYS C 361 -2.43 41.59 25.17
CA LYS C 361 -3.12 41.80 23.91
C LYS C 361 -2.87 43.19 23.34
N GLN C 362 -2.93 44.21 24.19
CA GLN C 362 -2.71 45.58 23.76
C GLN C 362 -1.32 45.76 23.16
N VAL C 363 -0.29 45.24 23.83
CA VAL C 363 1.07 45.38 23.31
C VAL C 363 1.34 44.45 22.13
N ALA C 364 0.81 43.22 22.15
CA ALA C 364 1.10 42.28 21.06
C ALA C 364 0.44 42.71 19.75
N GLY C 365 -0.83 43.10 19.81
CA GLY C 365 -1.56 43.47 18.61
C GLY C 365 -1.51 42.47 17.48
N SER C 366 -1.01 42.88 16.31
CA SER C 366 -0.92 42.05 15.12
C SER C 366 0.24 41.06 15.15
N LEU C 367 1.02 41.01 16.23
CA LEU C 367 2.29 40.29 16.24
C LEU C 367 2.16 38.86 15.74
N LYS C 368 1.08 38.18 16.12
CA LYS C 368 0.82 36.82 15.67
C LYS C 368 0.81 36.70 14.15
N LEU C 369 0.12 37.62 13.46
CA LEU C 369 0.11 37.62 12.00
C LEU C 369 1.43 38.11 11.42
N PHE C 370 2.01 39.13 12.04
CA PHE C 370 3.28 39.70 11.57
C PHE C 370 4.39 38.65 11.53
N LEU C 371 4.48 37.79 12.54
CA LEU C 371 5.51 36.75 12.52
C LEU C 371 5.32 35.75 11.39
N ALA C 372 4.08 35.40 11.04
CA ALA C 372 3.85 34.55 9.88
C ALA C 372 4.22 35.25 8.58
N GLN C 373 3.90 36.54 8.45
CA GLN C 373 4.35 37.31 7.29
C GLN C 373 5.87 37.34 7.20
N TYR C 374 6.53 37.61 8.32
CA TYR C 374 7.98 37.55 8.37
C TYR C 374 8.50 36.20 7.92
N ARG C 375 7.87 35.11 8.37
CA ARG C 375 8.36 33.79 8.00
C ARG C 375 8.24 33.52 6.51
N GLU C 376 7.16 33.98 5.89
CA GLU C 376 7.06 33.91 4.42
C GLU C 376 8.12 34.74 3.73
N VAL C 377 8.28 36.00 4.17
CA VAL C 377 9.30 36.87 3.61
C VAL C 377 10.69 36.26 3.74
N ALA C 378 11.02 35.74 4.92
CA ALA C 378 12.31 35.08 5.11
C ALA C 378 12.48 33.86 4.20
N ALA C 379 11.42 33.08 4.01
CA ALA C 379 11.49 31.95 3.09
C ALA C 379 11.71 32.38 1.64
N PHE C 380 11.37 33.62 1.29
CA PHE C 380 11.73 34.11 -0.04
C PHE C 380 13.09 34.81 -0.07
N ALA C 381 13.41 35.56 0.97
CA ALA C 381 14.69 36.29 1.06
C ALA C 381 15.88 35.36 1.14
N GLN C 382 15.71 34.15 1.69
CA GLN C 382 16.83 33.21 1.69
C GLN C 382 17.28 32.84 0.27
N PHE C 383 16.48 33.14 -0.74
CA PHE C 383 16.95 32.98 -2.12
C PHE C 383 17.99 34.00 -2.52
N GLY C 384 18.22 35.03 -1.71
CA GLY C 384 19.23 36.02 -1.99
C GLY C 384 18.84 37.06 -3.02
N SER C 385 17.55 37.16 -3.35
CA SER C 385 17.06 38.21 -4.23
C SER C 385 17.19 39.57 -3.55
N ASP C 386 16.94 40.62 -4.33
CA ASP C 386 16.94 41.98 -3.80
C ASP C 386 15.82 42.15 -2.77
N LEU C 387 16.16 42.75 -1.64
CA LEU C 387 15.32 42.81 -0.46
C LEU C 387 14.79 44.22 -0.20
N ASP C 388 14.73 45.04 -1.24
CA ASP C 388 14.45 46.46 -1.09
C ASP C 388 13.13 46.76 -0.36
N ALA C 389 13.10 47.95 0.20
CA ALA C 389 11.99 48.61 0.93
C ALA C 389 11.51 47.76 2.10
N SER C 390 10.21 47.49 2.22
CA SER C 390 9.66 46.87 3.43
C SER C 390 10.21 45.48 3.66
N THR C 391 10.62 44.80 2.60
CA THR C 391 11.21 43.47 2.75
C THR C 391 12.43 43.54 3.66
N LYS C 392 13.31 44.51 3.44
CA LYS C 392 14.42 44.69 4.36
C LYS C 392 13.95 44.98 5.78
N GLN C 393 13.01 45.92 5.92
CA GLN C 393 12.53 46.31 7.25
C GLN C 393 11.84 45.16 7.96
N THR C 394 11.02 44.41 7.24
CA THR C 394 10.32 43.29 7.85
C THR C 394 11.29 42.16 8.18
N LEU C 395 12.34 41.99 7.39
CA LEU C 395 13.38 41.06 7.79
C LEU C 395 14.09 41.50 9.06
N VAL C 396 14.42 42.78 9.22
CA VAL C 396 15.08 43.20 10.46
C VAL C 396 14.22 42.96 11.69
N ARG C 397 12.98 43.46 11.69
CA ARG C 397 12.18 43.33 12.90
C ARG C 397 11.78 41.90 13.16
N GLY C 398 11.47 41.17 12.09
CA GLY C 398 11.10 39.78 12.26
C GLY C 398 12.23 38.95 12.82
N GLU C 399 13.46 39.24 12.43
CA GLU C 399 14.56 38.55 13.07
C GLU C 399 14.67 38.87 14.56
N ARG C 400 14.61 40.16 14.91
CA ARG C 400 14.76 40.53 16.32
C ARG C 400 13.61 40.02 17.17
N LEU C 401 12.40 40.04 16.64
CA LEU C 401 11.29 39.45 17.38
C LEU C 401 11.49 37.96 17.55
N THR C 402 11.92 37.26 16.50
CA THR C 402 12.17 35.84 16.67
C THR C 402 13.24 35.60 17.73
N GLN C 403 14.30 36.42 17.73
CA GLN C 403 15.33 36.31 18.76
C GLN C 403 14.79 36.69 20.12
N LEU C 404 13.74 37.51 20.18
CA LEU C 404 13.12 37.86 21.44
C LEU C 404 12.20 36.76 21.96
N LEU C 405 11.64 35.92 21.09
CA LEU C 405 10.71 34.88 21.57
C LEU C 405 11.39 33.65 22.16
N LYS C 406 12.59 33.27 21.72
CA LYS C 406 13.26 32.14 22.33
C LYS C 406 13.52 32.38 23.82
N GLN C 407 13.50 31.29 24.59
CA GLN C 407 13.42 31.35 26.04
C GLN C 407 14.10 30.13 26.64
N ASN C 408 14.76 30.33 27.78
CA ASN C 408 15.41 29.23 28.48
C ASN C 408 14.40 28.32 29.17
N GLN C 409 14.67 27.01 29.13
CA GLN C 409 13.87 26.03 29.83
C GLN C 409 13.85 26.29 31.34
N TYR C 410 12.72 25.96 31.97
CA TYR C 410 12.52 26.17 33.41
C TYR C 410 12.73 27.62 33.84
N SER C 411 12.45 28.58 32.96
CA SER C 411 12.52 30.00 33.30
C SER C 411 11.30 30.70 32.71
N PRO C 412 10.11 30.43 33.25
CA PRO C 412 8.92 31.15 32.78
C PRO C 412 8.88 32.59 33.30
N LEU C 413 8.44 33.49 32.43
CA LEU C 413 8.40 34.91 32.73
C LEU C 413 7.05 35.32 33.31
N ALA C 414 7.08 36.26 34.26
CA ALA C 414 5.85 36.91 34.69
C ALA C 414 5.27 37.74 33.55
N THR C 415 3.94 37.87 33.56
CA THR C 415 3.29 38.64 32.50
C THR C 415 3.70 40.11 32.53
N GLU C 416 3.93 40.65 33.73
CA GLU C 416 4.45 42.01 33.87
C GLU C 416 5.81 42.19 33.21
N GLU C 417 6.53 41.10 32.99
CA GLU C 417 7.84 41.14 32.34
C GLU C 417 7.76 40.84 30.85
N GLN C 418 6.75 40.07 30.43
CA GLN C 418 6.51 39.89 29.00
C GLN C 418 5.96 41.15 28.36
N VAL C 419 5.09 41.88 29.08
CA VAL C 419 4.47 43.07 28.49
C VAL C 419 5.50 44.10 28.03
N PRO C 420 6.49 44.49 28.84
CA PRO C 420 7.52 45.41 28.32
C PRO C 420 8.39 44.82 27.22
N LEU C 421 8.70 43.54 27.27
CA LEU C 421 9.47 42.91 26.19
C LEU C 421 8.71 42.94 24.87
N ILE C 422 7.45 42.50 24.89
CA ILE C 422 6.65 42.50 23.67
C ILE C 422 6.37 43.92 23.19
N TYR C 423 6.19 44.87 24.11
CA TYR C 423 6.09 46.28 23.70
C TYR C 423 7.34 46.75 22.97
N ALA C 424 8.52 46.51 23.55
CA ALA C 424 9.75 46.98 22.94
C ALA C 424 10.00 46.31 21.60
N GLY C 425 9.66 45.02 21.48
CA GLY C 425 9.82 44.34 20.21
C GLY C 425 8.86 44.83 19.13
N VAL C 426 7.57 44.91 19.46
CA VAL C 426 6.56 45.27 18.47
C VAL C 426 6.76 46.69 17.96
N ASN C 427 7.06 47.63 18.86
CA ASN C 427 7.28 49.01 18.46
C ASN C 427 8.64 49.28 17.82
N GLY C 428 9.43 48.24 17.54
CA GLY C 428 10.63 48.41 16.75
C GLY C 428 11.79 49.08 17.44
N HIS C 429 11.74 49.25 18.77
CA HIS C 429 12.89 49.80 19.47
C HIS C 429 14.12 48.90 19.34
N LEU C 430 13.91 47.60 19.14
CA LEU C 430 15.00 46.66 18.92
C LEU C 430 15.60 46.73 17.52
N ASP C 431 15.03 47.51 16.61
CA ASP C 431 15.63 47.65 15.28
C ASP C 431 17.03 48.25 15.34
N GLY C 432 17.37 48.97 16.41
CA GLY C 432 18.71 49.50 16.59
C GLY C 432 19.68 48.59 17.30
N ILE C 433 19.21 47.46 17.82
CA ILE C 433 20.04 46.55 18.62
C ILE C 433 20.43 45.37 17.74
N GLU C 434 21.73 45.04 17.74
CA GLU C 434 22.21 43.93 16.93
C GLU C 434 21.74 42.60 17.48
N LEU C 435 21.53 41.65 16.56
CA LEU C 435 20.78 40.43 16.86
C LEU C 435 21.44 39.57 17.93
N SER C 436 22.77 39.65 18.07
CA SER C 436 23.46 38.90 19.12
C SER C 436 23.19 39.43 20.53
N ARG C 437 22.75 40.67 20.69
CA ARG C 437 22.54 41.26 22.00
C ARG C 437 21.10 41.20 22.50
N ILE C 438 20.17 40.62 21.73
CA ILE C 438 18.77 40.71 22.12
C ILE C 438 18.50 39.96 23.42
N GLY C 439 19.17 38.84 23.65
CA GLY C 439 19.05 38.19 24.94
C GLY C 439 19.58 39.06 26.07
N GLU C 440 20.72 39.70 25.84
CA GLU C 440 21.22 40.66 26.81
C GLU C 440 20.20 41.77 27.03
N PHE C 441 19.56 42.22 25.96
CA PHE C 441 18.54 43.25 26.11
C PHE C 441 17.47 42.79 27.09
N GLU C 442 16.94 41.59 26.90
CA GLU C 442 15.92 41.11 27.82
C GLU C 442 16.43 41.13 29.26
N SER C 443 17.64 40.63 29.50
CA SER C 443 18.12 40.48 30.87
C SER C 443 18.35 41.82 31.56
N SER C 444 19.04 42.73 30.89
CA SER C 444 19.30 44.06 31.45
C SER C 444 18.06 44.96 31.46
N PHE C 445 17.20 44.88 30.45
CA PHE C 445 16.02 45.74 30.44
C PHE C 445 15.06 45.41 31.55
N LEU C 446 14.79 44.12 31.78
CA LEU C 446 13.98 43.77 32.93
C LEU C 446 14.68 44.14 34.23
N SER C 447 16.01 44.07 34.25
CA SER C 447 16.75 44.57 35.40
C SER C 447 16.55 46.07 35.58
N TYR C 448 16.59 46.83 34.48
CA TYR C 448 16.30 48.26 34.58
C TYR C 448 14.86 48.54 35.01
N LEU C 449 13.89 47.91 34.34
CA LEU C 449 12.49 48.14 34.70
C LEU C 449 12.23 47.73 36.15
N LYS C 450 12.78 46.60 36.56
CA LYS C 450 12.52 46.11 37.90
C LYS C 450 13.28 46.95 38.94
N SER C 451 14.40 47.55 38.55
CA SER C 451 15.08 48.46 39.46
C SER C 451 14.41 49.83 39.53
N ASN C 452 14.23 50.48 38.37
CA ASN C 452 13.86 51.88 38.30
C ASN C 452 12.38 52.14 38.08
N HIS C 453 11.66 51.20 37.45
CA HIS C 453 10.27 51.41 37.05
C HIS C 453 9.33 50.37 37.66
N ASN C 454 9.67 49.88 38.86
CA ASN C 454 8.87 48.86 39.52
C ASN C 454 7.42 49.28 39.70
N GLU C 455 7.17 50.58 39.82
CA GLU C 455 5.80 51.11 39.81
C GLU C 455 5.02 50.67 38.57
N LEU C 456 5.65 50.78 37.39
CA LEU C 456 4.99 50.33 36.17
C LEU C 456 4.68 48.84 36.22
N LEU C 457 5.66 48.02 36.62
CA LEU C 457 5.44 46.58 36.63
C LEU C 457 4.39 46.15 37.65
N THR C 458 4.35 46.81 38.81
CA THR C 458 3.29 46.52 39.78
C THR C 458 1.91 46.92 39.25
N GLU C 459 1.80 48.07 38.60
CA GLU C 459 0.51 48.46 38.04
C GLU C 459 0.07 47.52 36.91
N ILE C 460 0.99 47.12 36.05
CA ILE C 460 0.68 46.12 35.03
C ILE C 460 0.23 44.80 35.67
N ARG C 461 0.93 44.35 36.70
CA ARG C 461 0.56 43.10 37.36
C ARG C 461 -0.82 43.19 38.01
N GLU C 462 -1.06 44.23 38.80
CA GLU C 462 -2.30 44.28 39.58
C GLU C 462 -3.50 44.64 38.72
N LYS C 463 -3.32 45.50 37.71
CA LYS C 463 -4.42 45.90 36.84
C LYS C 463 -4.61 44.97 35.65
N GLY C 464 -3.55 44.33 35.18
CA GLY C 464 -3.65 43.51 33.98
C GLY C 464 -3.92 44.28 32.71
N GLU C 465 -3.80 45.61 32.76
CA GLU C 465 -4.30 46.47 31.69
C GLU C 465 -3.44 47.73 31.65
N LEU C 466 -3.27 48.27 30.45
CA LEU C 466 -2.57 49.54 30.27
C LEU C 466 -3.57 50.67 30.05
N SER C 467 -3.47 51.72 30.87
CA SER C 467 -4.03 53.01 30.52
C SER C 467 -3.12 53.72 29.52
N LYS C 468 -3.66 54.77 28.90
CA LYS C 468 -2.85 55.57 27.97
C LYS C 468 -1.68 56.23 28.69
N GLU C 469 -1.86 56.61 29.95
CA GLU C 469 -0.76 57.15 30.74
C GLU C 469 0.25 56.07 31.09
N LEU C 470 -0.24 54.89 31.46
CA LEU C 470 0.65 53.77 31.77
C LEU C 470 1.42 53.32 30.52
N LEU C 471 0.74 53.26 29.38
CA LEU C 471 1.41 52.94 28.12
C LEU C 471 2.44 54.01 27.75
N ALA C 472 2.11 55.29 27.94
CA ALA C 472 3.10 56.35 27.69
C ALA C 472 4.31 56.24 28.62
N SER C 473 4.09 55.86 29.88
CA SER C 473 5.22 55.67 30.79
C SER C 473 6.08 54.48 30.38
N LEU C 474 5.47 53.38 29.95
CA LEU C 474 6.23 52.27 29.41
C LEU C 474 7.00 52.65 28.15
N LYS C 475 6.42 53.53 27.32
CA LYS C 475 7.14 54.07 26.18
C LYS C 475 8.38 54.85 26.63
N SER C 476 8.21 55.78 27.57
CA SER C 476 9.35 56.56 28.03
C SER C 476 10.45 55.69 28.64
N ALA C 477 10.07 54.70 29.44
CA ALA C 477 11.05 53.75 29.97
C ALA C 477 11.79 53.00 28.88
N THR C 478 11.06 52.50 27.87
CA THR C 478 11.70 51.74 26.80
C THR C 478 12.65 52.62 25.99
N GLU C 479 12.19 53.82 25.63
CA GLU C 479 13.01 54.75 24.86
C GLU C 479 14.26 55.15 25.63
N SER C 480 14.13 55.49 26.91
CA SER C 480 15.29 55.79 27.74
C SER C 480 16.28 54.63 27.79
N PHE C 481 15.80 53.41 28.03
CA PHE C 481 16.74 52.29 28.13
C PHE C 481 17.45 52.06 26.80
N VAL C 482 16.69 51.99 25.69
CA VAL C 482 17.33 51.77 24.40
C VAL C 482 18.29 52.91 24.06
N ALA C 483 17.99 54.13 24.51
CA ALA C 483 18.95 55.21 24.38
C ALA C 483 20.24 54.91 25.14
N THR C 484 20.13 54.30 26.33
CA THR C 484 21.32 53.99 27.09
C THR C 484 21.96 52.67 26.65
N PHE C 485 21.17 51.70 26.21
CA PHE C 485 21.69 50.37 25.90
C PHE C 485 22.54 50.42 24.62
N PRO D 1 -25.55 -46.65 -9.43
CA PRO D 1 -24.46 -45.66 -9.44
C PRO D 1 -24.36 -44.85 -8.15
N ILE D 2 -23.22 -44.22 -7.93
CA ILE D 2 -23.04 -43.29 -6.83
C ILE D 2 -23.80 -42.01 -7.14
N THR D 3 -24.71 -41.63 -6.22
CA THR D 3 -25.60 -40.50 -6.43
C THR D 3 -25.85 -39.83 -5.08
N GLY D 4 -26.12 -38.53 -5.11
CA GLY D 4 -26.15 -37.75 -3.90
C GLY D 4 -27.02 -36.53 -4.04
N LYS D 5 -27.57 -36.07 -2.93
CA LYS D 5 -28.42 -34.87 -2.97
C LYS D 5 -27.64 -33.58 -2.77
N VAL D 6 -28.09 -32.52 -3.45
CA VAL D 6 -27.64 -31.17 -3.14
C VAL D 6 -28.12 -30.78 -1.74
N THR D 7 -27.24 -30.12 -0.99
CA THR D 7 -27.54 -29.71 0.39
C THR D 7 -27.31 -28.23 0.65
N ALA D 8 -26.47 -27.56 -0.13
CA ALA D 8 -26.30 -26.11 -0.03
C ALA D 8 -25.96 -25.56 -1.40
N VAL D 9 -26.32 -24.30 -1.62
CA VAL D 9 -26.06 -23.62 -2.88
C VAL D 9 -25.74 -22.16 -2.56
N ILE D 10 -24.49 -21.77 -2.78
CA ILE D 10 -24.00 -20.45 -2.37
C ILE D 10 -23.20 -19.87 -3.52
N GLY D 11 -23.88 -19.16 -4.41
CA GLY D 11 -23.25 -18.73 -5.64
C GLY D 11 -22.80 -19.91 -6.48
N ALA D 12 -21.56 -19.84 -6.97
CA ALA D 12 -20.97 -20.92 -7.75
C ALA D 12 -20.54 -22.13 -6.91
N ILE D 13 -20.72 -22.11 -5.59
CA ILE D 13 -20.29 -23.19 -4.72
C ILE D 13 -21.50 -24.01 -4.30
N VAL D 14 -21.40 -25.33 -4.46
CA VAL D 14 -22.50 -26.24 -4.16
C VAL D 14 -21.96 -27.37 -3.29
N ASP D 15 -22.68 -27.71 -2.23
CA ASP D 15 -22.34 -28.82 -1.36
C ASP D 15 -23.27 -30.00 -1.62
N VAL D 16 -22.69 -31.19 -1.75
CA VAL D 16 -23.44 -32.38 -2.15
C VAL D 16 -23.18 -33.47 -1.11
N HIS D 17 -24.23 -34.18 -0.73
CA HIS D 17 -24.17 -35.18 0.32
C HIS D 17 -24.41 -36.55 -0.30
N PHE D 18 -23.46 -37.45 -0.11
CA PHE D 18 -23.45 -38.80 -0.67
C PHE D 18 -23.74 -39.81 0.44
N GLU D 19 -25.03 -40.02 0.70
CA GLU D 19 -25.45 -40.95 1.75
C GLU D 19 -25.05 -42.39 1.48
N GLN D 20 -24.53 -42.69 0.28
CA GLN D 20 -24.00 -44.03 -0.01
C GLN D 20 -22.63 -44.28 0.63
N SER D 21 -21.99 -43.28 1.22
CA SER D 21 -20.67 -43.45 1.84
C SER D 21 -19.62 -43.97 0.85
N GLU D 22 -19.74 -43.58 -0.43
CA GLU D 22 -18.68 -43.78 -1.41
C GLU D 22 -18.50 -42.44 -2.11
N LEU D 23 -17.76 -41.54 -1.47
CA LEU D 23 -17.67 -40.17 -1.96
C LEU D 23 -16.87 -40.11 -3.27
N PRO D 24 -17.22 -39.18 -4.16
CA PRO D 24 -16.36 -38.92 -5.33
C PRO D 24 -15.02 -38.34 -4.93
N ALA D 25 -13.97 -38.76 -5.62
CA ALA D 25 -12.64 -38.24 -5.36
C ALA D 25 -12.60 -36.75 -5.71
N ILE D 26 -11.63 -36.05 -5.13
CA ILE D 26 -11.41 -34.65 -5.48
C ILE D 26 -11.10 -34.53 -6.97
N LEU D 27 -11.62 -33.47 -7.59
CA LEU D 27 -11.65 -33.23 -9.02
C LEU D 27 -12.59 -34.13 -9.83
N ASN D 28 -13.28 -35.09 -9.21
CA ASN D 28 -14.32 -35.79 -9.94
C ASN D 28 -15.37 -34.80 -10.45
N ALA D 29 -15.99 -35.16 -11.58
CA ALA D 29 -17.13 -34.43 -12.11
C ALA D 29 -18.44 -35.08 -11.72
N LEU D 30 -19.38 -34.28 -11.26
CA LEU D 30 -20.74 -34.68 -10.95
C LEU D 30 -21.67 -33.91 -11.88
N GLU D 31 -22.82 -34.48 -12.22
CA GLU D 31 -23.73 -33.82 -13.15
C GLU D 31 -25.17 -33.84 -12.65
N ILE D 32 -25.84 -32.73 -12.88
CA ILE D 32 -27.23 -32.48 -12.53
C ILE D 32 -27.98 -32.24 -13.83
N LYS D 33 -29.18 -32.82 -13.95
CA LYS D 33 -29.99 -32.60 -15.15
C LYS D 33 -30.91 -31.43 -14.90
N THR D 34 -30.47 -30.25 -15.31
CA THR D 34 -31.28 -29.04 -15.28
C THR D 34 -32.35 -29.10 -16.36
N PRO D 35 -33.36 -28.24 -16.27
CA PRO D 35 -34.41 -28.27 -17.30
C PRO D 35 -33.84 -28.06 -18.70
N GLN D 36 -32.85 -27.19 -18.84
CA GLN D 36 -32.07 -27.07 -20.07
C GLN D 36 -30.68 -27.67 -19.87
N GLY D 37 -30.26 -28.50 -20.82
CA GLY D 37 -28.93 -29.08 -20.82
C GLY D 37 -28.61 -29.85 -19.55
N LYS D 38 -27.39 -29.65 -19.06
CA LYS D 38 -26.96 -30.20 -17.77
C LYS D 38 -25.99 -29.24 -17.10
N LEU D 39 -25.94 -29.32 -15.78
CA LEU D 39 -25.00 -28.55 -14.96
C LEU D 39 -23.93 -29.50 -14.42
N VAL D 40 -22.66 -29.16 -14.65
CA VAL D 40 -21.55 -29.96 -14.16
C VAL D 40 -20.89 -29.26 -12.98
N LEU D 41 -20.64 -30.03 -11.92
CA LEU D 41 -19.94 -29.60 -10.72
C LEU D 41 -18.61 -30.35 -10.65
N GLU D 42 -17.54 -29.64 -10.32
CA GLU D 42 -16.27 -30.28 -10.05
C GLU D 42 -16.02 -30.28 -8.54
N VAL D 43 -15.67 -31.45 -8.00
CA VAL D 43 -15.44 -31.58 -6.56
C VAL D 43 -14.14 -30.88 -6.18
N ALA D 44 -14.20 -30.09 -5.12
CA ALA D 44 -13.06 -29.31 -4.66
C ALA D 44 -12.60 -29.67 -3.26
N GLN D 45 -13.50 -30.15 -2.39
CA GLN D 45 -13.12 -30.48 -1.03
C GLN D 45 -14.01 -31.60 -0.52
N HIS D 46 -13.50 -32.36 0.44
CA HIS D 46 -14.33 -33.24 1.26
C HIS D 46 -14.47 -32.61 2.63
N LEU D 47 -15.71 -32.31 3.02
CA LEU D 47 -15.97 -31.54 4.22
C LEU D 47 -16.09 -32.40 5.47
N GLY D 48 -16.31 -33.71 5.31
CA GLY D 48 -16.76 -34.55 6.39
C GLY D 48 -18.26 -34.80 6.31
N GLU D 49 -18.71 -35.74 7.15
CA GLU D 49 -20.11 -36.12 7.20
C GLU D 49 -20.65 -36.45 5.81
N ASN D 50 -19.86 -37.22 5.05
CA ASN D 50 -20.19 -37.63 3.70
C ASN D 50 -20.45 -36.47 2.74
N THR D 51 -20.07 -35.25 3.10
CA THR D 51 -20.40 -34.08 2.31
C THR D 51 -19.17 -33.59 1.56
N VAL D 52 -19.32 -33.35 0.27
CA VAL D 52 -18.27 -32.76 -0.55
C VAL D 52 -18.69 -31.34 -0.94
N ARG D 53 -17.69 -30.49 -1.16
CA ARG D 53 -17.89 -29.15 -1.67
C ARG D 53 -17.34 -29.07 -3.09
N THR D 54 -18.08 -28.39 -3.96
CA THR D 54 -17.88 -28.44 -5.40
C THR D 54 -18.06 -27.06 -5.98
N ILE D 55 -17.41 -26.81 -7.11
CA ILE D 55 -17.49 -25.54 -7.83
C ILE D 55 -18.19 -25.81 -9.16
N ALA D 56 -19.03 -24.87 -9.58
CA ALA D 56 -20.01 -25.10 -10.63
C ALA D 56 -19.47 -24.60 -11.97
N MET D 57 -19.57 -25.45 -12.99
CA MET D 57 -19.20 -25.10 -14.35
C MET D 57 -20.26 -24.29 -15.09
N ASP D 58 -21.43 -24.08 -14.49
CA ASP D 58 -22.48 -23.29 -15.12
C ASP D 58 -23.32 -22.62 -14.04
N GLY D 59 -24.19 -21.71 -14.48
CA GLY D 59 -24.98 -20.95 -13.52
C GLY D 59 -25.87 -21.83 -12.67
N THR D 60 -25.92 -21.52 -11.38
CA THR D 60 -26.62 -22.29 -10.36
C THR D 60 -28.02 -21.76 -10.06
N GLU D 61 -28.48 -20.71 -10.73
CA GLU D 61 -29.85 -20.26 -10.58
C GLU D 61 -30.82 -21.38 -10.88
N GLY D 62 -31.81 -21.57 -10.01
CA GLY D 62 -32.79 -22.63 -10.16
C GLY D 62 -32.47 -23.93 -9.46
N LEU D 63 -31.28 -24.09 -8.89
CA LEU D 63 -31.01 -25.28 -8.09
C LEU D 63 -31.84 -25.28 -6.82
N VAL D 64 -32.28 -26.47 -6.41
CA VAL D 64 -32.95 -26.69 -5.14
C VAL D 64 -32.11 -27.62 -4.28
N ARG D 65 -32.20 -27.44 -2.97
CA ARG D 65 -31.73 -28.46 -2.05
C ARG D 65 -32.51 -29.75 -2.23
N GLY D 66 -31.82 -30.88 -2.10
CA GLY D 66 -32.39 -32.17 -2.44
C GLY D 66 -32.37 -32.51 -3.91
N GLU D 67 -31.86 -31.61 -4.76
CA GLU D 67 -31.62 -31.91 -6.16
C GLU D 67 -30.62 -33.06 -6.27
N LYS D 68 -30.79 -33.88 -7.32
CA LYS D 68 -30.08 -35.14 -7.44
C LYS D 68 -28.88 -35.02 -8.35
N VAL D 69 -27.73 -35.51 -7.89
CA VAL D 69 -26.44 -35.39 -8.54
C VAL D 69 -25.95 -36.80 -8.82
N LEU D 70 -25.36 -37.01 -10.00
CA LEU D 70 -24.67 -38.25 -10.33
C LEU D 70 -23.17 -38.01 -10.30
N ASP D 71 -22.44 -38.89 -9.63
CA ASP D 71 -20.98 -38.97 -9.80
C ASP D 71 -20.66 -39.66 -11.12
N THR D 72 -19.98 -38.94 -12.02
CA THR D 72 -19.62 -39.49 -13.31
C THR D 72 -18.43 -40.44 -13.24
N GLY D 73 -17.81 -40.59 -12.07
CA GLY D 73 -16.78 -41.58 -11.85
C GLY D 73 -15.39 -41.16 -12.28
N GLY D 74 -15.19 -39.89 -12.65
CA GLY D 74 -13.88 -39.40 -13.00
C GLY D 74 -13.89 -37.89 -13.15
N PRO D 75 -12.74 -37.31 -13.49
CA PRO D 75 -12.70 -35.88 -13.81
C PRO D 75 -13.58 -35.56 -15.01
N ILE D 76 -13.73 -34.26 -15.27
CA ILE D 76 -14.34 -33.82 -16.52
C ILE D 76 -13.58 -34.47 -17.66
N SER D 77 -14.31 -35.08 -18.60
CA SER D 77 -13.68 -35.82 -19.68
C SER D 77 -14.25 -35.34 -21.01
N VAL D 78 -13.36 -35.11 -21.97
CA VAL D 78 -13.67 -34.33 -23.15
C VAL D 78 -13.38 -35.15 -24.40
N PRO D 79 -14.14 -34.98 -25.48
CA PRO D 79 -13.86 -35.74 -26.71
C PRO D 79 -12.53 -35.33 -27.31
N VAL D 80 -11.85 -36.30 -27.92
CA VAL D 80 -10.49 -36.10 -28.43
C VAL D 80 -10.38 -36.73 -29.82
N GLY D 81 -9.29 -36.38 -30.50
CA GLY D 81 -9.02 -36.84 -31.84
C GLY D 81 -9.64 -36.00 -32.94
N ARG D 82 -9.63 -36.58 -34.14
CA ARG D 82 -9.93 -35.83 -35.36
C ARG D 82 -11.27 -35.11 -35.30
N GLU D 83 -12.26 -35.73 -34.68
CA GLU D 83 -13.59 -35.14 -34.59
C GLU D 83 -13.57 -33.75 -33.95
N THR D 84 -12.59 -33.47 -33.10
CA THR D 84 -12.50 -32.13 -32.51
C THR D 84 -12.10 -31.06 -33.52
N LEU D 85 -11.34 -31.42 -34.55
CA LEU D 85 -10.88 -30.43 -35.52
C LEU D 85 -12.06 -29.74 -36.22
N GLY D 86 -11.99 -28.41 -36.26
CA GLY D 86 -13.02 -27.58 -36.89
C GLY D 86 -14.28 -27.41 -36.09
N ARG D 87 -14.28 -27.76 -34.81
CA ARG D 87 -15.46 -27.70 -33.97
C ARG D 87 -15.16 -26.87 -32.73
N ILE D 88 -16.20 -26.23 -32.19
CA ILE D 88 -16.07 -25.40 -31.00
C ILE D 88 -16.64 -26.17 -29.82
N ILE D 89 -15.86 -26.24 -28.74
CA ILE D 89 -16.17 -27.04 -27.57
C ILE D 89 -16.17 -26.13 -26.35
N ASN D 90 -17.09 -26.38 -25.42
CA ASN D 90 -17.06 -25.69 -24.13
C ASN D 90 -16.23 -26.48 -23.11
N VAL D 91 -16.12 -25.92 -21.90
CA VAL D 91 -15.30 -26.49 -20.85
C VAL D 91 -15.64 -27.96 -20.58
N ILE D 92 -16.92 -28.33 -20.64
CA ILE D 92 -17.31 -29.70 -20.32
C ILE D 92 -17.33 -30.59 -21.56
N GLY D 93 -16.80 -30.10 -22.67
CA GLY D 93 -16.71 -30.94 -23.84
C GLY D 93 -17.97 -31.09 -24.65
N GLU D 94 -18.96 -30.22 -24.44
CA GLU D 94 -20.10 -30.17 -25.32
C GLU D 94 -19.80 -29.32 -26.57
N PRO D 95 -20.34 -29.69 -27.72
CA PRO D 95 -20.28 -28.80 -28.88
C PRO D 95 -21.16 -27.58 -28.68
N ILE D 96 -20.61 -26.40 -29.04
CA ILE D 96 -21.35 -25.15 -29.02
C ILE D 96 -21.37 -24.49 -30.39
N ASP D 97 -20.98 -25.21 -31.44
CA ASP D 97 -21.11 -24.73 -32.81
C ASP D 97 -22.45 -25.10 -33.43
N GLU D 98 -23.29 -25.82 -32.69
CA GLU D 98 -24.59 -26.31 -33.13
C GLU D 98 -24.54 -27.22 -34.36
N ARG D 99 -23.39 -27.82 -34.67
CA ARG D 99 -23.33 -28.76 -35.79
C ARG D 99 -23.57 -30.20 -35.35
N GLY D 100 -24.14 -30.40 -34.16
CA GLY D 100 -24.46 -31.71 -33.64
C GLY D 100 -23.36 -32.35 -32.81
N PRO D 101 -23.57 -33.62 -32.45
CA PRO D 101 -22.60 -34.32 -31.59
C PRO D 101 -21.24 -34.50 -32.25
N ILE D 102 -20.22 -34.65 -31.39
CA ILE D 102 -18.86 -34.85 -31.86
C ILE D 102 -18.58 -36.32 -32.16
N LYS D 103 -19.29 -37.24 -31.49
CA LYS D 103 -19.29 -38.66 -31.85
C LYS D 103 -17.87 -39.22 -32.01
N SER D 104 -16.96 -38.76 -31.17
CA SER D 104 -15.64 -39.38 -31.11
C SER D 104 -15.69 -40.72 -30.37
N LYS D 105 -14.72 -41.58 -30.69
CA LYS D 105 -14.58 -42.85 -29.98
C LYS D 105 -14.11 -42.68 -28.54
N LEU D 106 -13.33 -41.64 -28.27
CA LEU D 106 -12.68 -41.48 -26.98
C LEU D 106 -13.12 -40.20 -26.29
N ARG D 107 -13.19 -40.26 -24.96
CA ARG D 107 -13.10 -39.08 -24.13
C ARG D 107 -11.92 -39.26 -23.17
N LYS D 108 -11.24 -38.16 -22.87
CA LYS D 108 -10.09 -38.20 -21.99
C LYS D 108 -10.27 -37.23 -20.83
N PRO D 109 -9.88 -37.61 -19.61
CA PRO D 109 -10.03 -36.70 -18.47
C PRO D 109 -9.06 -35.53 -18.56
N ILE D 110 -9.58 -34.34 -18.24
CA ILE D 110 -8.78 -33.13 -18.39
C ILE D 110 -7.70 -33.01 -17.30
N HIS D 111 -7.80 -33.79 -16.23
CA HIS D 111 -6.77 -33.84 -15.21
C HIS D 111 -5.91 -35.09 -15.38
N ALA D 112 -4.63 -34.88 -15.67
CA ALA D 112 -3.68 -35.96 -15.88
C ALA D 112 -2.30 -35.49 -15.45
N ASP D 113 -1.44 -36.45 -15.10
CA ASP D 113 -0.11 -36.09 -14.62
C ASP D 113 0.79 -35.65 -15.78
N PRO D 114 1.72 -34.74 -15.53
CA PRO D 114 2.80 -34.48 -16.50
C PRO D 114 3.63 -35.73 -16.78
N PRO D 115 4.32 -35.77 -17.90
CA PRO D 115 5.31 -36.84 -18.14
C PRO D 115 6.37 -36.90 -17.05
N SER D 116 6.78 -38.12 -16.71
CA SER D 116 7.76 -38.32 -15.66
C SER D 116 9.13 -37.80 -16.10
N PHE D 117 10.01 -37.58 -15.11
CA PHE D 117 11.34 -37.08 -15.38
C PHE D 117 12.10 -37.96 -16.36
N ALA D 118 11.97 -39.28 -16.25
CA ALA D 118 12.56 -40.18 -17.23
C ALA D 118 11.94 -40.02 -18.62
N GLU D 119 10.67 -39.64 -18.69
CA GLU D 119 10.02 -39.39 -19.97
C GLU D 119 10.46 -38.10 -20.65
N GLN D 120 10.96 -37.12 -19.90
CA GLN D 120 11.31 -35.85 -20.51
C GLN D 120 12.40 -36.00 -21.57
N SER D 121 12.29 -35.16 -22.60
CA SER D 121 13.36 -35.00 -23.58
C SER D 121 14.58 -34.33 -22.96
N THR D 122 15.75 -34.93 -23.19
CA THR D 122 16.99 -34.48 -22.56
C THR D 122 17.61 -33.25 -23.21
N SER D 123 17.16 -32.83 -24.40
CA SER D 123 17.77 -31.68 -25.05
C SER D 123 16.73 -30.87 -25.82
N ALA D 124 17.01 -29.58 -25.94
CA ALA D 124 16.14 -28.63 -26.62
C ALA D 124 16.21 -28.77 -28.13
N GLU D 125 15.16 -28.33 -28.81
CA GLU D 125 15.07 -28.41 -30.26
C GLU D 125 14.23 -27.24 -30.76
N ILE D 126 14.51 -26.81 -31.99
CA ILE D 126 13.82 -25.69 -32.61
C ILE D 126 12.61 -26.20 -33.37
N LEU D 127 11.44 -25.58 -33.12
CA LEU D 127 10.28 -25.68 -34.01
C LEU D 127 10.38 -24.59 -35.06
N GLU D 128 10.74 -24.97 -36.28
CA GLU D 128 10.77 -24.01 -37.37
C GLU D 128 9.35 -23.56 -37.71
N THR D 129 9.09 -22.27 -37.53
CA THR D 129 7.75 -21.71 -37.70
C THR D 129 7.43 -21.30 -39.14
N GLY D 130 8.44 -21.21 -39.99
CA GLY D 130 8.25 -20.66 -41.32
C GLY D 130 8.17 -19.16 -41.39
N ILE D 131 8.39 -18.46 -40.27
CA ILE D 131 8.31 -17.01 -40.19
C ILE D 131 9.73 -16.49 -39.98
N LYS D 132 10.21 -15.68 -40.91
CA LYS D 132 11.63 -15.33 -40.94
C LYS D 132 12.09 -14.68 -39.64
N VAL D 133 11.37 -13.67 -39.16
CA VAL D 133 11.82 -12.96 -37.97
C VAL D 133 11.78 -13.85 -36.73
N VAL D 134 10.83 -14.77 -36.67
CA VAL D 134 10.79 -15.74 -35.57
C VAL D 134 11.90 -16.76 -35.72
N ASP D 135 11.95 -17.43 -36.87
CA ASP D 135 12.92 -18.50 -37.07
C ASP D 135 14.36 -18.02 -36.99
N LEU D 136 14.63 -16.74 -37.24
CA LEU D 136 15.97 -16.19 -37.05
C LEU D 136 16.20 -15.63 -35.65
N LEU D 137 15.36 -14.70 -35.20
CA LEU D 137 15.72 -13.87 -34.07
C LEU D 137 15.09 -14.29 -32.74
N ALA D 138 14.05 -15.13 -32.76
CA ALA D 138 13.47 -15.66 -31.53
C ALA D 138 12.93 -17.06 -31.78
N PRO D 139 13.80 -18.01 -32.09
CA PRO D 139 13.33 -19.33 -32.51
C PRO D 139 12.44 -19.96 -31.46
N TYR D 140 11.34 -20.57 -31.92
CA TYR D 140 10.39 -21.20 -31.01
C TYR D 140 10.90 -22.58 -30.58
N ALA D 141 10.71 -22.88 -29.29
CA ALA D 141 11.16 -24.13 -28.71
C ALA D 141 10.13 -25.23 -29.00
N ARG D 142 10.59 -26.32 -29.62
CA ARG D 142 9.73 -27.48 -29.80
C ARG D 142 9.37 -28.08 -28.44
N GLY D 143 8.08 -28.17 -28.16
CA GLY D 143 7.61 -28.57 -26.86
C GLY D 143 7.70 -27.50 -25.80
N GLY D 144 8.02 -26.26 -26.18
CA GLY D 144 8.24 -25.18 -25.25
C GLY D 144 7.01 -24.30 -25.10
N LYS D 145 7.14 -23.33 -24.19
CA LYS D 145 6.12 -22.31 -23.97
C LYS D 145 6.62 -20.99 -24.54
N ILE D 146 5.79 -20.34 -25.33
CA ILE D 146 6.13 -19.08 -25.99
C ILE D 146 5.10 -18.03 -25.60
N GLY D 147 5.58 -16.87 -25.16
CA GLY D 147 4.70 -15.78 -24.77
C GLY D 147 4.55 -14.80 -25.92
N LEU D 148 3.33 -14.30 -26.10
CA LEU D 148 3.00 -13.38 -27.18
C LEU D 148 2.51 -12.07 -26.58
N PHE D 149 3.14 -10.96 -26.96
CA PHE D 149 2.93 -9.68 -26.30
C PHE D 149 2.48 -8.62 -27.31
N GLY D 150 1.75 -7.63 -26.80
CA GLY D 150 1.32 -6.51 -27.61
C GLY D 150 -0.11 -6.06 -27.33
N GLY D 151 -0.49 -4.91 -27.86
CA GLY D 151 -1.83 -4.41 -27.74
C GLY D 151 -2.81 -5.05 -28.70
N ALA D 152 -3.91 -4.34 -28.96
CA ALA D 152 -4.78 -4.65 -30.07
C ALA D 152 -4.20 -4.10 -31.37
N GLY D 153 -4.73 -4.61 -32.49
CA GLY D 153 -4.42 -4.09 -33.80
C GLY D 153 -3.04 -4.43 -34.31
N VAL D 154 -2.17 -5.02 -33.48
CA VAL D 154 -0.83 -5.40 -33.91
C VAL D 154 -0.83 -6.62 -34.82
N GLY D 155 -1.97 -7.28 -35.00
CA GLY D 155 -2.05 -8.40 -35.91
C GLY D 155 -1.99 -9.77 -35.27
N LYS D 156 -2.24 -9.87 -33.96
CA LYS D 156 -2.10 -11.15 -33.27
C LYS D 156 -2.88 -12.27 -33.96
N THR D 157 -4.14 -12.01 -34.32
CA THR D 157 -4.96 -13.08 -34.86
C THR D 157 -4.47 -13.58 -36.22
N VAL D 158 -3.94 -12.71 -37.06
CA VAL D 158 -3.41 -13.14 -38.35
C VAL D 158 -2.08 -13.88 -38.17
N PHE D 159 -1.28 -13.43 -37.22
CA PHE D 159 -0.06 -14.15 -36.84
C PHE D 159 -0.36 -15.56 -36.33
N ILE D 160 -1.32 -15.68 -35.40
CA ILE D 160 -1.74 -16.97 -34.89
C ILE D 160 -2.30 -17.88 -36.00
N GLN D 161 -3.11 -17.32 -36.90
CA GLN D 161 -3.61 -18.11 -38.02
C GLN D 161 -2.50 -18.56 -38.96
N GLU D 162 -1.48 -17.71 -39.16
CA GLU D 162 -0.35 -18.15 -39.96
C GLU D 162 0.51 -19.20 -39.25
N LEU D 163 0.64 -19.11 -37.93
CA LEU D 163 1.30 -20.19 -37.21
C LEU D 163 0.55 -21.51 -37.36
N ILE D 164 -0.77 -21.48 -37.22
CA ILE D 164 -1.58 -22.68 -37.43
C ILE D 164 -1.35 -23.24 -38.83
N ASN D 165 -1.44 -22.37 -39.84
CA ASN D 165 -1.25 -22.80 -41.22
C ASN D 165 0.14 -23.36 -41.47
N ASN D 166 1.17 -22.62 -41.04
CA ASN D 166 2.55 -23.04 -41.32
C ASN D 166 2.90 -24.34 -40.62
N ILE D 167 2.49 -24.52 -39.37
CA ILE D 167 2.79 -25.79 -38.70
C ILE D 167 2.01 -26.95 -39.29
N ALA D 168 0.75 -26.71 -39.71
CA ALA D 168 0.03 -27.74 -40.44
C ALA D 168 0.68 -28.12 -41.77
N LYS D 169 1.18 -27.12 -42.51
CA LYS D 169 1.84 -27.41 -43.79
C LYS D 169 3.22 -28.05 -43.62
N ALA D 170 4.06 -27.48 -42.78
CA ALA D 170 5.45 -27.93 -42.66
C ALA D 170 5.62 -29.15 -41.78
N HIS D 171 4.78 -29.34 -40.77
CA HIS D 171 4.95 -30.45 -39.83
C HIS D 171 3.79 -31.43 -39.84
N GLY D 172 2.69 -31.13 -40.51
CA GLY D 172 1.53 -31.99 -40.50
C GLY D 172 0.75 -32.02 -39.20
N GLY D 173 1.22 -31.32 -38.16
CA GLY D 173 0.53 -31.37 -36.89
C GLY D 173 -0.63 -30.39 -36.84
N PHE D 174 -1.69 -30.80 -36.14
CA PHE D 174 -2.85 -29.95 -35.97
C PHE D 174 -2.60 -28.90 -34.89
N SER D 175 -3.53 -27.96 -34.78
CA SER D 175 -3.53 -26.98 -33.71
C SER D 175 -4.79 -27.08 -32.86
N VAL D 176 -4.67 -26.65 -31.62
CA VAL D 176 -5.81 -26.37 -30.75
C VAL D 176 -5.69 -24.93 -30.30
N PHE D 177 -6.81 -24.22 -30.31
CA PHE D 177 -6.89 -22.85 -29.80
C PHE D 177 -7.91 -22.83 -28.69
N THR D 178 -7.50 -22.40 -27.49
CA THR D 178 -8.38 -22.31 -26.34
C THR D 178 -8.46 -20.86 -25.89
N GLY D 179 -9.68 -20.34 -25.84
CA GLY D 179 -9.94 -18.99 -25.41
C GLY D 179 -10.44 -18.98 -23.99
N VAL D 180 -9.68 -18.33 -23.11
CA VAL D 180 -9.92 -18.39 -21.67
C VAL D 180 -10.46 -17.04 -21.25
N GLY D 181 -11.69 -17.04 -20.72
CA GLY D 181 -12.35 -15.79 -20.38
C GLY D 181 -12.36 -14.80 -21.53
N GLU D 182 -12.57 -15.29 -22.75
CA GLU D 182 -12.57 -14.43 -23.92
C GLU D 182 -13.88 -13.66 -24.03
N ARG D 183 -13.82 -12.52 -24.72
CA ARG D 183 -15.03 -11.82 -25.11
C ARG D 183 -15.77 -12.63 -26.15
N THR D 184 -17.07 -12.87 -25.93
CA THR D 184 -17.84 -13.71 -26.85
C THR D 184 -17.93 -13.07 -28.23
N ARG D 185 -17.89 -11.73 -28.27
CA ARG D 185 -17.75 -11.02 -29.54
C ARG D 185 -16.47 -11.42 -30.26
N GLU D 186 -15.34 -11.40 -29.53
CA GLU D 186 -14.07 -11.69 -30.18
C GLU D 186 -13.93 -13.16 -30.53
N GLY D 187 -14.53 -14.05 -29.74
CA GLY D 187 -14.60 -15.45 -30.13
C GLY D 187 -15.42 -15.68 -31.39
N ASN D 188 -16.53 -14.96 -31.53
CA ASN D 188 -17.31 -15.02 -32.77
C ASN D 188 -16.51 -14.49 -33.96
N ASP D 189 -15.87 -13.33 -33.79
CA ASP D 189 -15.03 -12.78 -34.85
C ASP D 189 -13.88 -13.71 -35.21
N LEU D 190 -13.27 -14.36 -34.22
CA LEU D 190 -12.24 -15.34 -34.48
C LEU D 190 -12.75 -16.52 -35.28
N TYR D 191 -13.92 -17.06 -34.92
CA TYR D 191 -14.48 -18.17 -35.67
C TYR D 191 -14.79 -17.78 -37.11
N ARG D 192 -15.31 -16.58 -37.32
CA ARG D 192 -15.57 -16.09 -38.67
C ARG D 192 -14.28 -15.89 -39.46
N GLU D 193 -13.28 -15.23 -38.87
CA GLU D 193 -11.97 -15.12 -39.52
C GLU D 193 -11.41 -16.48 -39.89
N MET D 194 -11.42 -17.42 -38.96
CA MET D 194 -10.88 -18.76 -39.22
C MET D 194 -11.62 -19.50 -40.32
N LYS D 195 -12.92 -19.25 -40.49
CA LYS D 195 -13.60 -19.79 -41.66
C LYS D 195 -13.25 -19.07 -42.95
N GLU D 196 -13.08 -17.75 -42.91
CA GLU D 196 -12.65 -17.03 -44.12
C GLU D 196 -11.25 -17.43 -44.56
N THR D 197 -10.31 -17.48 -43.61
CA THR D 197 -8.96 -17.96 -43.88
C THR D 197 -8.95 -19.42 -44.29
N GLY D 198 -9.93 -20.21 -43.87
CA GLY D 198 -9.98 -21.60 -44.27
C GLY D 198 -9.17 -22.56 -43.44
N VAL D 199 -8.67 -22.13 -42.28
CA VAL D 199 -8.10 -23.08 -41.34
C VAL D 199 -9.21 -23.86 -40.64
N ILE D 200 -10.42 -23.32 -40.60
CA ILE D 200 -11.62 -24.11 -40.37
C ILE D 200 -12.35 -24.24 -41.70
N ASN D 201 -12.79 -25.45 -42.01
CA ASN D 201 -13.48 -25.74 -43.27
C ASN D 201 -14.60 -26.72 -42.98
N LEU D 202 -15.84 -26.23 -42.97
CA LEU D 202 -16.95 -27.01 -42.45
C LEU D 202 -17.27 -28.21 -43.34
N GLU D 203 -17.06 -28.10 -44.64
CA GLU D 203 -17.24 -29.23 -45.55
C GLU D 203 -15.98 -30.07 -45.70
N GLY D 204 -14.80 -29.47 -45.55
CA GLY D 204 -13.55 -30.15 -45.83
C GLY D 204 -12.80 -30.53 -44.57
N GLU D 205 -11.47 -30.45 -44.62
CA GLU D 205 -10.62 -30.76 -43.49
C GLU D 205 -10.26 -29.48 -42.76
N SER D 206 -10.40 -29.49 -41.43
CA SER D 206 -10.03 -28.36 -40.61
C SER D 206 -8.71 -28.60 -39.92
N LYS D 207 -7.91 -27.54 -39.79
CA LYS D 207 -6.57 -27.61 -39.25
C LYS D 207 -6.49 -27.30 -37.76
N VAL D 208 -7.56 -26.76 -37.17
CA VAL D 208 -7.54 -26.32 -35.78
C VAL D 208 -8.84 -26.77 -35.10
N ALA D 209 -8.73 -27.15 -33.83
CA ALA D 209 -9.89 -27.34 -32.97
C ALA D 209 -10.02 -26.16 -32.01
N LEU D 210 -11.26 -25.74 -31.78
CA LEU D 210 -11.56 -24.55 -30.99
C LEU D 210 -12.19 -24.95 -29.66
N VAL D 211 -11.71 -24.34 -28.58
CA VAL D 211 -12.29 -24.45 -27.24
C VAL D 211 -12.50 -23.04 -26.71
N PHE D 212 -13.67 -22.77 -26.13
CA PHE D 212 -13.95 -21.42 -25.63
C PHE D 212 -14.58 -21.47 -24.25
N GLY D 213 -14.10 -20.58 -23.39
CA GLY D 213 -14.75 -20.23 -22.14
C GLY D 213 -14.97 -18.74 -22.07
N GLN D 214 -16.17 -18.31 -21.71
CA GLN D 214 -16.58 -16.93 -21.87
C GLN D 214 -16.45 -16.20 -20.54
N MET D 215 -16.23 -14.89 -20.60
CA MET D 215 -16.33 -14.09 -19.38
C MET D 215 -17.63 -14.32 -18.62
N ASN D 216 -18.73 -14.58 -19.33
CA ASN D 216 -19.99 -14.85 -18.65
C ASN D 216 -20.04 -16.23 -18.02
N GLU D 217 -19.06 -17.09 -18.27
CA GLU D 217 -19.00 -18.38 -17.58
C GLU D 217 -18.57 -18.20 -16.13
N PRO D 218 -18.99 -19.10 -15.25
CA PRO D 218 -18.51 -19.06 -13.87
C PRO D 218 -17.01 -19.27 -13.81
N PRO D 219 -16.35 -18.83 -12.73
CA PRO D 219 -14.89 -18.93 -12.66
C PRO D 219 -14.33 -20.35 -12.76
N GLY D 220 -15.04 -21.37 -12.27
CA GLY D 220 -14.57 -22.74 -12.46
C GLY D 220 -14.40 -23.15 -13.91
N ALA D 221 -15.35 -22.77 -14.75
CA ALA D 221 -15.22 -23.05 -16.18
C ALA D 221 -14.04 -22.31 -16.79
N ARG D 222 -13.95 -21.00 -16.54
CA ARG D 222 -12.83 -20.25 -17.08
C ARG D 222 -11.49 -20.80 -16.58
N ALA D 223 -11.46 -21.34 -15.37
CA ALA D 223 -10.26 -21.97 -14.86
C ALA D 223 -9.93 -23.30 -15.54
N ARG D 224 -10.94 -24.03 -16.04
CA ARG D 224 -10.70 -25.37 -16.56
C ARG D 224 -10.62 -25.45 -18.08
N VAL D 225 -11.03 -24.40 -18.80
CA VAL D 225 -10.99 -24.45 -20.26
C VAL D 225 -9.57 -24.65 -20.78
N ALA D 226 -8.57 -24.08 -20.11
CA ALA D 226 -7.19 -24.30 -20.52
C ALA D 226 -6.81 -25.78 -20.40
N LEU D 227 -7.30 -26.45 -19.38
CA LEU D 227 -6.98 -27.87 -19.22
C LEU D 227 -7.71 -28.71 -20.25
N THR D 228 -8.90 -28.30 -20.66
CA THR D 228 -9.58 -29.00 -21.75
C THR D 228 -8.81 -28.91 -23.06
N GLY D 229 -8.40 -27.69 -23.43
CA GLY D 229 -7.60 -27.53 -24.64
C GLY D 229 -6.30 -28.29 -24.57
N LEU D 230 -5.59 -28.16 -23.45
CA LEU D 230 -4.37 -28.92 -23.24
C LEU D 230 -4.59 -30.42 -23.39
N THR D 231 -5.71 -30.94 -22.89
CA THR D 231 -5.97 -32.37 -22.99
C THR D 231 -6.23 -32.82 -24.43
N ILE D 232 -6.82 -31.96 -25.26
CA ILE D 232 -6.95 -32.31 -26.68
C ILE D 232 -5.59 -32.31 -27.36
N ALA D 233 -4.78 -31.28 -27.10
CA ALA D 233 -3.45 -31.25 -27.69
C ALA D 233 -2.61 -32.43 -27.23
N GLU D 234 -2.67 -32.76 -25.93
CA GLU D 234 -2.01 -33.95 -25.43
C GLU D 234 -2.47 -35.22 -26.12
N TYR D 235 -3.76 -35.32 -26.45
CA TYR D 235 -4.18 -36.53 -27.16
C TYR D 235 -3.57 -36.60 -28.57
N PHE D 236 -3.49 -35.47 -29.27
CA PHE D 236 -2.82 -35.50 -30.56
C PHE D 236 -1.33 -35.85 -30.46
N ARG D 237 -0.66 -35.36 -29.42
CA ARG D 237 0.73 -35.75 -29.19
C ARG D 237 0.86 -37.23 -28.83
N ASP D 238 0.08 -37.70 -27.87
CA ASP D 238 0.27 -39.03 -27.30
C ASP D 238 -0.17 -40.13 -28.24
N GLU D 239 -1.17 -39.88 -29.10
CA GLU D 239 -1.75 -40.96 -29.88
C GLU D 239 -1.82 -40.70 -31.37
N GLU D 240 -1.51 -39.50 -31.86
CA GLU D 240 -1.17 -39.35 -33.26
C GLU D 240 0.31 -39.10 -33.50
N GLY D 241 1.09 -38.87 -32.45
CA GLY D 241 2.53 -38.69 -32.61
C GLY D 241 2.90 -37.41 -33.31
N GLN D 242 2.08 -36.38 -33.19
CA GLN D 242 2.25 -35.13 -33.91
C GLN D 242 3.10 -34.15 -33.12
N ASP D 243 3.55 -33.10 -33.81
CA ASP D 243 3.99 -31.87 -33.16
C ASP D 243 2.85 -30.86 -33.22
N VAL D 244 2.22 -30.63 -32.08
CA VAL D 244 0.94 -29.92 -31.98
C VAL D 244 1.21 -28.51 -31.49
N LEU D 245 0.34 -27.58 -31.87
CA LEU D 245 0.32 -26.24 -31.32
C LEU D 245 -0.88 -26.07 -30.40
N LEU D 246 -0.67 -25.38 -29.28
CA LEU D 246 -1.74 -25.03 -28.35
C LEU D 246 -1.68 -23.53 -28.09
N PHE D 247 -2.72 -22.81 -28.49
CA PHE D 247 -2.80 -21.38 -28.30
C PHE D 247 -3.67 -21.07 -27.10
N ILE D 248 -3.21 -20.17 -26.23
CA ILE D 248 -3.96 -19.75 -25.05
C ILE D 248 -4.21 -18.24 -25.17
N ASP D 249 -5.47 -17.89 -25.42
CA ASP D 249 -5.79 -16.52 -25.83
C ASP D 249 -5.51 -15.50 -24.74
N ASN D 250 -5.54 -15.90 -23.47
CA ASN D 250 -4.86 -15.11 -22.43
C ASN D 250 -4.60 -16.00 -21.22
N ILE D 251 -3.34 -16.15 -20.83
CA ILE D 251 -3.01 -16.91 -19.63
C ILE D 251 -3.25 -16.12 -18.35
N PHE D 252 -3.32 -14.78 -18.45
CA PHE D 252 -3.71 -14.00 -17.28
C PHE D 252 -5.15 -14.27 -16.88
N ARG D 253 -6.06 -14.40 -17.85
CA ARG D 253 -7.44 -14.74 -17.51
C ARG D 253 -7.51 -16.08 -16.79
N PHE D 254 -6.64 -17.03 -17.13
CA PHE D 254 -6.54 -18.28 -16.40
C PHE D 254 -6.10 -18.05 -14.95
N THR D 255 -5.08 -17.22 -14.76
CA THR D 255 -4.67 -16.87 -13.40
C THR D 255 -5.81 -16.21 -12.62
N GLN D 256 -6.47 -15.23 -13.22
CA GLN D 256 -7.56 -14.51 -12.57
C GLN D 256 -8.72 -15.44 -12.23
N ALA D 257 -9.10 -16.34 -13.14
CA ALA D 257 -10.16 -17.29 -12.83
C ALA D 257 -9.77 -18.22 -11.68
N GLY D 258 -8.51 -18.67 -11.64
CA GLY D 258 -8.08 -19.46 -10.50
C GLY D 258 -8.11 -18.68 -9.19
N SER D 259 -7.81 -17.39 -9.24
CA SER D 259 -7.91 -16.54 -8.06
C SER D 259 -9.34 -16.38 -7.58
N GLU D 260 -10.28 -16.19 -8.51
CA GLU D 260 -11.69 -16.13 -8.15
C GLU D 260 -12.20 -17.45 -7.58
N VAL D 261 -11.82 -18.58 -8.18
CA VAL D 261 -12.19 -19.88 -7.61
C VAL D 261 -11.65 -20.04 -6.20
N SER D 262 -10.38 -19.69 -5.99
CA SER D 262 -9.79 -19.78 -4.65
C SER D 262 -10.53 -18.89 -3.65
N ALA D 263 -10.84 -17.65 -4.04
CA ALA D 263 -11.57 -16.76 -3.14
C ALA D 263 -12.96 -17.30 -2.81
N LEU D 264 -13.66 -17.85 -3.80
CA LEU D 264 -14.99 -18.40 -3.54
C LEU D 264 -14.93 -19.62 -2.62
N LEU D 265 -13.91 -20.46 -2.79
CA LEU D 265 -13.68 -21.53 -1.81
C LEU D 265 -13.43 -20.99 -0.41
N GLY D 266 -12.92 -19.78 -0.30
CA GLY D 266 -12.68 -19.17 0.99
C GLY D 266 -11.27 -19.33 1.49
N ARG D 267 -10.31 -19.49 0.58
CA ARG D 267 -8.89 -19.53 0.91
C ARG D 267 -8.38 -18.11 1.12
N ILE D 268 -7.41 -17.97 2.03
CA ILE D 268 -6.81 -16.68 2.29
C ILE D 268 -6.01 -16.24 1.07
N PRO D 269 -6.28 -15.05 0.52
CA PRO D 269 -5.49 -14.56 -0.62
C PRO D 269 -4.06 -14.24 -0.23
N SER D 270 -3.20 -14.18 -1.25
CA SER D 270 -1.77 -14.09 -1.07
C SER D 270 -1.18 -12.82 -1.69
N ALA D 271 -0.09 -12.97 -2.44
CA ALA D 271 0.87 -11.89 -2.64
C ALA D 271 0.22 -10.55 -2.95
N VAL D 272 -0.75 -10.52 -3.88
CA VAL D 272 -1.50 -9.29 -4.11
C VAL D 272 -2.96 -9.59 -4.44
N GLY D 273 -3.52 -10.64 -3.84
CA GLY D 273 -4.87 -11.09 -4.11
C GLY D 273 -4.94 -12.43 -4.82
N TYR D 274 -3.90 -12.79 -5.56
CA TYR D 274 -3.93 -14.07 -6.26
C TYR D 274 -4.02 -15.22 -5.27
N GLN D 275 -4.56 -16.33 -5.73
CA GLN D 275 -4.68 -17.51 -4.89
C GLN D 275 -3.31 -17.95 -4.38
N PRO D 276 -3.24 -18.49 -3.17
CA PRO D 276 -1.95 -18.99 -2.68
C PRO D 276 -1.37 -20.09 -3.56
N THR D 277 -2.20 -20.87 -4.24
CA THR D 277 -1.77 -21.91 -5.16
C THR D 277 -1.32 -21.39 -6.52
N LEU D 278 -1.12 -20.08 -6.66
CA LEU D 278 -0.87 -19.48 -7.98
C LEU D 278 0.25 -20.21 -8.72
N ALA D 279 1.38 -20.41 -8.04
CA ALA D 279 2.52 -21.05 -8.68
C ALA D 279 2.27 -22.52 -8.99
N THR D 280 1.66 -23.26 -8.08
CA THR D 280 1.39 -24.67 -8.37
C THR D 280 0.28 -24.85 -9.41
N ASP D 281 -0.71 -23.97 -9.43
CA ASP D 281 -1.70 -23.98 -10.51
C ASP D 281 -1.05 -23.76 -11.87
N MET D 282 -0.22 -22.72 -11.97
CA MET D 282 0.50 -22.48 -13.22
C MET D 282 1.41 -23.66 -13.58
N GLY D 283 2.18 -24.16 -12.61
CA GLY D 283 3.06 -25.29 -12.89
C GLY D 283 2.32 -26.54 -13.33
N LEU D 284 1.13 -26.78 -12.77
CA LEU D 284 0.32 -27.92 -13.20
C LEU D 284 -0.26 -27.75 -14.60
N LEU D 285 -0.60 -26.52 -14.99
CA LEU D 285 -0.94 -26.30 -16.39
C LEU D 285 0.26 -26.43 -17.31
N GLN D 286 1.36 -25.74 -17.00
CA GLN D 286 2.40 -25.49 -18.00
C GLN D 286 3.25 -26.72 -18.27
N GLU D 287 3.68 -27.44 -17.24
CA GLU D 287 4.67 -28.48 -17.46
C GLU D 287 4.06 -29.80 -17.93
N ARG D 288 2.76 -29.80 -18.27
CA ARG D 288 2.22 -30.83 -19.14
C ARG D 288 2.57 -30.56 -20.60
N ILE D 289 2.76 -29.30 -20.95
CA ILE D 289 3.20 -28.87 -22.28
C ILE D 289 4.69 -29.18 -22.39
N THR D 290 5.04 -30.29 -23.05
CA THR D 290 6.43 -30.72 -23.14
C THR D 290 6.58 -31.67 -24.31
N THR D 291 7.82 -31.90 -24.70
CA THR D 291 8.17 -32.97 -25.63
C THR D 291 8.26 -34.32 -24.95
N THR D 292 7.82 -35.36 -25.66
CA THR D 292 7.96 -36.74 -25.19
C THR D 292 8.55 -37.59 -26.32
N LYS D 293 8.63 -38.90 -26.10
CA LYS D 293 9.12 -39.79 -27.14
C LYS D 293 8.22 -39.80 -28.37
N LYS D 294 6.92 -39.62 -28.18
CA LYS D 294 5.98 -39.73 -29.29
C LYS D 294 5.87 -38.43 -30.09
N GLY D 295 6.03 -37.29 -29.44
CA GLY D 295 5.88 -36.03 -30.13
C GLY D 295 6.07 -34.87 -29.18
N SER D 296 5.51 -33.72 -29.54
CA SER D 296 5.54 -32.55 -28.68
C SER D 296 4.24 -31.78 -28.77
N VAL D 297 3.93 -31.07 -27.70
CA VAL D 297 2.98 -29.96 -27.73
C VAL D 297 3.76 -28.69 -27.45
N THR D 298 3.70 -27.74 -28.38
CA THR D 298 4.30 -26.43 -28.23
C THR D 298 3.16 -25.46 -27.99
N SER D 299 3.34 -24.51 -27.09
CA SER D 299 2.24 -23.63 -26.71
C SER D 299 2.61 -22.17 -26.88
N VAL D 300 1.71 -21.43 -27.52
CA VAL D 300 1.82 -19.99 -27.69
C VAL D 300 0.74 -19.34 -26.85
N GLN D 301 1.13 -18.41 -25.99
CA GLN D 301 0.28 -17.96 -24.90
C GLN D 301 0.34 -16.45 -24.85
N ALA D 302 -0.81 -15.80 -24.68
CA ALA D 302 -0.85 -14.33 -24.77
C ALA D 302 -0.80 -13.76 -23.37
N VAL D 303 0.27 -13.03 -23.07
CA VAL D 303 0.63 -12.63 -21.72
C VAL D 303 0.19 -11.18 -21.53
N TYR D 304 -0.98 -10.98 -20.95
CA TYR D 304 -1.38 -9.65 -20.48
C TYR D 304 -0.65 -9.32 -19.19
N VAL D 305 -0.19 -8.07 -19.08
CA VAL D 305 0.60 -7.61 -17.95
C VAL D 305 -0.25 -6.58 -17.18
N PRO D 306 -0.68 -6.86 -15.96
CA PRO D 306 -1.87 -6.19 -15.43
C PRO D 306 -1.78 -4.67 -15.41
N ALA D 307 -0.60 -4.11 -15.16
CA ALA D 307 -0.45 -2.65 -15.16
C ALA D 307 0.81 -2.22 -15.91
N ASP D 308 1.21 -2.97 -16.92
CA ASP D 308 2.56 -2.95 -17.46
C ASP D 308 3.62 -3.30 -16.41
N ASP D 309 3.20 -3.73 -15.22
CA ASP D 309 4.10 -4.15 -14.15
C ASP D 309 4.56 -5.56 -14.45
N LEU D 310 5.73 -5.70 -15.08
CA LEU D 310 6.31 -7.01 -15.34
C LEU D 310 6.68 -7.74 -14.05
N THR D 311 6.68 -7.05 -12.91
CA THR D 311 7.00 -7.62 -11.61
C THR D 311 5.76 -8.10 -10.88
N ASP D 312 4.58 -7.89 -11.43
CA ASP D 312 3.36 -8.39 -10.81
C ASP D 312 3.40 -9.92 -10.73
N PRO D 313 2.93 -10.51 -9.63
CA PRO D 313 3.07 -11.97 -9.46
C PRO D 313 2.53 -12.83 -10.58
N ALA D 314 1.47 -12.42 -11.27
CA ALA D 314 0.97 -13.24 -12.38
C ALA D 314 1.91 -13.23 -13.58
N PRO D 315 2.36 -12.08 -14.07
CA PRO D 315 3.50 -12.09 -15.01
C PRO D 315 4.73 -12.80 -14.49
N ALA D 316 5.19 -12.48 -13.28
CA ALA D 316 6.43 -13.06 -12.80
C ALA D 316 6.35 -14.59 -12.70
N THR D 317 5.19 -15.12 -12.31
CA THR D 317 4.99 -16.57 -12.30
C THR D 317 4.91 -17.16 -13.71
N THR D 318 4.30 -16.44 -14.65
CA THR D 318 4.23 -16.95 -16.02
C THR D 318 5.59 -16.95 -16.69
N PHE D 319 6.33 -15.86 -16.56
CA PHE D 319 7.65 -15.71 -17.17
C PHE D 319 8.61 -16.82 -16.78
N ALA D 320 8.49 -17.38 -15.59
CA ALA D 320 9.32 -18.51 -15.21
C ALA D 320 9.17 -19.69 -16.14
N HIS D 321 8.02 -19.81 -16.81
CA HIS D 321 7.75 -20.95 -17.68
C HIS D 321 8.09 -20.72 -19.15
N LEU D 322 8.14 -19.47 -19.59
CA LEU D 322 8.29 -19.21 -21.02
C LEU D 322 9.71 -19.53 -21.49
N ASP D 323 9.80 -20.28 -22.59
CA ASP D 323 11.06 -20.53 -23.27
C ASP D 323 11.40 -19.48 -24.32
N ALA D 324 10.41 -18.74 -24.82
CA ALA D 324 10.67 -17.66 -25.76
C ALA D 324 9.59 -16.60 -25.61
N THR D 325 9.90 -15.40 -26.10
CA THR D 325 8.94 -14.31 -26.13
C THR D 325 8.95 -13.63 -27.49
N THR D 326 7.75 -13.43 -28.04
CA THR D 326 7.54 -12.67 -29.27
C THR D 326 6.76 -11.43 -28.90
N VAL D 327 7.31 -10.25 -29.19
CA VAL D 327 6.62 -8.99 -28.98
C VAL D 327 6.12 -8.46 -30.32
N LEU D 328 4.81 -8.35 -30.45
CA LEU D 328 4.21 -7.56 -31.52
C LEU D 328 3.98 -6.15 -30.99
N SER D 329 4.35 -5.14 -31.77
CA SER D 329 4.24 -3.76 -31.29
C SER D 329 3.79 -2.84 -32.42
N ARG D 330 3.10 -1.77 -32.01
CA ARG D 330 2.46 -0.84 -32.95
C ARG D 330 3.49 -0.21 -33.88
N GLY D 331 4.62 0.22 -33.32
CA GLY D 331 5.63 0.92 -34.11
C GLY D 331 6.11 0.14 -35.33
N ILE D 332 6.36 -1.16 -35.17
CA ILE D 332 6.83 -1.96 -36.31
C ILE D 332 5.76 -2.03 -37.41
N SER D 333 4.49 -2.06 -37.01
CA SER D 333 3.42 -1.98 -37.99
C SER D 333 3.30 -0.59 -38.62
N GLU D 334 3.64 0.47 -37.88
CA GLU D 334 3.63 1.81 -38.47
C GLU D 334 4.70 1.99 -39.54
N LEU D 335 5.84 1.32 -39.44
CA LEU D 335 6.75 1.26 -40.59
C LEU D 335 6.19 0.40 -41.73
N GLY D 336 5.03 -0.23 -41.55
CA GLY D 336 4.49 -1.09 -42.57
C GLY D 336 5.10 -2.48 -42.61
N ILE D 337 5.91 -2.84 -41.62
CA ILE D 337 6.53 -4.15 -41.55
C ILE D 337 5.54 -5.07 -40.85
N TYR D 338 4.90 -5.94 -41.63
CA TYR D 338 4.12 -7.05 -41.10
C TYR D 338 4.89 -8.34 -41.28
N PRO D 339 4.99 -9.20 -40.26
CA PRO D 339 4.07 -9.37 -39.12
C PRO D 339 4.29 -8.47 -37.91
N ALA D 340 5.06 -7.38 -37.99
CA ALA D 340 5.15 -6.41 -36.90
C ALA D 340 5.77 -6.99 -35.64
N VAL D 341 6.54 -8.07 -35.79
CA VAL D 341 7.35 -8.57 -34.68
C VAL D 341 8.47 -7.58 -34.40
N ASP D 342 8.60 -7.18 -33.15
CA ASP D 342 9.76 -6.40 -32.73
C ASP D 342 11.01 -7.27 -32.75
N PRO D 343 11.97 -7.02 -33.63
CA PRO D 343 13.11 -7.94 -33.77
C PRO D 343 14.10 -7.86 -32.63
N LEU D 344 14.05 -6.81 -31.81
CA LEU D 344 15.00 -6.63 -30.71
C LEU D 344 14.41 -6.94 -29.35
N ASP D 345 13.12 -6.70 -29.15
CA ASP D 345 12.48 -7.01 -27.88
C ASP D 345 12.03 -8.46 -27.79
N SER D 346 11.79 -9.10 -28.93
CA SER D 346 11.60 -10.55 -28.95
C SER D 346 12.93 -11.26 -28.67
N LYS D 347 12.85 -12.34 -27.87
CA LYS D 347 14.02 -13.06 -27.42
C LYS D 347 13.68 -14.53 -27.30
N SER D 348 14.72 -15.38 -27.36
CA SER D 348 14.55 -16.80 -27.13
C SER D 348 15.70 -17.32 -26.30
N ARG D 349 15.38 -18.18 -25.33
CA ARG D 349 16.39 -18.92 -24.59
C ARG D 349 17.17 -19.89 -25.49
N LEU D 350 16.55 -20.37 -26.55
CA LEU D 350 17.18 -21.33 -27.47
C LEU D 350 18.11 -20.69 -28.50
N LEU D 351 18.17 -19.36 -28.59
CA LEU D 351 19.16 -18.70 -29.45
C LEU D 351 20.53 -18.78 -28.78
N ASP D 352 21.06 -19.99 -28.73
CA ASP D 352 22.41 -20.27 -28.24
C ASP D 352 23.07 -21.28 -29.16
N ALA D 353 24.36 -21.07 -29.43
CA ALA D 353 25.03 -21.77 -30.52
C ALA D 353 24.91 -23.29 -30.41
N ALA D 354 24.83 -23.81 -29.19
CA ALA D 354 24.67 -25.26 -29.03
C ALA D 354 23.34 -25.76 -29.58
N VAL D 355 22.24 -25.05 -29.29
CA VAL D 355 20.94 -25.48 -29.81
C VAL D 355 20.81 -25.16 -31.30
N VAL D 356 21.01 -23.91 -31.68
CA VAL D 356 20.87 -23.53 -33.08
C VAL D 356 22.03 -23.99 -33.95
N GLY D 357 23.23 -24.08 -33.40
CA GLY D 357 24.42 -24.15 -34.21
C GLY D 357 25.07 -22.78 -34.39
N GLN D 358 26.39 -22.80 -34.58
CA GLN D 358 27.15 -21.55 -34.60
C GLN D 358 26.80 -20.65 -35.77
N GLU D 359 26.49 -21.22 -36.94
CA GLU D 359 26.17 -20.40 -38.10
C GLU D 359 24.92 -19.55 -37.87
N HIS D 360 23.84 -20.20 -37.41
CA HIS D 360 22.62 -19.48 -37.06
C HIS D 360 22.86 -18.45 -35.97
N TYR D 361 23.57 -18.83 -34.91
CA TYR D 361 23.81 -17.89 -33.81
C TYR D 361 24.61 -16.69 -34.26
N ASP D 362 25.62 -16.89 -35.12
CA ASP D 362 26.39 -15.78 -35.66
C ASP D 362 25.54 -14.86 -36.53
N VAL D 363 24.75 -15.43 -37.44
CA VAL D 363 23.90 -14.61 -38.29
C VAL D 363 22.92 -13.80 -37.45
N ALA D 364 22.24 -14.45 -36.50
CA ALA D 364 21.29 -13.75 -35.64
C ALA D 364 21.95 -12.69 -34.77
N SER D 365 23.15 -12.96 -34.25
CA SER D 365 23.87 -11.97 -33.47
C SER D 365 24.26 -10.76 -34.31
N LYS D 366 24.78 -10.99 -35.50
CA LYS D 366 25.13 -9.88 -36.39
C LYS D 366 23.90 -9.06 -36.79
N VAL D 367 22.76 -9.71 -37.04
CA VAL D 367 21.52 -8.98 -37.30
C VAL D 367 21.11 -8.14 -36.10
N GLN D 368 21.13 -8.72 -34.90
CA GLN D 368 20.77 -7.96 -33.70
C GLN D 368 21.70 -6.78 -33.46
N GLU D 369 23.01 -6.97 -33.61
CA GLU D 369 23.94 -5.85 -33.50
C GLU D 369 23.67 -4.77 -34.52
N THR D 370 23.40 -5.15 -35.77
CA THR D 370 23.16 -4.18 -36.82
C THR D 370 21.91 -3.35 -36.55
N LEU D 371 20.82 -4.00 -36.16
CA LEU D 371 19.59 -3.28 -35.86
C LEU D 371 19.72 -2.44 -34.59
N GLN D 372 20.42 -2.93 -33.57
CA GLN D 372 20.56 -2.14 -32.35
C GLN D 372 21.43 -0.92 -32.57
N THR D 373 22.51 -1.04 -33.34
CA THR D 373 23.32 0.12 -33.67
C THR D 373 22.56 1.13 -34.53
N TYR D 374 21.85 0.65 -35.55
CA TYR D 374 20.99 1.55 -36.33
C TYR D 374 19.97 2.27 -35.47
N LYS D 375 19.27 1.55 -34.58
CA LYS D 375 18.32 2.23 -33.70
C LYS D 375 18.98 3.22 -32.76
N SER D 376 20.20 2.92 -32.28
CA SER D 376 20.88 3.84 -31.39
C SER D 376 21.29 5.14 -32.10
N LEU D 377 21.82 5.04 -33.31
CA LEU D 377 22.11 6.25 -34.08
C LEU D 377 20.87 6.95 -34.63
N GLN D 378 19.76 6.24 -34.84
CA GLN D 378 18.68 6.77 -35.67
C GLN D 378 18.17 8.15 -35.24
N ASP D 379 18.21 8.46 -33.94
CA ASP D 379 17.89 9.82 -33.49
C ASP D 379 18.95 10.84 -33.87
N ILE D 380 20.23 10.54 -33.63
CA ILE D 380 21.26 11.54 -33.90
C ILE D 380 21.52 11.70 -35.39
N ILE D 381 21.30 10.65 -36.18
CA ILE D 381 21.41 10.78 -37.63
C ILE D 381 20.27 11.62 -38.20
N ALA D 382 19.10 11.63 -37.54
CA ALA D 382 18.05 12.57 -37.90
C ALA D 382 18.37 13.99 -37.44
N ILE D 383 19.02 14.13 -36.29
CA ILE D 383 19.42 15.46 -35.83
C ILE D 383 20.50 16.05 -36.73
N LEU D 384 21.51 15.26 -37.08
CA LEU D 384 22.60 15.70 -37.93
C LEU D 384 22.35 15.54 -39.41
N GLY D 385 21.34 14.75 -39.79
CA GLY D 385 21.16 14.38 -41.17
C GLY D 385 22.01 13.20 -41.62
N MET D 386 21.50 12.48 -42.63
CA MET D 386 22.08 11.18 -42.98
C MET D 386 23.52 11.28 -43.43
N ASP D 387 23.91 12.38 -44.07
CA ASP D 387 25.31 12.54 -44.46
C ASP D 387 26.23 12.81 -43.29
N GLU D 388 25.70 13.25 -42.15
CA GLU D 388 26.54 13.62 -41.02
C GLU D 388 26.94 12.39 -40.21
N LEU D 389 27.47 11.36 -40.87
CA LEU D 389 27.96 10.18 -40.17
C LEU D 389 29.07 9.54 -40.97
N SER D 390 29.86 8.71 -40.29
CA SER D 390 30.91 7.94 -40.95
C SER D 390 30.34 7.11 -42.09
N GLU D 391 31.10 7.02 -43.18
CA GLU D 391 30.66 6.21 -44.31
C GLU D 391 30.51 4.73 -43.93
N GLN D 392 31.27 4.27 -42.94
CA GLN D 392 31.06 2.92 -42.41
C GLN D 392 29.74 2.83 -41.65
N ASP D 393 29.46 3.81 -40.79
CA ASP D 393 28.17 3.83 -40.12
C ASP D 393 27.02 4.01 -41.10
N LYS D 394 27.16 4.91 -42.07
CA LYS D 394 26.15 5.05 -43.12
C LYS D 394 25.92 3.74 -43.88
N LEU D 395 26.98 2.97 -44.12
CA LEU D 395 26.83 1.64 -44.70
C LEU D 395 26.09 0.67 -43.78
N THR D 396 26.41 0.68 -42.49
CA THR D 396 25.65 -0.15 -41.54
C THR D 396 24.19 0.28 -41.46
N VAL D 397 23.89 1.57 -41.65
CA VAL D 397 22.51 2.03 -41.69
C VAL D 397 21.79 1.53 -42.95
N GLU D 398 22.49 1.53 -44.08
CA GLU D 398 21.92 0.94 -45.30
C GLU D 398 21.61 -0.54 -45.09
N ARG D 399 22.55 -1.29 -44.51
CA ARG D 399 22.27 -2.67 -44.15
C ARG D 399 21.10 -2.78 -43.19
N ALA D 400 21.08 -1.96 -42.15
CA ALA D 400 20.04 -2.10 -41.12
C ALA D 400 18.66 -1.89 -41.71
N ARG D 401 18.47 -0.85 -42.54
CA ARG D 401 17.16 -0.65 -43.15
C ARG D 401 16.82 -1.75 -44.16
N LYS D 402 17.82 -2.25 -44.88
CA LYS D 402 17.56 -3.34 -45.82
C LYS D 402 17.16 -4.63 -45.12
N ILE D 403 17.87 -4.99 -44.04
CA ILE D 403 17.48 -6.12 -43.19
C ILE D 403 16.11 -5.92 -42.55
N GLN D 404 15.87 -4.72 -42.02
CA GLN D 404 14.58 -4.43 -41.39
C GLN D 404 13.41 -4.58 -42.35
N ARG D 405 13.56 -4.13 -43.59
CA ARG D 405 12.54 -4.43 -44.59
C ARG D 405 12.48 -5.93 -44.93
N PHE D 406 13.65 -6.59 -44.99
CA PHE D 406 13.68 -8.01 -45.32
C PHE D 406 12.93 -8.86 -44.30
N LEU D 407 12.79 -8.42 -43.06
CA LEU D 407 12.02 -9.14 -42.05
C LEU D 407 10.52 -9.15 -42.28
N SER D 408 9.99 -8.32 -43.19
CA SER D 408 8.60 -8.44 -43.58
C SER D 408 8.37 -9.71 -44.39
N GLN D 409 7.14 -10.26 -44.29
CA GLN D 409 6.82 -11.51 -44.98
C GLN D 409 5.34 -11.56 -45.40
N PRO D 410 5.05 -12.11 -46.58
CA PRO D 410 3.65 -12.33 -47.00
C PRO D 410 3.07 -13.61 -46.41
N PHE D 411 2.04 -13.47 -45.58
CA PHE D 411 1.36 -14.63 -44.99
C PHE D 411 0.26 -15.14 -45.90
N ALA D 412 0.15 -16.46 -45.99
CA ALA D 412 -0.86 -17.09 -46.83
C ALA D 412 -2.28 -16.86 -46.30
N VAL D 413 -2.42 -16.71 -44.98
CA VAL D 413 -3.71 -16.32 -44.42
C VAL D 413 -4.04 -14.88 -44.78
N ALA D 414 -3.02 -14.03 -44.89
CA ALA D 414 -3.24 -12.66 -45.29
C ALA D 414 -3.75 -12.57 -46.73
N GLU D 415 -3.36 -13.52 -47.57
CA GLU D 415 -3.62 -13.44 -49.00
C GLU D 415 -5.09 -13.16 -49.35
N VAL D 416 -6.03 -13.62 -48.53
CA VAL D 416 -7.44 -13.33 -48.80
C VAL D 416 -7.78 -11.84 -48.82
N PHE D 417 -6.96 -10.98 -48.21
CA PHE D 417 -7.21 -9.55 -48.30
C PHE D 417 -6.00 -8.77 -48.79
N THR D 418 -4.78 -9.28 -48.54
CA THR D 418 -3.61 -8.63 -49.12
C THR D 418 -3.37 -9.03 -50.57
N GLY D 419 -3.94 -10.12 -51.03
CA GLY D 419 -3.83 -10.51 -52.43
C GLY D 419 -2.50 -11.10 -52.87
N ILE D 420 -1.40 -10.60 -52.33
CA ILE D 420 -0.08 -11.14 -52.68
C ILE D 420 0.02 -12.59 -52.18
N PRO D 421 0.58 -13.52 -52.96
CA PRO D 421 0.60 -14.93 -52.53
C PRO D 421 1.52 -15.13 -51.33
N GLY D 422 1.02 -15.83 -50.32
CA GLY D 422 1.81 -16.08 -49.13
C GLY D 422 2.91 -17.09 -49.38
N LYS D 423 4.00 -16.97 -48.61
CA LYS D 423 5.17 -17.83 -48.75
C LYS D 423 5.66 -18.29 -47.38
N LEU D 424 5.99 -19.57 -47.28
CA LEU D 424 6.55 -20.17 -46.09
C LEU D 424 8.06 -20.39 -46.31
N VAL D 425 8.87 -19.73 -45.49
CA VAL D 425 10.31 -19.66 -45.68
C VAL D 425 11.00 -20.56 -44.68
N ARG D 426 11.76 -21.53 -45.18
CA ARG D 426 12.44 -22.49 -44.32
C ARG D 426 13.54 -21.83 -43.50
N LEU D 427 13.93 -22.49 -42.41
CA LEU D 427 14.92 -21.95 -41.49
C LEU D 427 16.28 -21.81 -42.15
N LYS D 428 16.75 -22.87 -42.81
CA LYS D 428 18.03 -22.83 -43.50
C LYS D 428 18.07 -21.73 -44.56
N ASP D 429 17.00 -21.59 -45.35
CA ASP D 429 16.93 -20.52 -46.32
C ASP D 429 16.95 -19.14 -45.66
N THR D 430 16.32 -19.00 -44.50
CA THR D 430 16.35 -17.72 -43.78
C THR D 430 17.76 -17.39 -43.32
N VAL D 431 18.43 -18.35 -42.68
CA VAL D 431 19.80 -18.12 -42.22
C VAL D 431 20.72 -17.78 -43.38
N ALA D 432 20.66 -18.56 -44.47
CA ALA D 432 21.49 -18.28 -45.64
C ALA D 432 21.20 -16.89 -46.21
N SER D 433 19.92 -16.54 -46.36
CA SER D 433 19.56 -15.25 -46.92
C SER D 433 20.09 -14.09 -46.08
N PHE D 434 19.90 -14.14 -44.77
CA PHE D 434 20.41 -13.06 -43.94
C PHE D 434 21.93 -13.05 -43.83
N LYS D 435 22.58 -14.21 -43.88
CA LYS D 435 24.04 -14.21 -43.97
C LYS D 435 24.51 -13.49 -45.22
N ALA D 436 23.91 -13.82 -46.37
CA ALA D 436 24.30 -13.18 -47.63
C ALA D 436 24.04 -11.68 -47.60
N VAL D 437 22.93 -11.24 -47.00
CA VAL D 437 22.69 -9.82 -46.86
C VAL D 437 23.72 -9.16 -45.95
N LEU D 438 24.07 -9.83 -44.85
CA LEU D 438 25.11 -9.32 -43.95
C LEU D 438 26.50 -9.35 -44.58
N GLU D 439 26.76 -10.31 -45.46
CA GLU D 439 28.00 -10.29 -46.24
C GLU D 439 28.04 -9.18 -47.28
N GLY D 440 26.97 -8.40 -47.43
CA GLY D 440 26.93 -7.31 -48.38
C GLY D 440 26.73 -7.73 -49.82
N LYS D 441 26.47 -9.01 -50.07
CA LYS D 441 26.44 -9.52 -51.44
C LYS D 441 25.35 -8.87 -52.28
N TYR D 442 24.37 -8.23 -51.65
CA TYR D 442 23.27 -7.56 -52.35
C TYR D 442 23.16 -6.09 -51.95
N ASP D 443 24.29 -5.46 -51.58
CA ASP D 443 24.30 -4.04 -51.25
C ASP D 443 23.82 -3.15 -52.40
N ASN D 444 23.93 -3.63 -53.64
CA ASN D 444 23.49 -2.84 -54.79
C ASN D 444 21.98 -2.85 -54.99
N ILE D 445 21.30 -3.93 -54.59
CA ILE D 445 19.86 -4.06 -54.85
C ILE D 445 19.09 -3.08 -53.97
N PRO D 446 18.07 -2.39 -54.50
CA PRO D 446 17.33 -1.43 -53.68
C PRO D 446 16.49 -2.10 -52.59
N GLU D 447 16.33 -1.36 -51.49
CA GLU D 447 15.73 -1.90 -50.28
C GLU D 447 14.30 -2.36 -50.49
N HIS D 448 13.57 -1.74 -51.41
CA HIS D 448 12.21 -2.17 -51.71
C HIS D 448 12.13 -3.48 -52.48
N ALA D 449 13.24 -3.99 -53.04
CA ALA D 449 13.26 -5.35 -53.54
C ALA D 449 13.24 -6.39 -52.41
N PHE D 450 13.56 -5.98 -51.19
CA PHE D 450 13.53 -6.85 -50.01
C PHE D 450 12.21 -6.88 -49.26
N TYR D 451 11.28 -5.96 -49.57
CA TYR D 451 10.02 -5.90 -48.87
C TYR D 451 9.04 -6.99 -49.31
N MET D 452 8.42 -7.66 -48.34
CA MET D 452 7.39 -8.67 -48.56
C MET D 452 7.81 -9.72 -49.58
N VAL D 453 8.86 -10.47 -49.24
CA VAL D 453 9.48 -11.39 -50.19
C VAL D 453 10.04 -12.59 -49.43
N GLY D 454 10.08 -13.73 -50.13
CA GLY D 454 10.18 -15.03 -49.50
C GLY D 454 11.57 -15.63 -49.40
N GLY D 455 12.59 -14.80 -49.37
CA GLY D 455 13.97 -15.25 -49.38
C GLY D 455 14.77 -14.57 -50.47
N ILE D 456 16.09 -14.82 -50.42
CA ILE D 456 16.99 -14.04 -51.24
C ILE D 456 16.89 -14.40 -52.73
N GLU D 457 16.55 -15.65 -53.05
CA GLU D 457 16.25 -15.98 -54.44
C GLU D 457 15.05 -15.19 -54.93
N ASP D 458 14.05 -15.02 -54.06
CA ASP D 458 12.91 -14.19 -54.40
C ASP D 458 13.27 -12.71 -54.40
N VAL D 459 14.20 -12.29 -53.54
CA VAL D 459 14.70 -10.91 -53.62
C VAL D 459 15.33 -10.63 -54.97
N VAL D 460 16.15 -11.56 -55.46
CA VAL D 460 16.75 -11.43 -56.79
C VAL D 460 15.69 -11.38 -57.88
N ALA D 461 14.72 -12.30 -57.84
CA ALA D 461 13.66 -12.29 -58.85
C ALA D 461 12.83 -11.02 -58.81
N LYS D 462 12.53 -10.51 -57.61
CA LYS D 462 11.79 -9.25 -57.50
C LYS D 462 12.59 -8.07 -58.00
N ALA D 463 13.88 -8.01 -57.69
CA ALA D 463 14.74 -6.97 -58.24
C ALA D 463 14.81 -7.03 -59.76
N GLU D 464 14.91 -8.23 -60.33
CA GLU D 464 14.90 -8.34 -61.79
C GLU D 464 13.59 -7.90 -62.42
N LYS D 465 12.45 -8.31 -61.86
CA LYS D 465 11.17 -7.88 -62.41
C LYS D 465 10.92 -6.38 -62.25
N LEU D 466 11.28 -5.82 -61.09
CA LEU D 466 11.11 -4.39 -60.85
C LEU D 466 12.10 -3.54 -61.66
N ALA D 467 13.30 -4.06 -61.93
CA ALA D 467 14.20 -3.38 -62.86
C ALA D 467 13.69 -3.47 -64.30
N ALA D 468 13.10 -4.60 -64.68
CA ALA D 468 12.47 -4.68 -66.00
C ALA D 468 11.30 -3.71 -66.09
N GLU D 469 10.57 -3.53 -64.99
CA GLU D 469 9.63 -2.43 -64.87
C GLU D 469 10.36 -1.09 -64.95
N PRO E 1 5.00 -35.06 42.74
CA PRO E 1 5.05 -33.92 41.83
C PRO E 1 3.77 -33.77 41.01
N ILE E 2 3.52 -32.56 40.53
CA ILE E 2 2.43 -32.29 39.60
C ILE E 2 2.83 -32.76 38.21
N THR E 3 2.09 -33.74 37.67
CA THR E 3 2.35 -34.30 36.35
C THR E 3 1.10 -34.23 35.48
N GLY E 4 1.31 -34.11 34.18
CA GLY E 4 0.23 -33.87 33.24
C GLY E 4 0.55 -34.55 31.94
N LYS E 5 -0.50 -34.89 31.18
CA LYS E 5 -0.31 -35.53 29.88
C LYS E 5 -0.35 -34.49 28.76
N VAL E 6 0.54 -34.65 27.79
CA VAL E 6 0.42 -33.92 26.53
C VAL E 6 -0.87 -34.31 25.83
N THR E 7 -1.61 -33.31 25.33
CA THR E 7 -2.87 -33.55 24.67
C THR E 7 -2.93 -32.94 23.28
N ALA E 8 -2.14 -31.90 23.03
CA ALA E 8 -2.02 -31.36 21.69
C ALA E 8 -0.60 -30.86 21.46
N VAL E 9 -0.19 -30.84 20.19
CA VAL E 9 1.13 -30.38 19.80
C VAL E 9 1.02 -29.67 18.46
N ILE E 10 1.38 -28.38 18.43
CA ILE E 10 1.27 -27.57 17.23
C ILE E 10 2.53 -26.73 17.12
N GLY E 11 3.50 -27.20 16.36
CA GLY E 11 4.78 -26.52 16.31
C GLY E 11 5.39 -26.37 17.69
N ALA E 12 5.73 -25.12 18.05
CA ALA E 12 6.28 -24.82 19.36
C ALA E 12 5.25 -24.84 20.48
N ILE E 13 3.96 -25.01 20.19
CA ILE E 13 2.90 -24.90 21.19
C ILE E 13 2.48 -26.30 21.62
N VAL E 14 2.40 -26.52 22.93
CA VAL E 14 2.04 -27.80 23.51
C VAL E 14 0.96 -27.57 24.57
N ASP E 15 -0.11 -28.35 24.51
CA ASP E 15 -1.17 -28.27 25.51
C ASP E 15 -1.06 -29.46 26.45
N VAL E 16 -1.14 -29.19 27.75
CA VAL E 16 -0.90 -30.19 28.78
C VAL E 16 -2.12 -30.22 29.71
N HIS E 17 -2.65 -31.42 29.94
CA HIS E 17 -3.80 -31.61 30.81
C HIS E 17 -3.31 -32.18 32.13
N PHE E 18 -3.59 -31.47 33.22
CA PHE E 18 -2.99 -31.77 34.52
C PHE E 18 -3.84 -32.64 35.42
N GLU E 19 -5.12 -32.84 35.10
CA GLU E 19 -5.92 -33.90 35.73
C GLU E 19 -5.94 -33.81 37.25
N GLN E 20 -5.68 -32.64 37.84
CA GLN E 20 -5.71 -32.53 39.29
C GLN E 20 -6.00 -31.10 39.71
N SER E 21 -6.35 -30.95 40.99
CA SER E 21 -6.81 -29.67 41.52
C SER E 21 -5.81 -28.54 41.31
N GLU E 22 -4.52 -28.84 41.38
CA GLU E 22 -3.48 -27.81 41.23
C GLU E 22 -2.85 -27.88 39.86
N LEU E 23 -2.90 -26.77 39.13
CA LEU E 23 -2.20 -26.55 37.87
C LEU E 23 -0.95 -25.73 38.11
N PRO E 24 0.03 -25.82 37.20
CA PRO E 24 1.16 -24.88 37.23
C PRO E 24 0.72 -23.45 36.90
N ALA E 25 1.35 -22.49 37.57
CA ALA E 25 1.09 -21.09 37.28
C ALA E 25 1.63 -20.73 35.90
N ILE E 26 1.18 -19.59 35.38
CA ILE E 26 1.78 -19.05 34.17
C ILE E 26 3.26 -18.79 34.39
N LEU E 27 4.06 -18.93 33.32
CA LEU E 27 5.51 -18.83 33.32
C LEU E 27 6.23 -19.95 34.07
N ASN E 28 5.52 -20.88 34.71
CA ASN E 28 6.19 -22.06 35.24
C ASN E 28 6.91 -22.81 34.12
N ALA E 29 7.98 -23.50 34.49
CA ALA E 29 8.68 -24.41 33.61
C ALA E 29 8.28 -25.86 33.90
N LEU E 30 7.95 -26.59 32.84
CA LEU E 30 7.62 -28.00 32.89
C LEU E 30 8.69 -28.75 32.10
N GLU E 31 8.93 -30.00 32.46
CA GLU E 31 9.92 -30.82 31.79
C GLU E 31 9.27 -32.07 31.19
N ILE E 32 9.72 -32.43 30.00
CA ILE E 32 9.45 -33.72 29.38
C ILE E 32 10.79 -34.42 29.25
N LYS E 33 10.80 -35.73 29.44
CA LYS E 33 12.00 -36.53 29.33
C LYS E 33 12.05 -37.20 27.97
N THR E 34 13.19 -37.08 27.30
CA THR E 34 13.29 -37.24 25.86
C THR E 34 14.43 -38.19 25.53
N PRO E 35 14.38 -38.86 24.38
CA PRO E 35 15.43 -39.77 24.03
C PRO E 35 16.82 -39.19 24.07
N GLN E 36 16.98 -37.89 23.81
CA GLN E 36 18.15 -37.14 24.24
C GLN E 36 17.74 -36.01 25.19
N GLY E 37 18.27 -36.07 26.40
CA GLY E 37 18.05 -35.00 27.38
C GLY E 37 16.60 -34.78 27.76
N LYS E 38 16.21 -33.50 27.76
CA LYS E 38 14.89 -33.07 28.20
C LYS E 38 14.38 -31.95 27.32
N LEU E 39 13.07 -31.82 27.22
CA LEU E 39 12.42 -30.66 26.63
C LEU E 39 11.81 -29.79 27.73
N VAL E 40 12.06 -28.49 27.68
CA VAL E 40 11.49 -27.54 28.62
C VAL E 40 10.34 -26.78 27.96
N LEU E 41 9.20 -26.77 28.63
CA LEU E 41 8.00 -26.04 28.21
C LEU E 41 7.75 -24.93 29.20
N GLU E 42 7.44 -23.72 28.71
CA GLU E 42 7.02 -22.64 29.58
C GLU E 42 5.53 -22.37 29.40
N VAL E 43 4.82 -22.31 30.52
CA VAL E 43 3.37 -22.14 30.51
C VAL E 43 3.02 -20.74 30.03
N ALA E 44 2.05 -20.65 29.13
CA ALA E 44 1.62 -19.38 28.57
C ALA E 44 0.17 -19.03 28.89
N GLN E 45 -0.71 -20.02 29.02
CA GLN E 45 -2.12 -19.76 29.20
C GLN E 45 -2.76 -20.90 29.99
N HIS E 46 -3.89 -20.61 30.62
CA HIS E 46 -4.79 -21.65 31.09
C HIS E 46 -5.99 -21.69 30.16
N LEU E 47 -6.21 -22.82 29.50
CA LEU E 47 -7.30 -22.95 28.54
C LEU E 47 -8.62 -23.31 29.19
N GLY E 48 -8.61 -23.77 30.43
CA GLY E 48 -9.74 -24.43 31.03
C GLY E 48 -9.64 -25.94 30.93
N GLU E 49 -10.59 -26.61 31.58
CA GLU E 49 -10.62 -28.07 31.65
C GLU E 49 -9.28 -28.62 32.15
N ASN E 50 -8.71 -27.97 33.16
CA ASN E 50 -7.41 -28.33 33.72
C ASN E 50 -6.31 -28.38 32.65
N THR E 51 -6.48 -27.70 31.52
CA THR E 51 -5.53 -27.73 30.43
C THR E 51 -4.80 -26.40 30.36
N VAL E 52 -3.47 -26.44 30.43
CA VAL E 52 -2.64 -25.27 30.19
C VAL E 52 -2.05 -25.36 28.79
N ARG E 53 -1.74 -24.20 28.22
CA ARG E 53 -1.03 -24.09 26.97
C ARG E 53 0.35 -23.50 27.22
N THR E 54 1.36 -24.05 26.54
CA THR E 54 2.76 -23.84 26.89
C THR E 54 3.59 -23.71 25.63
N ILE E 55 4.72 -23.03 25.75
CA ILE E 55 5.62 -22.77 24.63
C ILE E 55 6.91 -23.54 24.87
N ALA E 56 7.44 -24.16 23.81
CA ALA E 56 8.50 -25.14 23.92
C ALA E 56 9.86 -24.51 23.60
N MET E 57 10.81 -24.70 24.50
CA MET E 57 12.16 -24.16 24.37
C MET E 57 13.06 -25.01 23.49
N ASP E 58 12.55 -26.10 22.93
CA ASP E 58 13.30 -26.92 21.99
C ASP E 58 12.33 -27.60 21.04
N GLY E 59 12.89 -28.31 20.06
CA GLY E 59 12.07 -28.93 19.03
C GLY E 59 11.08 -29.93 19.59
N THR E 60 9.84 -29.84 19.13
CA THR E 60 8.75 -30.70 19.57
C THR E 60 8.60 -31.96 18.73
N GLU E 61 9.46 -32.17 17.75
CA GLU E 61 9.42 -33.42 16.98
C GLU E 61 9.56 -34.62 17.89
N GLY E 62 8.78 -35.66 17.61
CA GLY E 62 8.77 -36.85 18.44
C GLY E 62 7.88 -36.82 19.65
N LEU E 63 7.27 -35.68 19.98
CA LEU E 63 6.27 -35.68 21.04
C LEU E 63 5.05 -36.48 20.65
N VAL E 64 4.50 -37.19 21.63
CA VAL E 64 3.33 -38.05 21.46
C VAL E 64 2.24 -37.55 22.40
N ARG E 65 1.00 -37.55 21.93
CA ARG E 65 -0.12 -37.27 22.82
C ARG E 65 -0.20 -38.31 23.91
N GLY E 66 -0.37 -37.86 25.15
CA GLY E 66 -0.29 -38.73 26.31
C GLY E 66 1.07 -38.79 26.95
N GLU E 67 2.09 -38.21 26.33
CA GLU E 67 3.42 -38.17 26.91
C GLU E 67 3.41 -37.32 28.17
N LYS E 68 4.29 -37.66 29.12
CA LYS E 68 4.18 -37.21 30.49
C LYS E 68 5.09 -36.00 30.73
N VAL E 69 4.51 -34.96 31.32
CA VAL E 69 5.17 -33.70 31.61
C VAL E 69 5.16 -33.53 33.11
N LEU E 70 6.24 -32.97 33.67
CA LEU E 70 6.35 -32.76 35.11
C LEU E 70 6.66 -31.30 35.35
N ASP E 71 5.91 -30.68 36.26
CA ASP E 71 6.13 -29.29 36.66
C ASP E 71 7.32 -29.17 37.59
N THR E 72 8.29 -28.33 37.21
CA THR E 72 9.47 -28.06 38.04
C THR E 72 9.15 -27.14 39.22
N GLY E 73 7.99 -26.50 39.24
CA GLY E 73 7.55 -25.69 40.36
C GLY E 73 7.94 -24.24 40.31
N GLY E 74 8.61 -23.78 39.25
CA GLY E 74 8.96 -22.39 39.12
C GLY E 74 9.32 -22.01 37.70
N PRO E 75 9.62 -20.74 37.47
CA PRO E 75 9.95 -20.30 36.12
C PRO E 75 11.29 -20.86 35.65
N ILE E 76 11.57 -20.65 34.37
CA ILE E 76 12.91 -20.86 33.84
C ILE E 76 13.88 -20.05 34.67
N SER E 77 14.89 -20.71 35.22
CA SER E 77 15.82 -20.10 36.17
C SER E 77 17.23 -20.38 35.72
N VAL E 78 18.10 -19.36 35.79
CA VAL E 78 19.40 -19.43 35.14
C VAL E 78 20.50 -19.12 36.16
N PRO E 79 21.68 -19.70 36.03
CA PRO E 79 22.77 -19.37 36.96
C PRO E 79 23.18 -17.91 36.82
N VAL E 80 23.64 -17.34 37.93
CA VAL E 80 23.92 -15.92 38.00
C VAL E 80 25.18 -15.68 38.81
N GLY E 81 25.84 -14.56 38.51
CA GLY E 81 27.00 -14.12 39.24
C GLY E 81 28.31 -14.50 38.59
N ARG E 82 29.38 -14.33 39.37
CA ARG E 82 30.73 -14.34 38.84
C ARG E 82 31.09 -15.69 38.22
N GLU E 83 30.45 -16.78 38.66
CA GLU E 83 30.68 -18.08 38.06
C GLU E 83 30.14 -18.20 36.65
N THR E 84 29.30 -17.27 36.18
CA THR E 84 28.86 -17.25 34.79
C THR E 84 29.84 -16.58 33.86
N LEU E 85 30.86 -15.88 34.37
CA LEU E 85 31.79 -15.17 33.52
C LEU E 85 32.74 -16.14 32.81
N GLY E 86 33.03 -15.83 31.54
CA GLY E 86 33.88 -16.68 30.74
C GLY E 86 33.24 -17.93 30.20
N ARG E 87 31.91 -18.02 30.23
CA ARG E 87 31.21 -19.25 29.90
C ARG E 87 30.01 -18.93 29.02
N ILE E 88 29.55 -19.94 28.29
CA ILE E 88 28.50 -19.77 27.28
C ILE E 88 27.27 -20.54 27.72
N ILE E 89 26.14 -19.83 27.76
CA ILE E 89 24.89 -20.32 28.34
C ILE E 89 23.82 -20.30 27.26
N ASN E 90 22.94 -21.30 27.27
CA ASN E 90 21.76 -21.28 26.43
C ASN E 90 20.57 -20.64 27.15
N VAL E 91 19.46 -20.51 26.43
CA VAL E 91 18.23 -19.90 26.93
C VAL E 91 17.72 -20.48 28.23
N ILE E 92 18.07 -21.73 28.55
CA ILE E 92 17.61 -22.34 29.79
C ILE E 92 18.75 -22.53 30.79
N GLY E 93 19.85 -21.80 30.62
CA GLY E 93 20.88 -21.76 31.63
C GLY E 93 21.81 -22.93 31.65
N GLU E 94 21.77 -23.79 30.65
CA GLU E 94 22.73 -24.87 30.56
C GLU E 94 24.01 -24.38 29.88
N PRO E 95 25.17 -24.92 30.25
CA PRO E 95 26.39 -24.62 29.49
C PRO E 95 26.35 -25.27 28.12
N ILE E 96 26.72 -24.49 27.10
CA ILE E 96 26.91 -25.00 25.75
C ILE E 96 28.35 -24.91 25.28
N ASP E 97 29.27 -24.47 26.14
CA ASP E 97 30.66 -24.87 26.03
C ASP E 97 30.82 -26.30 26.56
N GLU E 98 32.05 -26.80 26.54
CA GLU E 98 32.33 -28.16 27.00
C GLU E 98 32.84 -28.22 28.43
N ARG E 99 32.76 -27.12 29.18
CA ARG E 99 33.59 -26.94 30.37
C ARG E 99 32.89 -27.39 31.65
N GLY E 100 31.88 -28.25 31.54
CA GLY E 100 31.19 -28.81 32.68
C GLY E 100 30.12 -27.91 33.26
N PRO E 101 29.57 -28.30 34.42
CA PRO E 101 28.54 -27.49 35.07
C PRO E 101 29.02 -26.09 35.43
N ILE E 102 28.08 -25.16 35.49
CA ILE E 102 28.44 -23.78 35.82
C ILE E 102 28.62 -23.62 37.32
N LYS E 103 27.89 -24.41 38.12
CA LYS E 103 28.17 -24.58 39.54
C LYS E 103 28.10 -23.26 40.30
N SER E 104 27.27 -22.34 39.85
CA SER E 104 27.01 -21.12 40.61
C SER E 104 26.21 -21.42 41.87
N LYS E 105 26.40 -20.58 42.88
CA LYS E 105 25.66 -20.75 44.13
C LYS E 105 24.18 -20.37 43.98
N LEU E 106 23.88 -19.41 43.11
CA LEU E 106 22.51 -18.93 42.93
C LEU E 106 22.01 -19.27 41.54
N ARG E 107 20.70 -19.49 41.45
CA ARG E 107 19.99 -19.50 40.18
C ARG E 107 18.74 -18.65 40.33
N LYS E 108 18.44 -17.85 39.31
CA LYS E 108 17.49 -16.77 39.44
C LYS E 108 16.49 -16.78 38.29
N PRO E 109 15.20 -16.54 38.57
CA PRO E 109 14.20 -16.56 37.51
C PRO E 109 14.45 -15.51 36.43
N ILE E 110 14.28 -15.92 35.18
CA ILE E 110 14.48 -15.00 34.06
C ILE E 110 13.34 -13.98 33.94
N HIS E 111 12.22 -14.20 34.61
CA HIS E 111 11.12 -13.26 34.63
C HIS E 111 11.10 -12.49 35.95
N ALA E 112 11.19 -11.16 35.87
CA ALA E 112 11.23 -10.30 37.04
C ALA E 112 10.64 -8.94 36.65
N ASP E 113 10.16 -8.20 37.66
CA ASP E 113 9.67 -6.86 37.42
C ASP E 113 10.82 -5.86 37.33
N PRO E 114 10.63 -4.77 36.59
CA PRO E 114 11.66 -3.72 36.50
C PRO E 114 11.97 -3.11 37.85
N PRO E 115 13.07 -2.36 37.94
CA PRO E 115 13.36 -1.61 39.18
C PRO E 115 12.23 -0.66 39.57
N SER E 116 12.05 -0.49 40.87
CA SER E 116 10.96 0.32 41.38
C SER E 116 11.18 1.79 41.05
N PHE E 117 10.13 2.59 41.31
CA PHE E 117 10.20 4.03 41.09
C PHE E 117 11.29 4.70 41.92
N ALA E 118 11.56 4.18 43.11
CA ALA E 118 12.60 4.74 43.97
C ALA E 118 14.01 4.34 43.55
N GLU E 119 14.16 3.26 42.80
CA GLU E 119 15.47 2.76 42.38
C GLU E 119 16.01 3.41 41.12
N GLN E 120 15.23 4.22 40.41
CA GLN E 120 15.69 4.81 39.16
C GLN E 120 16.83 5.79 39.40
N SER E 121 17.76 5.83 38.44
CA SER E 121 18.80 6.84 38.37
C SER E 121 19.09 7.10 36.89
N THR E 122 19.64 8.28 36.60
CA THR E 122 19.93 8.62 35.21
C THR E 122 21.15 9.52 35.10
N SER E 123 21.93 9.29 34.06
CA SER E 123 23.24 9.91 33.86
C SER E 123 23.18 10.87 32.68
N ALA E 124 24.21 11.73 32.58
CA ALA E 124 24.53 12.40 31.33
C ALA E 124 26.02 12.30 31.02
N GLU E 125 26.65 11.19 31.42
CA GLU E 125 28.03 10.91 31.05
C GLU E 125 28.11 10.49 29.59
N ILE E 126 28.89 11.21 28.80
CA ILE E 126 29.17 10.80 27.43
C ILE E 126 30.15 9.62 27.44
N LEU E 127 29.81 8.58 26.71
CA LEU E 127 30.70 7.44 26.47
C LEU E 127 31.48 7.70 25.18
N GLU E 128 32.78 7.94 25.30
CA GLU E 128 33.62 8.16 24.13
C GLU E 128 33.87 6.85 23.40
N THR E 129 33.37 6.77 22.16
CA THR E 129 33.45 5.55 21.36
C THR E 129 34.68 5.49 20.48
N GLY E 130 35.30 6.63 20.17
CA GLY E 130 36.33 6.67 19.15
C GLY E 130 35.83 6.69 17.73
N ILE E 131 34.51 6.74 17.53
CA ILE E 131 33.91 6.73 16.20
C ILE E 131 33.43 8.14 15.91
N LYS E 132 34.00 8.76 14.86
CA LYS E 132 33.83 10.18 14.64
C LYS E 132 32.36 10.58 14.52
N VAL E 133 31.60 9.87 13.68
CA VAL E 133 30.20 10.24 13.45
C VAL E 133 29.37 10.12 14.72
N VAL E 134 29.67 9.13 15.56
CA VAL E 134 28.96 8.99 16.83
C VAL E 134 29.43 10.05 17.82
N ASP E 135 30.74 10.15 18.02
CA ASP E 135 31.28 11.08 19.00
C ASP E 135 30.92 12.52 18.68
N LEU E 136 30.76 12.86 17.40
CA LEU E 136 30.32 14.20 17.02
C LEU E 136 28.81 14.37 17.09
N LEU E 137 28.04 13.52 16.40
CA LEU E 137 26.66 13.85 16.10
C LEU E 137 25.64 13.08 16.94
N ALA E 138 26.05 12.03 17.63
CA ALA E 138 25.10 11.26 18.44
C ALA E 138 25.82 10.62 19.62
N PRO E 139 26.52 11.41 20.44
CA PRO E 139 27.39 10.83 21.46
C PRO E 139 26.59 9.90 22.38
N TYR E 140 27.15 8.71 22.63
CA TYR E 140 26.48 7.71 23.43
C TYR E 140 26.55 8.08 24.91
N ALA E 141 25.53 7.68 25.66
CA ALA E 141 25.47 7.90 27.10
C ALA E 141 25.96 6.65 27.83
N ARG E 142 26.94 6.83 28.71
CA ARG E 142 27.29 5.79 29.66
C ARG E 142 26.14 5.59 30.63
N GLY E 143 25.73 4.35 30.84
CA GLY E 143 24.53 4.07 31.61
C GLY E 143 23.24 4.28 30.87
N GLY E 144 23.29 4.56 29.56
CA GLY E 144 22.12 4.73 28.74
C GLY E 144 21.90 3.56 27.80
N LYS E 145 20.81 3.66 27.04
CA LYS E 145 20.49 2.68 26.00
C LYS E 145 20.90 3.23 24.65
N ILE E 146 21.58 2.40 23.86
CA ILE E 146 21.97 2.70 22.51
C ILE E 146 21.35 1.65 21.61
N GLY E 147 20.75 2.09 20.50
CA GLY E 147 20.26 1.18 19.48
C GLY E 147 20.95 1.42 18.15
N LEU E 148 21.26 0.33 17.45
CA LEU E 148 21.78 0.39 16.09
C LEU E 148 20.74 -0.18 15.13
N PHE E 149 20.31 0.63 14.18
CA PHE E 149 19.25 0.27 13.26
C PHE E 149 19.86 0.10 11.88
N GLY E 150 19.59 -1.03 11.24
CA GLY E 150 19.97 -1.19 9.86
C GLY E 150 19.39 -2.43 9.20
N GLY E 151 19.21 -2.39 7.89
CA GLY E 151 18.79 -3.56 7.16
C GLY E 151 19.89 -4.62 7.16
N ALA E 152 19.69 -5.61 6.30
CA ALA E 152 20.65 -6.69 6.17
C ALA E 152 21.99 -6.18 5.64
N GLY E 153 23.08 -6.60 6.27
CA GLY E 153 24.40 -6.40 5.71
C GLY E 153 24.96 -4.99 5.78
N VAL E 154 24.27 -4.04 6.41
CA VAL E 154 24.74 -2.65 6.36
C VAL E 154 25.88 -2.36 7.33
N GLY E 155 26.12 -3.20 8.34
CA GLY E 155 27.33 -3.04 9.13
C GLY E 155 27.18 -3.08 10.64
N LYS E 156 25.97 -3.32 11.14
CA LYS E 156 25.71 -3.14 12.57
C LYS E 156 26.46 -4.17 13.44
N THR E 157 26.71 -5.37 12.95
CA THR E 157 27.53 -6.32 13.71
C THR E 157 29.01 -5.92 13.72
N VAL E 158 29.54 -5.44 12.59
CA VAL E 158 30.89 -4.90 12.58
C VAL E 158 30.99 -3.70 13.51
N PHE E 159 29.94 -2.87 13.53
CA PHE E 159 29.87 -1.75 14.47
C PHE E 159 29.89 -2.21 15.92
N ILE E 160 29.06 -3.19 16.27
CA ILE E 160 29.12 -3.75 17.63
C ILE E 160 30.49 -4.31 17.97
N GLN E 161 31.16 -4.96 17.02
CA GLN E 161 32.49 -5.52 17.33
C GLN E 161 33.55 -4.44 17.49
N GLU E 162 33.44 -3.35 16.73
CA GLU E 162 34.30 -2.20 16.96
C GLU E 162 34.04 -1.56 18.32
N LEU E 163 32.77 -1.43 18.70
CA LEU E 163 32.45 -0.93 20.04
C LEU E 163 32.99 -1.84 21.12
N ILE E 164 32.85 -3.15 20.95
CA ILE E 164 33.40 -4.10 21.93
C ILE E 164 34.91 -3.91 22.07
N ASN E 165 35.62 -3.78 20.95
CA ASN E 165 37.06 -3.60 21.03
C ASN E 165 37.45 -2.29 21.70
N ASN E 166 36.81 -1.19 21.31
CA ASN E 166 37.19 0.12 21.83
C ASN E 166 36.75 0.34 23.27
N ILE E 167 35.50 0.03 23.58
CA ILE E 167 34.91 0.27 24.90
C ILE E 167 35.19 -0.87 25.88
N ALA E 168 34.95 -2.11 25.49
CA ALA E 168 34.62 -3.16 26.46
C ALA E 168 35.79 -3.49 27.38
N LYS E 169 37.03 -3.41 26.89
CA LYS E 169 38.18 -3.62 27.78
C LYS E 169 38.62 -2.35 28.48
N ALA E 170 38.16 -1.18 28.04
CA ALA E 170 38.36 0.05 28.78
C ALA E 170 37.37 0.20 29.92
N HIS E 171 36.15 -0.29 29.73
CA HIS E 171 35.15 -0.30 30.80
C HIS E 171 35.64 -1.08 32.01
N GLY E 172 35.34 -0.54 33.19
CA GLY E 172 35.91 -1.07 34.43
C GLY E 172 35.26 -2.32 34.96
N GLY E 173 33.96 -2.49 34.72
CA GLY E 173 33.21 -3.61 35.25
C GLY E 173 33.07 -4.76 34.26
N PHE E 174 32.08 -5.60 34.52
CA PHE E 174 31.83 -6.78 33.70
C PHE E 174 31.07 -6.41 32.43
N SER E 175 31.02 -7.36 31.50
CA SER E 175 30.19 -7.24 30.31
C SER E 175 29.35 -8.49 30.12
N VAL E 176 28.23 -8.32 29.43
CA VAL E 176 27.43 -9.47 29.01
C VAL E 176 27.11 -9.30 27.53
N PHE E 177 27.30 -10.35 26.74
CA PHE E 177 26.88 -10.37 25.35
C PHE E 177 25.77 -11.39 25.17
N THR E 178 24.63 -10.95 24.63
CA THR E 178 23.53 -11.82 24.24
C THR E 178 23.40 -11.79 22.72
N GLY E 179 23.57 -12.95 22.08
CA GLY E 179 23.22 -13.11 20.69
C GLY E 179 21.83 -13.68 20.53
N VAL E 180 20.93 -12.90 19.94
CA VAL E 180 19.54 -13.32 19.75
C VAL E 180 19.34 -13.50 18.25
N GLY E 181 19.09 -14.74 17.83
CA GLY E 181 18.73 -15.01 16.45
C GLY E 181 19.70 -14.51 15.41
N GLU E 182 21.00 -14.52 15.70
CA GLU E 182 22.02 -14.23 14.69
C GLU E 182 22.86 -15.48 14.43
N ARG E 183 23.88 -15.33 13.60
CA ARG E 183 24.59 -16.49 13.06
C ARG E 183 25.38 -17.21 14.15
N THR E 184 25.28 -18.54 14.15
CA THR E 184 26.12 -19.36 15.01
C THR E 184 27.60 -19.21 14.66
N ARG E 185 27.89 -18.97 13.38
CA ARG E 185 29.23 -18.57 12.96
C ARG E 185 29.68 -17.30 13.66
N GLU E 186 28.83 -16.28 13.69
CA GLU E 186 29.22 -15.04 14.33
C GLU E 186 29.47 -15.22 15.83
N GLY E 187 28.71 -16.11 16.47
CA GLY E 187 28.99 -16.43 17.87
C GLY E 187 30.31 -17.15 18.08
N ASN E 188 30.62 -18.13 17.23
CA ASN E 188 31.91 -18.81 17.35
C ASN E 188 33.09 -17.88 17.07
N ASP E 189 32.97 -17.02 16.06
CA ASP E 189 33.99 -16.02 15.80
C ASP E 189 34.14 -15.02 16.94
N LEU E 190 33.03 -14.62 17.56
CA LEU E 190 33.13 -13.76 18.73
C LEU E 190 33.81 -14.47 19.90
N TYR E 191 33.45 -15.72 20.16
CA TYR E 191 34.08 -16.46 21.25
C TYR E 191 35.59 -16.60 21.04
N ARG E 192 36.01 -16.93 19.81
CA ARG E 192 37.43 -16.97 19.49
C ARG E 192 38.11 -15.62 19.65
N GLU E 193 37.49 -14.55 19.16
CA GLU E 193 38.07 -13.21 19.32
C GLU E 193 38.14 -12.79 20.79
N MET E 194 37.17 -13.17 21.60
CA MET E 194 37.22 -12.91 23.03
C MET E 194 38.36 -13.65 23.71
N LYS E 195 38.58 -14.90 23.33
CA LYS E 195 39.71 -15.64 23.91
C LYS E 195 41.05 -15.05 23.45
N GLU E 196 41.17 -14.70 22.17
CA GLU E 196 42.42 -14.16 21.67
C GLU E 196 42.74 -12.79 22.26
N THR E 197 41.76 -11.89 22.32
CA THR E 197 41.96 -10.60 22.97
C THR E 197 42.18 -10.75 24.48
N GLY E 198 41.60 -11.78 25.09
CA GLY E 198 41.83 -12.05 26.49
C GLY E 198 40.71 -11.61 27.41
N VAL E 199 39.58 -11.17 26.85
CA VAL E 199 38.41 -10.86 27.66
C VAL E 199 37.87 -12.14 28.29
N ILE E 200 38.14 -13.28 27.67
CA ILE E 200 37.89 -14.59 28.28
C ILE E 200 39.24 -15.25 28.51
N ASN E 201 39.46 -15.72 29.73
CA ASN E 201 40.56 -16.64 30.04
C ASN E 201 39.97 -17.92 30.59
N LEU E 202 40.24 -19.04 29.92
CA LEU E 202 39.72 -20.33 30.36
C LEU E 202 40.46 -20.83 31.60
N GLU E 203 41.68 -20.37 31.82
CA GLU E 203 42.46 -20.71 33.01
C GLU E 203 42.63 -19.51 33.94
N GLY E 204 41.76 -18.50 33.83
CA GLY E 204 41.87 -17.32 34.65
C GLY E 204 40.56 -16.59 34.85
N GLU E 205 40.63 -15.31 35.20
CA GLU E 205 39.44 -14.49 35.33
C GLU E 205 38.97 -13.98 33.98
N SER E 206 37.65 -13.91 33.79
CA SER E 206 37.05 -13.42 32.56
C SER E 206 36.13 -12.26 32.88
N LYS E 207 36.08 -11.29 31.96
CA LYS E 207 35.29 -10.08 32.13
C LYS E 207 33.92 -10.14 31.48
N VAL E 208 33.63 -11.14 30.65
CA VAL E 208 32.41 -11.18 29.86
C VAL E 208 31.71 -12.51 30.04
N ALA E 209 30.38 -12.46 30.17
CA ALA E 209 29.54 -13.64 30.06
C ALA E 209 28.80 -13.64 28.73
N LEU E 210 28.72 -14.81 28.10
CA LEU E 210 28.08 -14.97 26.79
C LEU E 210 26.81 -15.79 26.92
N VAL E 211 25.73 -15.28 26.35
CA VAL E 211 24.44 -15.97 26.26
C VAL E 211 24.07 -16.01 24.78
N PHE E 212 23.73 -17.18 24.26
CA PHE E 212 23.38 -17.32 22.86
C PHE E 212 22.11 -18.12 22.68
N GLY E 213 21.24 -17.62 21.81
CA GLY E 213 20.17 -18.42 21.22
C GLY E 213 20.02 -18.00 19.78
N GLN E 214 20.70 -18.71 18.89
CA GLN E 214 20.92 -18.20 17.54
C GLN E 214 19.77 -18.56 16.62
N MET E 215 19.90 -18.18 15.34
CA MET E 215 18.80 -18.29 14.40
C MET E 215 18.46 -19.72 14.01
N ASN E 216 19.26 -20.70 14.45
CA ASN E 216 18.88 -22.11 14.36
C ASN E 216 17.91 -22.53 15.45
N GLU E 217 17.73 -21.73 16.49
CA GLU E 217 16.91 -22.12 17.63
C GLU E 217 15.42 -21.94 17.34
N PRO E 218 14.57 -22.74 17.99
CA PRO E 218 13.11 -22.54 17.85
C PRO E 218 12.70 -21.16 18.29
N PRO E 219 11.50 -20.72 17.90
CA PRO E 219 11.03 -19.39 18.31
C PRO E 219 10.91 -19.18 19.82
N GLY E 220 10.54 -20.21 20.58
CA GLY E 220 10.49 -20.05 22.03
C GLY E 220 11.83 -19.70 22.65
N ALA E 221 12.88 -20.39 22.22
CA ALA E 221 14.22 -20.09 22.70
C ALA E 221 14.70 -18.71 22.27
N ARG E 222 14.50 -18.37 20.99
CA ARG E 222 14.89 -17.04 20.52
C ARG E 222 14.10 -15.94 21.21
N ALA E 223 12.87 -16.24 21.66
CA ALA E 223 12.12 -15.27 22.45
C ALA E 223 12.69 -15.12 23.86
N ARG E 224 12.95 -16.22 24.56
CA ARG E 224 13.34 -16.14 25.95
C ARG E 224 14.81 -15.86 26.21
N VAL E 225 15.72 -16.09 25.26
CA VAL E 225 17.15 -16.01 25.57
C VAL E 225 17.55 -14.60 26.01
N ALA E 226 16.94 -13.58 25.42
CA ALA E 226 17.24 -12.21 25.85
C ALA E 226 16.95 -12.02 27.33
N LEU E 227 15.92 -12.67 27.86
CA LEU E 227 15.62 -12.58 29.28
C LEU E 227 16.68 -13.26 30.14
N THR E 228 17.32 -14.31 29.65
CA THR E 228 18.43 -14.91 30.39
C THR E 228 19.63 -13.98 30.43
N GLY E 229 20.00 -13.43 29.28
CA GLY E 229 21.09 -12.47 29.27
C GLY E 229 20.83 -11.28 30.17
N LEU E 230 19.61 -10.74 30.10
CA LEU E 230 19.23 -9.61 30.91
C LEU E 230 19.21 -9.95 32.40
N THR E 231 18.77 -11.17 32.76
CA THR E 231 18.80 -11.59 34.16
C THR E 231 20.22 -11.68 34.70
N ILE E 232 21.18 -12.12 33.88
CA ILE E 232 22.58 -12.10 34.31
C ILE E 232 23.08 -10.67 34.47
N ALA E 233 22.76 -9.80 33.51
CA ALA E 233 23.17 -8.40 33.63
C ALA E 233 22.57 -7.73 34.86
N GLU E 234 21.28 -7.95 35.11
CA GLU E 234 20.63 -7.43 36.31
C GLU E 234 21.25 -7.97 37.58
N TYR E 235 21.67 -9.25 37.59
CA TYR E 235 22.35 -9.74 38.79
C TYR E 235 23.66 -9.03 39.04
N PHE E 236 24.44 -8.79 37.98
CA PHE E 236 25.67 -8.02 38.16
C PHE E 236 25.38 -6.60 38.62
N ARG E 237 24.36 -5.96 38.07
CA ARG E 237 24.01 -4.60 38.49
C ARG E 237 23.59 -4.53 39.96
N ASP E 238 22.60 -5.34 40.34
CA ASP E 238 22.03 -5.25 41.68
C ASP E 238 22.86 -5.96 42.76
N GLU E 239 23.19 -7.23 42.55
CA GLU E 239 23.89 -8.00 43.57
C GLU E 239 25.38 -7.66 43.68
N GLU E 240 26.09 -7.63 42.57
CA GLU E 240 27.50 -7.23 42.61
C GLU E 240 27.67 -5.72 42.77
N GLY E 241 26.72 -4.93 42.29
CA GLY E 241 26.90 -3.49 42.27
C GLY E 241 27.85 -3.01 41.20
N GLN E 242 28.09 -3.82 40.19
CA GLN E 242 29.06 -3.52 39.15
C GLN E 242 28.42 -2.63 38.09
N ASP E 243 29.25 -1.84 37.42
CA ASP E 243 28.85 -1.23 36.17
C ASP E 243 28.95 -2.26 35.04
N VAL E 244 27.83 -2.53 34.39
CA VAL E 244 27.72 -3.54 33.34
C VAL E 244 27.55 -2.82 32.02
N LEU E 245 28.11 -3.40 30.95
CA LEU E 245 27.65 -3.10 29.61
C LEU E 245 27.10 -4.36 28.95
N LEU E 246 25.85 -4.28 28.52
CA LEU E 246 25.10 -5.41 27.96
C LEU E 246 24.96 -5.18 26.46
N PHE E 247 25.48 -6.10 25.67
CA PHE E 247 25.31 -6.08 24.22
C PHE E 247 24.22 -7.07 23.87
N ILE E 248 23.33 -6.67 22.97
CA ILE E 248 22.30 -7.55 22.43
C ILE E 248 22.37 -7.49 20.92
N ASP E 249 22.98 -8.51 20.30
CA ASP E 249 23.00 -8.60 18.85
C ASP E 249 21.63 -9.08 18.34
N ASN E 250 20.95 -8.15 17.66
CA ASN E 250 19.67 -8.29 16.97
C ASN E 250 18.50 -8.55 17.90
N ILE E 251 18.13 -7.54 18.69
CA ILE E 251 16.91 -7.62 19.50
C ILE E 251 15.63 -7.76 18.69
N PHE E 252 15.65 -7.39 17.41
CA PHE E 252 14.49 -7.64 16.56
C PHE E 252 14.14 -9.12 16.49
N ARG E 253 15.14 -10.00 16.58
CA ARG E 253 14.84 -11.42 16.54
C ARG E 253 14.05 -11.88 17.75
N PHE E 254 14.18 -11.19 18.88
CA PHE E 254 13.27 -11.47 19.99
C PHE E 254 11.84 -11.10 19.63
N THR E 255 11.65 -9.92 19.05
CA THR E 255 10.31 -9.46 18.71
C THR E 255 9.68 -10.35 17.66
N GLN E 256 10.45 -10.66 16.62
CA GLN E 256 9.95 -11.55 15.58
C GLN E 256 9.60 -12.93 16.14
N ALA E 257 10.42 -13.46 17.05
CA ALA E 257 10.05 -14.72 17.67
C ALA E 257 8.75 -14.61 18.46
N GLY E 258 8.51 -13.48 19.10
CA GLY E 258 7.21 -13.26 19.71
C GLY E 258 6.06 -13.31 18.73
N SER E 259 6.25 -12.75 17.54
CA SER E 259 5.24 -12.91 16.50
C SER E 259 5.03 -14.36 16.09
N GLU E 260 6.12 -15.12 15.91
CA GLU E 260 5.98 -16.50 15.47
C GLU E 260 5.18 -17.36 16.44
N VAL E 261 5.51 -17.30 17.73
CA VAL E 261 4.72 -18.05 18.70
C VAL E 261 3.30 -17.50 18.75
N SER E 262 3.15 -16.18 18.64
CA SER E 262 1.80 -15.62 18.70
C SER E 262 0.95 -16.16 17.56
N ALA E 263 1.54 -16.36 16.38
CA ALA E 263 0.78 -16.94 15.28
C ALA E 263 0.30 -18.33 15.62
N LEU E 264 1.12 -19.13 16.31
CA LEU E 264 0.66 -20.44 16.74
C LEU E 264 -0.34 -20.34 17.89
N LEU E 265 -0.20 -19.35 18.78
CA LEU E 265 -1.20 -19.17 19.83
C LEU E 265 -2.58 -18.85 19.27
N GLY E 266 -2.66 -18.18 18.13
CA GLY E 266 -3.92 -17.85 17.53
C GLY E 266 -4.52 -16.53 17.95
N ARG E 267 -3.70 -15.58 18.36
CA ARG E 267 -4.14 -14.22 18.59
C ARG E 267 -4.36 -13.51 17.25
N ILE E 268 -5.23 -12.50 17.26
CA ILE E 268 -5.42 -11.67 16.08
C ILE E 268 -4.20 -10.75 15.97
N PRO E 269 -3.50 -10.75 14.84
CA PRO E 269 -2.26 -9.98 14.73
C PRO E 269 -2.49 -8.48 14.67
N SER E 270 -1.48 -7.75 15.15
CA SER E 270 -1.32 -6.33 14.92
C SER E 270 -0.52 -6.06 13.65
N ALA E 271 -0.81 -4.94 13.02
CA ALA E 271 -0.02 -4.40 11.91
C ALA E 271 0.30 -5.46 10.86
N VAL E 272 1.56 -5.52 10.40
CA VAL E 272 1.95 -6.52 9.40
C VAL E 272 2.16 -7.89 10.03
N GLY E 273 1.17 -8.36 10.77
CA GLY E 273 1.16 -9.72 11.27
C GLY E 273 1.91 -9.91 12.57
N TYR E 274 2.35 -8.83 13.22
CA TYR E 274 2.97 -8.95 14.51
C TYR E 274 1.94 -9.32 15.58
N GLN E 275 2.44 -9.80 16.71
CA GLN E 275 1.56 -10.11 17.82
C GLN E 275 0.95 -8.83 18.38
N PRO E 276 -0.26 -8.91 18.94
CA PRO E 276 -0.63 -7.98 20.00
C PRO E 276 0.19 -8.25 21.26
N THR E 277 0.31 -7.23 22.10
CA THR E 277 1.31 -7.18 23.18
C THR E 277 2.72 -6.88 22.68
N LEU E 278 2.88 -6.54 21.40
CA LEU E 278 4.19 -6.14 20.91
C LEU E 278 4.77 -5.00 21.74
N ALA E 279 3.95 -3.99 22.02
CA ALA E 279 4.41 -2.84 22.79
C ALA E 279 4.68 -3.18 24.24
N THR E 280 3.78 -3.93 24.88
CA THR E 280 4.03 -4.33 26.27
C THR E 280 5.12 -5.40 26.38
N ASP E 281 5.25 -6.28 25.38
CA ASP E 281 6.38 -7.20 25.35
C ASP E 281 7.70 -6.43 25.35
N MET E 282 7.82 -5.47 24.44
CA MET E 282 9.02 -4.65 24.39
C MET E 282 9.22 -3.86 25.67
N GLY E 283 8.17 -3.25 26.20
CA GLY E 283 8.30 -2.55 27.47
C GLY E 283 8.82 -3.42 28.61
N LEU E 284 8.27 -4.62 28.76
CA LEU E 284 8.72 -5.51 29.82
C LEU E 284 10.16 -5.97 29.64
N LEU E 285 10.60 -6.20 28.41
CA LEU E 285 12.02 -6.47 28.21
C LEU E 285 12.87 -5.22 28.46
N GLN E 286 12.52 -4.12 27.83
CA GLN E 286 13.38 -2.96 27.67
C GLN E 286 13.45 -2.09 28.92
N GLU E 287 12.44 -2.17 29.78
CA GLU E 287 12.44 -1.46 31.06
C GLU E 287 13.36 -2.09 32.10
N ARG E 288 13.65 -3.38 31.98
CA ARG E 288 14.56 -4.01 32.93
C ARG E 288 16.01 -3.58 32.73
N ILE E 289 16.37 -3.15 31.51
CA ILE E 289 17.73 -2.75 31.18
C ILE E 289 18.19 -1.43 31.80
N THR E 290 17.32 -0.68 32.48
CA THR E 290 17.74 0.61 33.02
C THR E 290 18.90 0.49 33.99
N THR E 291 19.70 1.56 34.04
CA THR E 291 20.53 1.88 35.19
C THR E 291 19.69 2.15 36.43
N THR E 292 20.28 1.86 37.60
CA THR E 292 19.65 2.12 38.89
C THR E 292 20.68 2.75 39.82
N LYS E 293 20.22 3.13 41.01
CA LYS E 293 21.11 3.60 42.05
C LYS E 293 22.08 2.53 42.52
N LYS E 294 21.72 1.26 42.37
CA LYS E 294 22.65 0.19 42.74
C LYS E 294 23.82 0.11 41.78
N GLY E 295 23.59 0.28 40.49
CA GLY E 295 24.66 0.19 39.53
C GLY E 295 24.22 0.64 38.15
N SER E 296 25.20 1.05 37.35
CA SER E 296 24.95 1.42 35.97
C SER E 296 24.83 0.18 35.11
N VAL E 297 23.95 0.24 34.10
CA VAL E 297 23.95 -0.69 32.99
C VAL E 297 23.91 0.11 31.69
N THR E 298 25.02 0.15 30.98
CA THR E 298 24.99 0.53 29.57
C THR E 298 24.49 -0.66 28.77
N SER E 299 23.77 -0.37 27.69
CA SER E 299 23.48 -1.41 26.73
C SER E 299 23.54 -0.88 25.30
N VAL E 300 24.07 -1.70 24.41
CA VAL E 300 24.10 -1.43 22.98
C VAL E 300 23.30 -2.52 22.30
N GLN E 301 22.26 -2.13 21.57
CA GLN E 301 21.32 -3.08 20.99
C GLN E 301 21.28 -2.88 19.48
N ALA E 302 21.67 -3.90 18.73
CA ALA E 302 21.41 -3.88 17.30
C ALA E 302 19.95 -4.21 17.03
N VAL E 303 19.40 -3.58 16.00
CA VAL E 303 17.99 -3.72 15.64
C VAL E 303 17.93 -3.89 14.14
N TYR E 304 17.67 -5.11 13.67
CA TYR E 304 17.43 -5.33 12.26
C TYR E 304 16.17 -4.60 11.84
N VAL E 305 16.18 -4.08 10.61
CA VAL E 305 15.04 -3.36 10.04
C VAL E 305 14.55 -4.08 8.80
N PRO E 306 13.41 -4.76 8.83
CA PRO E 306 13.04 -5.61 7.68
C PRO E 306 12.74 -4.78 6.44
N ALA E 307 13.23 -5.27 5.31
CA ALA E 307 13.14 -4.57 4.02
C ALA E 307 13.62 -3.13 4.11
N ASP E 308 14.50 -2.85 5.06
CA ASP E 308 14.95 -1.49 5.37
C ASP E 308 13.79 -0.55 5.76
N ASP E 309 12.62 -1.10 6.07
CA ASP E 309 11.45 -0.28 6.37
C ASP E 309 11.46 0.17 7.82
N LEU E 310 11.95 1.39 8.06
CA LEU E 310 11.96 1.96 9.40
C LEU E 310 10.56 2.22 9.95
N THR E 311 9.53 2.16 9.12
CA THR E 311 8.16 2.27 9.59
C THR E 311 7.64 0.96 10.17
N ASP E 312 8.42 -0.11 10.04
CA ASP E 312 8.01 -1.40 10.55
C ASP E 312 7.71 -1.30 12.05
N PRO E 313 6.63 -1.92 12.52
CA PRO E 313 6.26 -1.78 13.94
C PRO E 313 7.35 -2.08 14.95
N ALA E 314 8.26 -3.02 14.68
CA ALA E 314 9.27 -3.36 15.69
C ALA E 314 10.35 -2.30 15.83
N PRO E 315 11.00 -1.82 14.76
CA PRO E 315 11.81 -0.60 14.89
C PRO E 315 11.06 0.59 15.49
N ALA E 316 9.87 0.90 14.98
CA ALA E 316 9.15 2.06 15.48
C ALA E 316 8.83 1.94 16.96
N THR E 317 8.57 0.71 17.44
CA THR E 317 8.40 0.50 18.87
C THR E 317 9.71 0.68 19.63
N THR E 318 10.82 0.27 19.03
CA THR E 318 12.08 0.30 19.76
C THR E 318 12.61 1.73 19.89
N PHE E 319 12.41 2.55 18.86
CA PHE E 319 12.86 3.94 18.91
C PHE E 319 12.39 4.70 20.14
N ALA E 320 11.22 4.36 20.67
CA ALA E 320 10.69 5.05 21.84
C ALA E 320 11.53 4.84 23.09
N HIS E 321 12.32 3.78 23.16
CA HIS E 321 12.95 3.36 24.41
C HIS E 321 14.42 3.76 24.55
N LEU E 322 15.04 4.31 23.52
CA LEU E 322 16.49 4.38 23.44
C LEU E 322 16.96 5.81 23.69
N ASP E 323 18.05 5.94 24.43
CA ASP E 323 18.64 7.24 24.69
C ASP E 323 19.44 7.75 23.51
N ALA E 324 20.14 6.85 22.81
CA ALA E 324 20.82 7.19 21.56
C ALA E 324 20.44 6.18 20.50
N THR E 325 20.25 6.66 19.28
CA THR E 325 19.98 5.79 18.15
C THR E 325 20.93 6.12 17.01
N THR E 326 21.53 5.08 16.43
CA THR E 326 22.40 5.20 15.27
C THR E 326 21.69 4.47 14.15
N VAL E 327 21.41 5.16 13.04
CA VAL E 327 20.73 4.56 11.91
C VAL E 327 21.75 4.36 10.79
N LEU E 328 21.90 3.11 10.36
CA LEU E 328 22.81 2.75 9.29
C LEU E 328 22.01 2.56 8.01
N SER E 329 22.40 3.27 6.95
CA SER E 329 21.62 3.35 5.73
C SER E 329 22.31 2.56 4.64
N ARG E 330 21.54 1.74 3.92
CA ARG E 330 22.08 0.99 2.80
C ARG E 330 22.66 1.91 1.73
N GLY E 331 21.95 2.99 1.40
CA GLY E 331 22.46 3.93 0.41
C GLY E 331 23.83 4.51 0.77
N ILE E 332 24.00 4.92 2.03
CA ILE E 332 25.29 5.44 2.47
C ILE E 332 26.38 4.38 2.36
N SER E 333 26.09 3.15 2.75
CA SER E 333 27.07 2.07 2.63
C SER E 333 27.40 1.76 1.17
N GLU E 334 26.42 1.91 0.28
CA GLU E 334 26.67 1.68 -1.14
C GLU E 334 27.56 2.77 -1.75
N LEU E 335 27.50 3.99 -1.21
CA LEU E 335 28.50 5.00 -1.53
C LEU E 335 29.88 4.67 -0.99
N GLY E 336 30.03 3.57 -0.28
CA GLY E 336 31.29 3.21 0.34
C GLY E 336 31.62 3.99 1.59
N ILE E 337 30.67 4.78 2.10
CA ILE E 337 30.86 5.51 3.35
C ILE E 337 30.61 4.53 4.48
N TYR E 338 31.66 3.92 4.98
CA TYR E 338 31.59 3.12 6.20
C TYR E 338 32.14 3.92 7.37
N PRO E 339 31.45 3.95 8.52
CA PRO E 339 30.49 2.95 9.00
C PRO E 339 29.02 3.18 8.65
N ALA E 340 28.67 3.84 7.56
CA ALA E 340 27.31 3.83 7.01
C ALA E 340 26.30 4.56 7.89
N VAL E 341 26.74 5.25 8.94
CA VAL E 341 25.81 5.97 9.79
C VAL E 341 25.20 7.12 9.01
N ASP E 342 23.88 7.17 8.98
CA ASP E 342 23.14 8.35 8.52
C ASP E 342 23.34 9.50 9.51
N PRO E 343 23.99 10.60 9.12
CA PRO E 343 24.31 11.65 10.10
C PRO E 343 23.10 12.41 10.60
N LEU E 344 22.00 12.41 9.84
CA LEU E 344 20.82 13.20 10.16
C LEU E 344 19.77 12.40 10.92
N ASP E 345 19.59 11.12 10.60
CA ASP E 345 18.60 10.31 11.30
C ASP E 345 19.12 9.81 12.66
N SER E 346 20.43 9.68 12.80
CA SER E 346 21.02 9.36 14.10
C SER E 346 20.96 10.56 15.04
N LYS E 347 20.47 10.33 16.26
CA LYS E 347 20.21 11.40 17.21
C LYS E 347 20.55 10.90 18.61
N SER E 348 20.77 11.83 19.53
CA SER E 348 21.06 11.46 20.91
C SER E 348 20.46 12.47 21.88
N ARG E 349 20.00 11.94 23.02
CA ARG E 349 19.63 12.76 24.17
C ARG E 349 20.77 13.65 24.67
N LEU E 350 22.02 13.19 24.53
CA LEU E 350 23.17 13.91 25.08
C LEU E 350 23.70 15.01 24.17
N LEU E 351 23.17 15.19 22.97
CA LEU E 351 23.59 16.31 22.11
C LEU E 351 22.94 17.60 22.62
N ASP E 352 23.41 18.02 23.79
CA ASP E 352 22.91 19.19 24.51
C ASP E 352 24.09 20.02 24.96
N ALA E 353 24.07 21.32 24.64
CA ALA E 353 25.16 22.21 25.00
C ALA E 353 25.52 22.15 26.48
N ALA E 354 24.54 21.83 27.33
CA ALA E 354 24.85 21.65 28.76
C ALA E 354 25.66 20.39 29.02
N VAL E 355 25.70 19.46 28.07
CA VAL E 355 26.36 18.17 28.24
C VAL E 355 27.64 18.09 27.41
N VAL E 356 27.53 18.32 26.10
CA VAL E 356 28.70 18.28 25.21
C VAL E 356 29.56 19.52 25.31
N GLY E 357 29.05 20.61 25.88
CA GLY E 357 29.70 21.90 25.75
C GLY E 357 29.29 22.64 24.50
N GLN E 358 29.36 23.97 24.58
CA GLN E 358 28.81 24.81 23.52
C GLN E 358 29.57 24.67 22.21
N GLU E 359 30.89 24.50 22.27
CA GLU E 359 31.67 24.33 21.05
C GLU E 359 31.26 23.09 20.27
N HIS E 360 31.15 21.95 20.95
CA HIS E 360 30.71 20.72 20.32
C HIS E 360 29.30 20.84 19.77
N TYR E 361 28.38 21.40 20.56
CA TYR E 361 27.02 21.61 20.08
C TYR E 361 26.97 22.49 18.85
N ASP E 362 27.79 23.54 18.81
CA ASP E 362 27.85 24.41 17.63
C ASP E 362 28.37 23.66 16.41
N VAL E 363 29.47 22.92 16.57
CA VAL E 363 30.03 22.19 15.43
C VAL E 363 29.03 21.16 14.90
N ALA E 364 28.43 20.38 15.81
CA ALA E 364 27.43 19.40 15.40
C ALA E 364 26.23 20.05 14.71
N SER E 365 25.74 21.17 15.23
CA SER E 365 24.61 21.85 14.60
C SER E 365 24.95 22.37 13.21
N LYS E 366 26.15 22.95 13.04
CA LYS E 366 26.53 23.44 11.71
C LYS E 366 26.78 22.31 10.71
N VAL E 367 27.32 21.18 11.18
CA VAL E 367 27.41 19.99 10.32
C VAL E 367 26.02 19.51 9.91
N GLN E 368 25.12 19.37 10.86
CA GLN E 368 23.77 18.91 10.55
C GLN E 368 23.06 19.86 9.58
N GLU E 369 23.16 21.17 9.79
CA GLU E 369 22.55 22.12 8.87
C GLU E 369 23.16 22.06 7.47
N THR E 370 24.47 21.83 7.38
CA THR E 370 25.11 21.69 6.09
C THR E 370 24.63 20.45 5.34
N LEU E 371 24.62 19.31 6.02
CA LEU E 371 24.16 18.07 5.39
C LEU E 371 22.66 18.13 5.04
N GLN E 372 21.85 18.76 5.88
CA GLN E 372 20.43 18.93 5.54
C GLN E 372 20.25 19.83 4.32
N THR E 373 21.08 20.86 4.17
CA THR E 373 21.03 21.68 2.97
C THR E 373 21.41 20.88 1.73
N TYR E 374 22.48 20.08 1.83
CA TYR E 374 22.86 19.22 0.71
C TYR E 374 21.74 18.26 0.34
N LYS E 375 21.15 17.59 1.34
CA LYS E 375 20.02 16.71 1.04
C LYS E 375 18.88 17.45 0.36
N SER E 376 18.63 18.70 0.75
CA SER E 376 17.57 19.47 0.11
C SER E 376 17.90 19.77 -1.35
N LEU E 377 19.17 20.03 -1.65
CA LEU E 377 19.58 20.25 -3.04
C LEU E 377 19.61 18.98 -3.89
N GLN E 378 19.79 17.80 -3.29
CA GLN E 378 20.27 16.66 -4.08
C GLN E 378 19.38 16.31 -5.27
N ASP E 379 18.08 16.57 -5.25
CA ASP E 379 17.30 16.27 -6.46
C ASP E 379 17.41 17.34 -7.55
N ILE E 380 17.55 18.61 -7.18
CA ILE E 380 17.89 19.63 -8.16
C ILE E 380 19.25 19.33 -8.78
N ILE E 381 20.21 18.96 -7.94
CA ILE E 381 21.53 18.57 -8.42
C ILE E 381 21.43 17.36 -9.34
N ALA E 382 20.58 16.39 -9.01
CA ALA E 382 20.41 15.19 -9.83
C ALA E 382 19.86 15.53 -11.22
N ILE E 383 18.85 16.40 -11.30
CA ILE E 383 18.33 16.75 -12.62
C ILE E 383 19.28 17.68 -13.37
N LEU E 384 19.72 18.77 -12.75
CA LEU E 384 20.39 19.84 -13.47
C LEU E 384 21.90 19.82 -13.32
N GLY E 385 22.45 18.99 -12.44
CA GLY E 385 23.84 19.11 -12.05
C GLY E 385 24.07 20.28 -11.10
N MET E 386 25.32 20.35 -10.61
CA MET E 386 25.70 21.36 -9.63
C MET E 386 25.82 22.76 -10.22
N ASP E 387 25.85 22.89 -11.55
CA ASP E 387 26.09 24.19 -12.16
C ASP E 387 24.91 25.13 -11.97
N GLU E 388 23.70 24.60 -11.79
CA GLU E 388 22.53 25.45 -11.57
C GLU E 388 22.51 26.08 -10.18
N LEU E 389 23.34 25.62 -9.26
CA LEU E 389 23.30 26.14 -7.89
C LEU E 389 23.90 27.54 -7.82
N SER E 390 23.53 28.26 -6.76
CA SER E 390 24.21 29.52 -6.45
C SER E 390 25.63 29.27 -5.94
N GLU E 391 26.43 30.33 -5.94
CA GLU E 391 27.79 30.22 -5.41
C GLU E 391 27.79 29.83 -3.93
N GLN E 392 26.83 30.35 -3.17
CA GLN E 392 26.69 29.93 -1.78
C GLN E 392 26.30 28.47 -1.69
N ASP E 393 25.37 28.04 -2.55
CA ASP E 393 25.01 26.64 -2.61
C ASP E 393 26.17 25.78 -3.09
N LYS E 394 26.89 26.20 -4.14
CA LYS E 394 28.03 25.41 -4.60
C LYS E 394 29.07 25.22 -3.49
N LEU E 395 29.35 26.28 -2.73
CA LEU E 395 30.28 26.15 -1.60
C LEU E 395 29.73 25.26 -0.51
N THR E 396 28.45 25.42 -0.16
CA THR E 396 27.85 24.60 0.88
C THR E 396 27.80 23.13 0.49
N VAL E 397 27.49 22.83 -0.76
CA VAL E 397 27.48 21.46 -1.25
C VAL E 397 28.88 20.86 -1.31
N GLU E 398 29.88 21.62 -1.78
CA GLU E 398 31.24 21.11 -1.76
C GLU E 398 31.71 20.79 -0.35
N ARG E 399 31.40 21.67 0.60
CA ARG E 399 31.77 21.41 1.99
C ARG E 399 30.95 20.28 2.60
N ALA E 400 29.67 20.17 2.26
CA ALA E 400 28.87 19.06 2.73
C ALA E 400 29.39 17.72 2.23
N ARG E 401 29.79 17.67 0.95
CA ARG E 401 30.42 16.47 0.42
C ARG E 401 31.71 16.13 1.16
N LYS E 402 32.58 17.11 1.34
CA LYS E 402 33.78 16.89 2.15
C LYS E 402 33.45 16.38 3.55
N ILE E 403 32.45 16.98 4.21
CA ILE E 403 32.10 16.58 5.56
C ILE E 403 31.58 15.15 5.61
N GLN E 404 30.63 14.81 4.75
CA GLN E 404 30.07 13.45 4.79
C GLN E 404 31.11 12.41 4.38
N ARG E 405 32.00 12.77 3.47
CA ARG E 405 33.11 11.89 3.11
C ARG E 405 34.08 11.70 4.27
N PHE E 406 34.27 12.76 5.05
CA PHE E 406 35.14 12.72 6.24
C PHE E 406 34.53 11.97 7.42
N LEU E 407 33.21 11.77 7.46
CA LEU E 407 32.61 10.93 8.49
C LEU E 407 32.91 9.45 8.32
N SER E 408 33.40 9.02 7.17
CA SER E 408 33.89 7.65 7.01
C SER E 408 35.12 7.42 7.86
N GLN E 409 35.34 6.15 8.23
CA GLN E 409 36.42 5.79 9.14
C GLN E 409 36.80 4.32 8.97
N PRO E 410 38.10 4.00 8.88
CA PRO E 410 38.52 2.59 8.86
C PRO E 410 38.44 1.95 10.24
N PHE E 411 37.58 0.94 10.38
CA PHE E 411 37.51 0.18 11.62
C PHE E 411 38.59 -0.90 11.64
N ALA E 412 39.14 -1.14 12.83
CA ALA E 412 40.21 -2.11 12.96
C ALA E 412 39.72 -3.53 12.70
N VAL E 413 38.49 -3.84 13.10
CA VAL E 413 37.91 -5.15 12.86
C VAL E 413 37.60 -5.40 11.39
N ALA E 414 37.54 -4.36 10.55
CA ALA E 414 37.12 -4.52 9.17
C ALA E 414 38.21 -4.13 8.17
N GLU E 415 39.46 -4.09 8.60
CA GLU E 415 40.55 -3.78 7.69
C GLU E 415 40.71 -4.85 6.62
N VAL E 416 40.23 -6.06 6.88
CA VAL E 416 40.23 -7.11 5.85
C VAL E 416 39.44 -6.66 4.65
N PHE E 417 38.42 -5.83 4.84
CA PHE E 417 37.59 -5.37 3.76
C PHE E 417 38.06 -4.04 3.20
N THR E 418 38.93 -3.32 3.93
CA THR E 418 39.32 -1.98 3.51
C THR E 418 40.81 -1.84 3.25
N GLY E 419 41.64 -2.78 3.69
CA GLY E 419 43.07 -2.66 3.57
C GLY E 419 43.70 -1.63 4.50
N ILE E 420 43.05 -0.49 4.67
CA ILE E 420 43.57 0.54 5.57
C ILE E 420 43.49 0.05 7.01
N PRO E 421 44.55 0.18 7.80
CA PRO E 421 44.47 -0.19 9.22
C PRO E 421 43.48 0.68 9.97
N GLY E 422 42.99 0.12 11.09
CA GLY E 422 41.99 0.81 11.88
C GLY E 422 42.51 2.07 12.55
N LYS E 423 41.59 3.01 12.75
CA LYS E 423 41.87 4.26 13.45
C LYS E 423 40.86 4.46 14.57
N LEU E 424 41.36 4.91 15.74
CA LEU E 424 40.52 5.58 16.73
C LEU E 424 40.79 7.08 16.66
N VAL E 425 39.72 7.87 16.67
CA VAL E 425 39.82 9.32 16.71
C VAL E 425 39.19 9.83 18.00
N ARG E 426 39.97 10.57 18.78
CA ARG E 426 39.49 11.10 20.05
C ARG E 426 38.36 12.10 19.80
N LEU E 427 37.51 12.27 20.82
CA LEU E 427 36.39 13.19 20.72
C LEU E 427 36.85 14.63 20.52
N LYS E 428 37.81 15.07 21.32
CA LYS E 428 38.36 16.42 21.19
C LYS E 428 38.95 16.64 19.80
N ASP E 429 39.74 15.68 19.32
CA ASP E 429 40.31 15.75 17.99
C ASP E 429 39.23 15.79 16.91
N THR E 430 38.16 15.02 17.09
CA THR E 430 37.04 15.07 16.16
C THR E 430 36.40 16.46 16.11
N VAL E 431 36.12 17.04 17.27
CA VAL E 431 35.42 18.31 17.29
C VAL E 431 36.30 19.42 16.70
N ALA E 432 37.59 19.44 17.06
CA ALA E 432 38.51 20.38 16.44
C ALA E 432 38.63 20.19 14.94
N SER E 433 38.69 18.94 14.47
CA SER E 433 38.78 18.67 13.04
C SER E 433 37.56 19.19 12.29
N PHE E 434 36.36 18.87 12.77
CA PHE E 434 35.16 19.30 12.06
C PHE E 434 34.91 20.79 12.19
N LYS E 435 35.29 21.42 13.32
CA LYS E 435 35.19 22.88 13.37
C LYS E 435 36.14 23.53 12.37
N ALA E 436 37.37 23.00 12.25
CA ALA E 436 38.31 23.56 11.28
C ALA E 436 37.84 23.36 9.85
N VAL E 437 37.18 22.23 9.56
CA VAL E 437 36.54 22.05 8.26
C VAL E 437 35.42 23.04 8.03
N LEU E 438 34.59 23.28 9.05
CA LEU E 438 33.51 24.26 8.91
C LEU E 438 34.02 25.68 8.69
N GLU E 439 35.17 26.02 9.27
CA GLU E 439 35.79 27.32 9.00
C GLU E 439 36.22 27.48 7.54
N GLY E 440 36.13 26.44 6.72
CA GLY E 440 36.60 26.51 5.35
C GLY E 440 38.11 26.43 5.22
N LYS E 441 38.81 26.18 6.33
CA LYS E 441 40.26 26.21 6.34
C LYS E 441 40.86 25.23 5.34
N TYR E 442 40.15 24.14 5.03
CA TYR E 442 40.63 23.09 4.15
C TYR E 442 39.84 22.97 2.85
N ASP E 443 39.09 23.99 2.47
CA ASP E 443 38.28 23.93 1.25
C ASP E 443 39.12 23.68 -0.01
N ASN E 444 40.42 23.95 0.03
CA ASN E 444 41.28 23.68 -1.12
C ASN E 444 41.65 22.21 -1.25
N ILE E 445 41.49 21.41 -0.20
CA ILE E 445 41.88 19.99 -0.22
C ILE E 445 40.87 19.18 -1.02
N PRO E 446 41.32 18.25 -1.87
CA PRO E 446 40.37 17.41 -2.61
C PRO E 446 39.60 16.47 -1.70
N GLU E 447 38.36 16.18 -2.11
CA GLU E 447 37.45 15.36 -1.32
C GLU E 447 38.04 14.00 -0.98
N HIS E 448 38.80 13.41 -1.91
CA HIS E 448 39.39 12.10 -1.65
C HIS E 448 40.29 12.09 -0.43
N ALA E 449 40.95 13.20 -0.12
CA ALA E 449 41.82 13.23 1.06
C ALA E 449 41.02 13.09 2.35
N PHE E 450 39.77 13.56 2.33
CA PHE E 450 38.88 13.40 3.48
C PHE E 450 38.39 11.97 3.64
N TYR E 451 38.24 11.23 2.54
CA TYR E 451 37.66 9.90 2.59
C TYR E 451 38.51 8.90 3.36
N MET E 452 37.89 8.27 4.35
CA MET E 452 38.40 7.06 5.01
C MET E 452 39.71 7.31 5.74
N VAL E 453 39.75 8.36 6.56
CA VAL E 453 40.95 8.73 7.31
C VAL E 453 40.60 9.09 8.75
N GLY E 454 41.62 9.07 9.60
CA GLY E 454 41.45 9.21 11.04
C GLY E 454 41.70 10.60 11.60
N GLY E 455 41.02 11.61 11.07
CA GLY E 455 41.12 12.97 11.54
C GLY E 455 41.89 13.87 10.61
N ILE E 456 41.88 15.16 10.94
CA ILE E 456 42.29 16.19 10.00
C ILE E 456 43.79 16.17 9.71
N GLU E 457 44.62 15.77 10.69
CA GLU E 457 46.04 15.60 10.41
C GLU E 457 46.26 14.51 9.37
N ASP E 458 45.44 13.46 9.40
CA ASP E 458 45.49 12.45 8.36
C ASP E 458 44.93 12.94 7.04
N VAL E 459 43.96 13.86 7.08
CA VAL E 459 43.50 14.48 5.86
C VAL E 459 44.62 15.28 5.19
N VAL E 460 45.37 16.05 5.99
CA VAL E 460 46.49 16.80 5.44
C VAL E 460 47.58 15.88 4.90
N ALA E 461 47.93 14.83 5.66
CA ALA E 461 48.92 13.86 5.18
C ALA E 461 48.48 13.19 3.88
N LYS E 462 47.23 12.73 3.80
CA LYS E 462 46.72 12.12 2.57
C LYS E 462 46.68 13.11 1.41
N ALA E 463 46.25 14.35 1.66
CA ALA E 463 46.25 15.36 0.60
C ALA E 463 47.66 15.61 0.08
N GLU E 464 48.65 15.68 0.98
CA GLU E 464 50.04 15.80 0.55
C GLU E 464 50.48 14.59 -0.28
N LYS E 465 50.11 13.37 0.14
CA LYS E 465 50.43 12.18 -0.64
C LYS E 465 49.80 12.21 -2.03
N LEU E 466 48.53 12.60 -2.12
CA LEU E 466 47.87 12.74 -3.42
C LEU E 466 48.53 13.82 -4.28
N ALA E 467 48.90 14.95 -3.69
CA ALA E 467 49.53 16.02 -4.47
C ALA E 467 50.93 15.64 -4.93
N ALA E 468 51.67 14.87 -4.13
CA ALA E 468 52.95 14.38 -4.58
C ALA E 468 52.81 13.32 -5.67
N GLU E 469 51.81 12.45 -5.54
CA GLU E 469 51.58 11.40 -6.54
C GLU E 469 51.23 12.01 -7.89
N PRO F 1 -47.65 -4.64 29.82
CA PRO F 1 -46.67 -4.42 28.75
C PRO F 1 -45.73 -5.61 28.53
N ILE F 2 -45.02 -5.57 27.41
CA ILE F 2 -43.99 -6.55 27.10
C ILE F 2 -42.76 -6.23 27.94
N THR F 3 -42.25 -7.22 28.69
CA THR F 3 -41.05 -7.03 29.48
C THR F 3 -40.07 -8.18 29.28
N GLY F 4 -38.79 -7.87 29.41
CA GLY F 4 -37.72 -8.80 29.07
C GLY F 4 -36.50 -8.56 29.91
N LYS F 5 -35.70 -9.61 30.12
CA LYS F 5 -34.51 -9.49 30.94
C LYS F 5 -33.27 -9.24 30.08
N VAL F 6 -32.39 -8.34 30.56
CA VAL F 6 -31.04 -8.25 30.01
C VAL F 6 -30.32 -9.57 30.20
N THR F 7 -29.59 -10.00 29.17
CA THR F 7 -28.82 -11.24 29.22
C THR F 7 -27.35 -11.05 28.90
N ALA F 8 -26.99 -10.04 28.12
CA ALA F 8 -25.59 -9.74 27.86
C ALA F 8 -25.42 -8.24 27.69
N VAL F 9 -24.22 -7.75 28.00
CA VAL F 9 -23.89 -6.34 27.87
C VAL F 9 -22.46 -6.23 27.38
N ILE F 10 -22.28 -5.63 26.20
CA ILE F 10 -20.95 -5.49 25.61
C ILE F 10 -20.84 -4.11 25.00
N GLY F 11 -20.21 -3.19 25.72
CA GLY F 11 -20.15 -1.81 25.28
C GLY F 11 -21.52 -1.21 25.07
N ALA F 12 -21.72 -0.60 23.90
CA ALA F 12 -22.99 0.00 23.52
C ALA F 12 -24.08 -1.02 23.21
N ILE F 13 -23.77 -2.31 23.16
CA ILE F 13 -24.70 -3.33 22.68
C ILE F 13 -25.25 -4.10 23.88
N VAL F 14 -26.57 -4.27 23.91
CA VAL F 14 -27.25 -4.98 24.99
C VAL F 14 -28.18 -6.01 24.36
N ASP F 15 -28.13 -7.25 24.85
CA ASP F 15 -28.99 -8.32 24.37
C ASP F 15 -30.08 -8.61 25.40
N VAL F 16 -31.32 -8.66 24.94
CA VAL F 16 -32.49 -8.75 25.81
C VAL F 16 -33.29 -9.98 25.41
N HIS F 17 -33.67 -10.79 26.40
CA HIS F 17 -34.44 -12.01 26.17
C HIS F 17 -35.85 -11.79 26.69
N PHE F 18 -36.84 -12.02 25.84
CA PHE F 18 -38.23 -11.71 26.14
C PHE F 18 -39.03 -12.89 26.66
N GLU F 19 -38.57 -14.12 26.43
CA GLU F 19 -39.24 -15.30 26.97
C GLU F 19 -40.72 -15.36 26.58
N GLN F 20 -41.06 -14.83 25.41
CA GLN F 20 -42.43 -14.90 24.93
C GLN F 20 -42.43 -14.75 23.41
N SER F 21 -43.57 -15.12 22.82
CA SER F 21 -43.71 -15.09 21.36
C SER F 21 -43.69 -13.68 20.80
N GLU F 22 -44.26 -12.72 21.53
CA GLU F 22 -44.31 -11.33 21.08
C GLU F 22 -42.99 -10.62 21.38
N LEU F 23 -42.30 -10.20 20.32
CA LEU F 23 -41.04 -9.49 20.45
C LEU F 23 -41.16 -8.06 19.92
N PRO F 24 -40.39 -7.12 20.45
CA PRO F 24 -40.35 -5.77 19.85
C PRO F 24 -39.78 -5.78 18.45
N ALA F 25 -40.44 -5.05 17.55
CA ALA F 25 -39.95 -4.95 16.19
C ALA F 25 -38.60 -4.22 16.16
N ILE F 26 -37.87 -4.40 15.07
CA ILE F 26 -36.65 -3.63 14.86
C ILE F 26 -36.93 -2.13 14.94
N LEU F 27 -35.97 -1.38 15.48
CA LEU F 27 -36.10 0.04 15.73
C LEU F 27 -37.05 0.43 16.87
N ASN F 28 -37.76 -0.53 17.46
CA ASN F 28 -38.51 -0.20 18.67
C ASN F 28 -37.57 0.35 19.74
N ALA F 29 -38.10 1.20 20.61
CA ALA F 29 -37.41 1.65 21.80
C ALA F 29 -37.87 0.89 23.03
N LEU F 30 -36.90 0.46 23.83
CA LEU F 30 -37.11 -0.19 25.11
C LEU F 30 -36.49 0.69 26.19
N GLU F 31 -37.00 0.58 27.41
CA GLU F 31 -36.53 1.42 28.51
C GLU F 31 -36.09 0.56 29.68
N ILE F 32 -35.01 0.96 30.34
CA ILE F 32 -34.56 0.39 31.60
C ILE F 32 -34.56 1.50 32.65
N LYS F 33 -35.34 1.31 33.71
CA LYS F 33 -35.29 2.23 34.84
C LYS F 33 -33.92 2.14 35.51
N THR F 34 -33.34 3.30 35.82
CA THR F 34 -31.93 3.40 36.13
C THR F 34 -31.77 4.32 37.33
N PRO F 35 -30.73 4.13 38.14
CA PRO F 35 -30.60 4.95 39.35
C PRO F 35 -30.62 6.45 39.10
N GLN F 36 -30.10 6.91 37.97
CA GLN F 36 -30.44 8.21 37.42
C GLN F 36 -31.26 8.05 36.14
N GLY F 37 -32.47 8.62 36.15
CA GLY F 37 -33.32 8.64 34.98
C GLY F 37 -33.63 7.26 34.42
N LYS F 38 -33.43 7.12 33.11
CA LYS F 38 -33.67 5.88 32.39
C LYS F 38 -32.63 5.71 31.30
N LEU F 39 -32.40 4.47 30.90
CA LEU F 39 -31.63 4.14 29.72
C LEU F 39 -32.58 3.73 28.60
N VAL F 40 -32.37 4.28 27.40
CA VAL F 40 -33.13 3.89 26.22
C VAL F 40 -32.27 2.98 25.35
N LEU F 41 -32.83 1.84 24.97
CA LEU F 41 -32.24 0.87 24.05
C LEU F 41 -33.06 0.87 22.77
N GLU F 42 -32.39 0.98 21.62
CA GLU F 42 -33.07 0.78 20.34
C GLU F 42 -32.77 -0.62 19.82
N VAL F 43 -33.84 -1.31 19.42
CA VAL F 43 -33.71 -2.67 18.91
C VAL F 43 -33.03 -2.65 17.54
N ALA F 44 -32.02 -3.49 17.38
CA ALA F 44 -31.22 -3.52 16.17
C ALA F 44 -31.32 -4.83 15.42
N GLN F 45 -31.54 -5.95 16.11
CA GLN F 45 -31.58 -7.25 15.47
C GLN F 45 -32.48 -8.17 16.26
N HIS F 46 -32.96 -9.22 15.60
CA HIS F 46 -33.48 -10.40 16.28
C HIS F 46 -32.46 -11.52 16.13
N LEU F 47 -32.02 -12.07 17.25
CA LEU F 47 -30.98 -13.10 17.23
C LEU F 47 -31.55 -14.50 17.11
N GLY F 48 -32.85 -14.68 17.36
CA GLY F 48 -33.43 -15.99 17.60
C GLY F 48 -33.58 -16.27 19.09
N GLU F 49 -34.22 -17.40 19.36
CA GLU F 49 -34.45 -17.84 20.75
C GLU F 49 -35.16 -16.77 21.57
N ASN F 50 -36.02 -15.98 20.93
CA ASN F 50 -36.69 -14.86 21.57
C ASN F 50 -35.72 -13.81 22.12
N THR F 51 -34.51 -13.75 21.60
CA THR F 51 -33.53 -12.76 22.05
C THR F 51 -33.34 -11.71 20.96
N VAL F 52 -33.43 -10.43 21.34
CA VAL F 52 -33.14 -9.32 20.46
C VAL F 52 -31.83 -8.67 20.87
N ARG F 53 -31.17 -8.04 19.92
CA ARG F 53 -29.98 -7.25 20.17
C ARG F 53 -30.31 -5.78 19.94
N THR F 54 -29.75 -4.91 20.79
CA THR F 54 -30.17 -3.53 20.89
C THR F 54 -28.95 -2.63 21.09
N ILE F 55 -29.10 -1.37 20.71
CA ILE F 55 -28.06 -0.36 20.83
C ILE F 55 -28.52 0.68 21.84
N ALA F 56 -27.60 1.11 22.69
CA ALA F 56 -27.93 1.90 23.86
C ALA F 56 -27.68 3.37 23.61
N MET F 57 -28.68 4.20 23.92
CA MET F 57 -28.61 5.64 23.72
C MET F 57 -27.85 6.36 24.82
N ASP F 58 -27.42 5.64 25.86
CA ASP F 58 -26.63 6.22 26.93
C ASP F 58 -25.70 5.15 27.47
N GLY F 59 -24.81 5.56 28.37
CA GLY F 59 -23.83 4.65 28.93
C GLY F 59 -24.44 3.42 29.57
N THR F 60 -23.88 2.25 29.23
CA THR F 60 -24.35 0.97 29.72
C THR F 60 -23.67 0.51 31.01
N GLU F 61 -22.64 1.21 31.47
CA GLU F 61 -22.06 0.87 32.76
C GLU F 61 -23.12 0.92 33.86
N GLY F 62 -23.01 -0.01 34.79
CA GLY F 62 -24.02 -0.20 35.82
C GLY F 62 -25.14 -1.16 35.46
N LEU F 63 -25.28 -1.54 34.19
CA LEU F 63 -26.26 -2.55 33.84
C LEU F 63 -25.89 -3.91 34.41
N VAL F 64 -26.90 -4.65 34.84
CA VAL F 64 -26.75 -5.97 35.44
C VAL F 64 -27.50 -6.97 34.56
N ARG F 65 -26.92 -8.15 34.39
CA ARG F 65 -27.63 -9.22 33.72
C ARG F 65 -28.89 -9.58 34.50
N GLY F 66 -30.00 -9.73 33.79
CA GLY F 66 -31.29 -9.97 34.41
C GLY F 66 -32.05 -8.71 34.77
N GLU F 67 -31.49 -7.54 34.50
CA GLU F 67 -32.19 -6.29 34.70
C GLU F 67 -33.34 -6.16 33.70
N LYS F 68 -34.41 -5.49 34.12
CA LYS F 68 -35.71 -5.59 33.47
C LYS F 68 -35.89 -4.43 32.48
N VAL F 69 -36.26 -4.78 31.26
CA VAL F 69 -36.42 -3.87 30.13
C VAL F 69 -37.88 -3.87 29.75
N LEU F 70 -38.42 -2.70 29.43
CA LEU F 70 -39.81 -2.55 29.03
C LEU F 70 -39.86 -2.02 27.61
N ASP F 71 -40.62 -2.68 26.74
CA ASP F 71 -40.86 -2.19 25.39
C ASP F 71 -41.84 -1.03 25.40
N THR F 72 -41.42 0.11 24.83
CA THR F 72 -42.29 1.28 24.76
C THR F 72 -43.31 1.19 23.63
N GLY F 73 -43.19 0.22 22.74
CA GLY F 73 -44.19 -0.03 21.73
C GLY F 73 -44.02 0.76 20.45
N GLY F 74 -42.88 1.42 20.26
CA GLY F 74 -42.61 2.13 19.03
C GLY F 74 -41.19 2.66 19.01
N PRO F 75 -40.78 3.27 17.91
CA PRO F 75 -39.44 3.86 17.85
C PRO F 75 -39.32 5.06 18.79
N ILE F 76 -38.09 5.54 18.92
CA ILE F 76 -37.82 6.77 19.64
C ILE F 76 -38.69 7.87 19.06
N SER F 77 -39.52 8.50 19.91
CA SER F 77 -40.53 9.43 19.46
C SER F 77 -40.26 10.79 20.09
N VAL F 78 -40.08 11.81 19.24
CA VAL F 78 -39.54 13.09 19.68
C VAL F 78 -40.58 14.19 19.48
N PRO F 79 -40.61 15.21 20.33
CA PRO F 79 -41.58 16.28 20.18
C PRO F 79 -41.34 17.06 18.90
N VAL F 80 -42.44 17.57 18.32
CA VAL F 80 -42.38 18.26 17.04
C VAL F 80 -43.36 19.43 17.05
N GLY F 81 -43.05 20.44 16.25
CA GLY F 81 -43.83 21.65 16.16
C GLY F 81 -43.18 22.81 16.88
N ARG F 82 -43.90 23.93 16.89
CA ARG F 82 -43.31 25.21 17.25
C ARG F 82 -42.83 25.26 18.70
N GLU F 83 -43.36 24.40 19.56
CA GLU F 83 -42.86 24.34 20.94
C GLU F 83 -41.41 23.88 21.02
N THR F 84 -40.88 23.26 19.96
CA THR F 84 -39.46 22.93 19.88
C THR F 84 -38.57 24.11 19.53
N LEU F 85 -39.14 25.22 19.06
CA LEU F 85 -38.33 26.36 18.66
C LEU F 85 -37.78 27.11 19.85
N GLY F 86 -36.50 27.47 19.77
CA GLY F 86 -35.82 28.13 20.86
C GLY F 86 -35.40 27.22 21.98
N ARG F 87 -35.37 25.91 21.74
CA ARG F 87 -35.14 24.92 22.78
C ARG F 87 -34.05 23.95 22.35
N ILE F 88 -33.39 23.36 23.32
CA ILE F 88 -32.31 22.39 23.09
C ILE F 88 -32.84 21.02 23.49
N ILE F 89 -32.67 20.06 22.59
CA ILE F 89 -33.34 18.77 22.67
C ILE F 89 -32.31 17.65 22.57
N ASN F 90 -32.52 16.60 23.36
CA ASN F 90 -31.66 15.43 23.34
C ASN F 90 -31.99 14.52 22.16
N VAL F 91 -31.11 13.53 21.93
CA VAL F 91 -31.37 12.51 20.91
C VAL F 91 -32.65 11.72 21.19
N ILE F 92 -33.00 11.53 22.45
CA ILE F 92 -34.26 10.88 22.79
C ILE F 92 -35.37 11.91 22.94
N GLY F 93 -35.12 13.14 22.51
CA GLY F 93 -36.13 14.17 22.49
C GLY F 93 -36.39 14.87 23.81
N GLU F 94 -35.69 14.51 24.87
CA GLU F 94 -35.86 15.22 26.12
C GLU F 94 -35.15 16.56 26.09
N PRO F 95 -35.71 17.58 26.75
CA PRO F 95 -35.04 18.89 26.78
C PRO F 95 -33.77 18.83 27.61
N ILE F 96 -32.72 19.47 27.09
CA ILE F 96 -31.47 19.61 27.82
C ILE F 96 -31.15 21.05 28.17
N ASP F 97 -32.02 21.99 27.81
CA ASP F 97 -32.01 23.30 28.44
C ASP F 97 -32.64 23.21 29.83
N GLU F 98 -32.66 24.32 30.55
CA GLU F 98 -33.22 24.35 31.90
C GLU F 98 -34.73 24.54 31.93
N ARG F 99 -35.40 24.70 30.78
CA ARG F 99 -36.66 25.43 30.73
C ARG F 99 -37.88 24.52 30.80
N GLY F 100 -37.75 23.37 31.45
CA GLY F 100 -38.84 22.44 31.65
C GLY F 100 -39.25 21.63 30.43
N PRO F 101 -40.40 20.97 30.52
CA PRO F 101 -40.86 20.12 29.42
C PRO F 101 -41.22 20.90 28.17
N ILE F 102 -41.18 20.19 27.04
CA ILE F 102 -41.46 20.82 25.75
C ILE F 102 -42.96 20.89 25.49
N LYS F 103 -43.74 19.94 26.01
CA LYS F 103 -45.21 20.00 26.04
C LYS F 103 -45.81 20.34 24.68
N SER F 104 -45.19 19.87 23.60
CA SER F 104 -45.84 19.87 22.30
C SER F 104 -47.06 18.93 22.28
N LYS F 105 -47.97 19.21 21.35
CA LYS F 105 -49.12 18.34 21.12
C LYS F 105 -48.73 17.00 20.49
N LEU F 106 -47.76 17.00 19.59
CA LEU F 106 -47.37 15.79 18.87
C LEU F 106 -45.99 15.30 19.31
N ARG F 107 -45.81 13.98 19.27
CA ARG F 107 -44.51 13.37 19.10
C ARG F 107 -44.52 12.52 17.83
N LYS F 108 -43.38 12.46 17.15
CA LYS F 108 -43.26 11.62 15.96
C LYS F 108 -42.04 10.71 16.01
N PRO F 109 -42.15 9.50 15.47
CA PRO F 109 -40.99 8.61 15.41
C PRO F 109 -39.86 9.20 14.59
N ILE F 110 -38.62 9.04 15.09
CA ILE F 110 -37.45 9.50 14.36
C ILE F 110 -37.15 8.66 13.13
N HIS F 111 -37.79 7.51 12.97
CA HIS F 111 -37.63 6.66 11.79
C HIS F 111 -38.84 6.78 10.89
N ALA F 112 -38.61 7.19 9.64
CA ALA F 112 -39.68 7.36 8.66
C ALA F 112 -39.13 7.10 7.27
N ASP F 113 -40.02 6.67 6.37
CA ASP F 113 -39.63 6.45 4.99
C ASP F 113 -39.39 7.78 4.27
N PRO F 114 -38.38 7.87 3.42
CA PRO F 114 -38.17 9.07 2.60
C PRO F 114 -39.37 9.35 1.71
N PRO F 115 -39.53 10.60 1.27
CA PRO F 115 -40.63 10.94 0.34
C PRO F 115 -40.53 10.15 -0.96
N SER F 116 -41.69 9.84 -1.53
CA SER F 116 -41.73 9.06 -2.76
C SER F 116 -41.05 9.83 -3.89
N PHE F 117 -40.90 9.13 -5.03
CA PHE F 117 -40.43 9.77 -6.26
C PHE F 117 -41.41 10.82 -6.76
N ALA F 118 -42.71 10.55 -6.65
CA ALA F 118 -43.72 11.51 -7.07
C ALA F 118 -43.75 12.76 -6.19
N GLU F 119 -43.28 12.67 -4.95
CA GLU F 119 -43.26 13.81 -4.04
C GLU F 119 -42.09 14.75 -4.28
N GLN F 120 -41.05 14.34 -4.99
CA GLN F 120 -39.89 15.20 -5.20
C GLN F 120 -40.29 16.46 -5.97
N SER F 121 -39.54 17.54 -5.73
CA SER F 121 -39.70 18.81 -6.42
C SER F 121 -38.36 19.37 -6.85
N THR F 122 -38.37 20.04 -8.00
CA THR F 122 -37.15 20.53 -8.65
C THR F 122 -37.09 22.04 -8.54
N SER F 123 -35.92 22.57 -8.19
CA SER F 123 -35.71 24.01 -8.11
C SER F 123 -34.33 24.37 -8.66
N ALA F 124 -34.23 25.58 -9.23
CA ALA F 124 -32.97 26.19 -9.62
C ALA F 124 -32.87 27.63 -9.12
N GLU F 125 -33.45 27.91 -7.96
CA GLU F 125 -33.30 29.20 -7.30
C GLU F 125 -31.91 29.32 -6.67
N ILE F 126 -31.22 30.42 -6.97
CA ILE F 126 -29.90 30.67 -6.39
C ILE F 126 -30.07 31.24 -4.99
N LEU F 127 -29.32 30.68 -4.03
CA LEU F 127 -29.22 31.21 -2.67
C LEU F 127 -27.98 32.10 -2.58
N GLU F 128 -28.19 33.41 -2.51
CA GLU F 128 -27.07 34.35 -2.40
C GLU F 128 -26.49 34.29 -0.99
N THR F 129 -25.24 33.81 -0.88
CA THR F 129 -24.59 33.63 0.41
C THR F 129 -23.84 34.86 0.90
N GLY F 130 -23.46 35.76 0.00
CA GLY F 130 -22.56 36.85 0.34
C GLY F 130 -21.10 36.47 0.36
N ILE F 131 -20.76 35.24 -0.01
CA ILE F 131 -19.39 34.75 -0.01
C ILE F 131 -18.92 34.69 -1.46
N LYS F 132 -17.84 35.42 -1.76
CA LYS F 132 -17.42 35.58 -3.15
C LYS F 132 -17.19 34.24 -3.84
N VAL F 133 -16.37 33.39 -3.24
CA VAL F 133 -15.98 32.14 -3.90
C VAL F 133 -17.18 31.23 -4.14
N VAL F 134 -18.14 31.20 -3.21
CA VAL F 134 -19.35 30.43 -3.41
C VAL F 134 -20.25 31.07 -4.46
N ASP F 135 -20.54 32.36 -4.31
CA ASP F 135 -21.46 33.00 -5.22
C ASP F 135 -20.93 33.05 -6.65
N LEU F 136 -19.61 33.01 -6.83
CA LEU F 136 -19.03 32.91 -8.16
C LEU F 136 -19.01 31.46 -8.67
N LEU F 137 -18.30 30.57 -7.96
CA LEU F 137 -17.88 29.31 -8.55
C LEU F 137 -18.75 28.13 -8.16
N ALA F 138 -19.51 28.21 -7.08
CA ALA F 138 -20.32 27.08 -6.65
C ALA F 138 -21.63 27.58 -6.04
N PRO F 139 -22.41 28.36 -6.77
CA PRO F 139 -23.57 29.02 -6.16
C PRO F 139 -24.54 28.00 -5.58
N TYR F 140 -24.97 28.26 -4.34
CA TYR F 140 -25.85 27.35 -3.63
C TYR F 140 -27.28 27.45 -4.15
N ALA F 141 -28.02 26.36 -4.01
CA ALA F 141 -29.42 26.30 -4.42
C ALA F 141 -30.32 26.49 -3.22
N ARG F 142 -31.29 27.41 -3.35
CA ARG F 142 -32.35 27.51 -2.36
C ARG F 142 -33.24 26.27 -2.46
N GLY F 143 -33.44 25.59 -1.34
CA GLY F 143 -34.10 24.30 -1.36
C GLY F 143 -33.24 23.15 -1.83
N GLY F 144 -31.92 23.35 -1.95
CA GLY F 144 -31.02 22.29 -2.31
C GLY F 144 -30.25 21.75 -1.11
N LYS F 145 -29.43 20.74 -1.37
CA LYS F 145 -28.55 20.17 -0.37
C LYS F 145 -27.10 20.59 -0.63
N ILE F 146 -26.47 21.14 0.39
CA ILE F 146 -25.14 21.72 0.32
C ILE F 146 -24.27 21.00 1.34
N GLY F 147 -23.05 20.68 0.96
CA GLY F 147 -22.12 20.05 1.86
C GLY F 147 -20.75 20.69 1.80
N LEU F 148 -20.16 20.86 2.97
CA LEU F 148 -18.84 21.48 3.12
C LEU F 148 -17.86 20.40 3.58
N PHE F 149 -16.80 20.20 2.81
CA PHE F 149 -15.88 19.10 3.03
C PHE F 149 -14.54 19.66 3.48
N GLY F 150 -14.01 19.12 4.57
CA GLY F 150 -12.67 19.47 4.99
C GLY F 150 -12.14 18.63 6.13
N GLY F 151 -10.83 18.49 6.21
CA GLY F 151 -10.21 17.85 7.35
C GLY F 151 -10.41 18.67 8.62
N ALA F 152 -9.70 18.24 9.66
CA ALA F 152 -9.76 18.93 10.93
C ALA F 152 -9.18 20.34 10.81
N GLY F 153 -9.90 21.32 11.37
CA GLY F 153 -9.35 22.65 11.54
C GLY F 153 -9.28 23.51 10.30
N VAL F 154 -9.86 23.08 9.18
CA VAL F 154 -9.75 23.88 7.96
C VAL F 154 -10.80 24.99 7.86
N GLY F 155 -11.88 24.94 8.64
CA GLY F 155 -12.79 26.07 8.68
C GLY F 155 -14.27 25.76 8.48
N LYS F 156 -14.64 24.48 8.60
CA LYS F 156 -16.03 24.09 8.34
C LYS F 156 -17.00 24.82 9.27
N THR F 157 -16.71 24.83 10.58
CA THR F 157 -17.64 25.41 11.54
C THR F 157 -17.74 26.92 11.42
N VAL F 158 -16.60 27.59 11.19
CA VAL F 158 -16.64 29.04 10.93
C VAL F 158 -17.45 29.35 9.68
N PHE F 159 -17.31 28.52 8.63
CA PHE F 159 -18.10 28.70 7.43
C PHE F 159 -19.60 28.52 7.67
N ILE F 160 -19.98 27.49 8.42
CA ILE F 160 -21.39 27.33 8.80
C ILE F 160 -21.89 28.51 9.61
N GLN F 161 -21.09 28.99 10.56
CA GLN F 161 -21.53 30.12 11.37
C GLN F 161 -21.68 31.41 10.56
N GLU F 162 -20.83 31.58 9.54
CA GLU F 162 -21.02 32.69 8.60
C GLU F 162 -22.31 32.52 7.80
N LEU F 163 -22.57 31.32 7.29
CA LEU F 163 -23.82 31.08 6.58
C LEU F 163 -25.04 31.31 7.46
N ILE F 164 -24.96 30.93 8.73
CA ILE F 164 -26.04 31.20 9.68
C ILE F 164 -26.25 32.69 9.85
N ASN F 165 -25.16 33.44 10.01
CA ASN F 165 -25.26 34.89 10.14
C ASN F 165 -25.88 35.54 8.90
N ASN F 166 -25.43 35.12 7.72
CA ASN F 166 -25.90 35.74 6.48
C ASN F 166 -27.34 35.35 6.14
N ILE F 167 -27.72 34.09 6.31
CA ILE F 167 -28.96 33.55 5.78
C ILE F 167 -30.01 33.35 6.87
N ALA F 168 -29.63 32.70 7.97
CA ALA F 168 -30.65 32.16 8.88
C ALA F 168 -31.48 33.25 9.55
N LYS F 169 -30.97 34.47 9.63
CA LYS F 169 -31.79 35.59 10.11
C LYS F 169 -32.61 36.24 9.01
N ALA F 170 -32.14 36.18 7.76
CA ALA F 170 -32.87 36.70 6.62
C ALA F 170 -33.85 35.69 6.02
N HIS F 171 -33.76 34.42 6.42
CA HIS F 171 -34.46 33.36 5.70
C HIS F 171 -35.98 33.50 5.80
N GLY F 172 -36.49 34.04 6.91
CA GLY F 172 -37.92 34.24 7.01
C GLY F 172 -38.68 32.93 7.13
N GLY F 173 -38.11 31.95 7.82
CA GLY F 173 -38.76 30.67 8.05
C GLY F 173 -38.02 29.93 9.13
N PHE F 174 -38.66 28.89 9.65
CA PHE F 174 -38.08 28.19 10.78
C PHE F 174 -36.77 27.50 10.38
N SER F 175 -35.93 27.24 11.37
CA SER F 175 -34.65 26.61 11.15
C SER F 175 -34.38 25.56 12.21
N VAL F 176 -33.54 24.59 11.87
CA VAL F 176 -33.10 23.56 12.80
C VAL F 176 -31.59 23.43 12.67
N PHE F 177 -30.89 23.42 13.80
CA PHE F 177 -29.46 23.11 13.82
C PHE F 177 -29.25 21.83 14.61
N THR F 178 -28.58 20.86 13.99
CA THR F 178 -28.21 19.61 14.62
C THR F 178 -26.69 19.51 14.73
N GLY F 179 -26.19 19.48 15.95
CA GLY F 179 -24.80 19.12 16.21
C GLY F 179 -24.65 17.63 16.36
N VAL F 180 -23.90 16.98 15.47
CA VAL F 180 -23.69 15.53 15.52
C VAL F 180 -22.21 15.31 15.79
N GLY F 181 -21.88 15.01 17.05
CA GLY F 181 -20.50 14.77 17.42
C GLY F 181 -19.58 15.94 17.18
N GLU F 182 -20.10 17.17 17.21
CA GLU F 182 -19.24 18.33 17.35
C GLU F 182 -18.93 18.57 18.82
N ARG F 183 -18.22 19.67 19.12
CA ARG F 183 -17.86 19.96 20.49
C ARG F 183 -19.04 20.50 21.28
N THR F 184 -19.15 20.09 22.55
CA THR F 184 -20.15 20.68 23.44
C THR F 184 -19.92 22.17 23.63
N ARG F 185 -18.67 22.61 23.59
CA ARG F 185 -18.36 24.03 23.63
C ARG F 185 -18.87 24.77 22.40
N GLU F 186 -18.70 24.20 21.21
CA GLU F 186 -19.24 24.86 20.03
C GLU F 186 -20.75 24.99 20.10
N GLY F 187 -21.41 24.02 20.72
CA GLY F 187 -22.84 24.15 20.98
C GLY F 187 -23.20 25.24 21.99
N ASN F 188 -22.45 25.34 23.07
CA ASN F 188 -22.70 26.41 24.04
C ASN F 188 -22.43 27.80 23.46
N ASP F 189 -21.38 27.93 22.64
CA ASP F 189 -21.13 29.18 21.94
C ASP F 189 -22.22 29.51 20.93
N LEU F 190 -22.66 28.52 20.15
CA LEU F 190 -23.77 28.76 19.23
C LEU F 190 -25.01 29.19 19.97
N TYR F 191 -25.33 28.53 21.09
CA TYR F 191 -26.50 28.89 21.86
C TYR F 191 -26.42 30.31 22.41
N ARG F 192 -25.26 30.72 22.90
CA ARG F 192 -25.08 32.11 23.33
C ARG F 192 -25.27 33.09 22.19
N GLU F 193 -24.62 32.84 21.05
CA GLU F 193 -24.78 33.68 19.87
C GLU F 193 -26.24 33.80 19.45
N MET F 194 -26.91 32.66 19.29
CA MET F 194 -28.29 32.64 18.84
C MET F 194 -29.23 33.29 19.85
N LYS F 195 -28.88 33.22 21.14
CA LYS F 195 -29.68 33.86 22.18
C LYS F 195 -29.48 35.36 22.24
N GLU F 196 -28.28 35.86 21.92
CA GLU F 196 -28.02 37.30 21.90
C GLU F 196 -28.36 37.98 20.59
N THR F 197 -28.28 37.27 19.46
CA THR F 197 -28.71 37.83 18.18
C THR F 197 -30.22 37.73 17.95
N GLY F 198 -30.98 37.31 18.96
CA GLY F 198 -32.42 37.34 18.89
C GLY F 198 -33.05 36.27 18.04
N VAL F 199 -32.25 35.31 17.55
CA VAL F 199 -32.83 34.13 16.91
C VAL F 199 -33.54 33.27 17.94
N ILE F 200 -33.08 33.28 19.18
CA ILE F 200 -33.75 32.66 20.31
C ILE F 200 -34.17 33.76 21.27
N ASN F 201 -35.46 33.81 21.60
CA ASN F 201 -36.00 34.76 22.57
C ASN F 201 -36.78 33.98 23.63
N LEU F 202 -36.17 33.82 24.81
CA LEU F 202 -36.76 32.99 25.85
C LEU F 202 -38.06 33.59 26.36
N GLU F 203 -38.18 34.91 26.32
CA GLU F 203 -39.41 35.62 26.66
C GLU F 203 -40.19 36.05 25.42
N GLY F 204 -40.08 35.32 24.33
CA GLY F 204 -40.77 35.68 23.10
C GLY F 204 -40.87 34.50 22.15
N GLU F 205 -40.83 34.80 20.85
CA GLU F 205 -40.84 33.78 19.81
C GLU F 205 -39.45 33.53 19.25
N SER F 206 -39.13 32.26 19.04
CA SER F 206 -37.84 31.84 18.51
C SER F 206 -38.03 31.16 17.17
N LYS F 207 -37.03 31.28 16.30
CA LYS F 207 -37.09 30.77 14.94
C LYS F 207 -36.19 29.58 14.67
N VAL F 208 -35.41 29.12 15.65
CA VAL F 208 -34.51 27.99 15.45
C VAL F 208 -34.73 26.99 16.58
N ALA F 209 -34.67 25.71 16.23
CA ALA F 209 -34.60 24.62 17.19
C ALA F 209 -33.23 23.99 17.18
N LEU F 210 -32.69 23.69 18.36
CA LEU F 210 -31.36 23.13 18.51
C LEU F 210 -31.45 21.68 18.99
N VAL F 211 -30.71 20.81 18.31
CA VAL F 211 -30.65 19.39 18.62
C VAL F 211 -29.17 19.04 18.73
N PHE F 212 -28.77 18.41 19.82
CA PHE F 212 -27.35 18.13 20.05
C PHE F 212 -27.14 16.71 20.51
N GLY F 213 -26.12 16.07 19.93
CA GLY F 213 -25.64 14.77 20.33
C GLY F 213 -24.13 14.77 20.15
N GLN F 214 -23.44 15.48 21.03
CA GLN F 214 -22.05 15.85 20.78
C GLN F 214 -21.12 14.68 21.07
N MET F 215 -19.82 14.92 20.87
CA MET F 215 -18.84 13.85 20.86
C MET F 215 -18.57 13.23 22.22
N ASN F 216 -19.15 13.78 23.30
CA ASN F 216 -19.18 13.07 24.58
C ASN F 216 -20.19 11.92 24.60
N GLU F 217 -21.14 11.91 23.68
CA GLU F 217 -22.23 10.95 23.72
C GLU F 217 -21.78 9.58 23.22
N PRO F 218 -22.38 8.50 23.72
CA PRO F 218 -22.10 7.16 23.18
C PRO F 218 -22.41 7.09 21.70
N PRO F 219 -21.84 6.12 20.99
CA PRO F 219 -22.11 6.00 19.55
C PRO F 219 -23.56 5.77 19.21
N GLY F 220 -24.33 5.09 20.08
CA GLY F 220 -25.75 4.93 19.82
C GLY F 220 -26.50 6.24 19.74
N ALA F 221 -26.14 7.20 20.59
CA ALA F 221 -26.75 8.52 20.53
C ALA F 221 -26.31 9.30 19.28
N ARG F 222 -25.01 9.30 19.00
CA ARG F 222 -24.51 10.00 17.81
C ARG F 222 -25.05 9.42 16.51
N ALA F 223 -25.36 8.13 16.48
CA ALA F 223 -26.00 7.50 15.33
C ALA F 223 -27.48 7.82 15.17
N ARG F 224 -28.11 8.50 16.13
CA ARG F 224 -29.55 8.76 16.08
C ARG F 224 -29.97 10.20 16.25
N VAL F 225 -29.10 11.11 16.69
CA VAL F 225 -29.50 12.51 16.87
C VAL F 225 -29.83 13.17 15.54
N ALA F 226 -29.11 12.80 14.48
CA ALA F 226 -29.43 13.35 13.16
C ALA F 226 -30.85 13.03 12.75
N LEU F 227 -31.34 11.82 13.05
CA LEU F 227 -32.72 11.49 12.77
C LEU F 227 -33.71 12.35 13.57
N THR F 228 -33.35 12.75 14.79
CA THR F 228 -34.20 13.67 15.54
C THR F 228 -34.27 15.05 14.86
N GLY F 229 -33.11 15.56 14.44
CA GLY F 229 -33.11 16.82 13.72
C GLY F 229 -33.92 16.75 12.44
N LEU F 230 -33.69 15.71 11.64
CA LEU F 230 -34.50 15.47 10.45
C LEU F 230 -35.99 15.43 10.78
N THR F 231 -36.37 14.75 11.86
CA THR F 231 -37.79 14.61 12.16
C THR F 231 -38.43 15.95 12.50
N ILE F 232 -37.72 16.83 13.18
CA ILE F 232 -38.25 18.16 13.45
C ILE F 232 -38.33 18.99 12.17
N ALA F 233 -37.27 18.95 11.35
CA ALA F 233 -37.29 19.70 10.09
C ALA F 233 -38.38 19.19 9.16
N GLU F 234 -38.55 17.87 9.08
CA GLU F 234 -39.61 17.28 8.29
C GLU F 234 -40.99 17.65 8.81
N TYR F 235 -41.17 17.77 10.12
CA TYR F 235 -42.45 18.25 10.61
C TYR F 235 -42.73 19.69 10.17
N PHE F 236 -41.71 20.55 10.21
CA PHE F 236 -41.91 21.90 9.68
C PHE F 236 -42.21 21.89 8.18
N ARG F 237 -41.50 21.06 7.42
CA ARG F 237 -41.73 21.01 5.97
C ARG F 237 -43.12 20.49 5.61
N ASP F 238 -43.50 19.34 6.16
CA ASP F 238 -44.77 18.70 5.82
C ASP F 238 -45.97 19.25 6.58
N GLU F 239 -45.87 19.35 7.90
CA GLU F 239 -47.03 19.73 8.71
C GLU F 239 -47.28 21.23 8.73
N GLU F 240 -46.25 22.04 9.01
CA GLU F 240 -46.44 23.48 8.92
C GLU F 240 -46.47 23.95 7.48
N GLY F 241 -45.80 23.25 6.56
CA GLY F 241 -45.76 23.69 5.18
C GLY F 241 -44.72 24.73 4.89
N GLN F 242 -43.73 24.88 5.77
CA GLN F 242 -42.81 25.99 5.74
C GLN F 242 -41.71 25.77 4.72
N ASP F 243 -40.89 26.80 4.53
CA ASP F 243 -39.57 26.67 3.96
C ASP F 243 -38.58 26.67 5.11
N VAL F 244 -37.77 25.60 5.19
CA VAL F 244 -37.05 25.24 6.40
C VAL F 244 -35.57 25.19 6.08
N LEU F 245 -34.75 25.63 7.01
CA LEU F 245 -33.29 25.65 6.84
C LEU F 245 -32.66 24.77 7.90
N LEU F 246 -32.02 23.69 7.46
CA LEU F 246 -31.47 22.65 8.32
C LEU F 246 -29.95 22.64 8.22
N PHE F 247 -29.28 22.90 9.33
CA PHE F 247 -27.84 22.84 9.44
C PHE F 247 -27.47 21.58 10.19
N ILE F 248 -26.51 20.83 9.69
CA ILE F 248 -25.96 19.67 10.40
C ILE F 248 -24.46 19.84 10.48
N ASP F 249 -23.94 19.90 11.69
CA ASP F 249 -22.50 19.97 11.90
C ASP F 249 -21.92 18.58 12.15
N ASN F 250 -20.93 18.22 11.31
CA ASN F 250 -20.29 16.91 11.23
C ASN F 250 -21.29 15.76 11.07
N ILE F 251 -21.97 15.75 9.92
CA ILE F 251 -22.76 14.58 9.54
C ILE F 251 -21.91 13.33 9.34
N PHE F 252 -20.61 13.48 9.10
CA PHE F 252 -19.69 12.35 9.14
C PHE F 252 -19.78 11.56 10.44
N ARG F 253 -20.06 12.22 11.54
CA ARG F 253 -20.11 11.55 12.82
C ARG F 253 -21.27 10.58 12.93
N PHE F 254 -22.32 10.80 12.13
CA PHE F 254 -23.35 9.77 12.00
C PHE F 254 -22.81 8.47 11.39
N THR F 255 -22.01 8.60 10.33
CA THR F 255 -21.42 7.40 9.71
C THR F 255 -20.37 6.73 10.59
N GLN F 256 -19.49 7.50 11.21
CA GLN F 256 -18.48 6.93 12.09
C GLN F 256 -19.09 6.18 13.27
N ALA F 257 -20.12 6.74 13.89
CA ALA F 257 -20.77 6.03 14.99
C ALA F 257 -21.36 4.71 14.52
N GLY F 258 -21.86 4.66 13.29
CA GLY F 258 -22.30 3.39 12.75
C GLY F 258 -21.20 2.36 12.64
N SER F 259 -20.00 2.79 12.27
CA SER F 259 -18.87 1.87 12.30
C SER F 259 -18.52 1.42 13.71
N GLU F 260 -18.60 2.33 14.69
CA GLU F 260 -18.25 1.96 16.06
C GLU F 260 -19.14 0.85 16.62
N VAL F 261 -20.44 0.90 16.33
CA VAL F 261 -21.31 -0.21 16.72
C VAL F 261 -21.13 -1.44 15.83
N SER F 262 -20.78 -1.25 14.56
CA SER F 262 -20.92 -2.33 13.57
C SER F 262 -20.30 -3.65 14.01
N ALA F 263 -19.03 -3.62 14.45
CA ALA F 263 -18.37 -4.87 14.82
C ALA F 263 -19.03 -5.55 16.02
N LEU F 264 -19.54 -4.77 16.96
CA LEU F 264 -20.25 -5.37 18.09
C LEU F 264 -21.58 -5.98 17.66
N LEU F 265 -22.23 -5.42 16.65
CA LEU F 265 -23.40 -6.09 16.08
C LEU F 265 -23.06 -7.44 15.46
N GLY F 266 -21.84 -7.59 14.94
CA GLY F 266 -21.39 -8.88 14.46
C GLY F 266 -21.15 -8.89 12.97
N ARG F 267 -21.09 -7.70 12.38
CA ARG F 267 -20.90 -7.56 10.95
C ARG F 267 -19.44 -7.71 10.58
N ILE F 268 -19.20 -8.29 9.41
CA ILE F 268 -17.85 -8.30 8.84
C ILE F 268 -17.55 -6.89 8.34
N PRO F 269 -16.45 -6.28 8.76
CA PRO F 269 -16.13 -4.92 8.28
C PRO F 269 -15.74 -4.91 6.81
N SER F 270 -16.05 -3.79 6.17
CA SER F 270 -15.75 -3.61 4.75
C SER F 270 -14.41 -2.90 4.54
N ALA F 271 -14.33 -2.09 3.48
CA ALA F 271 -13.06 -1.79 2.82
C ALA F 271 -11.99 -1.30 3.79
N VAL F 272 -12.33 -0.34 4.65
CA VAL F 272 -11.36 0.14 5.63
C VAL F 272 -11.99 0.13 7.02
N GLY F 273 -12.75 -0.92 7.32
CA GLY F 273 -13.40 -1.06 8.60
C GLY F 273 -14.76 -0.42 8.73
N TYR F 274 -15.26 0.25 7.69
CA TYR F 274 -16.60 0.77 7.75
C TYR F 274 -17.62 -0.36 7.73
N GLN F 275 -18.80 -0.09 8.28
CA GLN F 275 -19.88 -1.06 8.23
C GLN F 275 -20.25 -1.37 6.79
N PRO F 276 -20.66 -2.60 6.50
CA PRO F 276 -21.17 -2.91 5.16
C PRO F 276 -22.33 -2.01 4.73
N THR F 277 -23.21 -1.67 5.66
CA THR F 277 -24.42 -0.90 5.39
C THR F 277 -24.15 0.59 5.19
N LEU F 278 -22.90 1.01 5.12
CA LEU F 278 -22.57 2.44 5.13
C LEU F 278 -23.36 3.22 4.08
N ALA F 279 -23.38 2.70 2.86
CA ALA F 279 -24.04 3.43 1.77
C ALA F 279 -25.55 3.43 1.93
N THR F 280 -26.14 2.35 2.44
CA THR F 280 -27.59 2.35 2.60
C THR F 280 -28.08 2.99 3.90
N ASP F 281 -27.30 2.92 4.98
CA ASP F 281 -27.62 3.71 6.16
C ASP F 281 -27.56 5.21 5.86
N MET F 282 -26.49 5.64 5.20
CA MET F 282 -26.42 7.04 4.79
C MET F 282 -27.52 7.40 3.79
N GLY F 283 -27.78 6.55 2.80
CA GLY F 283 -28.83 6.87 1.85
C GLY F 283 -30.21 6.96 2.50
N LEU F 284 -30.48 6.13 3.51
CA LEU F 284 -31.74 6.22 4.23
C LEU F 284 -31.84 7.51 5.02
N LEU F 285 -30.74 7.93 5.66
CA LEU F 285 -30.76 9.22 6.34
C LEU F 285 -30.90 10.38 5.35
N GLN F 286 -30.05 10.39 4.33
CA GLN F 286 -29.80 11.55 3.49
C GLN F 286 -30.91 11.82 2.49
N GLU F 287 -31.73 10.82 2.16
CA GLU F 287 -32.89 11.00 1.29
C GLU F 287 -34.10 11.60 1.98
N ARG F 288 -34.14 11.64 3.32
CA ARG F 288 -35.23 12.33 3.99
C ARG F 288 -35.12 13.84 3.91
N ILE F 289 -33.90 14.36 3.71
CA ILE F 289 -33.64 15.80 3.74
C ILE F 289 -34.17 16.52 2.50
N THR F 290 -34.67 15.80 1.51
CA THR F 290 -35.07 16.43 0.26
C THR F 290 -36.19 17.45 0.47
N THR F 291 -36.25 18.41 -0.45
CA THR F 291 -37.41 19.25 -0.69
C THR F 291 -38.49 18.49 -1.44
N THR F 292 -39.75 18.82 -1.13
CA THR F 292 -40.91 18.15 -1.71
C THR F 292 -41.93 19.19 -2.14
N LYS F 293 -43.00 18.72 -2.76
CA LYS F 293 -44.14 19.56 -3.12
C LYS F 293 -44.88 20.14 -1.91
N LYS F 294 -44.74 19.55 -0.74
CA LYS F 294 -45.37 20.13 0.45
C LYS F 294 -44.60 21.35 0.95
N GLY F 295 -43.28 21.34 0.83
CA GLY F 295 -42.47 22.46 1.27
C GLY F 295 -41.02 22.18 0.99
N SER F 296 -40.21 23.23 1.11
CA SER F 296 -38.79 23.11 0.81
C SER F 296 -37.97 22.99 2.09
N VAL F 297 -36.86 22.27 1.97
CA VAL F 297 -35.79 22.28 2.94
C VAL F 297 -34.50 22.64 2.23
N THR F 298 -33.80 23.65 2.73
CA THR F 298 -32.44 23.95 2.35
C THR F 298 -31.55 23.37 3.44
N SER F 299 -30.54 22.60 3.05
CA SER F 299 -29.72 21.88 4.01
C SER F 299 -28.25 22.14 3.79
N VAL F 300 -27.55 22.48 4.86
CA VAL F 300 -26.11 22.69 4.85
C VAL F 300 -25.49 21.71 5.82
N GLN F 301 -24.53 20.92 5.33
CA GLN F 301 -23.95 19.82 6.10
C GLN F 301 -22.45 19.93 6.06
N ALA F 302 -21.82 20.01 7.24
CA ALA F 302 -20.37 19.87 7.30
C ALA F 302 -19.99 18.40 7.27
N VAL F 303 -19.02 18.06 6.42
CA VAL F 303 -18.55 16.68 6.29
C VAL F 303 -17.06 16.66 6.64
N TYR F 304 -16.73 15.95 7.71
CA TYR F 304 -15.34 15.73 8.08
C TYR F 304 -14.68 14.72 7.12
N VAL F 305 -13.36 14.83 6.98
CA VAL F 305 -12.59 14.01 6.05
C VAL F 305 -11.42 13.39 6.81
N PRO F 306 -11.43 12.08 7.07
CA PRO F 306 -10.74 11.56 8.25
C PRO F 306 -9.21 11.55 8.16
N ALA F 307 -8.61 11.59 6.97
CA ALA F 307 -7.21 11.98 6.89
C ALA F 307 -6.99 13.00 5.79
N ASP F 308 -7.91 13.94 5.61
CA ASP F 308 -7.92 14.86 4.49
C ASP F 308 -8.06 14.16 3.15
N ASP F 309 -8.34 12.86 3.14
CA ASP F 309 -8.50 12.11 1.89
C ASP F 309 -9.97 12.06 1.51
N LEU F 310 -10.32 12.76 0.44
CA LEU F 310 -11.69 12.78 -0.07
C LEU F 310 -12.09 11.44 -0.69
N THR F 311 -11.15 10.50 -0.82
CA THR F 311 -11.42 9.16 -1.34
C THR F 311 -11.84 8.19 -0.25
N ASP F 312 -11.85 8.61 1.01
CA ASP F 312 -12.37 7.78 2.07
C ASP F 312 -13.85 7.47 1.80
N PRO F 313 -14.30 6.24 2.07
CA PRO F 313 -15.68 5.86 1.69
C PRO F 313 -16.77 6.78 2.22
N ALA F 314 -16.62 7.41 3.38
CA ALA F 314 -17.68 8.29 3.87
C ALA F 314 -17.78 9.58 3.07
N PRO F 315 -16.72 10.39 2.91
CA PRO F 315 -16.80 11.49 1.94
C PRO F 315 -17.16 11.06 0.54
N ALA F 316 -16.50 10.02 0.01
CA ALA F 316 -16.72 9.62 -1.36
C ALA F 316 -18.17 9.22 -1.61
N THR F 317 -18.80 8.53 -0.66
CA THR F 317 -20.21 8.23 -0.78
C THR F 317 -21.07 9.48 -0.61
N THR F 318 -20.69 10.38 0.30
CA THR F 318 -21.51 11.56 0.55
C THR F 318 -21.56 12.49 -0.66
N PHE F 319 -20.49 12.54 -1.45
CA PHE F 319 -20.49 13.39 -2.64
C PHE F 319 -21.66 13.10 -3.57
N ALA F 320 -22.13 11.86 -3.63
CA ALA F 320 -23.24 11.50 -4.51
C ALA F 320 -24.58 12.08 -4.08
N HIS F 321 -24.67 12.63 -2.87
CA HIS F 321 -25.94 13.02 -2.29
C HIS F 321 -26.24 14.51 -2.32
N LEU F 322 -25.36 15.34 -2.87
CA LEU F 322 -25.38 16.77 -2.61
C LEU F 322 -25.54 17.55 -3.91
N ASP F 323 -26.33 18.62 -3.83
CA ASP F 323 -26.48 19.55 -4.94
C ASP F 323 -25.28 20.49 -5.08
N ALA F 324 -24.65 20.86 -3.96
CA ALA F 324 -23.46 21.70 -4.02
C ALA F 324 -22.43 21.18 -3.04
N THR F 325 -21.18 21.13 -3.48
CA THR F 325 -20.07 20.64 -2.69
C THR F 325 -18.98 21.70 -2.60
N THR F 326 -18.57 22.03 -1.39
CA THR F 326 -17.60 23.09 -1.09
C THR F 326 -16.43 22.41 -0.39
N VAL F 327 -15.49 21.89 -1.18
CA VAL F 327 -14.30 21.29 -0.62
C VAL F 327 -13.40 22.38 -0.05
N LEU F 328 -13.26 22.40 1.27
CA LEU F 328 -12.18 23.13 1.92
C LEU F 328 -10.93 22.26 1.94
N SER F 329 -9.76 22.92 1.85
CA SER F 329 -8.50 22.19 1.79
C SER F 329 -7.47 22.80 2.75
N ARG F 330 -6.68 21.92 3.36
CA ARG F 330 -5.69 22.34 4.34
C ARG F 330 -4.60 23.21 3.72
N GLY F 331 -4.10 22.80 2.55
CA GLY F 331 -3.06 23.57 1.89
C GLY F 331 -3.44 25.02 1.64
N ILE F 332 -4.63 25.25 1.10
CA ILE F 332 -5.09 26.62 0.85
C ILE F 332 -5.21 27.41 2.15
N SER F 333 -5.73 26.78 3.20
CA SER F 333 -5.81 27.48 4.49
C SER F 333 -4.44 27.78 5.07
N GLU F 334 -3.45 26.93 4.83
CA GLU F 334 -2.09 27.20 5.28
C GLU F 334 -1.42 28.32 4.49
N LEU F 335 -1.82 28.51 3.24
CA LEU F 335 -1.47 29.74 2.53
C LEU F 335 -2.13 30.98 3.10
N GLY F 336 -2.98 30.84 4.12
CA GLY F 336 -3.72 31.95 4.67
C GLY F 336 -4.88 32.44 3.84
N ILE F 337 -5.22 31.74 2.76
CA ILE F 337 -6.42 32.04 2.00
C ILE F 337 -7.60 31.49 2.78
N TYR F 338 -8.37 32.38 3.41
CA TYR F 338 -9.63 32.01 4.04
C TYR F 338 -10.78 32.71 3.34
N PRO F 339 -11.90 32.02 3.08
CA PRO F 339 -12.37 30.78 3.72
C PRO F 339 -11.80 29.46 3.20
N ALA F 340 -10.71 29.45 2.43
CA ALA F 340 -9.99 28.22 2.11
C ALA F 340 -10.75 27.29 1.19
N VAL F 341 -11.83 27.77 0.56
CA VAL F 341 -12.52 26.96 -0.43
C VAL F 341 -11.59 26.74 -1.62
N ASP F 342 -11.44 25.49 -2.01
CA ASP F 342 -10.73 25.15 -3.22
C ASP F 342 -11.53 25.55 -4.45
N PRO F 343 -11.06 26.48 -5.28
CA PRO F 343 -11.91 26.95 -6.39
C PRO F 343 -12.19 25.86 -7.39
N LEU F 344 -11.38 24.80 -7.38
CA LEU F 344 -11.54 23.63 -8.21
C LEU F 344 -11.80 22.45 -7.29
N ASP F 345 -12.65 21.52 -7.73
CA ASP F 345 -13.31 20.44 -6.98
C ASP F 345 -14.29 20.95 -5.93
N SER F 346 -14.61 22.24 -5.92
CA SER F 346 -15.89 22.69 -5.41
C SER F 346 -16.78 23.08 -6.58
N LYS F 347 -18.01 22.59 -6.57
CA LYS F 347 -18.86 22.57 -7.74
C LYS F 347 -20.32 22.67 -7.33
N SER F 348 -21.16 23.11 -8.26
CA SER F 348 -22.59 23.18 -8.02
C SER F 348 -23.37 22.83 -9.29
N ARG F 349 -24.51 22.17 -9.08
CA ARG F 349 -25.49 21.91 -10.12
C ARG F 349 -26.04 23.19 -10.76
N LEU F 350 -26.07 24.29 -10.03
CA LEU F 350 -26.68 25.52 -10.52
C LEU F 350 -25.78 26.37 -11.41
N LEU F 351 -24.50 26.02 -11.57
CA LEU F 351 -23.63 26.78 -12.47
C LEU F 351 -23.95 26.42 -13.92
N ASP F 352 -25.14 26.85 -14.35
CA ASP F 352 -25.58 26.76 -15.73
C ASP F 352 -25.84 28.17 -16.26
N ALA F 353 -25.47 28.40 -17.52
CA ALA F 353 -25.82 29.66 -18.15
C ALA F 353 -27.33 29.89 -18.21
N ALA F 354 -28.12 28.83 -18.16
CA ALA F 354 -29.57 28.99 -18.04
C ALA F 354 -29.99 29.52 -16.68
N VAL F 355 -29.16 29.35 -15.65
CA VAL F 355 -29.51 29.70 -14.28
C VAL F 355 -28.76 30.94 -13.81
N VAL F 356 -27.42 30.91 -13.86
CA VAL F 356 -26.64 32.07 -13.44
C VAL F 356 -26.61 33.18 -14.49
N GLY F 357 -26.97 32.88 -15.72
CA GLY F 357 -26.74 33.82 -16.81
C GLY F 357 -25.38 33.63 -17.46
N GLN F 358 -25.30 34.03 -18.72
CA GLN F 358 -24.11 33.77 -19.52
C GLN F 358 -22.91 34.55 -19.01
N GLU F 359 -23.12 35.78 -18.53
CA GLU F 359 -22.00 36.58 -18.05
C GLU F 359 -21.34 35.97 -16.81
N HIS F 360 -22.15 35.55 -15.84
CA HIS F 360 -21.63 34.82 -14.69
C HIS F 360 -20.94 33.52 -15.10
N TYR F 361 -21.60 32.71 -15.93
CA TYR F 361 -21.02 31.44 -16.36
C TYR F 361 -19.67 31.64 -17.04
N ASP F 362 -19.57 32.64 -17.93
CA ASP F 362 -18.32 32.92 -18.61
C ASP F 362 -17.23 33.42 -17.67
N VAL F 363 -17.57 34.30 -16.73
CA VAL F 363 -16.58 34.76 -15.76
C VAL F 363 -16.05 33.60 -14.91
N ALA F 364 -16.97 32.77 -14.39
CA ALA F 364 -16.55 31.65 -13.57
C ALA F 364 -15.72 30.64 -14.37
N SER F 365 -16.10 30.37 -15.62
CA SER F 365 -15.29 29.51 -16.47
C SER F 365 -13.89 30.05 -16.70
N LYS F 366 -13.77 31.34 -17.06
CA LYS F 366 -12.45 31.92 -17.30
C LYS F 366 -11.61 31.96 -16.04
N VAL F 367 -12.23 32.18 -14.88
CA VAL F 367 -11.52 32.06 -13.61
C VAL F 367 -10.96 30.66 -13.41
N GLN F 368 -11.79 29.63 -13.64
CA GLN F 368 -11.31 28.27 -13.42
C GLN F 368 -10.23 27.86 -14.43
N GLU F 369 -10.33 28.29 -15.69
CA GLU F 369 -9.22 28.04 -16.62
C GLU F 369 -7.94 28.74 -16.17
N THR F 370 -8.04 29.97 -15.68
CA THR F 370 -6.85 30.68 -15.21
C THR F 370 -6.21 29.96 -14.03
N LEU F 371 -7.01 29.56 -13.05
CA LEU F 371 -6.47 28.86 -11.89
C LEU F 371 -5.91 27.49 -12.25
N GLN F 372 -6.55 26.76 -13.16
CA GLN F 372 -5.98 25.48 -13.61
C GLN F 372 -4.69 25.67 -14.40
N THR F 373 -4.57 26.74 -15.17
CA THR F 373 -3.31 27.04 -15.85
C THR F 373 -2.20 27.31 -14.84
N TYR F 374 -2.45 28.18 -13.87
CA TYR F 374 -1.46 28.43 -12.83
C TYR F 374 -1.10 27.15 -12.06
N LYS F 375 -2.08 26.28 -11.79
CA LYS F 375 -1.78 25.00 -11.17
C LYS F 375 -0.93 24.11 -12.06
N SER F 376 -1.11 24.20 -13.38
CA SER F 376 -0.28 23.41 -14.30
C SER F 376 1.16 23.89 -14.31
N LEU F 377 1.38 25.20 -14.26
CA LEU F 377 2.73 25.75 -14.38
C LEU F 377 3.59 25.54 -13.13
N GLN F 378 3.01 24.99 -12.04
CA GLN F 378 3.71 24.88 -10.77
C GLN F 378 5.00 24.08 -10.86
N ASP F 379 5.04 23.04 -11.71
CA ASP F 379 6.25 22.23 -11.82
C ASP F 379 7.43 23.02 -12.39
N ILE F 380 7.23 23.75 -13.49
CA ILE F 380 8.32 24.52 -14.07
C ILE F 380 8.66 25.75 -13.23
N ILE F 381 7.67 26.37 -12.58
CA ILE F 381 8.00 27.44 -11.65
C ILE F 381 8.81 26.90 -10.47
N ALA F 382 8.57 25.65 -10.05
CA ALA F 382 9.37 25.07 -8.98
C ALA F 382 10.80 24.75 -9.44
N ILE F 383 10.96 24.06 -10.56
CA ILE F 383 12.30 23.60 -10.93
C ILE F 383 13.04 24.62 -11.79
N LEU F 384 12.36 25.33 -12.69
CA LEU F 384 13.02 26.20 -13.67
C LEU F 384 12.74 27.67 -13.45
N GLY F 385 11.83 28.02 -12.55
CA GLY F 385 11.54 29.40 -12.23
C GLY F 385 10.72 30.11 -13.28
N MET F 386 10.01 31.15 -12.82
CA MET F 386 9.11 31.93 -13.64
C MET F 386 9.80 32.67 -14.78
N ASP F 387 11.12 32.87 -14.69
CA ASP F 387 11.87 33.45 -15.80
C ASP F 387 11.82 32.60 -17.07
N GLU F 388 11.52 31.31 -16.97
CA GLU F 388 11.37 30.48 -18.14
C GLU F 388 10.05 30.71 -18.88
N LEU F 389 9.07 31.36 -18.27
CA LEU F 389 7.76 31.49 -18.88
C LEU F 389 7.74 32.50 -20.02
N SER F 390 6.81 32.30 -20.95
CA SER F 390 6.50 33.30 -21.95
C SER F 390 5.81 34.51 -21.29
N GLU F 391 5.77 35.61 -22.04
CA GLU F 391 5.08 36.80 -21.55
C GLU F 391 3.60 36.57 -21.29
N GLN F 392 2.93 35.79 -22.15
CA GLN F 392 1.53 35.46 -21.90
C GLN F 392 1.36 34.55 -20.68
N ASP F 393 2.32 33.65 -20.45
CA ASP F 393 2.27 32.82 -19.25
C ASP F 393 2.62 33.62 -18.00
N LYS F 394 3.61 34.51 -18.10
CA LYS F 394 3.89 35.42 -16.98
C LYS F 394 2.66 36.24 -16.61
N LEU F 395 1.96 36.79 -17.62
CA LEU F 395 0.72 37.52 -17.37
C LEU F 395 -0.34 36.62 -16.73
N THR F 396 -0.49 35.40 -17.22
CA THR F 396 -1.50 34.50 -16.68
C THR F 396 -1.20 34.11 -15.23
N VAL F 397 0.06 33.82 -14.92
CA VAL F 397 0.45 33.49 -13.56
C VAL F 397 0.20 34.66 -12.61
N GLU F 398 0.61 35.86 -13.01
CA GLU F 398 0.34 37.04 -12.17
C GLU F 398 -1.15 37.25 -11.94
N ARG F 399 -1.96 37.19 -13.01
CA ARG F 399 -3.39 37.39 -12.88
C ARG F 399 -4.05 36.27 -12.09
N ALA F 400 -3.58 35.03 -12.24
CA ALA F 400 -4.05 33.93 -11.41
C ALA F 400 -3.76 34.14 -9.93
N ARG F 401 -2.56 34.64 -9.60
CA ARG F 401 -2.26 34.91 -8.20
C ARG F 401 -3.09 36.07 -7.62
N LYS F 402 -3.40 37.06 -8.46
CA LYS F 402 -4.36 38.09 -8.05
C LYS F 402 -5.75 37.49 -7.80
N ILE F 403 -6.26 36.71 -8.75
CA ILE F 403 -7.59 36.11 -8.58
C ILE F 403 -7.62 35.22 -7.34
N GLN F 404 -6.59 34.39 -7.17
CA GLN F 404 -6.52 33.48 -6.02
C GLN F 404 -6.56 34.21 -4.69
N ARG F 405 -5.85 35.33 -4.56
CA ARG F 405 -6.00 36.13 -3.33
C ARG F 405 -7.35 36.85 -3.26
N PHE F 406 -7.88 37.30 -4.39
CA PHE F 406 -9.17 37.99 -4.39
C PHE F 406 -10.31 37.10 -3.89
N LEU F 407 -10.23 35.79 -4.09
CA LEU F 407 -11.23 34.88 -3.52
C LEU F 407 -11.21 34.82 -2.00
N SER F 408 -10.16 35.32 -1.35
CA SER F 408 -10.15 35.40 0.10
C SER F 408 -11.11 36.49 0.59
N GLN F 409 -11.61 36.33 1.82
CA GLN F 409 -12.62 37.23 2.34
C GLN F 409 -12.63 37.18 3.87
N PRO F 410 -12.71 38.32 4.55
CA PRO F 410 -12.88 38.34 6.01
C PRO F 410 -14.33 38.08 6.43
N PHE F 411 -14.54 37.09 7.29
CA PHE F 411 -15.85 36.90 7.90
C PHE F 411 -15.90 37.63 9.24
N ALA F 412 -17.13 37.89 9.70
CA ALA F 412 -17.32 38.56 10.98
C ALA F 412 -16.77 37.75 12.15
N VAL F 413 -17.09 36.46 12.20
CA VAL F 413 -16.47 35.57 13.20
C VAL F 413 -14.96 35.49 13.00
N ALA F 414 -14.51 35.53 11.75
CA ALA F 414 -13.09 35.60 11.47
C ALA F 414 -12.48 36.91 11.93
N GLU F 415 -13.30 37.92 12.25
CA GLU F 415 -12.74 39.15 12.75
C GLU F 415 -11.91 38.87 13.99
N VAL F 416 -12.30 37.89 14.80
CA VAL F 416 -11.49 37.55 15.97
C VAL F 416 -10.11 37.07 15.54
N PHE F 417 -10.05 36.22 14.51
CA PHE F 417 -8.79 35.64 14.06
C PHE F 417 -8.04 36.48 13.03
N THR F 418 -8.76 37.25 12.21
CA THR F 418 -8.11 38.08 11.20
C THR F 418 -7.87 39.51 11.65
N GLY F 419 -8.61 39.99 12.65
CA GLY F 419 -8.59 41.39 13.01
C GLY F 419 -9.26 42.33 12.05
N ILE F 420 -9.80 41.84 10.94
CA ILE F 420 -10.41 42.69 9.91
C ILE F 420 -11.92 42.58 10.03
N PRO F 421 -12.64 43.71 10.12
CA PRO F 421 -14.10 43.65 10.08
C PRO F 421 -14.62 42.84 8.90
N GLY F 422 -15.61 41.99 9.18
CA GLY F 422 -16.13 41.11 8.15
C GLY F 422 -16.95 41.88 7.13
N LYS F 423 -16.93 41.39 5.88
CA LYS F 423 -17.62 42.05 4.78
C LYS F 423 -18.43 41.03 3.99
N LEU F 424 -19.63 41.45 3.57
CA LEU F 424 -20.45 40.70 2.62
C LEU F 424 -20.32 41.30 1.23
N VAL F 425 -20.09 40.45 0.23
CA VAL F 425 -19.97 40.87 -1.16
C VAL F 425 -21.16 40.34 -1.94
N ARG F 426 -21.92 41.25 -2.57
CA ARG F 426 -23.08 40.83 -3.33
C ARG F 426 -22.66 40.00 -4.52
N LEU F 427 -23.58 39.16 -5.01
CA LEU F 427 -23.28 38.30 -6.15
C LEU F 427 -22.99 39.11 -7.41
N LYS F 428 -23.80 40.13 -7.68
CA LYS F 428 -23.54 40.99 -8.83
C LYS F 428 -22.20 41.71 -8.72
N ASP F 429 -21.88 42.21 -7.52
CA ASP F 429 -20.59 42.85 -7.29
C ASP F 429 -19.44 41.87 -7.44
N THR F 430 -19.63 40.63 -7.00
CA THR F 430 -18.61 39.60 -7.21
C THR F 430 -18.37 39.35 -8.69
N VAL F 431 -19.43 39.13 -9.45
CA VAL F 431 -19.28 38.84 -10.87
C VAL F 431 -18.61 40.02 -11.58
N ALA F 432 -19.09 41.24 -11.33
CA ALA F 432 -18.48 42.41 -11.95
C ALA F 432 -17.00 42.56 -11.58
N SER F 433 -16.66 42.34 -10.31
CA SER F 433 -15.27 42.44 -9.87
C SER F 433 -14.37 41.44 -10.59
N PHE F 434 -14.78 40.17 -10.61
CA PHE F 434 -13.94 39.17 -11.28
C PHE F 434 -13.90 39.36 -12.79
N LYS F 435 -15.00 39.82 -13.39
CA LYS F 435 -14.97 40.18 -14.81
C LYS F 435 -13.93 41.26 -15.08
N ALA F 436 -13.94 42.33 -14.29
CA ALA F 436 -12.97 43.40 -14.48
C ALA F 436 -11.54 42.94 -14.24
N VAL F 437 -11.31 42.06 -13.27
CA VAL F 437 -9.98 41.51 -13.07
C VAL F 437 -9.55 40.65 -14.26
N LEU F 438 -10.45 39.84 -14.81
CA LEU F 438 -10.14 39.07 -16.00
C LEU F 438 -9.85 39.95 -17.22
N GLU F 439 -10.52 41.09 -17.33
CA GLU F 439 -10.22 42.06 -18.38
C GLU F 439 -8.86 42.72 -18.23
N GLY F 440 -8.10 42.39 -17.18
CA GLY F 440 -6.80 43.00 -16.97
C GLY F 440 -6.86 44.43 -16.49
N LYS F 441 -8.04 44.90 -16.08
CA LYS F 441 -8.23 46.30 -15.72
C LYS F 441 -7.31 46.72 -14.58
N TYR F 442 -6.86 45.77 -13.74
CA TYR F 442 -6.08 46.04 -12.56
C TYR F 442 -4.74 45.29 -12.55
N ASP F 443 -4.22 44.97 -13.74
CA ASP F 443 -2.93 44.30 -13.84
C ASP F 443 -1.80 45.11 -13.22
N ASN F 444 -1.99 46.41 -13.03
CA ASN F 444 -0.98 47.25 -12.39
C ASN F 444 -1.03 47.21 -10.86
N ILE F 445 -2.13 46.76 -10.26
CA ILE F 445 -2.30 46.78 -8.81
C ILE F 445 -1.55 45.61 -8.18
N PRO F 446 -0.89 45.80 -7.04
CA PRO F 446 -0.19 44.69 -6.39
C PRO F 446 -1.13 43.61 -5.86
N GLU F 447 -0.60 42.38 -5.82
CA GLU F 447 -1.39 41.22 -5.41
C GLU F 447 -1.98 41.36 -4.00
N HIS F 448 -1.26 42.00 -3.08
CA HIS F 448 -1.75 42.07 -1.72
C HIS F 448 -2.93 43.02 -1.56
N ALA F 449 -3.14 43.93 -2.51
CA ALA F 449 -4.35 44.73 -2.49
C ALA F 449 -5.60 43.87 -2.70
N PHE F 450 -5.44 42.68 -3.27
CA PHE F 450 -6.54 41.74 -3.47
C PHE F 450 -6.81 40.83 -2.28
N TYR F 451 -5.92 40.76 -1.30
CA TYR F 451 -6.04 39.83 -0.20
C TYR F 451 -6.92 40.38 0.92
N MET F 452 -7.92 39.58 1.31
CA MET F 452 -8.85 39.91 2.41
C MET F 452 -9.55 41.25 2.20
N VAL F 453 -10.28 41.36 1.07
CA VAL F 453 -10.99 42.57 0.72
C VAL F 453 -12.39 42.20 0.25
N GLY F 454 -13.30 43.17 0.36
CA GLY F 454 -14.71 42.93 0.10
C GLY F 454 -15.17 43.37 -1.26
N GLY F 455 -14.38 43.13 -2.29
CA GLY F 455 -14.70 43.52 -3.65
C GLY F 455 -13.69 44.50 -4.22
N ILE F 456 -13.93 44.88 -5.47
CA ILE F 456 -12.91 45.62 -6.21
C ILE F 456 -12.81 47.08 -5.76
N GLU F 457 -13.88 47.65 -5.20
CA GLU F 457 -13.75 48.95 -4.57
C GLU F 457 -12.80 48.89 -3.38
N ASP F 458 -12.85 47.79 -2.63
CA ASP F 458 -11.92 47.60 -1.53
C ASP F 458 -10.52 47.36 -2.05
N VAL F 459 -10.38 46.68 -3.19
CA VAL F 459 -9.07 46.50 -3.79
C VAL F 459 -8.44 47.84 -4.14
N VAL F 460 -9.22 48.72 -4.78
CA VAL F 460 -8.70 50.03 -5.16
C VAL F 460 -8.36 50.87 -3.92
N ALA F 461 -9.25 50.90 -2.93
CA ALA F 461 -8.98 51.62 -1.70
C ALA F 461 -7.74 51.10 -0.98
N LYS F 462 -7.58 49.78 -0.90
CA LYS F 462 -6.39 49.21 -0.27
C LYS F 462 -5.12 49.50 -1.07
N ALA F 463 -5.21 49.47 -2.40
CA ALA F 463 -4.05 49.84 -3.22
C ALA F 463 -3.65 51.28 -2.96
N GLU F 464 -4.64 52.18 -2.85
CA GLU F 464 -4.34 53.55 -2.47
C GLU F 464 -3.72 53.65 -1.08
N LYS F 465 -4.17 52.81 -0.14
CA LYS F 465 -3.57 52.80 1.19
C LYS F 465 -2.10 52.35 1.18
N LEU F 466 -1.79 51.28 0.45
CA LEU F 466 -0.39 50.88 0.29
C LEU F 466 0.44 51.93 -0.45
N ALA F 467 -0.15 52.60 -1.45
CA ALA F 467 0.58 53.67 -2.12
C ALA F 467 0.85 54.85 -1.20
N ALA F 468 -0.11 55.21 -0.35
CA ALA F 468 0.14 56.22 0.66
C ALA F 468 1.20 55.77 1.66
N GLU F 469 1.23 54.48 1.98
CA GLU F 469 2.38 53.89 2.67
C GLU F 469 3.51 53.66 1.68
N ALA G 1 6.48 5.90 1.20
CA ALA G 1 5.62 6.91 0.52
C ALA G 1 4.26 6.29 0.16
N THR G 2 3.20 7.07 0.29
CA THR G 2 1.89 6.65 -0.19
C THR G 2 1.87 6.64 -1.72
N LEU G 3 1.01 5.80 -2.26
CA LEU G 3 0.95 5.59 -3.71
C LEU G 3 0.69 6.88 -4.48
N LYS G 4 -0.21 7.74 -3.98
CA LYS G 4 -0.46 9.02 -4.66
C LYS G 4 0.74 9.95 -4.63
N GLU G 5 1.55 9.94 -3.57
CA GLU G 5 2.74 10.78 -3.54
C GLU G 5 3.75 10.39 -4.61
N VAL G 6 4.06 9.09 -4.72
CA VAL G 6 5.00 8.64 -5.74
C VAL G 6 4.41 8.75 -7.15
N GLU G 7 3.09 8.60 -7.30
CA GLU G 7 2.46 8.84 -8.59
C GLU G 7 2.56 10.30 -9.01
N MET G 8 2.28 11.24 -8.10
CA MET G 8 2.42 12.65 -8.44
C MET G 8 3.86 13.05 -8.72
N ARG G 9 4.80 12.57 -7.90
CA ARG G 9 6.21 12.83 -8.15
C ARG G 9 6.64 12.33 -9.53
N LEU G 10 6.30 11.07 -9.86
CA LEU G 10 6.62 10.51 -11.17
C LEU G 10 6.00 11.32 -12.31
N LYS G 11 4.74 11.72 -12.17
CA LYS G 11 4.11 12.56 -13.19
C LYS G 11 4.87 13.87 -13.36
N SER G 12 5.31 14.47 -12.26
CA SER G 12 6.09 15.70 -12.36
C SER G 12 7.41 15.48 -13.08
N ILE G 13 8.10 14.38 -12.79
CA ILE G 13 9.39 14.15 -13.45
C ILE G 13 9.20 13.88 -14.95
N LYS G 14 8.14 13.16 -15.33
CA LYS G 14 7.85 13.02 -16.76
C LYS G 14 7.56 14.36 -17.43
N ASN G 15 6.83 15.24 -16.74
CA ASN G 15 6.60 16.58 -17.27
C ASN G 15 7.91 17.34 -17.46
N ILE G 16 8.75 17.36 -16.44
CA ILE G 16 10.05 18.03 -16.55
C ILE G 16 10.88 17.46 -17.70
N GLU G 17 10.90 16.14 -17.86
CA GLU G 17 11.68 15.55 -18.95
C GLU G 17 11.17 15.97 -20.34
N LYS G 18 9.85 16.07 -20.52
CA LYS G 18 9.36 16.64 -21.78
C LYS G 18 9.76 18.11 -21.93
N ILE G 19 9.60 18.88 -20.87
CA ILE G 19 9.95 20.30 -20.93
C ILE G 19 11.41 20.49 -21.33
N THR G 20 12.32 19.77 -20.69
CA THR G 20 13.73 19.91 -21.04
C THR G 20 14.06 19.40 -22.44
N LYS G 21 13.39 18.35 -22.93
CA LYS G 21 13.63 17.97 -24.33
C LYS G 21 13.16 19.04 -25.31
N THR G 22 12.01 19.67 -25.05
CA THR G 22 11.61 20.79 -25.91
C THR G 22 12.56 21.97 -25.82
N MET G 23 13.03 22.31 -24.62
CA MET G 23 14.01 23.38 -24.51
C MET G 23 15.32 23.02 -25.24
N LYS G 24 15.67 21.74 -25.28
CA LYS G 24 16.78 21.28 -26.12
C LYS G 24 16.53 21.56 -27.60
N ILE G 25 15.34 21.22 -28.10
CA ILE G 25 15.05 21.46 -29.51
C ILE G 25 15.08 22.96 -29.83
N VAL G 26 14.44 23.76 -28.98
CA VAL G 26 14.44 25.21 -29.16
C VAL G 26 15.87 25.76 -29.13
N ALA G 27 16.69 25.26 -28.21
CA ALA G 27 18.11 25.61 -28.21
C ALA G 27 18.83 25.18 -29.47
N SER G 28 18.42 24.08 -30.10
CA SER G 28 19.07 23.69 -31.36
C SER G 28 18.70 24.63 -32.50
N THR G 29 17.46 25.10 -32.54
CA THR G 29 17.08 26.09 -33.56
C THR G 29 17.78 27.42 -33.32
N ARG G 30 17.82 27.86 -32.06
CA ARG G 30 18.60 29.04 -31.71
C ARG G 30 20.08 28.85 -32.01
N LEU G 31 20.60 27.63 -31.89
CA LEU G 31 22.00 27.37 -32.25
C LEU G 31 22.24 27.47 -33.75
N SER G 32 21.26 27.10 -34.57
CA SER G 32 21.37 27.35 -36.01
C SER G 32 21.39 28.84 -36.32
N LYS G 33 20.50 29.60 -35.70
CA LYS G 33 20.53 31.05 -35.83
C LYS G 33 21.86 31.65 -35.36
N ALA G 34 22.33 31.22 -34.19
CA ALA G 34 23.60 31.72 -33.67
C ALA G 34 24.77 31.36 -34.58
N GLU G 35 24.78 30.14 -35.14
CA GLU G 35 25.83 29.79 -36.10
C GLU G 35 25.81 30.71 -37.32
N LYS G 36 24.62 31.05 -37.81
CA LYS G 36 24.52 32.01 -38.90
C LYS G 36 25.08 33.37 -38.52
N ALA G 37 24.71 33.88 -37.33
CA ALA G 37 25.27 35.15 -36.89
C ALA G 37 26.78 35.07 -36.66
N LYS G 38 27.25 34.00 -36.02
CA LYS G 38 28.67 33.83 -35.77
C LYS G 38 29.48 33.91 -37.05
N ILE G 39 29.04 33.20 -38.09
CA ILE G 39 29.74 33.23 -39.37
C ILE G 39 29.63 34.62 -40.02
N SER G 40 28.46 35.26 -39.94
CA SER G 40 28.33 36.58 -40.55
C SER G 40 29.19 37.62 -39.85
N ALA G 41 29.32 37.54 -38.52
CA ALA G 41 30.22 38.43 -37.79
C ALA G 41 31.69 38.05 -38.00
N LYS G 42 31.98 36.78 -38.20
CA LYS G 42 33.23 36.38 -38.85
C LYS G 42 33.14 36.54 -40.36
N MET G 218 33.91 43.51 -31.01
CA MET G 218 32.93 43.38 -29.95
C MET G 218 31.67 42.67 -30.43
N LEU G 219 31.29 42.93 -31.69
CA LEU G 219 30.20 42.19 -32.30
C LEU G 219 30.56 40.73 -32.50
N THR G 220 31.80 40.47 -32.94
CA THR G 220 32.29 39.09 -33.05
C THR G 220 32.38 38.42 -31.69
N ALA G 221 32.68 39.19 -30.64
CA ALA G 221 32.67 38.66 -29.29
C ALA G 221 31.27 38.23 -28.87
N MET G 222 30.27 39.09 -29.04
CA MET G 222 28.93 38.69 -28.64
C MET G 222 28.36 37.59 -29.53
N ALA G 223 28.71 37.55 -30.81
CA ALA G 223 28.25 36.45 -31.66
C ALA G 223 28.85 35.11 -31.26
N GLN G 224 30.14 35.08 -30.91
CA GLN G 224 30.71 33.84 -30.35
C GLN G 224 30.13 33.52 -28.98
N GLY G 225 29.98 34.51 -28.10
CA GLY G 225 29.44 34.26 -26.78
C GLY G 225 28.00 33.77 -26.80
N TYR G 226 27.18 34.32 -27.69
CA TYR G 226 25.83 33.84 -27.90
C TYR G 226 25.80 32.41 -28.45
N ALA G 227 26.58 32.13 -29.50
CA ALA G 227 26.62 30.75 -30.00
C ALA G 227 27.10 29.77 -28.93
N ALA G 228 28.05 30.20 -28.10
CA ALA G 228 28.54 29.35 -27.01
C ALA G 228 27.47 29.13 -25.94
N GLU G 229 26.77 30.19 -25.55
CA GLU G 229 25.69 30.05 -24.56
C GLU G 229 24.58 29.14 -25.07
N ILE G 230 24.16 29.32 -26.32
CA ILE G 230 23.11 28.46 -26.88
C ILE G 230 23.57 27.01 -26.97
N SER G 231 24.82 26.77 -27.35
CA SER G 231 25.32 25.39 -27.37
C SER G 231 25.41 24.79 -25.97
N ALA G 232 25.87 25.56 -24.99
CA ALA G 232 25.91 25.09 -23.61
C ALA G 232 24.50 24.77 -23.09
N ARG G 233 23.52 25.60 -23.43
CA ARG G 233 22.14 25.31 -23.03
C ARG G 233 21.61 24.05 -23.69
N ARG G 234 21.90 23.85 -24.97
CA ARG G 234 21.50 22.59 -25.62
C ARG G 234 22.12 21.38 -24.93
N ASN G 235 23.42 21.44 -24.65
CA ASN G 235 24.09 20.33 -23.97
C ASN G 235 23.53 20.08 -22.57
N ALA G 236 23.34 21.14 -21.79
CA ALA G 236 22.77 21.00 -20.45
C ALA G 236 21.36 20.42 -20.48
N MET G 237 20.52 20.85 -21.42
CA MET G 237 19.17 20.29 -21.51
C MET G 237 19.16 18.85 -21.99
N ASP G 238 20.11 18.44 -22.82
CA ASP G 238 20.26 17.02 -23.14
C ASP G 238 20.63 16.20 -21.89
N ASN G 239 21.62 16.68 -21.13
CA ASN G 239 21.97 15.99 -19.88
C ASN G 239 20.78 15.93 -18.93
N ALA G 240 20.09 17.04 -18.75
CA ALA G 240 18.92 17.08 -17.87
C ALA G 240 17.84 16.11 -18.30
N SER G 241 17.58 16.00 -19.61
CA SER G 241 16.58 15.05 -20.09
C SER G 241 17.00 13.60 -19.86
N LYS G 242 18.29 13.29 -20.02
CA LYS G 242 18.75 11.93 -19.74
C LYS G 242 18.65 11.59 -18.25
N ASN G 243 19.06 12.53 -17.39
CA ASN G 243 18.90 12.35 -15.95
C ASN G 243 17.43 12.17 -15.56
N ALA G 244 16.54 12.98 -16.12
CA ALA G 244 15.12 12.83 -15.82
C ALA G 244 14.57 11.50 -16.32
N GLY G 245 15.03 11.03 -17.48
CA GLY G 245 14.64 9.69 -17.92
C GLY G 245 15.05 8.57 -16.98
N ASP G 246 16.28 8.63 -16.47
CA ASP G 246 16.69 7.64 -15.47
C ASP G 246 15.87 7.74 -14.18
N MET G 247 15.61 8.96 -13.72
CA MET G 247 14.78 9.12 -12.53
C MET G 247 13.35 8.65 -12.74
N ILE G 248 12.81 8.84 -13.95
CA ILE G 248 11.50 8.30 -14.30
C ILE G 248 11.51 6.78 -14.26
N ASN G 249 12.60 6.14 -14.67
CA ASN G 249 12.69 4.69 -14.55
C ASN G 249 12.67 4.25 -13.09
N ARG G 250 13.49 4.92 -12.25
CA ARG G 250 13.53 4.58 -10.83
C ARG G 250 12.16 4.77 -10.17
N TYR G 251 11.50 5.90 -10.43
CA TYR G 251 10.17 6.12 -9.87
C TYR G 251 9.11 5.20 -10.44
N SER G 252 9.21 4.77 -11.70
CA SER G 252 8.27 3.75 -12.19
C SER G 252 8.41 2.46 -11.41
N ILE G 253 9.64 2.05 -11.12
CA ILE G 253 9.84 0.83 -10.33
C ILE G 253 9.32 1.00 -8.90
N LEU G 254 9.62 2.13 -8.27
CA LEU G 254 9.10 2.36 -6.92
C LEU G 254 7.58 2.49 -6.90
N TYR G 255 6.99 3.04 -7.94
CA TYR G 255 5.54 3.09 -8.06
C TYR G 255 4.93 1.69 -8.12
N ASN G 256 5.48 0.83 -8.97
CA ASN G 256 4.99 -0.54 -9.03
C ASN G 256 5.10 -1.26 -7.68
N ARG G 257 6.27 -1.15 -7.02
CA ARG G 257 6.42 -1.79 -5.71
C ARG G 257 5.47 -1.22 -4.66
N THR G 258 5.21 0.09 -4.70
CA THR G 258 4.26 0.67 -3.75
C THR G 258 2.84 0.22 -4.05
N ARG G 259 2.45 0.17 -5.32
CA ARG G 259 1.14 -0.34 -5.69
C ARG G 259 0.92 -1.76 -5.18
N GLN G 260 1.88 -2.64 -5.42
CA GLN G 260 1.76 -4.02 -4.94
C GLN G 260 1.69 -4.09 -3.42
N ALA G 261 2.57 -3.36 -2.74
CA ALA G 261 2.57 -3.38 -1.28
C ALA G 261 1.25 -2.86 -0.71
N VAL G 262 0.71 -1.79 -1.29
CA VAL G 262 -0.58 -1.26 -0.84
C VAL G 262 -1.69 -2.29 -1.03
N ILE G 263 -1.77 -2.89 -2.21
CA ILE G 263 -2.83 -3.88 -2.46
C ILE G 263 -2.75 -5.01 -1.45
N THR G 264 -1.56 -5.56 -1.24
CA THR G 264 -1.45 -6.70 -0.32
C THR G 264 -1.67 -6.30 1.13
N ASN G 265 -1.19 -5.13 1.56
CA ASN G 265 -1.43 -4.73 2.94
C ASN G 265 -2.90 -4.47 3.23
N GLU G 266 -3.61 -3.79 2.32
CA GLU G 266 -5.05 -3.60 2.52
C GLU G 266 -5.81 -4.92 2.50
N LEU G 267 -5.40 -5.86 1.65
CA LEU G 267 -6.11 -7.14 1.64
C LEU G 267 -5.83 -7.96 2.90
N VAL G 268 -4.59 -7.92 3.41
CA VAL G 268 -4.31 -8.53 4.71
C VAL G 268 -5.11 -7.89 5.83
N ASP G 269 -5.29 -6.57 5.79
CA ASP G 269 -6.12 -5.91 6.79
C ASP G 269 -7.59 -6.32 6.68
N ILE G 270 -8.09 -6.49 5.46
CA ILE G 270 -9.46 -6.96 5.27
C ILE G 270 -9.62 -8.38 5.81
N ILE G 271 -8.68 -9.26 5.50
CA ILE G 271 -8.77 -10.64 5.98
C ILE G 271 -8.68 -10.70 7.50
N THR G 272 -7.76 -9.95 8.11
CA THR G 272 -7.67 -9.95 9.57
C THR G 272 -8.89 -9.32 10.23
N GLY G 273 -9.54 -8.36 9.58
CA GLY G 273 -10.85 -7.91 10.05
C GLY G 273 -11.94 -8.95 9.92
N ALA G 274 -11.90 -9.75 8.85
CA ALA G 274 -12.92 -10.79 8.67
C ALA G 274 -12.74 -11.94 9.64
N SER G 275 -11.51 -12.26 10.03
CA SER G 275 -11.28 -13.28 11.05
C SER G 275 -11.81 -12.83 12.41
PG ATP H . -21.80 12.58 -10.67
O1G ATP H . -22.88 11.60 -10.98
O2G ATP H . -20.51 11.96 -10.19
O3G ATP H . -22.23 13.67 -9.70
PB ATP H . -21.10 13.08 -13.52
O1B ATP H . -19.75 12.55 -13.73
O2B ATP H . -22.25 12.22 -14.04
O3B ATP H . -21.39 13.37 -12.00
PA ATP H . -22.48 15.46 -14.59
O1A ATP H . -23.75 15.03 -13.96
O2A ATP H . -22.50 15.50 -16.12
O3A ATP H . -21.28 14.53 -14.16
O5' ATP H . -22.05 16.87 -14.05
C5' ATP H . -20.85 17.51 -14.54
C4' ATP H . -20.91 18.98 -14.23
O4' ATP H . -20.41 19.66 -15.40
C3' ATP H . -22.36 19.47 -14.15
O3' ATP H . -22.29 20.82 -13.72
C2' ATP H . -22.73 19.53 -15.62
O2' ATP H . -23.73 20.54 -15.72
C1' ATP H . -21.47 20.18 -16.18
N9 ATP H . -21.22 19.76 -17.56
C8 ATP H . -21.24 18.49 -18.05
N7 ATP H . -20.97 18.40 -19.34
C5 ATP H . -20.75 19.72 -19.70
C6 ATP H . -20.42 20.32 -20.94
N6 ATP H . -20.24 19.63 -22.07
N1 ATP H . -20.28 21.66 -20.96
C2 ATP H . -20.45 22.35 -19.83
N3 ATP H . -20.76 21.89 -18.61
C4 ATP H . -20.90 20.57 -18.62
MG MG I . -23.70 11.30 -12.88
PG ATP J . 16.64 -18.59 -14.81
O1G ATP J . 16.46 -19.15 -16.17
O2G ATP J . 16.70 -19.66 -13.72
O3G ATP J . 15.59 -17.55 -14.43
PB ATP J . 19.55 -18.13 -14.45
O1B ATP J . 19.73 -19.20 -13.45
O2B ATP J . 20.23 -16.80 -14.13
O3B ATP J . 18.03 -17.83 -14.69
PA ATP J . 21.18 -19.48 -16.51
O1A ATP J . 20.82 -20.92 -16.47
O2A ATP J . 22.47 -19.11 -15.79
O3A ATP J . 20.03 -18.58 -15.89
O5' ATP J . 21.28 -18.97 -18.00
C5' ATP J . 21.50 -17.58 -18.30
C4' ATP J . 21.55 -17.39 -19.79
O4' ATP J . 22.83 -16.81 -20.10
C3' ATP J . 21.58 -18.73 -20.52
O3' ATP J . 21.44 -18.42 -21.89
C2' ATP J . 23.04 -19.13 -20.34
O2' ATP J . 23.37 -19.93 -21.47
C1' ATP J . 23.71 -17.79 -20.63
N9 ATP J . 24.97 -17.65 -19.92
C8 ATP J . 25.18 -17.80 -18.57
N7 ATP J . 26.43 -17.62 -18.20
C5 ATP J . 27.08 -17.32 -19.40
C6 ATP J . 28.43 -17.02 -19.69
N6 ATP J . 29.39 -16.97 -18.77
N1 ATP J . 28.74 -16.78 -20.98
C2 ATP J . 27.78 -16.82 -21.90
N3 ATP J . 26.48 -17.10 -21.74
C4 ATP J . 26.19 -17.33 -20.45
MG MG K . 18.41 -20.82 -13.04
PG ATP L . 9.82 13.05 24.02
O1G ATP L . 9.00 12.51 22.91
O2G ATP L . 11.19 12.37 24.15
O3G ATP L . 9.12 13.02 25.38
PB ATP L . 9.79 16.02 24.36
O1B ATP L . 8.60 15.94 25.23
O2B ATP L . 9.71 16.98 23.18
O3B ATP L . 10.17 14.59 23.78
PA ATP L . 11.70 17.67 25.90
O1A ATP L . 10.64 18.64 26.24
O2A ATP L . 12.51 17.18 27.09
O3A ATP L . 11.10 16.38 25.19
O5' ATP L . 12.66 18.26 24.80
C5' ATP L . 13.75 17.48 24.25
C4' ATP L . 15.07 18.09 24.63
O4' ATP L . 14.96 19.52 24.39
C3' ATP L . 15.35 17.96 26.13
O3' ATP L . 16.77 17.94 26.26
C2' ATP L . 14.92 19.32 26.68
O2' ATP L . 15.82 19.62 27.74
C1' ATP L . 15.37 20.22 25.53
N9 ATP L . 14.64 21.48 25.53
C8 ATP L . 13.30 21.67 25.44
N7 ATP L . 12.92 22.92 25.47
C5 ATP L . 14.12 23.62 25.58
C6 ATP L . 14.42 24.99 25.66
N6 ATP L . 13.49 25.96 25.63
N1 ATP L . 15.72 25.35 25.75
C2 ATP L . 16.64 24.40 25.79
N3 ATP L . 16.48 23.07 25.73
C4 ATP L . 15.19 22.74 25.62
MG MG M . 8.08 14.34 26.38
PG ATP N . 23.25 -9.09 9.20
O1G ATP N . 23.46 -9.60 10.59
O2G ATP N . 21.86 -8.54 8.96
O3G ATP N . 23.58 -10.13 8.13
PB ATP N . 25.02 -6.76 9.66
O1B ATP N . 24.31 -5.48 9.62
O2B ATP N . 25.35 -7.31 11.05
O3B ATP N . 24.22 -7.89 8.90
PA ATP N . 27.85 -7.24 9.03
O1A ATP N . 27.90 -8.64 9.49
O2A ATP N . 28.57 -6.24 9.93
O3A ATP N . 26.39 -6.72 8.84
O5' ATP N . 28.46 -7.10 7.58
C5' ATP N . 28.88 -5.82 7.08
C4' ATP N . 29.28 -5.93 5.63
O4' ATP N . 29.74 -4.64 5.23
C3' ATP N . 30.53 -6.80 5.47
O3' ATP N . 30.74 -6.90 4.07
C2' ATP N . 31.61 -5.86 5.97
O2' ATP N . 32.75 -6.15 5.18
C1' ATP N . 31.13 -4.51 5.44
N9 ATP N . 31.31 -3.46 6.43
C8 ATP N . 30.39 -3.01 7.33
N7 ATP N . 30.82 -2.06 8.12
C5 ATP N . 32.13 -1.86 7.70
C6 ATP N . 33.13 -0.97 8.13
N6 ATP N . 32.98 -0.09 9.13
N1 ATP N . 34.34 -1.03 7.50
C2 ATP N . 34.49 -1.91 6.51
N3 ATP N . 33.61 -2.79 6.02
C4 ATP N . 32.44 -2.71 6.66
MG MG O . 24.74 -9.06 11.97
C10 XBC P . 33.15 -2.53 -2.12
C13 XBC P . 34.26 -3.68 1.41
C15 XBC P . 31.33 -4.53 1.35
C17 XBC P . 29.05 -4.86 0.03
C20 XBC P . 26.07 -3.88 0.13
C21 XBC P . 24.57 -3.92 -0.17
C24 XBC P . 23.30 -5.91 -1.19
C26 XBC P . 26.34 -2.90 1.28
C02 XBC P . 34.37 2.92 -2.63
C03 XBC P . 33.62 3.02 -3.95
C04 XBC P . 34.60 3.10 -5.12
C05 XBC P . 32.71 1.80 -4.16
C06 XBC P . 31.57 1.80 -3.10
C07 XBC P . 31.06 0.70 -2.52
C08 XBC P . 31.51 -0.75 -2.84
C09 XBC P . 32.54 -1.16 -1.78
C11 XBC P . 34.05 -3.03 -0.98
C12 XBC P . 33.26 -3.31 0.31
C14 XBC P . 32.27 -4.47 0.11
C16 XBC P . 30.00 -4.69 1.23
C19 XBC P . 26.52 -5.29 0.53
C23 XBC P . 24.32 -4.75 -1.43
C25 XBC P . 23.20 -6.85 -2.41
C29 XBC P . 33.98 -2.40 -3.40
C31 XBC P . 33.92 0.35 -0.51
C32 XBC P . 35.36 0.89 -0.26
C33 XBC P . 35.93 0.68 1.00
C35 XBC P . 37.21 1.15 1.26
C36 XBC P . 37.93 1.84 0.28
C38 XBC P . 40.07 1.39 1.20
C39 XBC P . 37.36 2.05 -0.98
C40 XBC P . 36.07 1.58 -1.25
C41 XBC P . 35.47 1.84 -2.66
N18 XBC P . 27.93 -5.73 0.47
O01 XBC P . 34.97 4.15 -2.36
O22 XBC P . 24.11 -2.62 -0.37
O27 XBC P . 25.70 -6.06 0.90
O28 XBC P . 34.68 -4.21 -1.37
O30 XBC P . 33.55 -0.17 -1.77
O34 XBC P . 35.20 -0.01 1.98
O37 XBC P . 39.23 2.32 0.55
O42 XBC P . 33.14 0.37 0.38
PG ATP Q . -12.83 20.83 13.45
O1G ATP Q . -12.69 19.60 12.62
O2G ATP Q . -14.23 21.04 14.02
O3G ATP Q . -11.81 20.94 14.58
PB ATP Q . -13.35 23.07 11.56
O1B ATP Q . -13.18 22.64 10.16
O2B ATP Q . -14.79 23.15 12.05
O3B ATP Q . -12.58 22.12 12.56
PA ATP Q . -13.09 25.82 12.57
O1A ATP Q . -13.38 25.62 14.01
O2A ATP Q . -14.24 26.42 11.78
O3A ATP Q . -12.68 24.48 11.84
O5' ATP Q . -11.84 26.76 12.37
C5' ATP Q . -10.54 26.41 12.92
C4' ATP Q . -9.68 27.64 12.95
O4' ATP Q . -9.39 27.99 11.59
C3' ATP Q . -10.46 28.86 13.42
O3' ATP Q . -10.26 28.92 14.83
C2' ATP Q . -9.64 29.99 12.83
O2' ATP Q . -8.39 29.97 13.52
C1' ATP Q . -9.30 29.40 11.45
N9 ATP Q . -10.28 29.80 10.46
C8 ATP Q . -11.21 28.99 9.85
N7 ATP Q . -11.97 29.61 8.99
C5 ATP Q . -11.51 30.92 9.02
C6 ATP Q . -11.92 32.08 8.34
N6 ATP Q . -12.90 32.12 7.44
N1 ATP Q . -11.25 33.23 8.61
C2 ATP Q . -10.26 33.20 9.51
N3 ATP Q . -9.80 32.16 10.22
C4 ATP Q . -10.48 31.05 9.92
MG MG R . -15.82 22.19 13.46
C10 XBC S . -2.13 32.54 10.77
C13 XBC S . -5.89 32.38 11.59
C15 XBC S . -5.34 29.72 12.38
C17 XBC S . -4.20 27.31 11.86
C20 XBC S . -3.57 24.64 10.24
C21 XBC S . -2.93 23.26 10.34
C24 XBC S . -1.47 21.79 11.90
C26 XBC S . -4.27 24.79 8.90
C02 XBC S . -1.10 35.14 6.04
C03 XBC S . 0.31 34.59 5.84
C04 XBC S . 1.35 35.69 6.03
C05 XBC S . 0.58 33.45 6.83
C06 XBC S . -0.25 32.20 6.43
C07 XBC S . -0.89 31.39 7.29
C08 XBC S . -0.90 31.56 8.84
C09 XBC S . -2.14 32.35 9.25
C11 XBC S . -3.53 32.97 11.28
C12 XBC S . -4.52 31.81 11.22
C14 XBC S . -4.13 30.68 12.19
C16 XBC S . -5.28 28.37 12.22
C19 XBC S . -4.59 24.76 11.38
C23 XBC S . -2.32 23.08 11.75
C25 XBC S . -1.04 21.58 13.37
C29 XBC S . -1.13 33.64 11.14
C31 XBC S . -3.43 34.10 8.21
C32 XBC S . -3.67 35.62 7.96
C33 XBC S . -4.97 36.10 8.14
C35 XBC S . -5.27 37.45 7.93
C36 XBC S . -4.26 38.32 7.51
C38 XBC S . -5.10 40.35 8.41
C39 XBC S . -2.97 37.85 7.33
C40 XBC S . -2.66 36.50 7.54
C41 XBC S . -1.20 36.02 7.30
N18 XBC S . -4.85 26.00 12.13
O01 XBC S . -1.45 35.91 4.93
O22 XBC S . -1.95 23.11 9.38
O27 XBC S . -5.18 23.78 11.69
O28 XBC S . -3.43 33.40 12.60
O30 XBC S . -2.15 33.61 8.59
O34 XBC S . -5.98 35.22 8.55
O37 XBC S . -4.56 39.69 7.29
O42 XBC S . -4.34 33.35 8.09
#